data_2MHG
#
_entry.id   2MHG
#
_entity_poly.entity_id   1
_entity_poly.type   'polypeptide(L)'
_entity_poly.pdbx_seq_one_letter_code
;GADDDAPSGEPDVTIRQEGDKTIQEYRVNGFLYAIKVVPKHGKPYFLVRADGSDGNFIRSDQPDKLIPQWEIFSW
;
_entity_poly.pdbx_strand_id   A,B
#
# COMPACT_ATOMS: atom_id res chain seq x y z
N GLY A 1 21.96 -0.85 8.02
CA GLY A 1 22.89 -0.34 9.05
C GLY A 1 23.66 -1.45 9.72
N ALA A 2 24.43 -1.11 10.74
CA ALA A 2 25.16 -2.12 11.51
C ALA A 2 24.21 -2.88 12.41
N ASP A 3 23.73 -2.21 13.45
CA ASP A 3 22.75 -2.81 14.35
C ASP A 3 21.36 -2.29 14.00
N ASP A 4 20.33 -3.08 14.32
CA ASP A 4 18.96 -2.69 14.03
C ASP A 4 18.07 -2.93 15.23
N ASP A 5 17.01 -2.15 15.34
CA ASP A 5 16.03 -2.30 16.41
C ASP A 5 14.69 -1.76 15.92
N ALA A 6 13.95 -2.61 15.22
CA ALA A 6 12.70 -2.20 14.61
C ALA A 6 11.57 -2.21 15.63
N PRO A 7 10.73 -1.16 15.63
CA PRO A 7 9.58 -1.06 16.51
C PRO A 7 8.44 -1.98 16.07
N SER A 8 7.38 -2.03 16.88
CA SER A 8 6.23 -2.87 16.60
C SER A 8 5.61 -2.53 15.24
N GLY A 9 5.81 -3.44 14.30
CA GLY A 9 5.39 -3.20 12.93
C GLY A 9 6.28 -3.94 11.97
N GLU A 10 7.48 -3.38 11.76
CA GLU A 10 8.52 -4.02 10.96
C GLU A 10 8.06 -4.37 9.54
N PRO A 11 7.94 -3.38 8.66
CA PRO A 11 7.55 -3.60 7.27
C PRO A 11 8.74 -3.93 6.37
N ASP A 12 8.75 -5.14 5.81
CA ASP A 12 9.78 -5.53 4.86
C ASP A 12 9.16 -6.32 3.73
N VAL A 13 9.91 -6.53 2.67
CA VAL A 13 9.38 -7.17 1.49
C VAL A 13 10.05 -8.53 1.24
N THR A 14 9.24 -9.56 1.17
CA THR A 14 9.73 -10.88 0.83
C THR A 14 9.68 -11.06 -0.68
N ILE A 15 10.84 -11.03 -1.32
CA ILE A 15 10.90 -11.10 -2.76
C ILE A 15 11.11 -12.53 -3.23
N ARG A 16 10.07 -13.12 -3.80
CA ARG A 16 10.15 -14.46 -4.34
C ARG A 16 9.95 -14.44 -5.84
N GLN A 17 10.11 -15.59 -6.46
CA GLN A 17 9.84 -15.75 -7.87
C GLN A 17 8.95 -16.96 -8.11
N GLU A 18 7.69 -16.69 -8.39
CA GLU A 18 6.71 -17.74 -8.58
C GLU A 18 6.56 -18.00 -10.07
N GLY A 19 7.45 -18.82 -10.63
CA GLY A 19 7.43 -19.06 -12.06
C GLY A 19 8.20 -18.00 -12.81
N ASP A 20 7.51 -17.23 -13.63
CA ASP A 20 8.15 -16.15 -14.39
C ASP A 20 7.70 -14.80 -13.87
N LYS A 21 7.29 -14.76 -12.62
CA LYS A 21 6.88 -13.52 -12.00
C LYS A 21 7.52 -13.35 -10.64
N THR A 22 8.30 -12.29 -10.51
CA THR A 22 8.94 -11.96 -9.25
C THR A 22 7.93 -11.25 -8.35
N ILE A 23 7.39 -11.98 -7.39
CA ILE A 23 6.34 -11.45 -6.54
C ILE A 23 6.92 -10.99 -5.21
N GLN A 24 6.87 -9.68 -5.00
CA GLN A 24 7.40 -9.09 -3.79
C GLN A 24 6.30 -8.88 -2.76
N GLU A 25 6.36 -9.66 -1.69
CA GLU A 25 5.38 -9.58 -0.63
C GLU A 25 5.73 -8.49 0.36
N TYR A 26 5.04 -7.35 0.27
CA TYR A 26 5.23 -6.30 1.25
C TYR A 26 4.37 -6.58 2.47
N ARG A 27 5.00 -7.15 3.48
CA ARG A 27 4.29 -7.48 4.72
C ARG A 27 4.78 -6.56 5.83
N VAL A 28 3.85 -5.95 6.54
CA VAL A 28 4.22 -5.15 7.68
C VAL A 28 4.18 -6.01 8.94
N ASN A 29 3.01 -6.19 9.53
CA ASN A 29 2.90 -6.93 10.77
C ASN A 29 1.93 -8.08 10.61
N GLY A 30 2.40 -9.14 9.97
CA GLY A 30 1.60 -10.34 9.79
C GLY A 30 0.47 -10.15 8.81
N PHE A 31 0.57 -9.14 7.96
CA PHE A 31 -0.45 -8.92 6.95
C PHE A 31 0.17 -8.33 5.70
N LEU A 32 -0.14 -8.93 4.57
CA LEU A 32 0.28 -8.44 3.27
C LEU A 32 -0.47 -7.15 2.95
N TYR A 33 0.26 -6.05 2.82
CA TYR A 33 -0.39 -4.77 2.54
C TYR A 33 -0.20 -4.35 1.08
N ALA A 34 0.80 -4.91 0.42
CA ALA A 34 1.06 -4.61 -0.98
C ALA A 34 1.85 -5.71 -1.65
N ILE A 35 1.53 -5.98 -2.90
CA ILE A 35 2.28 -6.95 -3.70
C ILE A 35 2.86 -6.27 -4.93
N LYS A 36 4.18 -6.30 -5.06
CA LYS A 36 4.81 -5.85 -6.28
C LYS A 36 5.24 -7.08 -7.08
N VAL A 37 4.42 -7.45 -8.04
CA VAL A 37 4.72 -8.61 -8.85
C VAL A 37 5.30 -8.18 -10.18
N VAL A 38 6.43 -8.75 -10.53
CA VAL A 38 7.08 -8.47 -11.79
C VAL A 38 6.94 -9.65 -12.73
N PRO A 39 5.85 -9.72 -13.48
CA PRO A 39 5.63 -10.79 -14.43
C PRO A 39 6.32 -10.52 -15.76
N LYS A 40 7.01 -11.55 -16.25
CA LYS A 40 7.67 -11.48 -17.54
C LYS A 40 6.64 -11.31 -18.65
N HIS A 41 5.42 -11.74 -18.36
CA HIS A 41 4.32 -11.59 -19.28
C HIS A 41 3.21 -10.74 -18.64
N GLY A 42 3.34 -9.42 -18.74
CA GLY A 42 2.34 -8.55 -18.16
C GLY A 42 2.92 -7.26 -17.60
N LYS A 43 4.23 -7.28 -17.33
CA LYS A 43 4.95 -6.11 -16.80
C LYS A 43 4.62 -5.85 -15.33
N PRO A 44 5.60 -5.40 -14.54
CA PRO A 44 5.45 -5.20 -13.08
C PRO A 44 4.48 -4.08 -12.73
N TYR A 45 3.92 -4.16 -11.53
CA TYR A 45 3.00 -3.16 -11.03
C TYR A 45 2.81 -3.33 -9.53
N PHE A 46 2.22 -2.35 -8.87
CA PHE A 46 1.93 -2.43 -7.45
C PHE A 46 0.48 -2.80 -7.22
N LEU A 47 0.26 -3.74 -6.31
CA LEU A 47 -1.08 -4.16 -5.94
C LEU A 47 -1.28 -3.89 -4.45
N VAL A 48 -2.01 -2.83 -4.12
CA VAL A 48 -2.16 -2.39 -2.73
C VAL A 48 -3.45 -2.91 -2.12
N ARG A 49 -3.35 -3.41 -0.89
CA ARG A 49 -4.50 -3.91 -0.15
C ARG A 49 -5.38 -2.75 0.30
N ALA A 50 -6.57 -2.66 -0.29
CA ALA A 50 -7.51 -1.61 0.07
C ALA A 50 -8.09 -1.85 1.46
N ASP A 51 -8.77 -0.84 1.99
CA ASP A 51 -9.38 -0.96 3.31
C ASP A 51 -10.48 -2.02 3.29
N GLY A 52 -10.51 -2.83 4.33
CA GLY A 52 -11.45 -3.93 4.38
C GLY A 52 -10.87 -5.16 3.71
N SER A 53 -10.79 -6.26 4.45
CA SER A 53 -10.17 -7.47 3.95
C SER A 53 -11.18 -8.30 3.17
N ASP A 54 -12.04 -7.61 2.43
CA ASP A 54 -13.06 -8.25 1.62
C ASP A 54 -12.42 -9.03 0.47
N GLY A 55 -11.50 -8.37 -0.22
CA GLY A 55 -10.85 -8.99 -1.36
C GLY A 55 -10.79 -8.04 -2.54
N ASN A 56 -10.32 -6.83 -2.28
CA ASN A 56 -10.20 -5.82 -3.32
C ASN A 56 -8.86 -5.12 -3.19
N PHE A 57 -8.17 -4.94 -4.31
CA PHE A 57 -6.88 -4.29 -4.34
C PHE A 57 -6.89 -3.10 -5.29
N ILE A 58 -5.93 -2.20 -5.09
CA ILE A 58 -5.77 -1.05 -5.98
C ILE A 58 -4.41 -1.13 -6.65
N ARG A 59 -4.38 -0.98 -7.96
CA ARG A 59 -3.13 -1.11 -8.71
C ARG A 59 -2.49 0.24 -8.96
N SER A 60 -1.18 0.25 -9.12
CA SER A 60 -0.45 1.44 -9.52
C SER A 60 -0.74 1.75 -10.99
N ASP A 61 -1.18 0.71 -11.69
CA ASP A 61 -1.58 0.81 -13.09
C ASP A 61 -2.75 1.79 -13.24
N GLN A 62 -3.72 1.67 -12.34
CA GLN A 62 -4.90 2.52 -12.37
C GLN A 62 -5.58 2.51 -11.01
N PRO A 63 -5.33 3.55 -10.20
CA PRO A 63 -5.95 3.70 -8.88
C PRO A 63 -7.42 4.10 -8.99
N ASP A 64 -7.83 4.37 -10.23
CA ASP A 64 -9.20 4.75 -10.52
C ASP A 64 -10.07 3.52 -10.70
N LYS A 65 -9.46 2.35 -10.53
CA LYS A 65 -10.17 1.10 -10.73
C LYS A 65 -9.98 0.19 -9.53
N LEU A 66 -11.06 -0.43 -9.09
CA LEU A 66 -11.01 -1.39 -8.00
C LEU A 66 -10.77 -2.77 -8.57
N ILE A 67 -9.83 -3.49 -8.00
CA ILE A 67 -9.40 -4.76 -8.56
C ILE A 67 -9.93 -5.94 -7.73
N PRO A 68 -10.88 -6.70 -8.30
CA PRO A 68 -11.45 -7.88 -7.66
C PRO A 68 -10.51 -9.08 -7.71
N GLN A 69 -10.95 -10.20 -7.15
CA GLN A 69 -10.09 -11.35 -6.93
C GLN A 69 -9.71 -12.08 -8.21
N TRP A 70 -10.59 -12.11 -9.20
CA TRP A 70 -10.25 -12.72 -10.48
C TRP A 70 -9.22 -11.87 -11.21
N GLU A 71 -9.07 -10.63 -10.76
CA GLU A 71 -8.12 -9.70 -11.35
C GLU A 71 -6.84 -9.60 -10.51
N ILE A 72 -6.97 -9.78 -9.20
CA ILE A 72 -5.80 -9.74 -8.32
C ILE A 72 -4.96 -11.00 -8.51
N PHE A 73 -5.63 -12.10 -8.81
CA PHE A 73 -4.95 -13.35 -9.13
C PHE A 73 -4.94 -13.57 -10.63
N SER A 74 -4.74 -12.48 -11.36
CA SER A 74 -4.69 -12.54 -12.82
C SER A 74 -3.37 -13.17 -13.27
N TRP A 75 -2.41 -13.22 -12.36
CA TRP A 75 -1.14 -13.87 -12.61
C TRP A 75 -1.07 -15.22 -11.92
N GLY B 1 -25.19 -9.06 8.33
CA GLY B 1 -26.27 -8.64 9.21
C GLY B 1 -25.90 -8.77 10.67
N ALA B 2 -24.96 -9.66 10.96
CA ALA B 2 -24.51 -9.89 12.32
C ALA B 2 -23.12 -10.51 12.36
N ASP B 3 -22.88 -11.46 11.46
CA ASP B 3 -21.63 -12.23 11.48
C ASP B 3 -20.57 -11.61 10.58
N ASP B 4 -20.51 -10.29 10.56
CA ASP B 4 -19.48 -9.56 9.82
C ASP B 4 -18.26 -9.33 10.72
N ASP B 5 -18.01 -10.30 11.60
CA ASP B 5 -16.88 -10.26 12.53
C ASP B 5 -15.55 -10.07 11.80
N ALA B 6 -14.75 -9.14 12.30
CA ALA B 6 -13.43 -8.89 11.72
C ALA B 6 -12.37 -9.76 12.39
N PRO B 7 -11.69 -10.61 11.60
CA PRO B 7 -10.67 -11.53 12.11
C PRO B 7 -9.36 -10.83 12.45
N SER B 8 -8.31 -11.61 12.64
CA SER B 8 -6.99 -11.08 12.93
C SER B 8 -6.38 -10.45 11.69
N GLY B 9 -6.13 -9.15 11.75
CA GLY B 9 -5.62 -8.43 10.61
C GLY B 9 -6.73 -7.68 9.91
N GLU B 10 -6.99 -6.50 10.41
CA GLU B 10 -8.10 -5.69 9.94
C GLU B 10 -7.59 -4.38 9.37
N PRO B 11 -7.34 -4.33 8.07
CA PRO B 11 -6.84 -3.13 7.42
C PRO B 11 -7.92 -2.08 7.29
N ASP B 12 -8.04 -1.27 8.32
CA ASP B 12 -9.02 -0.20 8.37
C ASP B 12 -8.32 1.14 8.15
N VAL B 13 -9.02 2.05 7.53
CA VAL B 13 -8.45 3.34 7.21
C VAL B 13 -8.98 4.41 8.16
N THR B 14 -8.06 5.14 8.76
CA THR B 14 -8.39 6.26 9.61
C THR B 14 -8.60 7.50 8.76
N ILE B 15 -9.86 7.85 8.55
CA ILE B 15 -10.20 8.94 7.66
C ILE B 15 -10.32 10.26 8.42
N ARG B 16 -9.32 11.12 8.25
CA ARG B 16 -9.35 12.44 8.87
C ARG B 16 -9.33 13.50 7.80
N GLN B 17 -9.52 14.75 8.18
CA GLN B 17 -9.54 15.84 7.23
C GLN B 17 -8.81 17.05 7.79
N GLU B 18 -7.69 17.37 7.16
CA GLU B 18 -6.89 18.50 7.58
C GLU B 18 -7.15 19.69 6.66
N GLY B 19 -8.01 20.60 7.10
CA GLY B 19 -8.37 21.75 6.28
C GLY B 19 -9.22 21.34 5.09
N ASP B 20 -8.57 21.15 3.95
CA ASP B 20 -9.27 20.74 2.74
C ASP B 20 -8.60 19.52 2.14
N LYS B 21 -7.95 18.72 2.96
CA LYS B 21 -7.39 17.47 2.49
C LYS B 21 -7.80 16.31 3.39
N THR B 22 -8.49 15.34 2.79
CA THR B 22 -8.91 14.16 3.49
C THR B 22 -7.75 13.17 3.58
N ILE B 23 -7.15 13.07 4.75
CA ILE B 23 -6.00 12.22 4.94
C ILE B 23 -6.43 10.87 5.50
N GLN B 24 -6.39 9.86 4.63
CA GLN B 24 -6.83 8.53 4.99
C GLN B 24 -5.65 7.66 5.39
N GLU B 25 -5.50 7.44 6.68
CA GLU B 25 -4.41 6.64 7.21
C GLU B 25 -4.78 5.16 7.20
N TYR B 26 -4.23 4.43 6.24
CA TYR B 26 -4.46 3.00 6.14
C TYR B 26 -3.59 2.24 7.14
N ARG B 27 -4.22 1.73 8.19
CA ARG B 27 -3.52 0.99 9.22
C ARG B 27 -4.16 -0.38 9.40
N VAL B 28 -3.36 -1.44 9.28
CA VAL B 28 -3.88 -2.79 9.32
C VAL B 28 -3.91 -3.33 10.75
N ASN B 29 -3.05 -2.79 11.59
CA ASN B 29 -2.95 -3.22 12.96
C ASN B 29 -2.14 -2.22 13.75
N GLY B 30 -2.58 -0.97 13.70
CA GLY B 30 -1.88 0.09 14.39
C GLY B 30 -0.85 0.78 13.50
N PHE B 31 -0.22 0.03 12.63
CA PHE B 31 0.87 0.56 11.84
C PHE B 31 0.38 1.06 10.49
N LEU B 32 0.83 2.26 10.13
CA LEU B 32 0.48 2.90 8.86
C LEU B 32 1.23 2.22 7.70
N TYR B 33 0.49 1.77 6.69
CA TYR B 33 1.12 1.17 5.52
C TYR B 33 0.85 1.98 4.26
N ALA B 34 -0.15 2.85 4.31
CA ALA B 34 -0.47 3.71 3.17
C ALA B 34 -1.32 4.89 3.61
N ILE B 35 -1.13 6.03 2.96
CA ILE B 35 -1.94 7.20 3.24
C ILE B 35 -2.59 7.71 1.96
N LYS B 36 -3.91 7.66 1.90
CA LYS B 36 -4.62 8.21 0.75
C LYS B 36 -5.01 9.64 1.05
N VAL B 37 -4.31 10.58 0.44
CA VAL B 37 -4.62 11.99 0.63
C VAL B 37 -5.66 12.41 -0.40
N VAL B 38 -6.70 13.07 0.06
CA VAL B 38 -7.69 13.65 -0.84
C VAL B 38 -7.70 15.17 -0.67
N PRO B 39 -6.66 15.86 -1.17
CA PRO B 39 -6.60 17.31 -1.13
C PRO B 39 -7.49 17.95 -2.20
N LYS B 40 -8.35 18.84 -1.75
CA LYS B 40 -9.29 19.56 -2.61
C LYS B 40 -8.57 20.48 -3.58
N HIS B 41 -7.28 20.64 -3.36
CA HIS B 41 -6.47 21.52 -4.18
C HIS B 41 -5.22 20.80 -4.66
N GLY B 42 -5.27 19.47 -4.68
CA GLY B 42 -4.12 18.70 -5.10
C GLY B 42 -4.47 17.34 -5.70
N LYS B 43 -5.75 16.96 -5.59
CA LYS B 43 -6.26 15.69 -6.13
C LYS B 43 -5.86 14.50 -5.26
N PRO B 44 -6.77 13.51 -5.15
CA PRO B 44 -6.56 12.33 -4.31
C PRO B 44 -5.53 11.36 -4.88
N TYR B 45 -4.64 10.90 -4.00
CA TYR B 45 -3.60 9.96 -4.41
C TYR B 45 -3.22 9.05 -3.24
N PHE B 46 -2.78 7.85 -3.56
CA PHE B 46 -2.31 6.92 -2.54
C PHE B 46 -0.82 7.11 -2.31
N LEU B 47 -0.45 7.28 -1.06
CA LEU B 47 0.95 7.37 -0.68
C LEU B 47 1.35 6.08 0.03
N VAL B 48 1.97 5.17 -0.70
CA VAL B 48 2.28 3.84 -0.20
C VAL B 48 3.62 3.81 0.52
N ARG B 49 3.64 3.18 1.69
CA ARG B 49 4.85 3.03 2.48
C ARG B 49 5.74 1.95 1.88
N ALA B 50 6.85 2.36 1.28
CA ALA B 50 7.83 1.41 0.79
C ALA B 50 8.46 0.66 1.96
N ASP B 51 8.97 -0.53 1.70
CA ASP B 51 9.56 -1.36 2.75
C ASP B 51 10.75 -0.68 3.40
N GLY B 52 10.85 -0.78 4.71
CA GLY B 52 11.93 -0.15 5.42
C GLY B 52 11.59 1.27 5.80
N SER B 53 11.93 1.63 7.02
CA SER B 53 11.69 2.99 7.51
C SER B 53 12.72 3.98 6.91
N ASP B 54 13.01 3.78 5.62
CA ASP B 54 13.95 4.63 4.90
C ASP B 54 13.38 6.03 4.74
N GLY B 55 12.05 6.12 4.74
CA GLY B 55 11.40 7.41 4.60
C GLY B 55 10.94 7.66 3.18
N ASN B 56 10.85 6.59 2.41
CA ASN B 56 10.45 6.68 1.01
C ASN B 56 8.99 6.30 0.85
N PHE B 57 8.28 7.04 0.01
CA PHE B 57 6.89 6.75 -0.30
C PHE B 57 6.69 6.67 -1.80
N ILE B 58 5.64 5.96 -2.22
CA ILE B 58 5.30 5.84 -3.63
C ILE B 58 3.87 6.33 -3.85
N ARG B 59 3.67 7.21 -4.83
CA ARG B 59 2.35 7.73 -5.11
C ARG B 59 1.67 6.89 -6.19
N SER B 60 0.36 6.73 -6.07
CA SER B 60 -0.39 5.94 -7.03
C SER B 60 -0.49 6.64 -8.38
N ASP B 61 -0.20 7.93 -8.40
CA ASP B 61 -0.29 8.71 -9.62
C ASP B 61 1.01 8.62 -10.41
N GLN B 62 2.10 8.35 -9.69
CA GLN B 62 3.42 8.28 -10.29
C GLN B 62 4.30 7.32 -9.50
N PRO B 63 4.14 6.01 -9.74
CA PRO B 63 4.96 4.97 -9.10
C PRO B 63 6.39 5.00 -9.63
N ASP B 64 6.59 5.79 -10.67
CA ASP B 64 7.89 5.97 -11.29
C ASP B 64 8.75 6.92 -10.45
N LYS B 65 8.11 7.62 -9.52
CA LYS B 65 8.82 8.55 -8.67
C LYS B 65 8.89 8.04 -7.23
N LEU B 66 10.07 8.15 -6.65
CA LEU B 66 10.25 7.80 -5.25
C LEU B 66 10.20 9.07 -4.42
N ILE B 67 9.33 9.09 -3.41
CA ILE B 67 9.12 10.29 -2.62
C ILE B 67 10.13 10.37 -1.48
N PRO B 68 10.99 11.39 -1.50
CA PRO B 68 12.00 11.60 -0.47
C PRO B 68 11.37 12.03 0.85
N GLN B 69 12.19 12.09 1.88
CA GLN B 69 11.69 12.21 3.25
C GLN B 69 11.39 13.66 3.63
N TRP B 70 11.45 14.55 2.66
CA TRP B 70 11.00 15.92 2.86
C TRP B 70 9.70 16.14 2.09
N GLU B 71 9.52 15.38 1.03
CA GLU B 71 8.35 15.53 0.16
C GLU B 71 7.17 14.72 0.67
N ILE B 72 7.46 13.82 1.61
CA ILE B 72 6.44 12.97 2.19
C ILE B 72 5.36 13.79 2.92
N PHE B 73 5.76 14.97 3.39
CA PHE B 73 4.82 15.86 4.06
C PHE B 73 4.55 17.09 3.21
N SER B 74 4.34 16.85 1.91
CA SER B 74 4.03 17.91 0.98
C SER B 74 2.65 18.50 1.25
N TRP B 75 1.80 17.71 1.90
CA TRP B 75 0.46 18.13 2.23
C TRP B 75 0.43 18.90 3.54
N GLY A 1 21.62 7.27 0.82
CA GLY A 1 20.33 6.52 0.86
C GLY A 1 19.49 6.94 2.04
N ALA A 2 18.30 6.34 2.17
CA ALA A 2 17.43 6.60 3.30
C ALA A 2 17.83 5.74 4.48
N ASP A 3 18.68 6.28 5.34
CA ASP A 3 19.15 5.57 6.52
C ASP A 3 18.85 6.36 7.77
N ASP A 4 18.13 5.73 8.69
CA ASP A 4 17.80 6.34 9.97
C ASP A 4 17.47 5.22 10.96
N ASP A 5 16.88 5.58 12.09
CA ASP A 5 16.51 4.59 13.09
C ASP A 5 15.17 3.96 12.74
N ALA A 6 15.21 2.68 12.38
CA ALA A 6 14.01 1.96 11.97
C ALA A 6 13.06 1.75 13.13
N PRO A 7 11.82 2.26 13.02
CA PRO A 7 10.81 2.13 14.06
C PRO A 7 10.15 0.75 14.07
N SER A 8 9.29 0.52 15.05
CA SER A 8 8.58 -0.74 15.16
C SER A 8 7.42 -0.76 14.15
N GLY A 9 7.20 -1.92 13.56
CA GLY A 9 6.29 -2.00 12.42
C GLY A 9 7.10 -2.11 11.16
N GLU A 10 8.02 -3.07 11.17
CA GLU A 10 9.05 -3.20 10.17
C GLU A 10 8.54 -4.04 9.02
N PRO A 11 8.20 -3.38 7.91
CA PRO A 11 7.56 -4.02 6.80
C PRO A 11 8.55 -4.62 5.82
N ASP A 12 8.72 -5.92 5.90
CA ASP A 12 9.67 -6.62 5.05
C ASP A 12 8.95 -7.17 3.83
N VAL A 13 9.67 -7.26 2.73
CA VAL A 13 9.09 -7.78 1.51
C VAL A 13 9.63 -9.18 1.22
N THR A 14 8.72 -10.11 1.01
CA THR A 14 9.08 -11.46 0.65
C THR A 14 9.13 -11.60 -0.87
N ILE A 15 10.33 -11.80 -1.40
CA ILE A 15 10.51 -11.83 -2.84
C ILE A 15 10.48 -13.25 -3.38
N ARG A 16 9.44 -13.56 -4.14
CA ARG A 16 9.33 -14.82 -4.84
C ARG A 16 9.23 -14.58 -6.34
N GLN A 17 9.60 -15.57 -7.12
CA GLN A 17 9.50 -15.45 -8.57
C GLN A 17 8.73 -16.63 -9.16
N GLU A 18 7.52 -16.36 -9.59
CA GLU A 18 6.69 -17.38 -10.21
C GLU A 18 6.79 -17.29 -11.72
N GLY A 19 7.85 -17.87 -12.28
CA GLY A 19 8.08 -17.77 -13.70
C GLY A 19 8.89 -16.54 -14.05
N ASP A 20 8.29 -15.65 -14.85
CA ASP A 20 8.96 -14.41 -15.24
C ASP A 20 8.44 -13.22 -14.43
N LYS A 21 7.77 -13.51 -13.33
CA LYS A 21 7.23 -12.42 -12.51
C LYS A 21 7.74 -12.50 -11.08
N THR A 22 8.37 -11.41 -10.65
CA THR A 22 8.82 -11.27 -9.29
C THR A 22 7.68 -10.78 -8.42
N ILE A 23 7.09 -11.68 -7.64
CA ILE A 23 5.96 -11.36 -6.80
C ILE A 23 6.43 -11.02 -5.39
N GLN A 24 6.32 -9.76 -5.03
CA GLN A 24 6.82 -9.28 -3.75
C GLN A 24 5.70 -9.11 -2.74
N GLU A 25 5.80 -9.84 -1.64
CA GLU A 25 4.85 -9.71 -0.55
C GLU A 25 5.33 -8.66 0.44
N TYR A 26 4.77 -7.46 0.36
CA TYR A 26 5.08 -6.41 1.31
C TYR A 26 4.25 -6.62 2.58
N ARG A 27 4.90 -7.16 3.61
CA ARG A 27 4.22 -7.42 4.87
C ARG A 27 4.82 -6.56 5.96
N VAL A 28 3.98 -5.87 6.71
CA VAL A 28 4.47 -4.99 7.75
C VAL A 28 4.59 -5.71 9.08
N ASN A 29 3.49 -6.27 9.55
CA ASN A 29 3.48 -6.98 10.83
C ASN A 29 2.89 -8.37 10.62
N GLY A 30 3.41 -9.06 9.62
CA GLY A 30 2.91 -10.38 9.29
C GLY A 30 1.82 -10.33 8.22
N PHE A 31 1.09 -9.22 8.19
CA PHE A 31 -0.03 -9.08 7.27
C PHE A 31 0.42 -8.43 5.97
N LEU A 32 -0.02 -9.01 4.86
CA LEU A 32 0.26 -8.48 3.53
C LEU A 32 -0.55 -7.22 3.29
N TYR A 33 0.11 -6.09 3.05
CA TYR A 33 -0.61 -4.84 2.80
C TYR A 33 -0.56 -4.48 1.32
N ALA A 34 0.46 -4.94 0.61
CA ALA A 34 0.60 -4.68 -0.82
C ALA A 34 1.46 -5.73 -1.49
N ILE A 35 1.05 -6.17 -2.66
CA ILE A 35 1.82 -7.11 -3.46
C ILE A 35 2.35 -6.40 -4.69
N LYS A 36 3.67 -6.35 -4.84
CA LYS A 36 4.24 -5.81 -6.06
C LYS A 36 4.70 -6.95 -6.95
N VAL A 37 3.90 -7.25 -7.95
CA VAL A 37 4.28 -8.26 -8.92
C VAL A 37 4.97 -7.60 -10.10
N VAL A 38 6.21 -8.01 -10.34
CA VAL A 38 7.00 -7.48 -11.43
C VAL A 38 7.12 -8.54 -12.53
N PRO A 39 6.15 -8.59 -13.44
CA PRO A 39 6.16 -9.53 -14.53
C PRO A 39 6.96 -9.00 -15.73
N LYS A 40 7.82 -9.86 -16.25
CA LYS A 40 8.55 -9.57 -17.47
C LYS A 40 7.57 -9.39 -18.63
N HIS A 41 6.37 -9.94 -18.44
CA HIS A 41 5.30 -9.82 -19.40
C HIS A 41 4.09 -9.20 -18.72
N GLY A 42 3.91 -7.89 -18.87
CA GLY A 42 2.75 -7.24 -18.28
C GLY A 42 3.10 -5.95 -17.55
N LYS A 43 4.39 -5.81 -17.19
CA LYS A 43 4.91 -4.64 -16.48
C LYS A 43 4.53 -4.64 -14.99
N PRO A 44 5.50 -4.30 -14.13
CA PRO A 44 5.32 -4.31 -12.67
C PRO A 44 4.23 -3.36 -12.19
N TYR A 45 3.51 -3.78 -11.16
CA TYR A 45 2.46 -2.95 -10.58
C TYR A 45 2.17 -3.41 -9.15
N PHE A 46 1.53 -2.55 -8.37
CA PHE A 46 1.20 -2.84 -6.99
C PHE A 46 -0.25 -3.26 -6.85
N LEU A 47 -0.49 -4.22 -5.98
CA LEU A 47 -1.84 -4.56 -5.55
C LEU A 47 -1.99 -4.24 -4.08
N VAL A 48 -2.66 -3.13 -3.79
CA VAL A 48 -2.86 -2.69 -2.42
C VAL A 48 -4.10 -3.35 -1.83
N ARG A 49 -3.97 -3.87 -0.62
CA ARG A 49 -5.06 -4.52 0.07
C ARG A 49 -6.04 -3.48 0.61
N ALA A 50 -7.26 -3.50 0.08
CA ALA A 50 -8.29 -2.53 0.49
C ALA A 50 -8.60 -2.65 1.98
N ASP A 51 -9.07 -1.57 2.55
CA ASP A 51 -9.34 -1.48 3.99
C ASP A 51 -10.57 -2.28 4.37
N GLY A 52 -10.73 -2.49 5.67
CA GLY A 52 -11.94 -3.11 6.20
C GLY A 52 -11.93 -4.61 6.05
N SER A 53 -10.78 -5.16 5.68
CA SER A 53 -10.61 -6.60 5.49
C SER A 53 -11.53 -7.14 4.41
N ASP A 54 -12.04 -6.25 3.56
CA ASP A 54 -12.95 -6.61 2.48
C ASP A 54 -12.41 -7.76 1.62
N GLY A 55 -11.31 -7.51 0.92
CA GLY A 55 -10.72 -8.53 0.09
C GLY A 55 -10.29 -7.99 -1.25
N ASN A 56 -10.83 -6.83 -1.59
CA ASN A 56 -10.51 -6.16 -2.84
C ASN A 56 -9.05 -5.71 -2.87
N PHE A 57 -8.46 -5.73 -4.06
CA PHE A 57 -7.10 -5.24 -4.25
C PHE A 57 -7.10 -4.09 -5.23
N ILE A 58 -6.26 -3.10 -4.96
CA ILE A 58 -6.19 -1.91 -5.81
C ILE A 58 -4.88 -1.90 -6.60
N ARG A 59 -5.00 -1.81 -7.91
CA ARG A 59 -3.83 -1.73 -8.78
C ARG A 59 -3.23 -0.33 -8.73
N SER A 60 -1.91 -0.24 -8.67
CA SER A 60 -1.24 1.06 -8.72
C SER A 60 -1.40 1.67 -10.10
N ASP A 61 -1.65 0.82 -11.08
CA ASP A 61 -1.87 1.24 -12.46
C ASP A 61 -3.23 1.93 -12.59
N GLN A 62 -4.24 1.36 -11.94
CA GLN A 62 -5.57 1.90 -11.97
C GLN A 62 -6.18 1.91 -10.58
N PRO A 63 -5.77 2.87 -9.72
CA PRO A 63 -6.33 3.02 -8.37
C PRO A 63 -7.82 3.39 -8.39
N ASP A 64 -8.29 3.82 -9.54
CA ASP A 64 -9.69 4.18 -9.72
C ASP A 64 -10.56 2.93 -9.80
N LYS A 65 -9.95 1.80 -10.14
CA LYS A 65 -10.69 0.56 -10.32
C LYS A 65 -10.41 -0.43 -9.20
N LEU A 66 -11.48 -0.96 -8.62
CA LEU A 66 -11.38 -1.96 -7.58
C LEU A 66 -11.39 -3.36 -8.22
N ILE A 67 -10.41 -4.17 -7.84
CA ILE A 67 -10.23 -5.48 -8.47
C ILE A 67 -10.89 -6.60 -7.65
N PRO A 68 -11.78 -7.39 -8.30
CA PRO A 68 -12.49 -8.49 -7.64
C PRO A 68 -11.56 -9.61 -7.20
N GLN A 69 -12.12 -10.59 -6.50
CA GLN A 69 -11.32 -11.59 -5.81
C GLN A 69 -10.89 -12.72 -6.72
N TRP A 70 -11.43 -12.76 -7.93
CA TRP A 70 -11.02 -13.76 -8.92
C TRP A 70 -9.97 -13.16 -9.85
N GLU A 71 -9.72 -11.87 -9.69
CA GLU A 71 -8.80 -11.15 -10.55
C GLU A 71 -7.60 -10.65 -9.77
N ILE A 72 -7.46 -11.11 -8.54
CA ILE A 72 -6.35 -10.70 -7.70
C ILE A 72 -5.16 -11.63 -7.88
N PHE A 73 -5.39 -12.75 -8.56
CA PHE A 73 -4.35 -13.73 -8.81
C PHE A 73 -4.27 -14.07 -10.28
N SER A 74 -4.69 -13.12 -11.12
CA SER A 74 -4.69 -13.29 -12.57
C SER A 74 -3.35 -13.82 -13.07
N TRP A 75 -2.27 -13.27 -12.51
CA TRP A 75 -0.93 -13.73 -12.82
C TRP A 75 -0.72 -15.17 -12.36
N GLY B 1 -16.63 -3.54 1.41
CA GLY B 1 -16.92 -3.77 2.81
C GLY B 1 -17.73 -5.03 3.03
N ALA B 2 -17.39 -6.08 2.30
CA ALA B 2 -18.06 -7.37 2.46
C ALA B 2 -17.38 -8.16 3.56
N ASP B 3 -18.16 -8.92 4.32
CA ASP B 3 -17.60 -9.66 5.45
C ASP B 3 -17.37 -11.12 5.10
N ASP B 4 -16.11 -11.48 5.00
CA ASP B 4 -15.69 -12.88 4.88
C ASP B 4 -14.65 -13.12 5.95
N ASP B 5 -14.85 -14.16 6.76
CA ASP B 5 -14.03 -14.38 7.96
C ASP B 5 -12.54 -14.26 7.66
N ALA B 6 -11.96 -13.18 8.11
CA ALA B 6 -10.55 -12.92 7.90
C ALA B 6 -9.76 -13.12 9.19
N PRO B 7 -8.50 -13.55 9.08
CA PRO B 7 -7.61 -13.72 10.22
C PRO B 7 -7.29 -12.40 10.92
N SER B 8 -6.56 -12.48 12.02
CA SER B 8 -6.14 -11.28 12.74
C SER B 8 -5.27 -10.41 11.84
N GLY B 9 -5.62 -9.13 11.77
CA GLY B 9 -4.97 -8.24 10.84
C GLY B 9 -6.00 -7.49 10.03
N GLU B 10 -6.54 -6.44 10.60
CA GLU B 10 -7.66 -5.73 10.00
C GLU B 10 -7.30 -4.27 9.82
N PRO B 11 -7.21 -3.86 8.56
CA PRO B 11 -6.81 -2.52 8.21
C PRO B 11 -7.98 -1.56 8.15
N ASP B 12 -8.13 -0.75 9.19
CA ASP B 12 -9.19 0.23 9.22
C ASP B 12 -8.62 1.60 8.89
N VAL B 13 -9.06 2.15 7.77
CA VAL B 13 -8.54 3.41 7.29
C VAL B 13 -9.05 4.56 8.15
N THR B 14 -8.14 5.43 8.54
CA THR B 14 -8.49 6.62 9.26
C THR B 14 -8.68 7.78 8.29
N ILE B 15 -9.93 8.05 7.96
CA ILE B 15 -10.25 9.09 6.99
C ILE B 15 -10.57 10.39 7.70
N ARG B 16 -9.65 11.34 7.64
CA ARG B 16 -9.86 12.63 8.25
C ARG B 16 -9.82 13.73 7.20
N GLN B 17 -10.55 14.78 7.44
CA GLN B 17 -10.61 15.90 6.51
C GLN B 17 -9.73 17.04 6.98
N GLU B 18 -8.69 17.29 6.22
CA GLU B 18 -7.70 18.30 6.55
C GLU B 18 -7.93 19.55 5.71
N GLY B 19 -9.17 20.00 5.68
CA GLY B 19 -9.55 21.13 4.85
C GLY B 19 -10.15 20.68 3.54
N ASP B 20 -9.49 21.01 2.44
CA ASP B 20 -9.95 20.59 1.12
C ASP B 20 -9.35 19.24 0.76
N LYS B 21 -8.50 18.72 1.63
CA LYS B 21 -7.83 17.46 1.38
C LYS B 21 -8.31 16.37 2.32
N THR B 22 -8.86 15.31 1.76
CA THR B 22 -9.27 14.15 2.54
C THR B 22 -8.07 13.23 2.75
N ILE B 23 -7.62 13.13 3.99
CA ILE B 23 -6.45 12.31 4.29
C ILE B 23 -6.88 10.98 4.88
N GLN B 24 -6.72 9.93 4.09
CA GLN B 24 -7.11 8.60 4.51
C GLN B 24 -5.89 7.76 4.85
N GLU B 25 -5.64 7.59 6.14
CA GLU B 25 -4.51 6.82 6.62
C GLU B 25 -4.87 5.34 6.74
N TYR B 26 -4.34 4.53 5.84
CA TYR B 26 -4.57 3.09 5.87
C TYR B 26 -3.62 2.43 6.87
N ARG B 27 -4.18 2.01 8.00
CA ARG B 27 -3.39 1.34 9.03
C ARG B 27 -3.96 -0.04 9.29
N VAL B 28 -3.14 -1.06 9.18
CA VAL B 28 -3.59 -2.43 9.37
C VAL B 28 -3.38 -2.88 10.82
N ASN B 29 -2.25 -2.54 11.39
CA ASN B 29 -1.91 -3.01 12.71
C ASN B 29 -0.87 -2.11 13.36
N GLY B 30 -1.28 -0.90 13.70
CA GLY B 30 -0.43 0.02 14.42
C GLY B 30 0.59 0.72 13.54
N PHE B 31 0.64 0.35 12.27
CA PHE B 31 1.59 0.95 11.35
C PHE B 31 0.90 1.43 10.08
N LEU B 32 1.17 2.67 9.74
CA LEU B 32 0.68 3.28 8.52
C LEU B 32 1.46 2.72 7.33
N TYR B 33 0.76 2.06 6.42
CA TYR B 33 1.41 1.48 5.26
C TYR B 33 1.11 2.28 3.99
N ALA B 34 0.00 3.02 3.99
CA ALA B 34 -0.36 3.84 2.84
C ALA B 34 -1.32 4.95 3.24
N ILE B 35 -1.06 6.15 2.77
CA ILE B 35 -1.97 7.28 2.97
C ILE B 35 -2.54 7.72 1.63
N LYS B 36 -3.86 7.86 1.56
CA LYS B 36 -4.48 8.40 0.37
C LYS B 36 -4.98 9.80 0.64
N VAL B 37 -4.33 10.78 0.03
CA VAL B 37 -4.78 12.15 0.15
C VAL B 37 -5.70 12.48 -1.01
N VAL B 38 -6.85 13.05 -0.70
CA VAL B 38 -7.74 13.53 -1.74
C VAL B 38 -7.91 15.05 -1.63
N PRO B 39 -6.88 15.82 -2.00
CA PRO B 39 -6.96 17.27 -1.99
C PRO B 39 -7.70 17.83 -3.20
N LYS B 40 -8.60 18.78 -2.95
CA LYS B 40 -9.28 19.49 -4.02
C LYS B 40 -8.25 20.22 -4.88
N HIS B 41 -7.19 20.66 -4.23
CA HIS B 41 -6.09 21.32 -4.91
C HIS B 41 -4.87 20.41 -4.88
N GLY B 42 -4.81 19.46 -5.81
CA GLY B 42 -3.68 18.54 -5.85
C GLY B 42 -4.05 17.19 -6.42
N LYS B 43 -5.33 16.82 -6.27
CA LYS B 43 -5.86 15.55 -6.79
C LYS B 43 -5.46 14.36 -5.91
N PRO B 44 -6.33 13.33 -5.85
CA PRO B 44 -6.14 12.16 -4.99
C PRO B 44 -4.94 11.30 -5.39
N TYR B 45 -4.07 11.04 -4.43
CA TYR B 45 -2.89 10.23 -4.67
C TYR B 45 -2.57 9.37 -3.45
N PHE B 46 -1.97 8.20 -3.70
CA PHE B 46 -1.58 7.30 -2.64
C PHE B 46 -0.10 7.47 -2.31
N LEU B 47 0.23 7.29 -1.04
CA LEU B 47 1.61 7.24 -0.59
C LEU B 47 1.86 5.92 0.13
N VAL B 48 2.48 4.99 -0.58
CA VAL B 48 2.74 3.66 -0.04
C VAL B 48 4.13 3.60 0.58
N ARG B 49 4.22 3.11 1.81
CA ARG B 49 5.48 3.02 2.51
C ARG B 49 6.37 1.93 1.93
N ALA B 50 7.62 2.30 1.61
CA ALA B 50 8.59 1.36 1.11
C ALA B 50 8.99 0.36 2.19
N ASP B 51 9.46 -0.81 1.77
CA ASP B 51 9.73 -1.90 2.69
C ASP B 51 11.05 -1.69 3.44
N GLY B 52 11.20 -2.43 4.53
CA GLY B 52 12.44 -2.43 5.27
C GLY B 52 12.57 -1.25 6.20
N SER B 53 11.42 -0.67 6.55
CA SER B 53 11.38 0.52 7.39
C SER B 53 12.22 1.64 6.77
N ASP B 54 12.28 1.62 5.44
CA ASP B 54 13.06 2.58 4.66
C ASP B 54 12.74 4.01 5.06
N GLY B 55 11.50 4.40 4.82
CA GLY B 55 11.05 5.71 5.25
C GLY B 55 10.34 6.43 4.16
N ASN B 56 10.84 6.21 2.98
CA ASN B 56 10.31 6.82 1.78
C ASN B 56 8.93 6.28 1.44
N PHE B 57 8.15 7.10 0.76
CA PHE B 57 6.83 6.71 0.28
C PHE B 57 6.82 6.63 -1.23
N ILE B 58 5.88 5.87 -1.77
CA ILE B 58 5.73 5.73 -3.21
C ILE B 58 4.39 6.30 -3.63
N ARG B 59 4.41 7.23 -4.58
CA ARG B 59 3.20 7.89 -5.03
C ARG B 59 2.51 7.06 -6.12
N SER B 60 1.20 6.95 -6.03
CA SER B 60 0.42 6.11 -6.93
C SER B 60 0.62 6.46 -8.40
N ASP B 61 0.64 7.75 -8.70
CA ASP B 61 0.72 8.21 -10.09
C ASP B 61 2.17 8.29 -10.57
N GLN B 62 3.10 7.97 -9.69
CA GLN B 62 4.53 8.04 -10.02
C GLN B 62 5.30 7.01 -9.19
N PRO B 63 5.14 5.72 -9.50
CA PRO B 63 5.71 4.62 -8.71
C PRO B 63 7.22 4.56 -8.77
N ASP B 64 7.80 5.28 -9.71
CA ASP B 64 9.25 5.31 -9.88
C ASP B 64 9.85 6.45 -9.07
N LYS B 65 8.98 7.26 -8.48
CA LYS B 65 9.43 8.38 -7.67
C LYS B 65 9.25 8.09 -6.19
N LEU B 66 10.33 8.23 -5.45
CA LEU B 66 10.31 8.02 -4.02
C LEU B 66 10.11 9.35 -3.31
N ILE B 67 9.09 9.40 -2.46
CA ILE B 67 8.79 10.61 -1.70
C ILE B 67 9.46 10.53 -0.33
N PRO B 68 10.47 11.39 -0.10
CA PRO B 68 11.24 11.37 1.13
C PRO B 68 10.46 11.87 2.34
N GLN B 69 11.08 11.79 3.50
CA GLN B 69 10.40 12.04 4.76
C GLN B 69 10.25 13.54 5.03
N TRP B 70 10.88 14.36 4.21
CA TRP B 70 10.70 15.81 4.31
C TRP B 70 9.62 16.26 3.34
N GLU B 71 9.16 15.35 2.50
CA GLU B 71 8.16 15.66 1.49
C GLU B 71 6.83 14.99 1.83
N ILE B 72 6.83 14.18 2.88
CA ILE B 72 5.62 13.48 3.29
C ILE B 72 4.60 14.44 3.87
N PHE B 73 5.06 15.62 4.26
CA PHE B 73 4.17 16.66 4.78
C PHE B 73 3.93 17.70 3.68
N SER B 74 3.75 17.21 2.47
CA SER B 74 3.50 18.05 1.31
C SER B 74 2.08 18.61 1.36
N TRP B 75 1.28 18.07 2.26
CA TRP B 75 -0.10 18.52 2.44
C TRP B 75 -0.24 19.36 3.70
N GLY A 1 25.89 -6.54 17.44
CA GLY A 1 25.51 -7.30 16.24
C GLY A 1 25.13 -6.41 15.09
N ALA A 2 23.93 -6.58 14.57
CA ALA A 2 23.45 -5.80 13.44
C ALA A 2 22.03 -5.31 13.66
N ASP A 3 21.19 -6.15 14.24
CA ASP A 3 19.79 -5.82 14.45
C ASP A 3 19.53 -5.40 15.89
N ASP A 4 20.59 -5.03 16.59
CA ASP A 4 20.46 -4.55 17.95
C ASP A 4 19.69 -3.23 17.99
N ASP A 5 18.71 -3.17 18.88
CA ASP A 5 17.85 -2.00 19.03
C ASP A 5 17.08 -1.72 17.75
N ALA A 6 16.17 -2.62 17.43
CA ALA A 6 15.36 -2.51 16.24
C ALA A 6 13.92 -2.17 16.59
N PRO A 7 13.21 -1.45 15.72
CA PRO A 7 11.81 -1.09 15.95
C PRO A 7 10.85 -2.23 15.67
N SER A 8 9.70 -2.21 16.34
CA SER A 8 8.66 -3.18 16.08
C SER A 8 7.66 -2.61 15.08
N GLY A 9 7.53 -3.28 13.95
CA GLY A 9 6.73 -2.77 12.86
C GLY A 9 7.60 -2.37 11.70
N GLU A 10 8.22 -3.37 11.12
CA GLU A 10 9.17 -3.19 10.05
C GLU A 10 8.60 -3.80 8.80
N PRO A 11 8.36 -2.99 7.79
CA PRO A 11 7.72 -3.44 6.58
C PRO A 11 8.73 -3.95 5.58
N ASP A 12 8.83 -5.26 5.51
CA ASP A 12 9.74 -5.92 4.60
C ASP A 12 8.97 -6.57 3.47
N VAL A 13 9.70 -7.05 2.48
CA VAL A 13 9.08 -7.72 1.37
C VAL A 13 9.67 -9.13 1.20
N THR A 14 8.78 -10.09 1.06
CA THR A 14 9.19 -11.46 0.84
C THR A 14 9.27 -11.73 -0.66
N ILE A 15 10.49 -11.92 -1.13
CA ILE A 15 10.72 -12.07 -2.56
C ILE A 15 10.60 -13.53 -2.97
N ARG A 16 9.48 -13.86 -3.61
CA ARG A 16 9.24 -15.20 -4.11
C ARG A 16 9.31 -15.17 -5.64
N GLN A 17 9.42 -16.33 -6.24
CA GLN A 17 9.37 -16.43 -7.68
C GLN A 17 8.56 -17.63 -8.12
N GLU A 18 7.41 -17.35 -8.71
CA GLU A 18 6.54 -18.39 -9.22
C GLU A 18 6.67 -18.45 -10.73
N GLY A 19 7.44 -19.41 -11.21
CA GLY A 19 7.70 -19.50 -12.62
C GLY A 19 8.59 -18.36 -13.10
N ASP A 20 8.01 -17.44 -13.86
CA ASP A 20 8.78 -16.33 -14.42
C ASP A 20 8.38 -15.02 -13.78
N LYS A 21 7.57 -15.06 -12.73
CA LYS A 21 7.16 -13.84 -12.06
C LYS A 21 7.69 -13.78 -10.64
N THR A 22 8.51 -12.77 -10.38
CA THR A 22 9.02 -12.52 -9.05
C THR A 22 7.94 -11.87 -8.21
N ILE A 23 7.26 -12.67 -7.40
CA ILE A 23 6.15 -12.19 -6.59
C ILE A 23 6.66 -11.71 -5.24
N GLN A 24 6.70 -10.40 -5.07
CA GLN A 24 7.20 -9.80 -3.86
C GLN A 24 6.06 -9.49 -2.90
N GLU A 25 6.03 -10.19 -1.78
CA GLU A 25 4.97 -10.05 -0.80
C GLU A 25 5.36 -9.00 0.26
N TYR A 26 4.71 -7.85 0.21
CA TYR A 26 4.96 -6.80 1.18
C TYR A 26 4.13 -7.02 2.44
N ARG A 27 4.80 -7.45 3.51
CA ARG A 27 4.12 -7.70 4.78
C ARG A 27 4.87 -7.00 5.90
N VAL A 28 4.17 -6.15 6.64
CA VAL A 28 4.79 -5.42 7.74
C VAL A 28 4.53 -6.09 9.09
N ASN A 29 3.31 -6.57 9.28
CA ASN A 29 2.95 -7.16 10.56
C ASN A 29 1.82 -8.18 10.37
N GLY A 30 2.17 -9.33 9.80
CA GLY A 30 1.20 -10.40 9.61
C GLY A 30 0.12 -10.05 8.62
N PHE A 31 0.38 -9.05 7.79
CA PHE A 31 -0.60 -8.59 6.83
C PHE A 31 0.06 -8.26 5.50
N LEU A 32 -0.48 -8.82 4.44
CA LEU A 32 -0.08 -8.50 3.09
C LEU A 32 -0.81 -7.23 2.65
N TYR A 33 -0.07 -6.14 2.52
CA TYR A 33 -0.67 -4.86 2.14
C TYR A 33 -0.41 -4.53 0.67
N ALA A 34 0.58 -5.19 0.08
CA ALA A 34 0.91 -4.95 -1.32
C ALA A 34 1.68 -6.12 -1.90
N ILE A 35 1.38 -6.46 -3.14
CA ILE A 35 2.12 -7.47 -3.86
C ILE A 35 2.79 -6.85 -5.07
N LYS A 36 4.10 -7.01 -5.19
CA LYS A 36 4.81 -6.53 -6.35
C LYS A 36 5.20 -7.71 -7.22
N VAL A 37 4.49 -7.90 -8.31
CA VAL A 37 4.81 -8.98 -9.23
C VAL A 37 5.81 -8.47 -10.24
N VAL A 38 6.91 -9.17 -10.39
CA VAL A 38 7.86 -8.85 -11.45
C VAL A 38 7.93 -10.02 -12.44
N PRO A 39 6.88 -10.17 -13.28
CA PRO A 39 6.86 -11.21 -14.30
C PRO A 39 7.73 -10.84 -15.51
N LYS A 40 8.57 -11.78 -15.91
CA LYS A 40 9.42 -11.61 -17.07
C LYS A 40 8.58 -11.26 -18.29
N HIS A 41 7.44 -11.90 -18.40
CA HIS A 41 6.52 -11.65 -19.50
C HIS A 41 5.22 -11.09 -18.96
N GLY A 42 5.22 -9.78 -18.72
CA GLY A 42 4.07 -9.13 -18.12
C GLY A 42 4.45 -7.81 -17.49
N LYS A 43 5.72 -7.75 -17.04
CA LYS A 43 6.31 -6.53 -16.47
C LYS A 43 5.84 -6.26 -15.04
N PRO A 44 6.73 -5.74 -14.19
CA PRO A 44 6.46 -5.50 -12.77
C PRO A 44 5.37 -4.46 -12.53
N TYR A 45 4.43 -4.80 -11.64
CA TYR A 45 3.37 -3.90 -11.26
C TYR A 45 2.96 -4.16 -9.81
N PHE A 46 2.27 -3.22 -9.20
CA PHE A 46 1.89 -3.33 -7.80
C PHE A 46 0.39 -3.62 -7.64
N LEU A 47 0.07 -4.52 -6.73
CA LEU A 47 -1.30 -4.73 -6.28
C LEU A 47 -1.42 -4.33 -4.82
N VAL A 48 -2.01 -3.17 -4.57
CA VAL A 48 -2.15 -2.67 -3.21
C VAL A 48 -3.48 -3.11 -2.61
N ARG A 49 -3.47 -3.51 -1.36
CA ARG A 49 -4.67 -3.94 -0.68
C ARG A 49 -5.45 -2.75 -0.16
N ALA A 50 -6.70 -2.64 -0.61
CA ALA A 50 -7.56 -1.54 -0.23
C ALA A 50 -7.99 -1.66 1.24
N ASP A 51 -8.56 -0.59 1.77
CA ASP A 51 -9.03 -0.58 3.15
C ASP A 51 -10.20 -1.53 3.32
N GLY A 52 -10.26 -2.20 4.46
CA GLY A 52 -11.31 -3.14 4.71
C GLY A 52 -10.89 -4.55 4.33
N SER A 53 -11.34 -5.50 5.10
CA SER A 53 -11.11 -6.92 4.84
C SER A 53 -11.99 -7.40 3.68
N ASP A 54 -12.11 -6.56 2.66
CA ASP A 54 -12.91 -6.87 1.48
C ASP A 54 -12.17 -7.82 0.56
N GLY A 55 -10.86 -7.60 0.42
CA GLY A 55 -10.03 -8.48 -0.38
C GLY A 55 -9.51 -7.83 -1.64
N ASN A 56 -10.29 -6.92 -2.20
CA ASN A 56 -9.97 -6.27 -3.47
C ASN A 56 -8.63 -5.53 -3.44
N PHE A 57 -7.99 -5.48 -4.61
CA PHE A 57 -6.69 -4.84 -4.76
C PHE A 57 -6.79 -3.63 -5.69
N ILE A 58 -5.74 -2.83 -5.71
CA ILE A 58 -5.63 -1.71 -6.64
C ILE A 58 -4.31 -1.78 -7.39
N ARG A 59 -4.36 -1.62 -8.72
CA ARG A 59 -3.15 -1.64 -9.53
C ARG A 59 -2.40 -0.32 -9.45
N SER A 60 -1.08 -0.40 -9.55
CA SER A 60 -0.28 0.79 -9.79
C SER A 60 -0.36 1.14 -11.28
N ASP A 61 -0.53 0.09 -12.08
CA ASP A 61 -0.69 0.21 -13.52
C ASP A 61 -2.03 0.83 -13.87
N GLN A 62 -3.03 0.53 -13.07
CA GLN A 62 -4.39 0.96 -13.36
C GLN A 62 -5.10 1.31 -12.04
N PRO A 63 -4.86 2.54 -11.54
CA PRO A 63 -5.40 2.98 -10.25
C PRO A 63 -6.87 3.41 -10.33
N ASP A 64 -7.40 3.46 -11.54
CA ASP A 64 -8.80 3.83 -11.74
C ASP A 64 -9.66 2.56 -11.83
N LYS A 65 -9.05 1.43 -11.52
CA LYS A 65 -9.75 0.16 -11.59
C LYS A 65 -9.64 -0.57 -10.27
N LEU A 66 -10.78 -1.00 -9.76
CA LEU A 66 -10.82 -1.80 -8.56
C LEU A 66 -10.68 -3.26 -8.95
N ILE A 67 -9.56 -3.86 -8.58
CA ILE A 67 -9.21 -5.19 -9.03
C ILE A 67 -10.16 -6.23 -8.44
N PRO A 68 -10.91 -6.92 -9.32
CA PRO A 68 -11.87 -7.94 -8.89
C PRO A 68 -11.18 -9.17 -8.33
N GLN A 69 -11.98 -10.09 -7.83
CA GLN A 69 -11.44 -11.21 -7.07
C GLN A 69 -10.97 -12.33 -7.99
N TRP A 70 -11.14 -12.15 -9.29
CA TRP A 70 -10.61 -13.13 -10.24
C TRP A 70 -9.28 -12.64 -10.81
N GLU A 71 -9.04 -11.35 -10.71
CA GLU A 71 -7.84 -10.76 -11.28
C GLU A 71 -6.71 -10.76 -10.25
N ILE A 72 -7.05 -11.03 -8.99
CA ILE A 72 -6.08 -11.08 -7.92
C ILE A 72 -5.09 -12.23 -8.13
N PHE A 73 -5.48 -13.19 -8.97
CA PHE A 73 -4.62 -14.29 -9.32
C PHE A 73 -4.34 -14.28 -10.82
N SER A 74 -4.35 -13.09 -11.41
CA SER A 74 -4.09 -12.92 -12.83
C SER A 74 -2.66 -13.35 -13.15
N TRP A 75 -1.79 -13.25 -12.16
CA TRP A 75 -0.42 -13.72 -12.29
C TRP A 75 -0.33 -15.20 -11.94
N GLY B 1 -21.97 -8.58 18.44
CA GLY B 1 -21.63 -7.30 17.85
C GLY B 1 -21.73 -7.32 16.35
N ALA B 2 -20.84 -6.60 15.68
CA ALA B 2 -20.83 -6.55 14.23
C ALA B 2 -19.88 -7.61 13.68
N ASP B 3 -18.85 -7.88 14.45
CA ASP B 3 -17.86 -8.88 14.07
C ASP B 3 -17.79 -9.97 15.13
N ASP B 4 -17.14 -11.07 14.78
CA ASP B 4 -16.97 -12.17 15.72
C ASP B 4 -15.55 -12.72 15.62
N ASP B 5 -14.73 -12.38 16.60
CA ASP B 5 -13.32 -12.79 16.65
C ASP B 5 -12.53 -12.11 15.54
N ALA B 6 -11.88 -11.01 15.89
CA ALA B 6 -11.17 -10.18 14.93
C ALA B 6 -9.94 -10.89 14.36
N PRO B 7 -9.77 -10.85 13.04
CA PRO B 7 -8.65 -11.47 12.35
C PRO B 7 -7.34 -10.70 12.57
N SER B 8 -6.22 -11.40 12.44
CA SER B 8 -4.92 -10.77 12.60
C SER B 8 -4.60 -9.88 11.41
N GLY B 9 -4.65 -8.58 11.63
CA GLY B 9 -4.38 -7.63 10.58
C GLY B 9 -5.65 -7.07 9.98
N GLU B 10 -6.19 -6.06 10.63
CA GLU B 10 -7.41 -5.42 10.16
C GLU B 10 -7.08 -4.03 9.64
N PRO B 11 -7.03 -3.87 8.33
CA PRO B 11 -6.65 -2.63 7.71
C PRO B 11 -7.81 -1.64 7.61
N ASP B 12 -8.01 -0.91 8.70
CA ASP B 12 -9.07 0.09 8.77
C ASP B 12 -8.50 1.46 8.43
N VAL B 13 -9.18 2.18 7.57
CA VAL B 13 -8.73 3.50 7.20
C VAL B 13 -9.37 4.56 8.11
N THR B 14 -8.53 5.39 8.68
CA THR B 14 -9.00 6.47 9.53
C THR B 14 -9.21 7.72 8.69
N ILE B 15 -10.48 8.05 8.44
CA ILE B 15 -10.82 9.19 7.59
C ILE B 15 -10.84 10.47 8.41
N ARG B 16 -9.81 11.29 8.21
CA ARG B 16 -9.71 12.58 8.89
C ARG B 16 -10.01 13.71 7.94
N GLN B 17 -10.08 14.91 8.48
CA GLN B 17 -10.37 16.10 7.70
C GLN B 17 -9.67 17.32 8.29
N GLU B 18 -8.57 17.69 7.68
CA GLU B 18 -7.78 18.81 8.16
C GLU B 18 -7.99 20.02 7.25
N GLY B 19 -8.97 20.84 7.60
CA GLY B 19 -9.24 22.03 6.81
C GLY B 19 -9.98 21.72 5.52
N ASP B 20 -9.23 21.46 4.46
CA ASP B 20 -9.83 21.12 3.17
C ASP B 20 -9.24 19.83 2.63
N LYS B 21 -8.55 19.08 3.48
CA LYS B 21 -7.95 17.84 3.04
C LYS B 21 -8.42 16.66 3.89
N THR B 22 -9.01 15.69 3.22
CA THR B 22 -9.45 14.47 3.87
C THR B 22 -8.28 13.49 3.98
N ILE B 23 -7.65 13.44 5.13
CA ILE B 23 -6.48 12.58 5.32
C ILE B 23 -6.90 11.21 5.80
N GLN B 24 -6.81 10.23 4.91
CA GLN B 24 -7.20 8.87 5.24
C GLN B 24 -5.98 8.04 5.62
N GLU B 25 -5.86 7.73 6.89
CA GLU B 25 -4.76 6.91 7.40
C GLU B 25 -5.09 5.43 7.30
N TYR B 26 -4.40 4.72 6.42
CA TYR B 26 -4.60 3.29 6.29
C TYR B 26 -3.72 2.55 7.31
N ARG B 27 -4.33 2.12 8.40
CA ARG B 27 -3.59 1.40 9.44
C ARG B 27 -4.07 -0.04 9.51
N VAL B 28 -3.14 -0.97 9.46
CA VAL B 28 -3.49 -2.38 9.58
C VAL B 28 -3.30 -2.89 11.00
N ASN B 29 -2.14 -2.63 11.59
CA ASN B 29 -1.85 -3.13 12.92
C ASN B 29 -0.77 -2.26 13.56
N GLY B 30 -1.18 -1.07 14.00
CA GLY B 30 -0.25 -0.14 14.61
C GLY B 30 0.78 0.39 13.63
N PHE B 31 0.49 0.22 12.35
CA PHE B 31 1.39 0.67 11.30
C PHE B 31 0.62 1.35 10.17
N LEU B 32 1.07 2.55 9.83
CA LEU B 32 0.55 3.28 8.69
C LEU B 32 1.24 2.79 7.43
N TYR B 33 0.50 2.15 6.53
CA TYR B 33 1.10 1.61 5.32
C TYR B 33 0.76 2.46 4.09
N ALA B 34 -0.24 3.33 4.23
CA ALA B 34 -0.65 4.18 3.13
C ALA B 34 -1.44 5.39 3.63
N ILE B 35 -1.22 6.52 2.99
CA ILE B 35 -1.98 7.73 3.29
C ILE B 35 -2.71 8.20 2.04
N LYS B 36 -4.01 8.41 2.16
CA LYS B 36 -4.77 9.01 1.09
C LYS B 36 -5.34 10.33 1.54
N VAL B 37 -4.71 11.41 1.14
CA VAL B 37 -5.21 12.72 1.51
C VAL B 37 -5.94 13.35 0.33
N VAL B 38 -7.15 13.81 0.60
CA VAL B 38 -7.98 14.43 -0.42
C VAL B 38 -8.07 15.93 -0.16
N PRO B 39 -7.10 16.71 -0.64
CA PRO B 39 -7.10 18.14 -0.49
C PRO B 39 -7.85 18.85 -1.61
N LYS B 40 -8.69 19.79 -1.24
CA LYS B 40 -9.40 20.63 -2.21
C LYS B 40 -8.41 21.41 -3.05
N HIS B 41 -7.21 21.55 -2.51
CA HIS B 41 -6.17 22.36 -3.15
C HIS B 41 -4.95 21.49 -3.40
N GLY B 42 -4.97 20.73 -4.48
CA GLY B 42 -3.87 19.84 -4.79
C GLY B 42 -4.35 18.51 -5.34
N LYS B 43 -5.63 18.20 -5.12
CA LYS B 43 -6.25 16.94 -5.58
C LYS B 43 -5.75 15.74 -4.79
N PRO B 44 -6.63 14.74 -4.57
CA PRO B 44 -6.29 13.55 -3.79
C PRO B 44 -5.28 12.65 -4.46
N TYR B 45 -4.47 11.97 -3.66
CA TYR B 45 -3.45 11.07 -4.17
C TYR B 45 -3.07 10.06 -3.08
N PHE B 46 -2.54 8.92 -3.48
CA PHE B 46 -2.15 7.89 -2.52
C PHE B 46 -0.64 7.88 -2.30
N LEU B 47 -0.24 7.81 -1.05
CA LEU B 47 1.14 7.58 -0.69
C LEU B 47 1.29 6.23 -0.01
N VAL B 48 1.83 5.26 -0.74
CA VAL B 48 2.00 3.91 -0.23
C VAL B 48 3.42 3.72 0.29
N ARG B 49 3.56 3.07 1.43
CA ARG B 49 4.87 2.80 1.99
C ARG B 49 5.56 1.66 1.27
N ALA B 50 6.81 1.87 0.90
CA ALA B 50 7.64 0.83 0.35
C ALA B 50 8.33 0.08 1.48
N ASP B 51 8.96 -1.04 1.17
CA ASP B 51 9.65 -1.81 2.20
C ASP B 51 10.88 -1.06 2.68
N GLY B 52 10.95 -0.86 3.98
CA GLY B 52 12.06 -0.13 4.55
C GLY B 52 11.60 1.09 5.31
N SER B 53 12.05 1.20 6.56
CA SER B 53 11.71 2.34 7.40
C SER B 53 12.58 3.55 7.03
N ASP B 54 12.71 3.79 5.73
CA ASP B 54 13.53 4.87 5.20
C ASP B 54 12.73 6.18 5.17
N GLY B 55 11.42 6.05 5.27
CA GLY B 55 10.56 7.21 5.19
C GLY B 55 10.21 7.55 3.76
N ASN B 56 10.29 6.54 2.91
CA ASN B 56 10.03 6.71 1.50
C ASN B 56 8.62 6.25 1.15
N PHE B 57 7.91 7.10 0.44
CA PHE B 57 6.55 6.78 0.02
C PHE B 57 6.49 6.73 -1.50
N ILE B 58 5.57 5.92 -2.01
CA ILE B 58 5.38 5.79 -3.45
C ILE B 58 3.97 6.25 -3.82
N ARG B 59 3.87 7.13 -4.81
CA ARG B 59 2.57 7.61 -5.25
C ARG B 59 1.85 6.57 -6.08
N SER B 60 0.53 6.60 -6.04
CA SER B 60 -0.27 5.89 -7.03
C SER B 60 -0.34 6.76 -8.29
N ASP B 61 -0.23 8.06 -8.05
CA ASP B 61 -0.18 9.07 -9.10
C ASP B 61 1.08 8.90 -9.96
N GLN B 62 2.16 8.50 -9.31
CA GLN B 62 3.45 8.35 -9.97
C GLN B 62 4.29 7.32 -9.22
N PRO B 63 4.09 6.03 -9.56
CA PRO B 63 4.78 4.92 -8.87
C PRO B 63 6.22 4.73 -9.33
N ASP B 64 6.70 5.67 -10.13
CA ASP B 64 8.05 5.59 -10.66
C ASP B 64 8.96 6.61 -9.98
N LYS B 65 8.41 7.30 -8.99
CA LYS B 65 9.15 8.32 -8.26
C LYS B 65 9.10 8.04 -6.77
N LEU B 66 10.27 8.08 -6.15
CA LEU B 66 10.38 7.90 -4.71
C LEU B 66 10.14 9.24 -4.03
N ILE B 67 9.12 9.30 -3.19
CA ILE B 67 8.70 10.56 -2.61
C ILE B 67 9.57 10.95 -1.44
N PRO B 68 10.24 12.12 -1.54
CA PRO B 68 11.10 12.63 -0.49
C PRO B 68 10.31 13.10 0.73
N GLN B 69 11.03 13.44 1.78
CA GLN B 69 10.41 13.66 3.07
C GLN B 69 9.63 14.97 3.10
N TRP B 70 10.11 15.97 2.38
CA TRP B 70 9.42 17.25 2.35
C TRP B 70 8.06 17.13 1.69
N GLU B 71 7.87 16.05 0.94
CA GLU B 71 6.64 15.86 0.21
C GLU B 71 5.71 14.86 0.91
N ILE B 72 6.26 14.06 1.82
CA ILE B 72 5.45 13.08 2.56
C ILE B 72 4.52 13.80 3.54
N PHE B 73 4.94 14.97 3.99
CA PHE B 73 4.10 15.83 4.81
C PHE B 73 3.86 17.16 4.09
N SER B 74 3.73 17.07 2.77
CA SER B 74 3.50 18.23 1.92
C SER B 74 2.19 18.92 2.26
N TRP B 75 1.24 18.14 2.79
CA TRP B 75 -0.07 18.67 3.16
C TRP B 75 0.01 19.52 4.42
N GLY A 1 17.18 7.13 14.32
CA GLY A 1 18.62 7.52 14.41
C GLY A 1 18.89 8.81 13.66
N ALA A 2 20.08 8.89 13.07
CA ALA A 2 20.50 10.10 12.38
C ALA A 2 20.11 10.07 10.91
N ASP A 3 19.90 8.86 10.38
CA ASP A 3 19.54 8.70 8.98
C ASP A 3 18.04 8.89 8.78
N ASP A 4 17.25 8.28 9.67
CA ASP A 4 15.80 8.45 9.66
C ASP A 4 15.23 7.92 10.97
N ASP A 5 13.92 7.75 11.04
CA ASP A 5 13.26 7.29 12.25
C ASP A 5 12.41 6.06 11.96
N ALA A 6 12.82 4.92 12.47
CA ALA A 6 12.12 3.66 12.23
C ALA A 6 11.20 3.31 13.39
N PRO A 7 9.88 3.29 13.15
CA PRO A 7 8.89 2.90 14.15
C PRO A 7 8.70 1.39 14.23
N SER A 8 7.58 0.97 14.79
CA SER A 8 7.28 -0.46 14.92
C SER A 8 6.77 -1.03 13.60
N GLY A 9 6.49 -2.33 13.59
CA GLY A 9 6.02 -2.97 12.39
C GLY A 9 7.16 -3.39 11.49
N GLU A 10 7.78 -2.40 10.85
CA GLU A 10 8.88 -2.61 9.92
C GLU A 10 8.43 -3.49 8.77
N PRO A 11 7.66 -2.91 7.85
CA PRO A 11 7.13 -3.65 6.69
C PRO A 11 8.24 -4.21 5.81
N ASP A 12 8.40 -5.52 5.87
CA ASP A 12 9.39 -6.21 5.07
C ASP A 12 8.79 -6.63 3.75
N VAL A 13 9.62 -6.78 2.73
CA VAL A 13 9.16 -7.26 1.45
C VAL A 13 9.84 -8.57 1.09
N THR A 14 9.04 -9.57 0.80
CA THR A 14 9.54 -10.87 0.43
C THR A 14 9.53 -11.02 -1.09
N ILE A 15 10.71 -11.07 -1.68
CA ILE A 15 10.82 -11.13 -3.12
C ILE A 15 10.92 -12.58 -3.61
N ARG A 16 9.84 -13.07 -4.18
CA ARG A 16 9.82 -14.43 -4.73
C ARG A 16 9.50 -14.34 -6.22
N GLN A 17 9.70 -15.44 -6.94
CA GLN A 17 9.36 -15.48 -8.34
C GLN A 17 8.46 -16.66 -8.66
N GLU A 18 7.27 -16.36 -9.16
CA GLU A 18 6.35 -17.38 -9.61
C GLU A 18 6.47 -17.54 -11.12
N GLY A 19 7.45 -18.30 -11.55
CA GLY A 19 7.74 -18.39 -12.97
C GLY A 19 8.54 -17.20 -13.45
N ASP A 20 7.90 -16.32 -14.19
CA ASP A 20 8.57 -15.12 -14.71
C ASP A 20 8.09 -13.87 -13.98
N LYS A 21 7.17 -14.03 -13.05
CA LYS A 21 6.66 -12.88 -12.30
C LYS A 21 7.30 -12.81 -10.93
N THR A 22 8.09 -11.77 -10.73
CA THR A 22 8.74 -11.52 -9.47
C THR A 22 7.75 -10.86 -8.50
N ILE A 23 7.15 -11.66 -7.63
CA ILE A 23 6.14 -11.17 -6.72
C ILE A 23 6.79 -10.74 -5.41
N GLN A 24 6.74 -9.43 -5.15
CA GLN A 24 7.28 -8.89 -3.92
C GLN A 24 6.16 -8.72 -2.90
N GLU A 25 6.18 -9.56 -1.88
CA GLU A 25 5.15 -9.56 -0.85
C GLU A 25 5.49 -8.52 0.22
N TYR A 26 4.82 -7.39 0.18
CA TYR A 26 5.00 -6.37 1.20
C TYR A 26 4.17 -6.70 2.42
N ARG A 27 4.82 -7.22 3.44
CA ARG A 27 4.15 -7.60 4.67
C ARG A 27 4.69 -6.78 5.83
N VAL A 28 3.82 -6.00 6.44
CA VAL A 28 4.23 -5.06 7.48
C VAL A 28 4.64 -5.82 8.75
N ASN A 29 3.87 -6.81 9.10
CA ASN A 29 4.13 -7.61 10.29
C ASN A 29 3.22 -8.82 10.27
N GLY A 30 3.57 -9.79 9.44
CA GLY A 30 2.76 -10.98 9.29
C GLY A 30 1.62 -10.81 8.31
N PHE A 31 1.21 -9.56 8.09
CA PHE A 31 0.06 -9.29 7.23
C PHE A 31 0.51 -8.58 5.96
N LEU A 32 0.05 -9.09 4.84
CA LEU A 32 0.33 -8.52 3.53
C LEU A 32 -0.52 -7.27 3.29
N TYR A 33 0.13 -6.17 2.96
CA TYR A 33 -0.60 -4.93 2.69
C TYR A 33 -0.45 -4.51 1.22
N ALA A 34 0.50 -5.10 0.52
CA ALA A 34 0.77 -4.73 -0.86
C ALA A 34 1.56 -5.81 -1.57
N ILE A 35 1.26 -6.01 -2.85
CA ILE A 35 1.99 -6.96 -3.67
C ILE A 35 2.58 -6.24 -4.87
N LYS A 36 3.89 -6.29 -5.02
CA LYS A 36 4.50 -5.77 -6.23
C LYS A 36 4.86 -6.92 -7.14
N VAL A 37 4.02 -7.16 -8.14
CA VAL A 37 4.29 -8.21 -9.09
C VAL A 37 5.16 -7.64 -10.19
N VAL A 38 6.27 -8.29 -10.47
CA VAL A 38 7.09 -7.92 -11.60
C VAL A 38 7.13 -9.06 -12.62
N PRO A 39 6.02 -9.27 -13.34
CA PRO A 39 5.96 -10.30 -14.37
C PRO A 39 6.66 -9.87 -15.65
N LYS A 40 7.53 -10.73 -16.13
CA LYS A 40 8.24 -10.51 -17.39
C LYS A 40 7.24 -10.37 -18.52
N HIS A 41 6.13 -11.07 -18.40
CA HIS A 41 5.07 -11.01 -19.39
C HIS A 41 3.83 -10.39 -18.77
N GLY A 42 3.65 -9.09 -18.97
CA GLY A 42 2.54 -8.39 -18.36
C GLY A 42 2.98 -7.10 -17.69
N LYS A 43 4.27 -7.05 -17.33
CA LYS A 43 4.89 -5.88 -16.72
C LYS A 43 4.47 -5.67 -15.26
N PRO A 44 5.37 -5.11 -14.44
CA PRO A 44 5.16 -4.95 -13.00
C PRO A 44 3.97 -4.05 -12.65
N TYR A 45 3.25 -4.43 -11.61
CA TYR A 45 2.14 -3.64 -11.10
C TYR A 45 1.97 -3.90 -9.61
N PHE A 46 1.49 -2.88 -8.90
CA PHE A 46 1.27 -2.99 -7.46
C PHE A 46 -0.15 -3.43 -7.14
N LEU A 47 -0.29 -4.14 -6.03
CA LEU A 47 -1.60 -4.48 -5.49
C LEU A 47 -1.72 -3.95 -4.07
N VAL A 48 -2.32 -2.79 -3.91
CA VAL A 48 -2.46 -2.18 -2.59
C VAL A 48 -3.77 -2.63 -1.94
N ARG A 49 -3.66 -3.22 -0.76
CA ARG A 49 -4.82 -3.62 0.01
C ARG A 49 -5.67 -2.41 0.40
N ALA A 50 -6.96 -2.48 0.12
CA ALA A 50 -7.90 -1.49 0.58
C ALA A 50 -8.49 -1.92 1.91
N ASP A 51 -8.89 -0.94 2.72
CA ASP A 51 -9.47 -1.21 4.04
C ASP A 51 -10.70 -2.10 3.91
N GLY A 52 -10.88 -2.99 4.87
CA GLY A 52 -12.01 -3.86 4.83
C GLY A 52 -11.61 -5.32 4.76
N SER A 53 -12.43 -6.15 5.35
CA SER A 53 -12.26 -7.59 5.30
C SER A 53 -12.69 -8.14 3.93
N ASP A 54 -13.19 -7.25 3.08
CA ASP A 54 -13.68 -7.63 1.74
C ASP A 54 -12.62 -8.32 0.90
N GLY A 55 -11.40 -7.78 0.93
CA GLY A 55 -10.32 -8.37 0.16
C GLY A 55 -10.11 -7.63 -1.14
N ASN A 56 -10.36 -6.32 -1.10
CA ASN A 56 -10.23 -5.47 -2.27
C ASN A 56 -8.80 -4.98 -2.42
N PHE A 57 -8.27 -5.07 -3.62
CA PHE A 57 -6.93 -4.59 -3.91
C PHE A 57 -6.97 -3.56 -5.03
N ILE A 58 -5.94 -2.74 -5.11
CA ILE A 58 -5.84 -1.76 -6.17
C ILE A 58 -4.60 -2.01 -7.01
N ARG A 59 -4.81 -2.34 -8.28
CA ARG A 59 -3.72 -2.55 -9.22
C ARG A 59 -3.14 -1.23 -9.64
N SER A 60 -1.82 -1.08 -9.57
CA SER A 60 -1.17 0.11 -10.11
C SER A 60 -1.24 0.07 -11.64
N ASP A 61 -1.53 -1.13 -12.13
CA ASP A 61 -1.78 -1.37 -13.55
C ASP A 61 -3.10 -0.72 -13.97
N GLN A 62 -4.01 -0.58 -13.00
CA GLN A 62 -5.31 0.02 -13.24
C GLN A 62 -5.89 0.52 -11.91
N PRO A 63 -5.42 1.68 -11.44
CA PRO A 63 -5.80 2.20 -10.12
C PRO A 63 -7.17 2.85 -10.12
N ASP A 64 -7.79 2.87 -11.28
CA ASP A 64 -9.10 3.47 -11.47
C ASP A 64 -10.20 2.42 -11.28
N LYS A 65 -9.77 1.19 -10.99
CA LYS A 65 -10.69 0.08 -10.81
C LYS A 65 -10.40 -0.64 -9.50
N LEU A 66 -11.46 -0.94 -8.75
CA LEU A 66 -11.34 -1.71 -7.53
C LEU A 66 -11.26 -3.18 -7.87
N ILE A 67 -10.20 -3.84 -7.43
CA ILE A 67 -9.93 -5.22 -7.82
C ILE A 67 -10.53 -6.20 -6.82
N PRO A 68 -11.53 -6.97 -7.28
CA PRO A 68 -12.25 -7.92 -6.43
C PRO A 68 -11.41 -9.15 -6.08
N GLN A 69 -11.99 -10.03 -5.28
CA GLN A 69 -11.26 -11.11 -4.66
C GLN A 69 -10.99 -12.26 -5.64
N TRP A 70 -11.71 -12.30 -6.75
CA TRP A 70 -11.46 -13.32 -7.75
C TRP A 70 -10.32 -12.90 -8.66
N GLU A 71 -10.02 -11.60 -8.66
CA GLU A 71 -8.98 -11.04 -9.50
C GLU A 71 -7.63 -11.07 -8.76
N ILE A 72 -7.69 -11.07 -7.44
CA ILE A 72 -6.47 -11.13 -6.64
C ILE A 72 -5.83 -12.52 -6.75
N PHE A 73 -6.65 -13.49 -7.14
CA PHE A 73 -6.16 -14.84 -7.40
C PHE A 73 -6.26 -15.15 -8.89
N SER A 74 -6.05 -14.11 -9.71
CA SER A 74 -6.08 -14.23 -11.15
C SER A 74 -4.90 -15.08 -11.63
N TRP A 75 -3.79 -14.98 -10.92
CA TRP A 75 -2.62 -15.81 -11.20
C TRP A 75 -2.33 -16.75 -10.05
N GLY B 1 -17.23 -14.70 7.24
CA GLY B 1 -17.65 -15.90 7.95
C GLY B 1 -17.98 -17.03 7.00
N ALA B 2 -19.24 -17.13 6.62
CA ALA B 2 -19.69 -18.15 5.68
C ALA B 2 -19.33 -17.75 4.26
N ASP B 3 -19.48 -16.48 3.96
CA ASP B 3 -19.05 -15.93 2.69
C ASP B 3 -17.83 -15.06 2.90
N ASP B 4 -16.71 -15.47 2.30
CA ASP B 4 -15.43 -14.76 2.44
C ASP B 4 -14.85 -14.92 3.85
N ASP B 5 -13.55 -15.18 3.91
CA ASP B 5 -12.87 -15.40 5.18
C ASP B 5 -11.75 -14.38 5.38
N ALA B 6 -11.74 -13.73 6.53
CA ALA B 6 -10.72 -12.75 6.85
C ALA B 6 -9.89 -13.21 8.05
N PRO B 7 -8.56 -13.07 7.95
CA PRO B 7 -7.64 -13.47 9.01
C PRO B 7 -7.34 -12.34 9.99
N SER B 8 -6.25 -12.49 10.73
CA SER B 8 -5.83 -11.50 11.71
C SER B 8 -5.27 -10.26 11.02
N GLY B 9 -5.18 -9.16 11.76
CA GLY B 9 -4.70 -7.92 11.19
C GLY B 9 -5.84 -6.94 11.04
N GLU B 10 -6.64 -7.15 10.00
CA GLU B 10 -7.87 -6.39 9.78
C GLU B 10 -7.56 -4.95 9.41
N PRO B 11 -7.34 -4.70 8.13
CA PRO B 11 -6.91 -3.39 7.65
C PRO B 11 -8.02 -2.36 7.78
N ASP B 12 -7.74 -1.34 8.58
CA ASP B 12 -8.72 -0.32 8.91
C ASP B 12 -8.22 1.04 8.43
N VAL B 13 -9.11 2.01 8.31
CA VAL B 13 -8.72 3.31 7.81
C VAL B 13 -9.28 4.43 8.67
N THR B 14 -8.42 5.37 9.03
CA THR B 14 -8.84 6.57 9.74
C THR B 14 -9.04 7.70 8.74
N ILE B 15 -10.28 8.03 8.46
CA ILE B 15 -10.59 9.04 7.46
C ILE B 15 -10.80 10.39 8.13
N ARG B 16 -9.82 11.25 8.00
CA ARG B 16 -9.90 12.60 8.52
C ARG B 16 -9.65 13.59 7.39
N GLN B 17 -9.77 14.86 7.68
CA GLN B 17 -9.53 15.88 6.67
C GLN B 17 -8.66 16.99 7.21
N GLU B 18 -7.75 17.44 6.37
CA GLU B 18 -6.81 18.46 6.74
C GLU B 18 -6.96 19.67 5.83
N GLY B 19 -8.04 20.42 6.02
CA GLY B 19 -8.34 21.53 5.15
C GLY B 19 -9.14 21.10 3.95
N ASP B 20 -8.52 21.09 2.78
CA ASP B 20 -9.21 20.70 1.55
C ASP B 20 -8.68 19.37 1.05
N LYS B 21 -7.94 18.69 1.91
CA LYS B 21 -7.39 17.39 1.56
C LYS B 21 -7.90 16.32 2.51
N THR B 22 -8.64 15.37 1.97
CA THR B 22 -9.13 14.24 2.74
C THR B 22 -8.00 13.24 2.95
N ILE B 23 -7.69 12.94 4.20
CA ILE B 23 -6.58 12.06 4.51
C ILE B 23 -7.09 10.75 5.11
N GLN B 24 -6.99 9.69 4.32
CA GLN B 24 -7.41 8.37 4.77
C GLN B 24 -6.19 7.57 5.17
N GLU B 25 -5.97 7.45 6.47
CA GLU B 25 -4.84 6.71 6.99
C GLU B 25 -5.16 5.23 7.05
N TYR B 26 -4.60 4.47 6.12
CA TYR B 26 -4.81 3.03 6.11
C TYR B 26 -3.85 2.35 7.07
N ARG B 27 -4.40 1.85 8.16
CA ARG B 27 -3.62 1.18 9.18
C ARG B 27 -4.09 -0.26 9.31
N VAL B 28 -3.20 -1.20 9.11
CA VAL B 28 -3.57 -2.61 9.17
C VAL B 28 -3.85 -3.02 10.62
N ASN B 29 -2.97 -2.63 11.52
CA ASN B 29 -3.11 -3.00 12.91
C ASN B 29 -2.33 -2.02 13.77
N GLY B 30 -2.66 -0.75 13.64
CA GLY B 30 -1.98 0.28 14.39
C GLY B 30 -0.89 0.98 13.59
N PHE B 31 -0.38 0.28 12.57
CA PHE B 31 0.70 0.83 11.76
C PHE B 31 0.17 1.30 10.42
N LEU B 32 0.52 2.52 10.07
CA LEU B 32 0.15 3.12 8.81
C LEU B 32 0.96 2.52 7.67
N TYR B 33 0.29 1.92 6.69
CA TYR B 33 0.98 1.34 5.56
C TYR B 33 0.71 2.12 4.28
N ALA B 34 -0.28 3.01 4.32
CA ALA B 34 -0.66 3.77 3.15
C ALA B 34 -1.58 4.93 3.52
N ILE B 35 -1.34 6.08 2.93
CA ILE B 35 -2.19 7.24 3.13
C ILE B 35 -2.88 7.61 1.82
N LYS B 36 -4.19 7.64 1.81
CA LYS B 36 -4.90 8.13 0.65
C LYS B 36 -5.25 9.59 0.85
N VAL B 37 -4.47 10.46 0.23
CA VAL B 37 -4.73 11.88 0.32
C VAL B 37 -5.62 12.27 -0.83
N VAL B 38 -6.73 12.91 -0.54
CA VAL B 38 -7.60 13.45 -1.57
C VAL B 38 -7.63 14.98 -1.46
N PRO B 39 -6.54 15.65 -1.84
CA PRO B 39 -6.49 17.11 -1.87
C PRO B 39 -7.17 17.68 -3.10
N LYS B 40 -8.01 18.68 -2.89
CA LYS B 40 -8.65 19.40 -3.98
C LYS B 40 -7.62 19.87 -4.98
N HIS B 41 -6.51 20.35 -4.45
CA HIS B 41 -5.46 20.93 -5.26
C HIS B 41 -4.23 20.04 -5.22
N GLY B 42 -4.15 19.13 -6.19
CA GLY B 42 -3.06 18.17 -6.22
C GLY B 42 -3.53 16.79 -6.65
N LYS B 43 -4.84 16.55 -6.47
CA LYS B 43 -5.48 15.29 -6.85
C LYS B 43 -5.15 14.17 -5.86
N PRO B 44 -6.08 13.20 -5.70
CA PRO B 44 -5.90 12.09 -4.75
C PRO B 44 -4.76 11.16 -5.15
N TYR B 45 -3.99 10.77 -4.16
CA TYR B 45 -2.88 9.86 -4.37
C TYR B 45 -2.63 9.01 -3.13
N PHE B 46 -2.12 7.81 -3.35
CA PHE B 46 -1.78 6.91 -2.26
C PHE B 46 -0.30 7.03 -1.92
N LEU B 47 0.00 7.20 -0.65
CA LEU B 47 1.37 7.13 -0.16
C LEU B 47 1.63 5.77 0.46
N VAL B 48 2.26 4.89 -0.30
CA VAL B 48 2.55 3.56 0.19
C VAL B 48 3.85 3.57 0.99
N ARG B 49 3.79 3.03 2.20
CA ARG B 49 4.96 2.89 3.05
C ARG B 49 5.92 1.90 2.42
N ALA B 50 7.03 2.41 1.91
CA ALA B 50 8.04 1.56 1.27
C ALA B 50 8.67 0.62 2.28
N ASP B 51 9.38 -0.38 1.78
CA ASP B 51 9.97 -1.43 2.59
C ASP B 51 10.84 -0.87 3.73
N GLY B 52 10.57 -1.35 4.92
CA GLY B 52 11.28 -0.97 6.10
C GLY B 52 10.76 0.32 6.67
N SER B 53 11.63 1.29 6.65
CA SER B 53 11.37 2.62 7.18
C SER B 53 12.48 3.55 6.75
N ASP B 54 13.00 3.31 5.56
CA ASP B 54 14.18 4.03 5.05
C ASP B 54 13.81 5.42 4.54
N GLY B 55 12.85 6.05 5.21
CA GLY B 55 12.43 7.40 4.87
C GLY B 55 11.94 7.53 3.44
N ASN B 56 11.14 6.57 2.99
CA ASN B 56 10.67 6.56 1.62
C ASN B 56 9.19 6.19 1.56
N PHE B 57 8.47 6.92 0.72
CA PHE B 57 7.08 6.60 0.40
C PHE B 57 6.91 6.61 -1.10
N ILE B 58 5.94 5.88 -1.59
CA ILE B 58 5.69 5.82 -3.02
C ILE B 58 4.28 6.29 -3.35
N ARG B 59 4.19 7.31 -4.19
CA ARG B 59 2.89 7.82 -4.60
C ARG B 59 2.40 7.08 -5.83
N SER B 60 1.11 6.74 -5.82
CA SER B 60 0.48 6.19 -7.02
C SER B 60 0.48 7.24 -8.13
N ASP B 61 0.65 8.49 -7.71
CA ASP B 61 0.78 9.63 -8.61
C ASP B 61 1.99 9.45 -9.53
N GLN B 62 3.15 9.16 -8.93
CA GLN B 62 4.38 8.96 -9.69
C GLN B 62 5.23 7.87 -9.04
N PRO B 63 4.88 6.60 -9.28
CA PRO B 63 5.64 5.45 -8.78
C PRO B 63 7.02 5.32 -9.43
N ASP B 64 7.31 6.24 -10.34
CA ASP B 64 8.58 6.29 -11.03
C ASP B 64 9.63 6.98 -10.16
N LYS B 65 9.17 7.72 -9.17
CA LYS B 65 10.05 8.47 -8.28
C LYS B 65 9.89 8.02 -6.84
N LEU B 66 11.00 7.93 -6.13
CA LEU B 66 10.96 7.71 -4.70
C LEU B 66 10.72 9.04 -4.03
N ILE B 67 9.71 9.10 -3.18
CA ILE B 67 9.26 10.36 -2.63
C ILE B 67 10.03 10.72 -1.37
N PRO B 68 10.73 11.87 -1.40
CA PRO B 68 11.53 12.35 -0.26
C PRO B 68 10.68 12.83 0.91
N GLN B 69 11.35 13.17 1.99
CA GLN B 69 10.66 13.40 3.25
C GLN B 69 9.89 14.73 3.25
N TRP B 70 10.40 15.73 2.53
CA TRP B 70 9.70 17.00 2.44
C TRP B 70 8.47 16.87 1.54
N GLU B 71 8.46 15.82 0.73
CA GLU B 71 7.34 15.56 -0.16
C GLU B 71 6.33 14.61 0.48
N ILE B 72 6.81 13.72 1.33
CA ILE B 72 5.90 12.82 2.05
C ILE B 72 5.19 13.58 3.16
N PHE B 73 5.84 14.60 3.69
CA PHE B 73 5.23 15.46 4.69
C PHE B 73 4.84 16.80 4.05
N SER B 74 4.37 16.74 2.82
CA SER B 74 3.95 17.92 2.08
C SER B 74 2.62 18.43 2.63
N TRP B 75 1.87 17.54 3.26
CA TRP B 75 0.56 17.89 3.80
C TRP B 75 0.69 18.29 5.27
N GLY A 1 19.95 -0.56 6.53
CA GLY A 1 20.16 -0.66 7.98
C GLY A 1 21.62 -0.48 8.36
N ALA A 2 21.89 0.37 9.34
CA ALA A 2 23.24 0.61 9.80
C ALA A 2 23.28 0.84 11.30
N ASP A 3 23.22 -0.25 12.06
CA ASP A 3 23.27 -0.21 13.52
C ASP A 3 22.09 0.55 14.12
N ASP A 4 21.02 0.68 13.34
CA ASP A 4 19.83 1.39 13.80
C ASP A 4 18.81 0.41 14.37
N ASP A 5 17.96 0.91 15.25
CA ASP A 5 16.97 0.09 15.93
C ASP A 5 15.65 0.11 15.17
N ALA A 6 15.08 -1.08 14.98
CA ALA A 6 13.84 -1.22 14.24
C ALA A 6 12.62 -1.06 15.15
N PRO A 7 11.59 -0.35 14.69
CA PRO A 7 10.39 -0.08 15.48
C PRO A 7 9.39 -1.24 15.46
N SER A 8 8.28 -1.06 16.16
CA SER A 8 7.22 -2.05 16.17
C SER A 8 6.48 -2.02 14.83
N GLY A 9 6.65 -3.08 14.05
CA GLY A 9 6.12 -3.10 12.71
C GLY A 9 7.23 -2.98 11.70
N GLU A 10 7.56 -4.07 11.06
CA GLU A 10 8.73 -4.14 10.21
C GLU A 10 8.28 -4.41 8.78
N PRO A 11 8.15 -3.35 7.98
CA PRO A 11 7.70 -3.50 6.62
C PRO A 11 8.80 -3.98 5.70
N ASP A 12 8.77 -5.27 5.42
CA ASP A 12 9.74 -5.89 4.53
C ASP A 12 9.04 -6.75 3.52
N VAL A 13 9.58 -6.79 2.32
CA VAL A 13 8.90 -7.45 1.23
C VAL A 13 9.44 -8.87 1.00
N THR A 14 8.52 -9.81 0.88
CA THR A 14 8.88 -11.18 0.60
C THR A 14 9.04 -11.36 -0.91
N ILE A 15 10.28 -11.43 -1.35
CA ILE A 15 10.57 -11.54 -2.77
C ILE A 15 10.71 -12.99 -3.17
N ARG A 16 9.71 -13.50 -3.86
CA ARG A 16 9.73 -14.86 -4.37
C ARG A 16 9.57 -14.86 -5.88
N GLN A 17 10.09 -15.89 -6.52
CA GLN A 17 10.03 -15.99 -7.96
C GLN A 17 9.15 -17.15 -8.39
N GLU A 18 7.98 -16.80 -8.90
CA GLU A 18 7.00 -17.79 -9.29
C GLU A 18 6.96 -17.89 -10.82
N GLY A 19 7.79 -18.76 -11.38
CA GLY A 19 7.83 -18.92 -12.81
C GLY A 19 8.51 -17.75 -13.50
N ASP A 20 7.73 -16.96 -14.21
CA ASP A 20 8.28 -15.83 -14.96
C ASP A 20 7.88 -14.51 -14.31
N LYS A 21 7.55 -14.55 -13.03
CA LYS A 21 7.12 -13.36 -12.33
C LYS A 21 7.73 -13.29 -10.93
N THR A 22 8.36 -12.17 -10.64
CA THR A 22 8.89 -11.93 -9.32
C THR A 22 7.79 -11.33 -8.45
N ILE A 23 7.23 -12.14 -7.57
CA ILE A 23 6.12 -11.71 -6.74
C ILE A 23 6.62 -11.24 -5.39
N GLN A 24 6.46 -9.95 -5.15
CA GLN A 24 6.95 -9.32 -3.94
C GLN A 24 5.81 -9.04 -2.97
N GLU A 25 5.77 -9.79 -1.88
CA GLU A 25 4.72 -9.63 -0.89
C GLU A 25 5.16 -8.70 0.24
N TYR A 26 4.62 -7.50 0.25
CA TYR A 26 4.94 -6.52 1.29
C TYR A 26 4.21 -6.86 2.58
N ARG A 27 4.96 -7.30 3.58
CA ARG A 27 4.40 -7.65 4.87
C ARG A 27 5.08 -6.86 5.98
N VAL A 28 4.30 -6.41 6.94
CA VAL A 28 4.84 -5.63 8.05
C VAL A 28 4.83 -6.44 9.35
N ASN A 29 4.02 -7.49 9.38
CA ASN A 29 3.86 -8.30 10.59
C ASN A 29 3.29 -9.66 10.20
N GLY A 30 3.53 -10.05 8.96
CA GLY A 30 2.88 -11.22 8.39
C GLY A 30 1.69 -10.81 7.53
N PHE A 31 1.08 -9.69 7.90
CA PHE A 31 -0.04 -9.13 7.17
C PHE A 31 0.40 -8.62 5.80
N LEU A 32 -0.32 -9.03 4.78
CA LEU A 32 -0.05 -8.60 3.42
C LEU A 32 -0.80 -7.30 3.14
N TYR A 33 -0.06 -6.22 2.92
CA TYR A 33 -0.69 -4.94 2.64
C TYR A 33 -0.45 -4.50 1.19
N ALA A 34 0.47 -5.16 0.51
CA ALA A 34 0.75 -4.83 -0.88
C ALA A 34 1.51 -5.94 -1.58
N ILE A 35 1.22 -6.14 -2.85
CA ILE A 35 1.94 -7.12 -3.66
C ILE A 35 2.48 -6.46 -4.92
N LYS A 36 3.78 -6.55 -5.12
CA LYS A 36 4.38 -6.02 -6.32
C LYS A 36 4.82 -7.17 -7.22
N VAL A 37 4.09 -7.38 -8.30
CA VAL A 37 4.44 -8.42 -9.25
C VAL A 37 5.38 -7.85 -10.29
N VAL A 38 6.46 -8.56 -10.57
CA VAL A 38 7.33 -8.21 -11.68
C VAL A 38 7.32 -9.35 -12.70
N PRO A 39 6.22 -9.48 -13.47
CA PRO A 39 6.09 -10.51 -14.49
C PRO A 39 6.83 -10.16 -15.79
N LYS A 40 7.36 -11.19 -16.43
CA LYS A 40 7.98 -11.04 -17.75
C LYS A 40 6.92 -10.70 -18.78
N HIS A 41 5.70 -11.15 -18.53
CA HIS A 41 4.58 -10.88 -19.41
C HIS A 41 3.47 -10.17 -18.63
N GLY A 42 3.45 -8.84 -18.73
CA GLY A 42 2.44 -8.07 -18.03
C GLY A 42 3.00 -6.81 -17.42
N LYS A 43 4.33 -6.80 -17.21
CA LYS A 43 5.04 -5.66 -16.62
C LYS A 43 4.75 -5.52 -15.12
N PRO A 44 5.72 -4.97 -14.36
CA PRO A 44 5.59 -4.82 -12.91
C PRO A 44 4.52 -3.80 -12.52
N TYR A 45 3.72 -4.14 -11.52
CA TYR A 45 2.65 -3.27 -11.05
C TYR A 45 2.42 -3.48 -9.56
N PHE A 46 1.71 -2.54 -8.95
CA PHE A 46 1.47 -2.59 -7.51
C PHE A 46 0.03 -2.94 -7.19
N LEU A 47 -0.16 -3.97 -6.37
CA LEU A 47 -1.47 -4.30 -5.83
C LEU A 47 -1.53 -3.93 -4.37
N VAL A 48 -2.14 -2.79 -4.07
CA VAL A 48 -2.29 -2.34 -2.70
C VAL A 48 -3.53 -2.97 -2.07
N ARG A 49 -3.35 -3.61 -0.93
CA ARG A 49 -4.45 -4.27 -0.26
C ARG A 49 -5.24 -3.26 0.54
N ALA A 50 -6.46 -3.00 0.10
CA ALA A 50 -7.28 -1.93 0.68
C ALA A 50 -7.90 -2.37 2.00
N ASP A 51 -8.48 -1.40 2.70
CA ASP A 51 -9.14 -1.68 3.97
C ASP A 51 -10.35 -2.57 3.75
N GLY A 52 -10.62 -3.45 4.69
CA GLY A 52 -11.74 -4.34 4.57
C GLY A 52 -11.31 -5.78 4.43
N SER A 53 -12.01 -6.65 5.16
CA SER A 53 -11.74 -8.08 5.12
C SER A 53 -12.36 -8.72 3.89
N ASP A 54 -12.65 -7.90 2.88
CA ASP A 54 -13.30 -8.38 1.66
C ASP A 54 -12.30 -9.06 0.73
N GLY A 55 -11.12 -8.46 0.61
CA GLY A 55 -10.11 -9.01 -0.28
C GLY A 55 -9.98 -8.20 -1.56
N ASN A 56 -10.14 -6.89 -1.43
CA ASN A 56 -10.06 -5.98 -2.58
C ASN A 56 -8.66 -5.40 -2.69
N PHE A 57 -8.09 -5.48 -3.89
CA PHE A 57 -6.78 -4.91 -4.16
C PHE A 57 -6.92 -3.73 -5.11
N ILE A 58 -6.01 -2.77 -4.97
CA ILE A 58 -6.04 -1.57 -5.80
C ILE A 58 -4.73 -1.44 -6.56
N ARG A 59 -4.80 -1.32 -7.87
CA ARG A 59 -3.61 -1.18 -8.70
C ARG A 59 -3.14 0.26 -8.69
N SER A 60 -1.83 0.45 -8.65
CA SER A 60 -1.25 1.78 -8.72
C SER A 60 -1.43 2.36 -10.13
N ASP A 61 -1.75 1.47 -11.07
CA ASP A 61 -2.01 1.85 -12.45
C ASP A 61 -3.38 2.49 -12.58
N GLN A 62 -4.31 2.00 -11.77
CA GLN A 62 -5.71 2.42 -11.83
C GLN A 62 -6.30 2.48 -10.42
N PRO A 63 -5.86 3.45 -9.60
CA PRO A 63 -6.25 3.56 -8.20
C PRO A 63 -7.69 4.03 -8.00
N ASP A 64 -8.38 4.32 -9.09
CA ASP A 64 -9.75 4.79 -9.01
C ASP A 64 -10.74 3.64 -9.14
N LYS A 65 -10.27 2.48 -9.56
CA LYS A 65 -11.12 1.31 -9.72
C LYS A 65 -10.69 0.19 -8.78
N LEU A 66 -11.53 -0.83 -8.68
CA LEU A 66 -11.30 -1.92 -7.73
C LEU A 66 -10.85 -3.18 -8.46
N ILE A 67 -10.08 -4.01 -7.77
CA ILE A 67 -9.63 -5.28 -8.32
C ILE A 67 -10.13 -6.44 -7.46
N PRO A 68 -11.15 -7.16 -7.94
CA PRO A 68 -11.74 -8.29 -7.22
C PRO A 68 -10.85 -9.53 -7.20
N GLN A 69 -11.31 -10.56 -6.51
CA GLN A 69 -10.47 -11.72 -6.19
C GLN A 69 -10.04 -12.51 -7.43
N TRP A 70 -10.88 -12.55 -8.46
CA TRP A 70 -10.51 -13.27 -9.66
C TRP A 70 -9.41 -12.52 -10.42
N GLU A 71 -9.27 -11.25 -10.11
CA GLU A 71 -8.32 -10.41 -10.78
C GLU A 71 -7.08 -10.20 -9.92
N ILE A 72 -7.20 -10.46 -8.62
CA ILE A 72 -6.04 -10.39 -7.72
C ILE A 72 -5.13 -11.60 -7.96
N PHE A 73 -5.72 -12.65 -8.53
CA PHE A 73 -4.97 -13.83 -8.92
C PHE A 73 -4.86 -13.89 -10.44
N SER A 74 -4.93 -12.71 -11.05
CA SER A 74 -4.83 -12.57 -12.50
C SER A 74 -3.47 -13.10 -12.98
N TRP A 75 -2.45 -12.98 -12.13
CA TRP A 75 -1.13 -13.52 -12.41
C TRP A 75 -1.07 -15.01 -12.08
N GLY B 1 -18.17 -4.68 8.77
CA GLY B 1 -19.14 -5.69 8.42
C GLY B 1 -20.52 -5.36 8.97
N ALA B 2 -21.24 -6.38 9.41
CA ALA B 2 -22.57 -6.18 9.97
C ALA B 2 -22.77 -7.09 11.17
N ASP B 3 -22.66 -8.39 10.92
CA ASP B 3 -22.70 -9.39 11.99
C ASP B 3 -21.65 -10.44 11.71
N ASP B 4 -20.42 -10.14 12.07
CA ASP B 4 -19.28 -10.98 11.72
C ASP B 4 -18.02 -10.47 12.41
N ASP B 5 -16.91 -11.17 12.21
CA ASP B 5 -15.66 -10.83 12.85
C ASP B 5 -14.62 -10.42 11.83
N ALA B 6 -13.59 -9.74 12.30
CA ALA B 6 -12.44 -9.40 11.48
C ALA B 6 -11.19 -10.06 12.05
N PRO B 7 -10.32 -10.60 11.19
CA PRO B 7 -9.07 -11.25 11.63
C PRO B 7 -8.17 -10.27 12.39
N SER B 8 -7.40 -10.80 13.35
CA SER B 8 -6.51 -9.98 14.17
C SER B 8 -5.63 -9.10 13.28
N GLY B 9 -5.59 -7.83 13.61
CA GLY B 9 -4.89 -6.87 12.80
C GLY B 9 -5.83 -5.75 12.40
N GLU B 10 -6.82 -6.11 11.59
CA GLU B 10 -7.91 -5.20 11.21
C GLU B 10 -7.40 -4.07 10.33
N PRO B 11 -7.33 -4.29 9.02
CA PRO B 11 -6.92 -3.27 8.09
C PRO B 11 -8.05 -2.29 7.84
N ASP B 12 -8.01 -1.18 8.55
CA ASP B 12 -9.07 -0.19 8.49
C ASP B 12 -8.48 1.18 8.23
N VAL B 13 -9.24 2.04 7.58
CA VAL B 13 -8.73 3.34 7.18
C VAL B 13 -9.16 4.44 8.13
N THR B 14 -8.20 5.26 8.54
CA THR B 14 -8.48 6.41 9.37
C THR B 14 -8.79 7.61 8.49
N ILE B 15 -10.07 7.94 8.37
CA ILE B 15 -10.51 9.02 7.50
C ILE B 15 -10.54 10.34 8.25
N ARG B 16 -9.57 11.19 7.99
CA ARG B 16 -9.49 12.49 8.65
C ARG B 16 -9.73 13.61 7.65
N GLN B 17 -10.13 14.76 8.16
CA GLN B 17 -10.36 15.92 7.32
C GLN B 17 -9.47 17.07 7.77
N GLU B 18 -8.37 17.24 7.07
CA GLU B 18 -7.39 18.25 7.44
C GLU B 18 -7.40 19.40 6.44
N GLY B 19 -8.36 20.30 6.60
CA GLY B 19 -8.47 21.43 5.69
C GLY B 19 -9.21 21.07 4.41
N ASP B 20 -8.54 21.26 3.29
CA ASP B 20 -9.15 21.03 1.98
C ASP B 20 -8.97 19.58 1.55
N LYS B 21 -8.33 18.79 2.41
CA LYS B 21 -7.95 17.44 2.03
C LYS B 21 -8.46 16.41 3.02
N THR B 22 -9.19 15.44 2.49
CA THR B 22 -9.62 14.30 3.25
C THR B 22 -8.49 13.27 3.25
N ILE B 23 -7.86 13.08 4.39
CA ILE B 23 -6.69 12.24 4.49
C ILE B 23 -7.05 10.88 5.05
N GLN B 24 -7.03 9.88 4.18
CA GLN B 24 -7.37 8.52 4.57
C GLN B 24 -6.11 7.73 4.91
N GLU B 25 -5.86 7.56 6.19
CA GLU B 25 -4.69 6.82 6.64
C GLU B 25 -5.00 5.33 6.73
N TYR B 26 -4.55 4.58 5.73
CA TYR B 26 -4.75 3.13 5.73
C TYR B 26 -3.76 2.47 6.65
N ARG B 27 -4.24 2.04 7.80
CA ARG B 27 -3.40 1.40 8.79
C ARG B 27 -3.99 0.04 9.18
N VAL B 28 -3.14 -0.96 9.28
CA VAL B 28 -3.60 -2.26 9.74
C VAL B 28 -3.60 -2.29 11.26
N ASN B 29 -2.44 -2.25 11.87
CA ASN B 29 -2.35 -2.25 13.32
C ASN B 29 -1.28 -1.26 13.77
N GLY B 30 -1.62 0.02 13.70
CA GLY B 30 -0.67 1.06 14.07
C GLY B 30 0.24 1.44 12.91
N PHE B 31 0.46 0.50 12.01
CA PHE B 31 1.35 0.71 10.88
C PHE B 31 0.63 1.36 9.70
N LEU B 32 1.16 2.48 9.25
CA LEU B 32 0.64 3.16 8.08
C LEU B 32 1.27 2.55 6.83
N TYR B 33 0.45 2.00 5.95
CA TYR B 33 0.96 1.40 4.73
C TYR B 33 0.54 2.18 3.49
N ALA B 34 -0.48 3.02 3.62
CA ALA B 34 -0.94 3.83 2.51
C ALA B 34 -1.75 5.02 2.99
N ILE B 35 -1.46 6.19 2.46
CA ILE B 35 -2.25 7.38 2.75
C ILE B 35 -2.98 7.85 1.49
N LYS B 36 -4.29 7.90 1.56
CA LYS B 36 -5.07 8.40 0.44
C LYS B 36 -5.50 9.83 0.73
N VAL B 37 -4.85 10.77 0.09
CA VAL B 37 -5.20 12.17 0.27
C VAL B 37 -6.23 12.56 -0.77
N VAL B 38 -7.33 13.15 -0.33
CA VAL B 38 -8.28 13.73 -1.25
C VAL B 38 -8.30 15.25 -1.10
N PRO B 39 -7.26 15.94 -1.59
CA PRO B 39 -7.17 17.38 -1.53
C PRO B 39 -7.98 18.08 -2.62
N LYS B 40 -8.57 19.20 -2.27
CA LYS B 40 -9.26 20.05 -3.23
C LYS B 40 -8.29 20.61 -4.24
N HIS B 41 -7.03 20.70 -3.84
CA HIS B 41 -5.98 21.23 -4.69
C HIS B 41 -4.96 20.14 -5.01
N GLY B 42 -5.13 19.48 -6.14
CA GLY B 42 -4.16 18.48 -6.55
C GLY B 42 -4.79 17.14 -6.88
N LYS B 43 -6.08 16.98 -6.58
CA LYS B 43 -6.81 15.73 -6.82
C LYS B 43 -6.34 14.63 -5.86
N PRO B 44 -7.20 13.61 -5.61
CA PRO B 44 -6.86 12.51 -4.70
C PRO B 44 -5.73 11.64 -5.25
N TYR B 45 -4.79 11.31 -4.37
CA TYR B 45 -3.65 10.49 -4.73
C TYR B 45 -3.23 9.61 -3.55
N PHE B 46 -2.47 8.57 -3.83
CA PHE B 46 -2.07 7.62 -2.81
C PHE B 46 -0.59 7.76 -2.45
N LEU B 47 -0.31 7.68 -1.16
CA LEU B 47 1.06 7.56 -0.66
C LEU B 47 1.28 6.18 -0.09
N VAL B 48 1.82 5.29 -0.89
CA VAL B 48 2.09 3.93 -0.46
C VAL B 48 3.39 3.88 0.32
N ARG B 49 3.34 3.33 1.52
CA ARG B 49 4.53 3.25 2.35
C ARG B 49 5.37 2.05 1.91
N ALA B 50 6.56 2.35 1.40
CA ALA B 50 7.42 1.32 0.83
C ALA B 50 8.06 0.48 1.93
N ASP B 51 8.63 -0.66 1.54
CA ASP B 51 9.29 -1.52 2.49
C ASP B 51 10.60 -0.87 2.94
N GLY B 52 10.97 -1.13 4.18
CA GLY B 52 12.13 -0.48 4.74
C GLY B 52 11.73 0.61 5.71
N SER B 53 12.35 0.60 6.88
CA SER B 53 12.05 1.57 7.92
C SER B 53 12.82 2.87 7.67
N ASP B 54 13.31 3.02 6.45
CA ASP B 54 14.09 4.20 6.06
C ASP B 54 13.24 5.46 6.13
N GLY B 55 12.10 5.44 5.47
CA GLY B 55 11.23 6.60 5.45
C GLY B 55 10.88 7.02 4.05
N ASN B 56 10.44 6.06 3.27
CA ASN B 56 10.11 6.31 1.88
C ASN B 56 8.65 6.02 1.58
N PHE B 57 8.03 6.94 0.86
CA PHE B 57 6.66 6.75 0.40
C PHE B 57 6.63 6.74 -1.13
N ILE B 58 5.58 6.17 -1.68
CA ILE B 58 5.41 6.11 -3.12
C ILE B 58 4.13 6.82 -3.52
N ARG B 59 4.25 7.81 -4.38
CA ARG B 59 3.09 8.53 -4.88
C ARG B 59 2.51 7.84 -6.10
N SER B 60 1.20 7.90 -6.26
CA SER B 60 0.56 7.38 -7.45
C SER B 60 0.96 8.23 -8.66
N ASP B 61 1.41 9.45 -8.38
CA ASP B 61 1.89 10.36 -9.40
C ASP B 61 3.24 9.88 -9.93
N GLN B 62 4.03 9.29 -9.04
CA GLN B 62 5.39 8.86 -9.36
C GLN B 62 5.68 7.52 -8.68
N PRO B 63 5.16 6.43 -9.24
CA PRO B 63 5.26 5.09 -8.62
C PRO B 63 6.59 4.40 -8.89
N ASP B 64 7.50 5.10 -9.55
CA ASP B 64 8.79 4.52 -9.89
C ASP B 64 9.91 5.13 -9.06
N LYS B 65 9.60 6.21 -8.35
CA LYS B 65 10.60 6.92 -7.58
C LYS B 65 10.20 7.00 -6.11
N LEU B 66 11.17 6.77 -5.22
CA LEU B 66 10.93 6.88 -3.79
C LEU B 66 10.83 8.34 -3.38
N ILE B 67 9.79 8.66 -2.63
CA ILE B 67 9.57 10.03 -2.19
C ILE B 67 10.42 10.33 -0.96
N PRO B 68 11.19 11.44 -1.00
CA PRO B 68 12.06 11.86 0.09
C PRO B 68 11.30 12.23 1.36
N GLN B 69 12.04 12.47 2.42
CA GLN B 69 11.44 12.60 3.74
C GLN B 69 10.95 14.03 4.03
N TRP B 70 11.06 14.91 3.04
CA TRP B 70 10.48 16.24 3.18
C TRP B 70 9.19 16.32 2.36
N GLU B 71 9.05 15.41 1.42
CA GLU B 71 7.92 15.41 0.51
C GLU B 71 6.84 14.45 0.97
N ILE B 72 7.18 13.63 1.96
CA ILE B 72 6.22 12.72 2.56
C ILE B 72 5.21 13.51 3.40
N PHE B 73 5.62 14.70 3.81
CA PHE B 73 4.75 15.61 4.52
C PHE B 73 4.46 16.81 3.63
N SER B 74 4.12 16.52 2.38
CA SER B 74 3.84 17.56 1.39
C SER B 74 2.46 18.17 1.65
N TRP B 75 1.69 17.51 2.49
CA TRP B 75 0.36 17.98 2.85
C TRP B 75 0.36 18.45 4.30
N GLY A 1 21.80 7.79 6.36
CA GLY A 1 20.53 8.03 5.64
C GLY A 1 19.53 8.77 6.49
N ALA A 2 18.30 8.25 6.54
CA ALA A 2 17.28 8.82 7.40
C ALA A 2 17.56 8.43 8.84
N ASP A 3 17.68 7.12 9.06
CA ASP A 3 18.06 6.56 10.35
C ASP A 3 17.19 7.09 11.48
N ASP A 4 15.93 6.69 11.46
CA ASP A 4 14.98 7.08 12.48
C ASP A 4 14.21 5.86 12.96
N ASP A 5 13.58 5.97 14.11
CA ASP A 5 12.82 4.87 14.68
C ASP A 5 11.40 4.89 14.16
N ALA A 6 11.03 3.85 13.44
CA ALA A 6 9.68 3.73 12.91
C ALA A 6 8.80 3.00 13.92
N PRO A 7 7.47 3.21 13.87
CA PRO A 7 6.52 2.55 14.77
C PRO A 7 6.68 1.03 14.75
N SER A 8 6.38 0.39 15.88
CA SER A 8 6.54 -1.04 16.02
C SER A 8 5.69 -1.79 15.01
N GLY A 9 6.35 -2.50 14.12
CA GLY A 9 5.66 -3.26 13.09
C GLY A 9 6.66 -4.01 12.24
N GLU A 10 7.77 -3.36 11.97
CA GLU A 10 8.90 -3.95 11.22
C GLU A 10 8.46 -4.52 9.88
N PRO A 11 8.03 -3.66 8.95
CA PRO A 11 7.56 -4.10 7.64
C PRO A 11 8.71 -4.48 6.70
N ASP A 12 8.53 -5.58 5.99
CA ASP A 12 9.53 -6.05 5.05
C ASP A 12 8.85 -6.61 3.80
N VAL A 13 9.57 -6.61 2.69
CA VAL A 13 8.99 -7.08 1.45
C VAL A 13 9.63 -8.39 1.01
N THR A 14 8.78 -9.36 0.70
CA THR A 14 9.24 -10.64 0.22
C THR A 14 9.26 -10.64 -1.30
N ILE A 15 10.45 -10.55 -1.87
CA ILE A 15 10.61 -10.49 -3.31
C ILE A 15 10.77 -11.90 -3.88
N ARG A 16 9.72 -12.38 -4.54
CA ARG A 16 9.73 -13.71 -5.13
C ARG A 16 9.62 -13.61 -6.64
N GLN A 17 10.07 -14.63 -7.33
CA GLN A 17 9.98 -14.66 -8.77
C GLN A 17 9.20 -15.87 -9.22
N GLU A 18 8.18 -15.63 -10.03
CA GLU A 18 7.24 -16.65 -10.41
C GLU A 18 7.49 -17.12 -11.84
N GLY A 19 7.38 -16.20 -12.78
CA GLY A 19 7.61 -16.51 -14.17
C GLY A 19 7.98 -15.26 -14.93
N ASP A 20 9.22 -14.82 -14.76
CA ASP A 20 9.70 -13.53 -15.26
C ASP A 20 9.08 -12.38 -14.48
N LYS A 21 7.90 -12.60 -13.93
CA LYS A 21 7.22 -11.61 -13.12
C LYS A 21 7.72 -11.65 -11.69
N THR A 22 8.27 -10.53 -11.25
CA THR A 22 8.74 -10.38 -9.89
C THR A 22 7.57 -10.03 -8.97
N ILE A 23 7.33 -10.85 -7.97
CA ILE A 23 6.22 -10.62 -7.07
C ILE A 23 6.72 -10.23 -5.69
N GLN A 24 6.57 -8.96 -5.36
CA GLN A 24 7.04 -8.43 -4.10
C GLN A 24 5.90 -8.30 -3.10
N GLU A 25 5.94 -9.13 -2.08
CA GLU A 25 4.90 -9.14 -1.06
C GLU A 25 5.28 -8.24 0.10
N TYR A 26 4.59 -7.12 0.22
CA TYR A 26 4.84 -6.19 1.31
C TYR A 26 4.08 -6.63 2.55
N ARG A 27 4.81 -7.18 3.51
CA ARG A 27 4.23 -7.66 4.74
C ARG A 27 4.74 -6.85 5.91
N VAL A 28 3.84 -6.18 6.62
CA VAL A 28 4.25 -5.34 7.74
C VAL A 28 4.67 -6.21 8.94
N ASN A 29 3.70 -6.82 9.61
CA ASN A 29 4.00 -7.66 10.75
C ASN A 29 3.36 -9.02 10.57
N GLY A 30 3.87 -9.76 9.60
CA GLY A 30 3.28 -11.04 9.26
C GLY A 30 1.97 -10.89 8.52
N PHE A 31 1.70 -9.67 8.09
CA PHE A 31 0.43 -9.35 7.44
C PHE A 31 0.67 -8.63 6.12
N LEU A 32 0.13 -9.19 5.06
CA LEU A 32 0.27 -8.63 3.72
C LEU A 32 -0.59 -7.37 3.60
N TYR A 33 -0.02 -6.29 3.05
CA TYR A 33 -0.79 -5.07 2.84
C TYR A 33 -0.72 -4.58 1.40
N ALA A 34 0.32 -4.99 0.67
CA ALA A 34 0.47 -4.59 -0.73
C ALA A 34 1.31 -5.60 -1.50
N ILE A 35 1.02 -5.76 -2.78
CA ILE A 35 1.79 -6.64 -3.64
C ILE A 35 2.30 -5.89 -4.86
N LYS A 36 3.61 -5.91 -5.07
CA LYS A 36 4.19 -5.28 -6.24
C LYS A 36 4.56 -6.33 -7.26
N VAL A 37 3.79 -6.42 -8.32
CA VAL A 37 4.07 -7.37 -9.39
C VAL A 37 4.89 -6.67 -10.47
N VAL A 38 5.99 -7.28 -10.86
CA VAL A 38 6.77 -6.78 -11.98
C VAL A 38 6.80 -7.83 -13.10
N PRO A 39 5.67 -8.01 -13.81
CA PRO A 39 5.60 -8.91 -14.94
C PRO A 39 6.21 -8.32 -16.20
N LYS A 40 6.98 -9.13 -16.92
CA LYS A 40 7.59 -8.69 -18.16
C LYS A 40 6.53 -8.49 -19.22
N HIS A 41 5.38 -9.11 -19.00
CA HIS A 41 4.26 -8.98 -19.90
C HIS A 41 3.09 -8.35 -19.17
N GLY A 42 3.10 -7.03 -19.09
CA GLY A 42 2.06 -6.30 -18.40
C GLY A 42 2.60 -5.11 -17.64
N LYS A 43 3.89 -5.14 -17.34
CA LYS A 43 4.59 -4.08 -16.60
C LYS A 43 4.25 -4.09 -15.12
N PRO A 44 5.18 -3.59 -14.28
CA PRO A 44 5.01 -3.58 -12.83
C PRO A 44 3.89 -2.66 -12.36
N TYR A 45 3.09 -3.14 -11.42
CA TYR A 45 2.02 -2.36 -10.83
C TYR A 45 1.92 -2.69 -9.35
N PHE A 46 1.27 -1.81 -8.60
CA PHE A 46 1.06 -2.03 -7.18
C PHE A 46 -0.38 -2.42 -6.91
N LEU A 47 -0.57 -3.57 -6.29
CA LEU A 47 -1.89 -3.97 -5.85
C LEU A 47 -1.99 -3.72 -4.35
N VAL A 48 -2.56 -2.59 -3.98
CA VAL A 48 -2.63 -2.18 -2.60
C VAL A 48 -3.96 -2.62 -2.00
N ARG A 49 -3.88 -3.43 -0.95
CA ARG A 49 -5.07 -3.91 -0.29
C ARG A 49 -5.62 -2.80 0.62
N ALA A 50 -6.87 -2.42 0.36
CA ALA A 50 -7.49 -1.29 1.04
C ALA A 50 -7.90 -1.66 2.47
N ASP A 51 -8.75 -0.85 3.05
CA ASP A 51 -9.18 -1.07 4.43
C ASP A 51 -10.14 -2.26 4.52
N GLY A 52 -10.18 -2.87 5.69
CA GLY A 52 -11.00 -4.04 5.91
C GLY A 52 -12.49 -3.77 5.80
N SER A 53 -12.88 -2.52 5.98
CA SER A 53 -14.27 -2.13 5.87
C SER A 53 -14.69 -2.13 4.41
N ASP A 54 -13.81 -1.64 3.55
CA ASP A 54 -14.03 -1.66 2.11
C ASP A 54 -13.92 -3.09 1.59
N GLY A 55 -12.95 -3.84 2.12
CA GLY A 55 -12.77 -5.22 1.73
C GLY A 55 -12.50 -5.36 0.25
N ASN A 56 -11.38 -4.79 -0.18
CA ASN A 56 -11.11 -4.64 -1.60
C ASN A 56 -9.63 -4.29 -1.82
N PHE A 57 -9.13 -4.60 -3.01
CA PHE A 57 -7.77 -4.23 -3.39
C PHE A 57 -7.83 -3.12 -4.43
N ILE A 58 -6.91 -2.18 -4.37
CA ILE A 58 -6.87 -1.12 -5.36
C ILE A 58 -5.60 -1.24 -6.20
N ARG A 59 -5.79 -1.25 -7.51
CA ARG A 59 -4.70 -1.42 -8.45
C ARG A 59 -4.18 -0.06 -8.89
N SER A 60 -2.88 0.19 -8.70
CA SER A 60 -2.29 1.47 -9.08
C SER A 60 -2.46 1.74 -10.57
N ASP A 61 -2.58 0.65 -11.34
CA ASP A 61 -2.82 0.72 -12.77
C ASP A 61 -4.12 1.45 -13.08
N GLN A 62 -5.14 1.18 -12.27
CA GLN A 62 -6.46 1.78 -12.43
C GLN A 62 -7.09 2.04 -11.06
N PRO A 63 -6.83 3.23 -10.48
CA PRO A 63 -7.29 3.59 -9.13
C PRO A 63 -8.81 3.61 -9.00
N ASP A 64 -9.51 3.82 -10.12
CA ASP A 64 -10.97 3.82 -10.11
C ASP A 64 -11.51 2.41 -10.11
N LYS A 65 -10.64 1.46 -10.39
CA LYS A 65 -11.04 0.07 -10.48
C LYS A 65 -10.82 -0.64 -9.15
N LEU A 66 -11.90 -1.20 -8.65
CA LEU A 66 -11.85 -2.01 -7.45
C LEU A 66 -11.58 -3.45 -7.82
N ILE A 67 -10.59 -4.04 -7.20
CA ILE A 67 -10.13 -5.38 -7.57
C ILE A 67 -10.91 -6.45 -6.84
N PRO A 68 -11.71 -7.24 -7.59
CA PRO A 68 -12.50 -8.33 -7.03
C PRO A 68 -11.64 -9.51 -6.60
N GLN A 69 -12.26 -10.49 -5.98
CA GLN A 69 -11.53 -11.54 -5.29
C GLN A 69 -10.95 -12.60 -6.22
N TRP A 70 -11.15 -12.43 -7.52
CA TRP A 70 -10.52 -13.31 -8.50
C TRP A 70 -9.39 -12.56 -9.21
N GLU A 71 -9.46 -11.23 -9.15
CA GLU A 71 -8.48 -10.37 -9.79
C GLU A 71 -7.30 -10.13 -8.85
N ILE A 72 -7.52 -10.39 -7.56
CA ILE A 72 -6.49 -10.19 -6.55
C ILE A 72 -5.28 -11.08 -6.78
N PHE A 73 -5.51 -12.23 -7.40
CA PHE A 73 -4.42 -13.12 -7.77
C PHE A 73 -4.37 -13.27 -9.29
N SER A 74 -4.53 -12.14 -9.97
CA SER A 74 -4.52 -12.09 -11.43
C SER A 74 -3.20 -12.62 -11.98
N TRP A 75 -2.15 -12.53 -11.17
CA TRP A 75 -0.83 -13.03 -11.53
C TRP A 75 -0.71 -14.52 -11.22
N GLY B 1 -19.77 -9.73 -4.36
CA GLY B 1 -19.47 -9.68 -2.94
C GLY B 1 -18.29 -10.56 -2.57
N ALA B 2 -18.07 -10.73 -1.27
CA ALA B 2 -16.99 -11.55 -0.78
C ALA B 2 -17.48 -12.50 0.31
N ASP B 3 -17.97 -11.92 1.40
CA ASP B 3 -18.57 -12.67 2.52
C ASP B 3 -17.57 -13.60 3.19
N ASP B 4 -16.29 -13.31 3.05
CA ASP B 4 -15.26 -14.11 3.69
C ASP B 4 -14.68 -13.38 4.90
N ASP B 5 -14.04 -14.13 5.78
CA ASP B 5 -13.47 -13.56 7.00
C ASP B 5 -12.19 -12.79 6.71
N ALA B 6 -12.09 -11.61 7.27
CA ALA B 6 -10.89 -10.81 7.17
C ALA B 6 -9.87 -11.28 8.21
N PRO B 7 -8.62 -11.53 7.78
CA PRO B 7 -7.55 -12.00 8.67
C PRO B 7 -7.28 -11.03 9.81
N SER B 8 -6.91 -11.57 10.97
CA SER B 8 -6.64 -10.77 12.15
C SER B 8 -5.59 -9.69 11.85
N GLY B 9 -5.78 -8.56 12.48
CA GLY B 9 -5.03 -7.38 12.15
C GLY B 9 -5.98 -6.26 11.84
N GLU B 10 -6.79 -6.48 10.81
CA GLU B 10 -7.90 -5.60 10.46
C GLU B 10 -7.40 -4.19 10.12
N PRO B 11 -7.08 -3.97 8.85
CA PRO B 11 -6.56 -2.69 8.41
C PRO B 11 -7.68 -1.66 8.29
N ASP B 12 -7.75 -0.78 9.26
CA ASP B 12 -8.79 0.22 9.29
C ASP B 12 -8.24 1.56 8.85
N VAL B 13 -9.08 2.39 8.26
CA VAL B 13 -8.62 3.64 7.71
C VAL B 13 -9.19 4.83 8.47
N THR B 14 -8.30 5.75 8.82
CA THR B 14 -8.70 7.00 9.45
C THR B 14 -8.97 8.04 8.37
N ILE B 15 -10.21 8.53 8.33
CA ILE B 15 -10.62 9.45 7.27
C ILE B 15 -10.42 10.89 7.69
N ARG B 16 -9.39 11.52 7.14
CA ARG B 16 -9.12 12.92 7.41
C ARG B 16 -9.65 13.79 6.27
N GLN B 17 -9.97 15.01 6.59
CA GLN B 17 -10.42 15.99 5.62
C GLN B 17 -9.70 17.30 5.89
N GLU B 18 -8.64 17.56 5.12
CA GLU B 18 -7.74 18.65 5.43
C GLU B 18 -7.96 19.84 4.51
N GLY B 19 -9.02 19.82 3.73
CA GLY B 19 -9.29 20.90 2.80
C GLY B 19 -9.07 20.48 1.37
N ASP B 20 -10.18 20.19 0.67
CA ASP B 20 -10.18 19.70 -0.71
C ASP B 20 -9.56 18.31 -0.81
N LYS B 21 -8.95 17.82 0.26
CA LYS B 21 -8.28 16.53 0.21
C LYS B 21 -8.67 15.65 1.38
N THR B 22 -9.32 14.54 1.06
CA THR B 22 -9.62 13.51 2.03
C THR B 22 -8.40 12.61 2.20
N ILE B 23 -7.82 12.65 3.38
CA ILE B 23 -6.60 11.91 3.65
C ILE B 23 -6.92 10.64 4.42
N GLN B 24 -6.84 9.52 3.72
CA GLN B 24 -7.19 8.23 4.30
C GLN B 24 -5.94 7.51 4.79
N GLU B 25 -5.79 7.45 6.11
CA GLU B 25 -4.66 6.79 6.72
C GLU B 25 -4.98 5.32 6.99
N TYR B 26 -4.41 4.43 6.18
CA TYR B 26 -4.64 3.01 6.32
C TYR B 26 -3.70 2.40 7.35
N ARG B 27 -4.25 2.07 8.51
CA ARG B 27 -3.46 1.48 9.58
C ARG B 27 -3.98 0.11 9.94
N VAL B 28 -3.14 -0.90 9.82
CA VAL B 28 -3.54 -2.27 10.09
C VAL B 28 -3.61 -2.53 11.59
N ASN B 29 -2.48 -2.41 12.27
CA ASN B 29 -2.43 -2.68 13.70
C ASN B 29 -1.37 -1.79 14.34
N GLY B 30 -1.69 -0.52 14.52
CA GLY B 30 -0.76 0.42 15.12
C GLY B 30 0.24 0.98 14.13
N PHE B 31 0.24 0.45 12.92
CA PHE B 31 1.22 0.86 11.93
C PHE B 31 0.53 1.39 10.67
N LEU B 32 0.87 2.63 10.33
CA LEU B 32 0.42 3.24 9.08
C LEU B 32 1.24 2.68 7.93
N TYR B 33 0.60 2.01 6.99
CA TYR B 33 1.33 1.41 5.87
C TYR B 33 1.08 2.16 4.56
N ALA B 34 -0.04 2.89 4.49
CA ALA B 34 -0.38 3.63 3.28
C ALA B 34 -1.33 4.76 3.58
N ILE B 35 -1.15 5.88 2.88
CA ILE B 35 -2.03 7.02 3.00
C ILE B 35 -2.64 7.36 1.64
N LYS B 36 -3.95 7.35 1.55
CA LYS B 36 -4.62 7.72 0.32
C LYS B 36 -5.18 9.12 0.43
N VAL B 37 -4.53 10.07 -0.22
CA VAL B 37 -5.02 11.42 -0.25
C VAL B 37 -5.92 11.58 -1.46
N VAL B 38 -7.08 12.16 -1.25
CA VAL B 38 -7.96 12.50 -2.37
C VAL B 38 -8.09 14.01 -2.49
N PRO B 39 -7.03 14.70 -2.94
CA PRO B 39 -7.07 16.15 -3.12
C PRO B 39 -7.72 16.57 -4.42
N LYS B 40 -8.60 17.57 -4.32
CA LYS B 40 -9.19 18.21 -5.48
C LYS B 40 -8.09 18.82 -6.35
N HIS B 41 -6.99 19.16 -5.70
CA HIS B 41 -5.84 19.71 -6.39
C HIS B 41 -4.66 18.77 -6.23
N GLY B 42 -4.52 17.84 -7.16
CA GLY B 42 -3.44 16.88 -7.10
C GLY B 42 -3.89 15.47 -7.45
N LYS B 43 -5.20 15.23 -7.37
CA LYS B 43 -5.79 13.92 -7.67
C LYS B 43 -5.47 12.89 -6.59
N PRO B 44 -6.42 11.95 -6.34
CA PRO B 44 -6.24 10.92 -5.33
C PRO B 44 -5.10 9.97 -5.64
N TYR B 45 -4.18 9.82 -4.71
CA TYR B 45 -3.05 8.92 -4.89
C TYR B 45 -2.75 8.18 -3.59
N PHE B 46 -2.04 7.08 -3.71
CA PHE B 46 -1.64 6.28 -2.56
C PHE B 46 -0.18 6.50 -2.26
N LEU B 47 0.11 6.95 -1.04
CA LEU B 47 1.47 7.02 -0.57
C LEU B 47 1.75 5.78 0.26
N VAL B 48 2.28 4.76 -0.37
CA VAL B 48 2.49 3.48 0.28
C VAL B 48 3.90 3.36 0.82
N ARG B 49 4.01 3.00 2.09
CA ARG B 49 5.29 2.80 2.70
C ARG B 49 5.85 1.45 2.31
N ALA B 50 7.05 1.47 1.73
CA ALA B 50 7.72 0.25 1.34
C ALA B 50 8.35 -0.42 2.57
N ASP B 51 9.19 -1.40 2.34
CA ASP B 51 9.85 -2.13 3.41
C ASP B 51 10.63 -1.17 4.31
N GLY B 52 10.70 -1.49 5.60
CA GLY B 52 11.36 -0.62 6.54
C GLY B 52 12.86 -0.67 6.44
N SER B 53 13.36 -1.64 5.68
CA SER B 53 14.78 -1.70 5.38
C SER B 53 15.15 -0.53 4.49
N ASP B 54 14.23 -0.23 3.58
CA ASP B 54 14.35 0.93 2.72
C ASP B 54 13.93 2.18 3.45
N GLY B 55 12.84 2.04 4.21
CA GLY B 55 12.28 3.18 4.95
C GLY B 55 11.65 4.20 4.01
N ASN B 56 11.36 3.76 2.80
CA ASN B 56 10.96 4.67 1.72
C ASN B 56 9.45 4.59 1.45
N PHE B 57 8.89 5.66 0.89
CA PHE B 57 7.49 5.69 0.46
C PHE B 57 7.45 5.72 -1.07
N ILE B 58 6.45 5.10 -1.64
CA ILE B 58 6.30 5.11 -3.10
C ILE B 58 4.99 5.78 -3.49
N ARG B 59 5.06 6.67 -4.46
CA ARG B 59 3.90 7.41 -4.93
C ARG B 59 3.21 6.61 -6.03
N SER B 60 1.94 6.29 -5.85
CA SER B 60 1.21 5.44 -6.79
C SER B 60 1.22 6.01 -8.20
N ASP B 61 1.25 7.33 -8.31
CA ASP B 61 1.25 8.01 -9.60
C ASP B 61 2.57 7.79 -10.34
N GLN B 62 3.67 7.84 -9.60
CA GLN B 62 4.98 7.73 -10.19
C GLN B 62 5.81 6.69 -9.44
N PRO B 63 5.73 5.42 -9.86
CA PRO B 63 6.46 4.31 -9.22
C PRO B 63 7.96 4.42 -9.41
N ASP B 64 8.36 5.30 -10.32
CA ASP B 64 9.77 5.57 -10.57
C ASP B 64 10.29 6.61 -9.58
N LYS B 65 9.38 7.16 -8.80
CA LYS B 65 9.73 8.20 -7.85
C LYS B 65 9.66 7.68 -6.42
N LEU B 66 10.76 7.81 -5.73
CA LEU B 66 10.84 7.47 -4.32
C LEU B 66 10.51 8.70 -3.52
N ILE B 67 9.69 8.56 -2.49
CA ILE B 67 9.22 9.71 -1.74
C ILE B 67 10.06 9.94 -0.50
N PRO B 68 10.79 11.07 -0.47
CA PRO B 68 11.63 11.45 0.66
C PRO B 68 10.81 11.86 1.88
N GLN B 69 11.50 12.19 2.95
CA GLN B 69 10.85 12.36 4.25
C GLN B 69 10.31 13.78 4.44
N TRP B 70 10.38 14.59 3.38
CA TRP B 70 9.73 15.90 3.40
C TRP B 70 8.50 15.89 2.50
N GLU B 71 8.51 14.99 1.51
CA GLU B 71 7.42 14.87 0.56
C GLU B 71 6.27 14.07 1.15
N ILE B 72 6.55 13.38 2.24
CA ILE B 72 5.57 12.50 2.88
C ILE B 72 4.47 13.28 3.60
N PHE B 73 4.68 14.59 3.76
CA PHE B 73 3.67 15.46 4.36
C PHE B 73 3.39 16.64 3.44
N SER B 74 3.73 16.44 2.17
CA SER B 74 3.63 17.51 1.18
C SER B 74 2.31 17.41 0.41
N TRP B 75 1.30 16.89 1.08
CA TRP B 75 0.00 16.65 0.48
C TRP B 75 -0.60 17.94 -0.10
N GLY A 1 21.40 1.18 2.42
CA GLY A 1 21.59 1.93 3.68
C GLY A 1 21.01 1.19 4.86
N ALA A 2 21.53 0.02 5.16
CA ALA A 2 21.08 -0.77 6.29
C ALA A 2 22.11 -0.76 7.40
N ASP A 3 22.04 0.26 8.25
CA ASP A 3 22.95 0.41 9.37
C ASP A 3 22.18 0.78 10.63
N ASP A 4 21.21 1.67 10.47
CA ASP A 4 20.38 2.11 11.58
C ASP A 4 19.36 1.03 11.93
N ASP A 5 18.91 1.00 13.17
CA ASP A 5 18.03 -0.06 13.65
C ASP A 5 16.57 0.26 13.33
N ALA A 6 15.88 -0.70 12.72
CA ALA A 6 14.49 -0.54 12.33
C ALA A 6 13.56 -0.72 13.53
N PRO A 7 12.51 0.10 13.63
CA PRO A 7 11.54 0.03 14.73
C PRO A 7 10.70 -1.25 14.69
N SER A 8 9.80 -1.39 15.66
CA SER A 8 8.95 -2.57 15.76
C SER A 8 8.00 -2.67 14.56
N GLY A 9 7.33 -3.80 14.45
CA GLY A 9 6.51 -4.06 13.28
C GLY A 9 7.35 -4.61 12.15
N GLU A 10 8.33 -3.79 11.72
CA GLU A 10 9.29 -4.15 10.69
C GLU A 10 8.63 -4.46 9.36
N PRO A 11 8.42 -3.43 8.53
CA PRO A 11 7.89 -3.60 7.20
C PRO A 11 8.98 -3.97 6.21
N ASP A 12 9.04 -5.24 5.86
CA ASP A 12 10.04 -5.73 4.91
C ASP A 12 9.35 -6.56 3.84
N VAL A 13 9.82 -6.40 2.61
CA VAL A 13 9.20 -7.09 1.49
C VAL A 13 9.77 -8.49 1.34
N THR A 14 8.90 -9.47 1.20
CA THR A 14 9.31 -10.83 0.99
C THR A 14 9.46 -11.10 -0.50
N ILE A 15 10.72 -11.16 -0.95
CA ILE A 15 11.01 -11.34 -2.36
C ILE A 15 11.05 -12.82 -2.70
N ARG A 16 10.06 -13.26 -3.47
CA ARG A 16 10.00 -14.65 -3.91
C ARG A 16 9.88 -14.69 -5.43
N GLN A 17 9.94 -15.88 -6.00
CA GLN A 17 9.91 -16.03 -7.44
C GLN A 17 9.02 -17.21 -7.82
N GLU A 18 7.82 -16.91 -8.24
CA GLU A 18 6.83 -17.93 -8.57
C GLU A 18 6.81 -18.18 -10.07
N GLY A 19 7.64 -19.11 -10.51
CA GLY A 19 7.73 -19.42 -11.92
C GLY A 19 8.50 -18.37 -12.68
N ASP A 20 7.79 -17.39 -13.22
CA ASP A 20 8.42 -16.31 -13.97
C ASP A 20 8.50 -15.04 -13.13
N LYS A 21 7.48 -14.82 -12.34
CA LYS A 21 7.29 -13.55 -11.69
C LYS A 21 7.91 -13.50 -10.31
N THR A 22 8.73 -12.48 -10.11
CA THR A 22 9.31 -12.21 -8.82
C THR A 22 8.29 -11.44 -7.99
N ILE A 23 7.54 -12.16 -7.17
CA ILE A 23 6.47 -11.56 -6.39
C ILE A 23 7.00 -11.01 -5.09
N GLN A 24 6.98 -9.69 -4.97
CA GLN A 24 7.45 -9.02 -3.77
C GLN A 24 6.29 -8.77 -2.82
N GLU A 25 6.23 -9.57 -1.77
CA GLU A 25 5.16 -9.47 -0.78
C GLU A 25 5.51 -8.45 0.30
N TYR A 26 4.95 -7.26 0.19
CA TYR A 26 5.14 -6.24 1.19
C TYR A 26 4.30 -6.56 2.42
N ARG A 27 4.92 -7.16 3.42
CA ARG A 27 4.23 -7.52 4.64
C ARG A 27 4.88 -6.83 5.83
N VAL A 28 4.10 -6.13 6.61
CA VAL A 28 4.63 -5.45 7.78
C VAL A 28 4.72 -6.42 8.96
N ASN A 29 3.59 -6.92 9.44
CA ASN A 29 3.60 -7.78 10.60
C ASN A 29 2.55 -8.89 10.44
N GLY A 30 2.82 -9.79 9.52
CA GLY A 30 1.95 -10.94 9.31
C GLY A 30 0.82 -10.67 8.33
N PHE A 31 0.78 -9.48 7.76
CA PHE A 31 -0.28 -9.14 6.82
C PHE A 31 0.30 -8.51 5.55
N LEU A 32 -0.07 -9.08 4.41
CA LEU A 32 0.29 -8.54 3.11
C LEU A 32 -0.52 -7.27 2.84
N TYR A 33 0.16 -6.16 2.63
CA TYR A 33 -0.53 -4.91 2.36
C TYR A 33 -0.29 -4.44 0.92
N ALA A 34 0.76 -4.94 0.29
CA ALA A 34 1.06 -4.58 -1.09
C ALA A 34 1.89 -5.66 -1.78
N ILE A 35 1.59 -5.91 -3.04
CA ILE A 35 2.36 -6.87 -3.83
C ILE A 35 2.99 -6.20 -5.03
N LYS A 36 4.31 -6.19 -5.09
CA LYS A 36 4.99 -5.72 -6.28
C LYS A 36 5.47 -6.92 -7.06
N VAL A 37 4.73 -7.27 -8.10
CA VAL A 37 5.06 -8.45 -8.87
C VAL A 37 5.89 -8.06 -10.07
N VAL A 38 6.99 -8.76 -10.29
CA VAL A 38 7.81 -8.56 -11.46
C VAL A 38 7.64 -9.74 -12.41
N PRO A 39 6.66 -9.68 -13.32
CA PRO A 39 6.36 -10.76 -14.25
C PRO A 39 7.28 -10.72 -15.47
N LYS A 40 7.69 -11.89 -15.93
CA LYS A 40 8.55 -12.00 -17.10
C LYS A 40 7.73 -11.81 -18.36
N HIS A 41 6.42 -11.92 -18.20
CA HIS A 41 5.50 -11.85 -19.33
C HIS A 41 4.60 -10.63 -19.19
N GLY A 42 5.10 -9.63 -18.47
CA GLY A 42 4.37 -8.38 -18.29
C GLY A 42 5.29 -7.28 -17.78
N LYS A 43 4.74 -6.36 -16.99
CA LYS A 43 5.55 -5.33 -16.38
C LYS A 43 5.23 -5.22 -14.89
N PRO A 44 6.25 -4.97 -14.07
CA PRO A 44 6.11 -4.84 -12.61
C PRO A 44 5.05 -3.82 -12.21
N TYR A 45 4.23 -4.18 -11.24
CA TYR A 45 3.21 -3.28 -10.72
C TYR A 45 3.07 -3.43 -9.22
N PHE A 46 2.49 -2.42 -8.59
CA PHE A 46 2.16 -2.49 -7.17
C PHE A 46 0.68 -2.80 -7.02
N LEU A 47 0.38 -3.88 -6.33
CA LEU A 47 -1.00 -4.23 -6.04
C LEU A 47 -1.25 -4.01 -4.55
N VAL A 48 -1.84 -2.86 -4.22
CA VAL A 48 -2.00 -2.45 -2.84
C VAL A 48 -3.36 -2.86 -2.29
N ARG A 49 -3.37 -3.41 -1.08
CA ARG A 49 -4.59 -3.78 -0.41
C ARG A 49 -5.35 -2.55 0.08
N ALA A 50 -6.61 -2.45 -0.33
CA ALA A 50 -7.49 -1.40 0.16
C ALA A 50 -7.99 -1.76 1.56
N ASP A 51 -8.71 -0.85 2.19
CA ASP A 51 -9.21 -1.07 3.54
C ASP A 51 -10.31 -2.12 3.55
N GLY A 52 -10.37 -2.90 4.60
CA GLY A 52 -11.42 -3.86 4.76
C GLY A 52 -11.12 -5.17 4.07
N SER A 53 -11.79 -6.18 4.52
CA SER A 53 -11.79 -7.49 3.86
C SER A 53 -12.76 -7.47 2.67
N ASP A 54 -12.97 -6.28 2.12
CA ASP A 54 -13.88 -6.05 1.00
C ASP A 54 -13.53 -6.92 -0.20
N GLY A 55 -12.23 -7.06 -0.44
CA GLY A 55 -11.78 -7.93 -1.51
C GLY A 55 -11.33 -7.17 -2.74
N ASN A 56 -11.08 -5.87 -2.59
CA ASN A 56 -10.62 -5.07 -3.71
C ASN A 56 -9.18 -4.61 -3.45
N PHE A 57 -8.43 -4.47 -4.53
CA PHE A 57 -7.06 -3.98 -4.45
C PHE A 57 -6.91 -2.76 -5.36
N ILE A 58 -5.86 -2.00 -5.14
CA ILE A 58 -5.57 -0.84 -5.99
C ILE A 58 -4.20 -1.00 -6.62
N ARG A 59 -4.16 -0.94 -7.95
CA ARG A 59 -2.93 -1.16 -8.68
C ARG A 59 -2.23 0.18 -8.91
N SER A 60 -0.90 0.17 -8.90
CA SER A 60 -0.13 1.37 -9.21
C SER A 60 -0.42 1.82 -10.64
N ASP A 61 -0.54 0.83 -11.52
CA ASP A 61 -0.85 1.06 -12.93
C ASP A 61 -2.28 1.57 -13.09
N GLN A 62 -3.14 1.19 -12.16
CA GLN A 62 -4.55 1.54 -12.23
C GLN A 62 -5.04 2.06 -10.89
N PRO A 63 -4.65 3.29 -10.53
CA PRO A 63 -4.96 3.86 -9.21
C PRO A 63 -6.41 4.31 -9.09
N ASP A 64 -7.07 4.46 -10.23
CA ASP A 64 -8.45 4.92 -10.26
C ASP A 64 -9.40 3.76 -10.48
N LYS A 65 -8.85 2.55 -10.46
CA LYS A 65 -9.65 1.35 -10.68
C LYS A 65 -9.52 0.39 -9.50
N LEU A 66 -10.65 -0.15 -9.07
CA LEU A 66 -10.67 -1.14 -8.03
C LEU A 66 -10.42 -2.52 -8.64
N ILE A 67 -9.26 -3.09 -8.33
CA ILE A 67 -8.87 -4.36 -8.90
C ILE A 67 -9.72 -5.51 -8.36
N PRO A 68 -10.46 -6.18 -9.25
CA PRO A 68 -11.35 -7.29 -8.90
C PRO A 68 -10.60 -8.58 -8.57
N GLN A 69 -11.36 -9.60 -8.21
CA GLN A 69 -10.77 -10.84 -7.69
C GLN A 69 -10.13 -11.67 -8.80
N TRP A 70 -10.71 -11.64 -9.99
CA TRP A 70 -10.14 -12.38 -11.10
C TRP A 70 -8.81 -11.76 -11.52
N GLU A 71 -8.60 -10.49 -11.14
CA GLU A 71 -7.38 -9.78 -11.50
C GLU A 71 -6.32 -9.93 -10.41
N ILE A 72 -6.75 -10.12 -9.17
CA ILE A 72 -5.81 -10.34 -8.08
C ILE A 72 -5.24 -11.76 -8.15
N PHE A 73 -5.98 -12.64 -8.79
CA PHE A 73 -5.53 -14.01 -8.99
C PHE A 73 -5.09 -14.23 -10.44
N SER A 74 -4.62 -13.17 -11.06
CA SER A 74 -4.17 -13.25 -12.45
C SER A 74 -2.74 -13.79 -12.54
N TRP A 75 -2.39 -14.67 -11.62
CA TRP A 75 -1.07 -15.27 -11.59
C TRP A 75 -1.07 -16.63 -12.27
N GLY B 1 -21.89 -2.81 1.81
CA GLY B 1 -20.59 -3.32 1.43
C GLY B 1 -20.11 -4.42 2.35
N ALA B 2 -20.38 -4.25 3.64
CA ALA B 2 -19.98 -5.23 4.64
C ALA B 2 -20.96 -6.39 4.69
N ASP B 3 -20.88 -7.27 3.71
CA ASP B 3 -21.73 -8.46 3.66
C ASP B 3 -20.99 -9.69 4.17
N ASP B 4 -19.78 -9.48 4.66
CA ASP B 4 -18.96 -10.58 5.15
C ASP B 4 -18.16 -10.13 6.37
N ASP B 5 -17.91 -11.07 7.29
CA ASP B 5 -17.24 -10.77 8.54
C ASP B 5 -15.72 -10.74 8.35
N ALA B 6 -15.04 -9.89 9.11
CA ALA B 6 -13.61 -9.69 8.96
C ALA B 6 -12.82 -10.36 10.10
N PRO B 7 -11.75 -11.10 9.74
CA PRO B 7 -10.86 -11.74 10.72
C PRO B 7 -9.95 -10.72 11.40
N SER B 8 -9.04 -11.21 12.25
CA SER B 8 -8.14 -10.34 12.99
C SER B 8 -7.22 -9.56 12.06
N GLY B 9 -6.70 -8.45 12.57
CA GLY B 9 -5.95 -7.54 11.75
C GLY B 9 -6.81 -6.37 11.38
N GLU B 10 -7.75 -6.61 10.47
CA GLU B 10 -8.73 -5.61 10.06
C GLU B 10 -8.06 -4.33 9.61
N PRO B 11 -7.47 -4.34 8.40
CA PRO B 11 -6.82 -3.17 7.84
C PRO B 11 -7.84 -2.06 7.62
N ASP B 12 -7.87 -1.13 8.55
CA ASP B 12 -8.88 -0.08 8.55
C ASP B 12 -8.28 1.24 8.14
N VAL B 13 -9.11 2.12 7.61
CA VAL B 13 -8.65 3.41 7.18
C VAL B 13 -9.22 4.51 8.09
N THR B 14 -8.33 5.31 8.64
CA THR B 14 -8.72 6.39 9.50
C THR B 14 -8.99 7.65 8.68
N ILE B 15 -10.26 7.96 8.51
CA ILE B 15 -10.65 9.11 7.73
C ILE B 15 -10.58 10.39 8.56
N ARG B 16 -9.59 11.21 8.31
CA ARG B 16 -9.43 12.46 9.02
C ARG B 16 -9.36 13.62 8.05
N GLN B 17 -9.20 14.82 8.58
CA GLN B 17 -9.15 16.02 7.75
C GLN B 17 -8.18 17.04 8.34
N GLU B 18 -7.11 17.32 7.61
CA GLU B 18 -6.14 18.34 8.01
C GLU B 18 -6.39 19.60 7.20
N GLY B 19 -7.35 20.40 7.65
CA GLY B 19 -7.73 21.59 6.90
C GLY B 19 -8.84 21.29 5.91
N ASP B 20 -8.52 21.33 4.62
CA ASP B 20 -9.51 21.02 3.59
C ASP B 20 -9.11 19.77 2.83
N LYS B 21 -8.32 18.92 3.47
CA LYS B 21 -7.91 17.67 2.82
C LYS B 21 -8.28 16.48 3.69
N THR B 22 -9.09 15.60 3.14
CA THR B 22 -9.48 14.39 3.83
C THR B 22 -8.38 13.36 3.71
N ILE B 23 -7.64 13.16 4.80
CA ILE B 23 -6.51 12.26 4.80
C ILE B 23 -6.91 10.90 5.35
N GLN B 24 -6.91 9.91 4.49
CA GLN B 24 -7.27 8.56 4.87
C GLN B 24 -6.03 7.77 5.27
N GLU B 25 -5.88 7.56 6.57
CA GLU B 25 -4.74 6.84 7.10
C GLU B 25 -5.01 5.34 7.15
N TYR B 26 -4.48 4.62 6.17
CA TYR B 26 -4.66 3.17 6.10
C TYR B 26 -3.74 2.47 7.08
N ARG B 27 -4.31 1.89 8.12
CA ARG B 27 -3.54 1.20 9.14
C ARG B 27 -4.17 -0.15 9.45
N VAL B 28 -3.41 -1.22 9.24
CA VAL B 28 -3.90 -2.55 9.51
C VAL B 28 -3.74 -2.92 10.99
N ASN B 29 -2.52 -2.79 11.49
CA ASN B 29 -2.22 -3.21 12.85
C ASN B 29 -1.10 -2.35 13.42
N GLY B 30 -1.45 -1.15 13.85
CA GLY B 30 -0.48 -0.22 14.39
C GLY B 30 0.59 0.17 13.40
N PHE B 31 0.23 0.19 12.13
CA PHE B 31 1.17 0.55 11.08
C PHE B 31 0.47 1.24 9.92
N LEU B 32 0.98 2.41 9.56
CA LEU B 32 0.49 3.15 8.41
C LEU B 32 1.14 2.58 7.16
N TYR B 33 0.34 1.93 6.30
CA TYR B 33 0.89 1.33 5.09
C TYR B 33 0.50 2.12 3.85
N ALA B 34 -0.48 3.00 3.98
CA ALA B 34 -0.95 3.79 2.85
C ALA B 34 -1.68 5.04 3.30
N ILE B 35 -1.52 6.11 2.54
CA ILE B 35 -2.22 7.36 2.81
C ILE B 35 -2.98 7.81 1.56
N LYS B 36 -4.28 8.00 1.69
CA LYS B 36 -5.08 8.54 0.61
C LYS B 36 -5.64 9.89 1.02
N VAL B 37 -5.04 10.95 0.53
CA VAL B 37 -5.46 12.30 0.89
C VAL B 37 -6.28 12.92 -0.22
N VAL B 38 -7.46 13.40 0.15
CA VAL B 38 -8.38 14.02 -0.78
C VAL B 38 -8.51 15.51 -0.46
N PRO B 39 -7.65 16.33 -1.06
CA PRO B 39 -7.70 17.78 -0.85
C PRO B 39 -8.80 18.45 -1.66
N LYS B 40 -9.53 19.33 -1.00
CA LYS B 40 -10.53 20.17 -1.66
C LYS B 40 -9.88 21.07 -2.68
N HIS B 41 -8.62 21.40 -2.41
CA HIS B 41 -7.86 22.29 -3.26
C HIS B 41 -7.02 21.50 -4.24
N GLY B 42 -7.62 20.47 -4.82
CA GLY B 42 -6.94 19.64 -5.78
C GLY B 42 -7.68 18.34 -6.02
N LYS B 43 -6.94 17.28 -6.27
CA LYS B 43 -7.53 15.96 -6.46
C LYS B 43 -6.89 14.95 -5.52
N PRO B 44 -7.65 13.93 -5.10
CA PRO B 44 -7.13 12.87 -4.23
C PRO B 44 -5.98 12.10 -4.86
N TYR B 45 -5.03 11.68 -4.04
CA TYR B 45 -3.91 10.89 -4.51
C TYR B 45 -3.45 9.94 -3.42
N PHE B 46 -2.67 8.95 -3.81
CA PHE B 46 -2.28 7.87 -2.91
C PHE B 46 -0.77 7.92 -2.62
N LEU B 47 -0.41 7.62 -1.38
CA LEU B 47 0.98 7.41 -1.01
C LEU B 47 1.12 6.06 -0.31
N VAL B 48 1.75 5.11 -0.98
CA VAL B 48 1.94 3.78 -0.43
C VAL B 48 3.28 3.71 0.32
N ARG B 49 3.25 3.20 1.54
CA ARG B 49 4.46 3.07 2.33
C ARG B 49 5.16 1.77 1.97
N ALA B 50 6.24 1.87 1.20
CA ALA B 50 7.02 0.71 0.80
C ALA B 50 7.70 0.09 2.01
N ASP B 51 8.46 -0.97 1.79
CA ASP B 51 9.16 -1.62 2.88
C ASP B 51 10.48 -0.91 3.15
N GLY B 52 11.02 -1.09 4.34
CA GLY B 52 12.30 -0.51 4.65
C GLY B 52 12.17 0.81 5.38
N SER B 53 13.03 1.00 6.36
CA SER B 53 13.11 2.23 7.12
C SER B 53 13.85 3.32 6.33
N ASP B 54 13.53 3.40 5.05
CA ASP B 54 14.14 4.38 4.14
C ASP B 54 13.36 5.68 4.15
N GLY B 55 12.07 5.59 4.43
CA GLY B 55 11.20 6.76 4.37
C GLY B 55 10.63 6.93 2.97
N ASN B 56 10.44 5.81 2.30
CA ASN B 56 10.05 5.79 0.90
C ASN B 56 8.55 5.54 0.73
N PHE B 57 7.91 6.38 -0.07
CA PHE B 57 6.51 6.22 -0.41
C PHE B 57 6.37 6.07 -1.92
N ILE B 58 5.25 5.53 -2.36
CA ILE B 58 4.94 5.45 -3.78
C ILE B 58 3.65 6.22 -4.06
N ARG B 59 3.75 7.26 -4.88
CA ARG B 59 2.59 8.09 -5.19
C ARG B 59 1.77 7.47 -6.31
N SER B 60 0.45 7.56 -6.23
CA SER B 60 -0.43 7.03 -7.27
C SER B 60 -0.19 7.75 -8.60
N ASP B 61 0.22 9.01 -8.50
CA ASP B 61 0.51 9.82 -9.67
C ASP B 61 1.88 9.46 -10.26
N GLN B 62 2.76 8.96 -9.41
CA GLN B 62 4.12 8.61 -9.81
C GLN B 62 4.51 7.26 -9.22
N PRO B 63 3.89 6.17 -9.71
CA PRO B 63 4.13 4.82 -9.20
C PRO B 63 5.51 4.30 -9.58
N ASP B 64 6.04 4.83 -10.67
CA ASP B 64 7.36 4.44 -11.15
C ASP B 64 8.44 5.25 -10.44
N LYS B 65 8.00 6.11 -9.52
CA LYS B 65 8.91 6.98 -8.80
C LYS B 65 8.89 6.67 -7.31
N LEU B 66 10.07 6.60 -6.73
CA LEU B 66 10.20 6.40 -5.29
C LEU B 66 10.21 7.76 -4.61
N ILE B 67 9.19 8.01 -3.81
CA ILE B 67 8.98 9.33 -3.21
C ILE B 67 9.96 9.57 -2.08
N PRO B 68 10.74 10.67 -2.17
CA PRO B 68 11.75 11.01 -1.16
C PRO B 68 11.12 11.51 0.13
N GLN B 69 11.95 11.71 1.13
CA GLN B 69 11.47 11.96 2.48
C GLN B 69 10.99 13.41 2.65
N TRP B 70 11.21 14.24 1.65
CA TRP B 70 10.71 15.61 1.70
C TRP B 70 9.37 15.72 0.98
N GLU B 71 9.01 14.69 0.23
CA GLU B 71 7.77 14.69 -0.51
C GLU B 71 6.72 13.82 0.18
N ILE B 72 7.12 13.20 1.29
CA ILE B 72 6.18 12.36 2.03
C ILE B 72 5.14 13.21 2.75
N PHE B 73 5.50 14.45 3.02
CA PHE B 73 4.57 15.40 3.61
C PHE B 73 4.09 16.38 2.56
N SER B 74 3.92 15.86 1.34
CA SER B 74 3.46 16.65 0.20
C SER B 74 2.04 17.17 0.43
N TRP B 75 1.32 16.53 1.34
CA TRP B 75 0.00 17.01 1.73
C TRP B 75 0.11 17.97 2.91
N GLY A 1 17.10 4.92 0.56
CA GLY A 1 18.53 5.30 0.78
C GLY A 1 18.73 6.06 2.07
N ALA A 2 17.94 5.75 3.07
CA ALA A 2 18.04 6.42 4.36
C ALA A 2 17.90 5.40 5.48
N ASP A 3 18.44 5.71 6.64
CA ASP A 3 18.36 4.81 7.76
C ASP A 3 18.00 5.54 9.04
N ASP A 4 16.76 5.38 9.45
CA ASP A 4 16.28 5.90 10.71
C ASP A 4 15.48 4.80 11.40
N ASP A 5 14.77 5.14 12.46
CA ASP A 5 14.03 4.14 13.23
C ASP A 5 12.55 4.46 13.26
N ALA A 6 11.73 3.44 13.15
CA ALA A 6 10.28 3.61 13.12
C ALA A 6 9.64 2.86 14.29
N PRO A 7 8.37 3.16 14.60
CA PRO A 7 7.63 2.44 15.64
C PRO A 7 7.50 0.95 15.31
N SER A 8 7.13 0.16 16.32
CA SER A 8 7.05 -1.29 16.16
C SER A 8 6.12 -1.71 15.03
N GLY A 9 6.52 -2.76 14.34
CA GLY A 9 5.85 -3.18 13.13
C GLY A 9 6.90 -3.59 12.12
N GLU A 10 7.54 -2.58 11.54
CA GLU A 10 8.71 -2.77 10.67
C GLU A 10 8.41 -3.65 9.47
N PRO A 11 8.02 -3.02 8.36
CA PRO A 11 7.57 -3.73 7.18
C PRO A 11 8.72 -4.25 6.33
N ASP A 12 8.58 -5.48 5.87
CA ASP A 12 9.58 -6.09 5.00
C ASP A 12 8.90 -6.57 3.72
N VAL A 13 9.69 -6.97 2.75
CA VAL A 13 9.13 -7.45 1.50
C VAL A 13 9.69 -8.83 1.14
N THR A 14 8.80 -9.77 0.96
CA THR A 14 9.18 -11.11 0.55
C THR A 14 9.26 -11.19 -0.97
N ILE A 15 10.47 -11.20 -1.49
CA ILE A 15 10.68 -11.18 -2.92
C ILE A 15 10.94 -12.59 -3.44
N ARG A 16 10.06 -13.07 -4.30
CA ARG A 16 10.18 -14.39 -4.88
C ARG A 16 9.77 -14.37 -6.35
N GLN A 17 9.86 -15.51 -7.00
CA GLN A 17 9.52 -15.60 -8.42
C GLN A 17 8.64 -16.80 -8.69
N GLU A 18 7.51 -16.55 -9.33
CA GLU A 18 6.55 -17.60 -9.62
C GLU A 18 6.74 -18.15 -11.03
N GLY A 19 7.48 -17.41 -11.86
CA GLY A 19 7.65 -17.80 -13.24
C GLY A 19 7.29 -16.68 -14.18
N ASP A 20 8.31 -16.05 -14.75
CA ASP A 20 8.15 -14.88 -15.62
C ASP A 20 7.52 -13.71 -14.88
N LYS A 21 7.47 -13.80 -13.55
CA LYS A 21 6.96 -12.72 -12.74
C LYS A 21 7.56 -12.77 -11.34
N THR A 22 8.33 -11.75 -11.02
CA THR A 22 8.89 -11.58 -9.69
C THR A 22 7.85 -10.92 -8.78
N ILE A 23 7.44 -11.63 -7.75
CA ILE A 23 6.37 -11.17 -6.89
C ILE A 23 6.91 -10.74 -5.54
N GLN A 24 6.70 -9.48 -5.20
CA GLN A 24 7.18 -8.93 -3.95
C GLN A 24 6.03 -8.76 -2.96
N GLU A 25 6.04 -9.57 -1.92
CA GLU A 25 5.02 -9.53 -0.88
C GLU A 25 5.40 -8.55 0.22
N TYR A 26 4.81 -7.37 0.20
CA TYR A 26 5.06 -6.38 1.23
C TYR A 26 4.27 -6.72 2.49
N ARG A 27 4.98 -7.15 3.51
CA ARG A 27 4.35 -7.55 4.77
C ARG A 27 4.84 -6.65 5.89
N VAL A 28 3.90 -6.05 6.61
CA VAL A 28 4.25 -5.17 7.71
C VAL A 28 4.62 -6.00 8.93
N ASN A 29 3.94 -7.11 9.10
CA ASN A 29 4.15 -8.01 10.21
C ASN A 29 3.40 -9.30 9.95
N GLY A 30 3.83 -10.00 8.90
CA GLY A 30 3.12 -11.20 8.47
C GLY A 30 1.94 -10.87 7.57
N PHE A 31 1.35 -9.70 7.80
CA PHE A 31 0.16 -9.28 7.07
C PHE A 31 0.54 -8.61 5.76
N LEU A 32 -0.09 -9.04 4.69
CA LEU A 32 0.17 -8.51 3.36
C LEU A 32 -0.62 -7.22 3.16
N TYR A 33 0.08 -6.12 2.92
CA TYR A 33 -0.58 -4.85 2.67
C TYR A 33 -0.37 -4.38 1.23
N ALA A 34 0.63 -4.96 0.55
CA ALA A 34 0.90 -4.59 -0.84
C ALA A 34 1.65 -5.71 -1.55
N ILE A 35 1.33 -5.92 -2.80
CA ILE A 35 2.03 -6.90 -3.63
C ILE A 35 2.54 -6.23 -4.90
N LYS A 36 3.85 -6.24 -5.10
CA LYS A 36 4.40 -5.75 -6.35
C LYS A 36 4.91 -6.91 -7.18
N VAL A 37 4.13 -7.31 -8.16
CA VAL A 37 4.56 -8.35 -9.06
C VAL A 37 5.04 -7.74 -10.37
N VAL A 38 6.21 -8.18 -10.81
CA VAL A 38 6.79 -7.75 -12.06
C VAL A 38 6.66 -8.85 -13.10
N PRO A 39 5.51 -8.93 -13.79
CA PRO A 39 5.24 -9.98 -14.76
C PRO A 39 5.72 -9.61 -16.16
N LYS A 40 6.07 -10.65 -16.92
CA LYS A 40 6.41 -10.51 -18.32
C LYS A 40 5.31 -9.80 -19.09
N HIS A 41 4.08 -10.13 -18.73
CA HIS A 41 2.92 -9.53 -19.37
C HIS A 41 2.03 -8.86 -18.33
N GLY A 42 1.83 -7.57 -18.50
CA GLY A 42 1.12 -6.79 -17.50
C GLY A 42 2.02 -5.72 -16.91
N LYS A 43 3.32 -6.05 -16.82
CA LYS A 43 4.34 -5.16 -16.29
C LYS A 43 4.18 -4.90 -14.80
N PRO A 44 5.27 -4.53 -14.10
CA PRO A 44 5.28 -4.37 -12.64
C PRO A 44 4.21 -3.40 -12.15
N TYR A 45 3.40 -3.86 -11.21
CA TYR A 45 2.34 -3.04 -10.64
C TYR A 45 2.16 -3.34 -9.15
N PHE A 46 1.70 -2.36 -8.41
CA PHE A 46 1.46 -2.51 -6.99
C PHE A 46 0.00 -2.85 -6.71
N LEU A 47 -0.22 -3.84 -5.88
CA LEU A 47 -1.54 -4.10 -5.34
C LEU A 47 -1.61 -3.58 -3.91
N VAL A 48 -2.08 -2.36 -3.77
CA VAL A 48 -2.19 -1.74 -2.46
C VAL A 48 -3.50 -2.15 -1.81
N ARG A 49 -3.41 -2.64 -0.58
CA ARG A 49 -4.58 -3.05 0.16
C ARG A 49 -5.53 -1.89 0.41
N ALA A 50 -6.79 -2.10 0.05
CA ALA A 50 -7.85 -1.22 0.49
C ALA A 50 -8.31 -1.69 1.86
N ASP A 51 -8.08 -0.85 2.87
CA ASP A 51 -8.41 -1.21 4.26
C ASP A 51 -9.82 -1.76 4.37
N GLY A 52 -9.99 -2.74 5.23
CA GLY A 52 -11.21 -3.50 5.26
C GLY A 52 -11.06 -4.80 4.51
N SER A 53 -11.51 -5.87 5.10
CA SER A 53 -11.43 -7.18 4.49
C SER A 53 -12.60 -7.42 3.55
N ASP A 54 -12.93 -6.40 2.76
CA ASP A 54 -14.04 -6.48 1.82
C ASP A 54 -13.64 -7.36 0.63
N GLY A 55 -12.37 -7.30 0.27
CA GLY A 55 -11.85 -8.15 -0.79
C GLY A 55 -11.42 -7.37 -2.02
N ASN A 56 -10.82 -6.21 -1.81
CA ASN A 56 -10.42 -5.36 -2.92
C ASN A 56 -9.02 -4.82 -2.75
N PHE A 57 -8.33 -4.65 -3.86
CA PHE A 57 -7.01 -4.05 -3.88
C PHE A 57 -6.97 -2.92 -4.89
N ILE A 58 -5.93 -2.11 -4.84
CA ILE A 58 -5.78 -1.00 -5.77
C ILE A 58 -4.47 -1.12 -6.53
N ARG A 59 -4.54 -1.15 -7.85
CA ARG A 59 -3.35 -1.27 -8.66
C ARG A 59 -2.80 0.12 -8.97
N SER A 60 -1.47 0.24 -8.94
CA SER A 60 -0.81 1.50 -9.27
C SER A 60 -1.11 1.91 -10.72
N ASP A 61 -1.52 0.94 -11.51
CA ASP A 61 -1.88 1.16 -12.90
C ASP A 61 -3.26 1.82 -13.00
N GLN A 62 -4.13 1.49 -12.04
CA GLN A 62 -5.51 1.95 -12.06
C GLN A 62 -5.99 2.30 -10.66
N PRO A 63 -5.48 3.40 -10.09
CA PRO A 63 -5.82 3.82 -8.72
C PRO A 63 -7.26 4.34 -8.63
N ASP A 64 -7.87 4.57 -9.77
CA ASP A 64 -9.22 5.10 -9.84
C ASP A 64 -10.25 3.96 -9.84
N LYS A 65 -9.78 2.75 -10.08
CA LYS A 65 -10.67 1.60 -10.13
C LYS A 65 -10.42 0.66 -8.96
N LEU A 66 -11.50 0.23 -8.33
CA LEU A 66 -11.41 -0.73 -7.25
C LEU A 66 -11.27 -2.13 -7.83
N ILE A 67 -10.10 -2.72 -7.68
CA ILE A 67 -9.79 -4.00 -8.26
C ILE A 67 -10.53 -5.11 -7.52
N PRO A 68 -11.44 -5.81 -8.22
CA PRO A 68 -12.28 -6.86 -7.64
C PRO A 68 -11.48 -8.11 -7.28
N GLN A 69 -12.16 -9.09 -6.71
CA GLN A 69 -11.50 -10.25 -6.15
C GLN A 69 -10.99 -11.19 -7.24
N TRP A 70 -11.67 -11.23 -8.38
CA TRP A 70 -11.22 -12.07 -9.48
C TRP A 70 -9.99 -11.45 -10.14
N GLU A 71 -9.75 -10.18 -9.84
CA GLU A 71 -8.66 -9.44 -10.45
C GLU A 71 -7.49 -9.29 -9.48
N ILE A 72 -7.73 -9.52 -8.19
CA ILE A 72 -6.65 -9.47 -7.21
C ILE A 72 -5.86 -10.77 -7.23
N PHE A 73 -6.48 -11.82 -7.76
CA PHE A 73 -5.81 -13.10 -7.96
C PHE A 73 -5.57 -13.31 -9.45
N SER A 74 -5.53 -12.20 -10.19
CA SER A 74 -5.33 -12.24 -11.63
C SER A 74 -3.97 -12.86 -11.97
N TRP A 75 -2.99 -12.64 -11.12
CA TRP A 75 -1.67 -13.22 -11.31
C TRP A 75 -1.63 -14.64 -10.76
N GLY B 1 -19.85 -6.33 -4.35
CA GLY B 1 -18.72 -6.72 -5.18
C GLY B 1 -18.07 -8.01 -4.70
N ALA B 2 -17.58 -8.00 -3.48
CA ALA B 2 -16.95 -9.17 -2.90
C ALA B 2 -17.22 -9.23 -1.40
N ASP B 3 -17.15 -10.43 -0.83
CA ASP B 3 -17.31 -10.59 0.61
C ASP B 3 -16.75 -11.93 1.07
N ASP B 4 -15.97 -11.87 2.12
CA ASP B 4 -15.44 -13.05 2.80
C ASP B 4 -15.19 -12.67 4.24
N ASP B 5 -15.27 -13.62 5.15
CA ASP B 5 -15.16 -13.30 6.58
C ASP B 5 -13.79 -12.69 6.88
N ALA B 6 -13.82 -11.52 7.52
CA ALA B 6 -12.61 -10.74 7.77
C ALA B 6 -11.60 -11.51 8.61
N PRO B 7 -10.40 -11.76 8.05
CA PRO B 7 -9.32 -12.46 8.75
C PRO B 7 -8.67 -11.59 9.82
N SER B 8 -7.73 -12.18 10.54
CA SER B 8 -7.02 -11.47 11.59
C SER B 8 -6.06 -10.43 11.01
N GLY B 9 -5.72 -9.43 11.81
CA GLY B 9 -4.89 -8.34 11.35
C GLY B 9 -5.70 -7.06 11.29
N GLU B 10 -6.90 -7.19 10.72
CA GLU B 10 -7.95 -6.16 10.73
C GLU B 10 -7.40 -4.74 10.51
N PRO B 11 -7.19 -4.39 9.25
CA PRO B 11 -6.71 -3.07 8.87
C PRO B 11 -7.87 -2.10 8.63
N ASP B 12 -7.84 -0.98 9.33
CA ASP B 12 -8.89 0.01 9.21
C ASP B 12 -8.30 1.36 8.82
N VAL B 13 -8.84 1.94 7.77
CA VAL B 13 -8.35 3.21 7.27
C VAL B 13 -8.86 4.35 8.13
N THR B 14 -7.95 5.18 8.59
CA THR B 14 -8.29 6.33 9.39
C THR B 14 -8.74 7.46 8.48
N ILE B 15 -10.05 7.66 8.40
CA ILE B 15 -10.62 8.63 7.49
C ILE B 15 -10.76 9.97 8.18
N ARG B 16 -9.87 10.88 7.86
CA ARG B 16 -9.90 12.22 8.42
C ARG B 16 -9.92 13.23 7.28
N GLN B 17 -9.97 14.50 7.62
CA GLN B 17 -10.03 15.53 6.59
C GLN B 17 -9.16 16.72 6.90
N GLU B 18 -8.84 17.42 5.85
CA GLU B 18 -8.41 18.78 5.91
C GLU B 18 -9.15 19.54 4.81
N GLY B 19 -9.06 20.84 4.85
CA GLY B 19 -9.71 21.70 3.86
C GLY B 19 -9.62 21.20 2.43
N ASP B 20 -10.75 20.71 1.91
CA ASP B 20 -10.87 20.24 0.52
C ASP B 20 -9.95 19.07 0.22
N LYS B 21 -9.57 18.32 1.23
CA LYS B 21 -8.79 17.11 1.02
C LYS B 21 -9.12 16.05 2.07
N THR B 22 -9.69 14.95 1.61
CA THR B 22 -9.97 13.81 2.47
C THR B 22 -8.69 13.01 2.66
N ILE B 23 -8.20 12.92 3.88
CA ILE B 23 -6.94 12.25 4.16
C ILE B 23 -7.19 10.90 4.81
N GLN B 24 -6.94 9.85 4.06
CA GLN B 24 -7.21 8.49 4.51
C GLN B 24 -5.91 7.81 4.93
N GLU B 25 -5.75 7.60 6.23
CA GLU B 25 -4.58 6.93 6.77
C GLU B 25 -4.81 5.43 6.82
N TYR B 26 -4.29 4.73 5.82
CA TYR B 26 -4.42 3.28 5.76
C TYR B 26 -3.55 2.63 6.82
N ARG B 27 -4.19 1.99 7.77
CA ARG B 27 -3.50 1.43 8.93
C ARG B 27 -3.99 0.02 9.22
N VAL B 28 -3.06 -0.89 9.39
CA VAL B 28 -3.41 -2.22 9.84
C VAL B 28 -3.49 -2.24 11.38
N ASN B 29 -2.89 -3.20 12.03
CA ASN B 29 -2.95 -3.32 13.48
C ASN B 29 -1.95 -2.38 14.14
N GLY B 30 -2.19 -1.08 13.98
CA GLY B 30 -1.39 -0.09 14.67
C GLY B 30 -0.19 0.37 13.87
N PHE B 31 -0.27 0.28 12.55
CA PHE B 31 0.81 0.78 11.70
C PHE B 31 0.27 1.45 10.44
N LEU B 32 0.70 2.68 10.22
CA LEU B 32 0.35 3.43 9.01
C LEU B 32 1.20 2.91 7.84
N TYR B 33 0.55 2.36 6.83
CA TYR B 33 1.29 1.81 5.69
C TYR B 33 0.96 2.51 4.38
N ALA B 34 -0.03 3.40 4.40
CA ALA B 34 -0.40 4.15 3.20
C ALA B 34 -1.26 5.36 3.56
N ILE B 35 -1.06 6.45 2.85
CA ILE B 35 -1.90 7.62 3.04
C ILE B 35 -2.54 8.01 1.72
N LYS B 36 -3.87 8.04 1.69
CA LYS B 36 -4.59 8.44 0.50
C LYS B 36 -5.20 9.80 0.70
N VAL B 37 -4.64 10.80 0.06
CA VAL B 37 -5.19 12.15 0.12
C VAL B 37 -6.09 12.35 -1.06
N VAL B 38 -7.29 12.86 -0.82
CA VAL B 38 -8.18 13.25 -1.91
C VAL B 38 -8.40 14.75 -1.89
N PRO B 39 -7.38 15.53 -2.28
CA PRO B 39 -7.50 16.99 -2.36
C PRO B 39 -8.13 17.44 -3.67
N LYS B 40 -8.96 18.49 -3.57
CA LYS B 40 -9.53 19.13 -4.74
C LYS B 40 -8.42 19.56 -5.69
N HIS B 41 -7.39 20.14 -5.11
CA HIS B 41 -6.31 20.71 -5.89
C HIS B 41 -5.11 19.76 -5.85
N GLY B 42 -5.05 18.88 -6.83
CA GLY B 42 -4.01 17.87 -6.87
C GLY B 42 -4.57 16.50 -7.16
N LYS B 43 -5.83 16.31 -6.77
CA LYS B 43 -6.55 15.04 -6.95
C LYS B 43 -6.00 13.94 -6.03
N PRO B 44 -6.81 12.89 -5.80
CA PRO B 44 -6.44 11.79 -4.90
C PRO B 44 -5.20 11.03 -5.36
N TYR B 45 -4.30 10.77 -4.42
CA TYR B 45 -3.12 9.96 -4.68
C TYR B 45 -2.79 9.09 -3.48
N PHE B 46 -2.25 7.91 -3.75
CA PHE B 46 -1.82 7.01 -2.68
C PHE B 46 -0.34 7.22 -2.38
N LEU B 47 -0.05 7.47 -1.12
CA LEU B 47 1.34 7.54 -0.66
C LEU B 47 1.63 6.32 0.20
N VAL B 48 2.23 5.31 -0.41
CA VAL B 48 2.41 4.02 0.25
C VAL B 48 3.75 3.96 0.97
N ARG B 49 3.76 3.38 2.15
CA ARG B 49 4.97 3.19 2.92
C ARG B 49 5.71 1.96 2.40
N ALA B 50 6.88 2.19 1.82
CA ALA B 50 7.65 1.10 1.22
C ALA B 50 8.26 0.21 2.30
N ASP B 51 8.91 -0.87 1.87
CA ASP B 51 9.53 -1.81 2.78
C ASP B 51 10.76 -1.21 3.45
N GLY B 52 11.02 -1.62 4.68
CA GLY B 52 12.21 -1.20 5.36
C GLY B 52 12.01 0.08 6.14
N SER B 53 12.68 0.17 7.26
CA SER B 53 12.71 1.38 8.07
C SER B 53 13.57 2.47 7.39
N ASP B 54 13.74 2.34 6.08
CA ASP B 54 14.48 3.31 5.27
C ASP B 54 13.82 4.68 5.34
N GLY B 55 12.49 4.68 5.40
CA GLY B 55 11.74 5.92 5.46
C GLY B 55 11.23 6.33 4.10
N ASN B 56 11.22 5.37 3.20
CA ASN B 56 10.84 5.61 1.82
C ASN B 56 9.35 5.38 1.61
N PHE B 57 8.73 6.28 0.84
CA PHE B 57 7.35 6.15 0.44
C PHE B 57 7.26 6.05 -1.06
N ILE B 58 6.21 5.41 -1.56
CA ILE B 58 5.99 5.30 -2.99
C ILE B 58 4.65 5.91 -3.36
N ARG B 59 4.68 6.93 -4.21
CA ARG B 59 3.46 7.60 -4.63
C ARG B 59 2.85 6.84 -5.80
N SER B 60 1.56 6.53 -5.69
CA SER B 60 0.85 5.78 -6.73
C SER B 60 0.88 6.52 -8.07
N ASP B 61 1.17 7.81 -8.02
CA ASP B 61 1.30 8.63 -9.21
C ASP B 61 2.55 8.23 -9.99
N GLN B 62 3.63 7.96 -9.25
CA GLN B 62 4.89 7.55 -9.84
C GLN B 62 5.44 6.34 -9.10
N PRO B 63 5.04 5.14 -9.50
CA PRO B 63 5.46 3.89 -8.83
C PRO B 63 6.94 3.60 -9.04
N ASP B 64 7.54 4.30 -10.00
CA ASP B 64 8.96 4.14 -10.30
C ASP B 64 9.76 5.28 -9.67
N LYS B 65 9.18 5.92 -8.66
CA LYS B 65 9.83 7.04 -7.98
C LYS B 65 9.74 6.87 -6.47
N LEU B 66 10.85 7.13 -5.79
CA LEU B 66 10.88 7.09 -4.33
C LEU B 66 10.55 8.47 -3.79
N ILE B 67 9.71 8.52 -2.79
CA ILE B 67 9.19 9.79 -2.28
C ILE B 67 10.02 10.30 -1.10
N PRO B 68 10.66 11.47 -1.28
CA PRO B 68 11.44 12.13 -0.22
C PRO B 68 10.56 12.74 0.86
N GLN B 69 11.19 13.36 1.85
CA GLN B 69 10.49 13.80 3.05
C GLN B 69 9.67 15.07 2.81
N TRP B 70 10.18 15.98 1.99
CA TRP B 70 9.42 17.19 1.68
C TRP B 70 8.18 16.82 0.86
N GLU B 71 8.24 15.64 0.24
CA GLU B 71 7.18 15.16 -0.61
C GLU B 71 6.13 14.37 0.19
N ILE B 72 6.55 13.79 1.31
CA ILE B 72 5.61 13.08 2.17
C ILE B 72 4.80 14.07 3.00
N PHE B 73 5.30 15.29 3.07
CA PHE B 73 4.57 16.38 3.72
C PHE B 73 4.07 17.36 2.67
N SER B 74 3.70 16.80 1.52
CA SER B 74 3.21 17.59 0.40
C SER B 74 1.87 18.27 0.75
N TRP B 75 1.05 17.58 1.53
CA TRP B 75 -0.26 18.10 1.90
C TRP B 75 -0.17 19.00 3.12
N GLY A 1 18.68 10.26 11.71
CA GLY A 1 18.08 10.35 13.06
C GLY A 1 18.75 9.42 14.04
N ALA A 2 18.32 8.16 14.06
CA ALA A 2 18.91 7.16 14.94
C ALA A 2 19.99 6.39 14.19
N ASP A 3 21.15 6.25 14.82
CA ASP A 3 22.27 5.54 14.20
C ASP A 3 21.88 4.10 13.88
N ASP A 4 21.28 3.43 14.84
CA ASP A 4 20.68 2.12 14.63
C ASP A 4 19.64 1.86 15.70
N ASP A 5 18.53 1.28 15.31
CA ASP A 5 17.43 1.00 16.24
C ASP A 5 16.40 0.09 15.60
N ALA A 6 15.91 -0.88 16.36
CA ALA A 6 14.89 -1.79 15.88
C ALA A 6 13.50 -1.17 16.02
N PRO A 7 12.74 -1.11 14.92
CA PRO A 7 11.39 -0.54 14.92
C PRO A 7 10.33 -1.54 15.39
N SER A 8 9.08 -1.28 15.05
CA SER A 8 8.00 -2.20 15.35
C SER A 8 7.15 -2.44 14.11
N GLY A 9 6.27 -3.42 14.18
CA GLY A 9 5.51 -3.82 13.00
C GLY A 9 6.27 -4.85 12.20
N GLU A 10 7.59 -4.71 12.19
CA GLU A 10 8.51 -5.62 11.51
C GLU A 10 8.18 -5.75 10.03
N PRO A 11 8.27 -4.66 9.27
CA PRO A 11 7.97 -4.67 7.85
C PRO A 11 9.11 -5.26 7.04
N ASP A 12 8.82 -6.31 6.30
CA ASP A 12 9.80 -6.95 5.44
C ASP A 12 9.11 -7.54 4.22
N VAL A 13 9.56 -7.09 3.08
CA VAL A 13 9.02 -7.50 1.81
C VAL A 13 9.62 -8.83 1.37
N THR A 14 8.77 -9.76 1.02
CA THR A 14 9.21 -11.06 0.56
C THR A 14 9.29 -11.06 -0.96
N ILE A 15 10.50 -10.95 -1.46
CA ILE A 15 10.71 -10.93 -2.89
C ILE A 15 10.93 -12.34 -3.41
N ARG A 16 9.90 -12.88 -4.05
CA ARG A 16 9.95 -14.21 -4.62
C ARG A 16 9.63 -14.14 -6.10
N GLN A 17 9.77 -15.26 -6.79
CA GLN A 17 9.53 -15.29 -8.22
C GLN A 17 8.46 -16.30 -8.58
N GLU A 18 7.54 -15.87 -9.42
CA GLU A 18 6.44 -16.71 -9.86
C GLU A 18 6.55 -16.96 -11.35
N GLY A 19 7.33 -17.96 -11.73
CA GLY A 19 7.63 -18.17 -13.12
C GLY A 19 8.74 -17.23 -13.58
N ASP A 20 8.37 -16.21 -14.36
CA ASP A 20 9.34 -15.21 -14.79
C ASP A 20 9.06 -13.87 -14.12
N LYS A 21 7.90 -13.74 -13.51
CA LYS A 21 7.51 -12.47 -12.90
C LYS A 21 7.97 -12.40 -11.45
N THR A 22 8.50 -11.25 -11.07
CA THR A 22 8.95 -11.04 -9.71
C THR A 22 7.78 -10.62 -8.83
N ILE A 23 7.63 -11.27 -7.70
CA ILE A 23 6.56 -10.97 -6.76
C ILE A 23 7.12 -10.46 -5.45
N GLN A 24 6.99 -9.17 -5.21
CA GLN A 24 7.47 -8.58 -3.98
C GLN A 24 6.31 -8.38 -3.01
N GLU A 25 6.21 -9.28 -2.05
CA GLU A 25 5.12 -9.28 -1.10
C GLU A 25 5.44 -8.41 0.11
N TYR A 26 4.91 -7.21 0.13
CA TYR A 26 5.13 -6.28 1.22
C TYR A 26 4.30 -6.69 2.43
N ARG A 27 4.93 -7.34 3.39
CA ARG A 27 4.24 -7.77 4.61
C ARG A 27 4.84 -7.05 5.81
N VAL A 28 3.99 -6.38 6.57
CA VAL A 28 4.44 -5.75 7.79
C VAL A 28 4.36 -6.75 8.96
N ASN A 29 3.26 -6.76 9.70
CA ASN A 29 3.17 -7.64 10.87
C ASN A 29 2.22 -8.80 10.58
N GLY A 30 2.66 -9.70 9.70
CA GLY A 30 1.85 -10.86 9.37
C GLY A 30 0.75 -10.52 8.40
N PHE A 31 0.79 -9.31 7.87
CA PHE A 31 -0.24 -8.82 6.96
C PHE A 31 0.37 -8.30 5.68
N LEU A 32 -0.05 -8.86 4.56
CA LEU A 32 0.34 -8.37 3.25
C LEU A 32 -0.47 -7.13 2.89
N TYR A 33 0.18 -5.99 2.77
CA TYR A 33 -0.54 -4.76 2.51
C TYR A 33 -0.41 -4.33 1.04
N ALA A 34 0.55 -4.93 0.34
CA ALA A 34 0.79 -4.56 -1.05
C ALA A 34 1.70 -5.56 -1.74
N ILE A 35 1.47 -5.76 -3.02
CA ILE A 35 2.33 -6.61 -3.83
C ILE A 35 2.89 -5.83 -5.00
N LYS A 36 4.19 -5.91 -5.22
CA LYS A 36 4.77 -5.37 -6.42
C LYS A 36 5.11 -6.51 -7.37
N VAL A 37 4.26 -6.72 -8.35
CA VAL A 37 4.44 -7.78 -9.31
C VAL A 37 5.09 -7.24 -10.58
N VAL A 38 6.22 -7.82 -10.94
CA VAL A 38 6.97 -7.40 -12.11
C VAL A 38 6.97 -8.50 -13.16
N PRO A 39 5.96 -8.52 -14.04
CA PRO A 39 5.89 -9.47 -15.13
C PRO A 39 6.80 -9.06 -16.27
N LYS A 40 7.45 -10.06 -16.90
CA LYS A 40 8.33 -9.79 -18.03
C LYS A 40 7.59 -9.09 -19.16
N HIS A 41 6.31 -9.42 -19.29
CA HIS A 41 5.47 -8.79 -20.28
C HIS A 41 4.18 -8.33 -19.63
N GLY A 42 4.11 -7.04 -19.32
CA GLY A 42 2.95 -6.50 -18.65
C GLY A 42 3.30 -5.32 -17.77
N LYS A 43 4.60 -5.16 -17.49
CA LYS A 43 5.13 -4.05 -16.69
C LYS A 43 4.80 -4.20 -15.20
N PRO A 44 5.77 -3.84 -14.34
CA PRO A 44 5.59 -3.91 -12.89
C PRO A 44 4.51 -2.96 -12.38
N TYR A 45 3.65 -3.46 -11.51
CA TYR A 45 2.57 -2.66 -10.97
C TYR A 45 2.30 -3.04 -9.52
N PHE A 46 1.72 -2.12 -8.77
CA PHE A 46 1.44 -2.33 -7.36
C PHE A 46 -0.01 -2.73 -7.13
N LEU A 47 -0.23 -3.63 -6.19
CA LEU A 47 -1.56 -3.98 -5.73
C LEU A 47 -1.65 -3.80 -4.22
N VAL A 48 -2.31 -2.73 -3.79
CA VAL A 48 -2.45 -2.42 -2.37
C VAL A 48 -3.76 -3.00 -1.85
N ARG A 49 -3.71 -3.61 -0.67
CA ARG A 49 -4.89 -4.23 -0.09
C ARG A 49 -5.84 -3.19 0.49
N ALA A 50 -7.12 -3.32 0.15
CA ALA A 50 -8.15 -2.42 0.63
C ALA A 50 -8.43 -2.61 2.12
N ASP A 51 -8.99 -1.57 2.73
CA ASP A 51 -9.24 -1.55 4.18
C ASP A 51 -10.49 -2.34 4.54
N GLY A 52 -10.70 -2.53 5.84
CA GLY A 52 -11.93 -3.10 6.34
C GLY A 52 -12.08 -4.57 6.02
N SER A 53 -10.95 -5.23 5.76
CA SER A 53 -10.94 -6.63 5.40
C SER A 53 -11.80 -6.87 4.16
N ASP A 54 -11.85 -5.85 3.30
CA ASP A 54 -12.65 -5.90 2.07
C ASP A 54 -12.24 -7.09 1.20
N GLY A 55 -11.01 -7.09 0.72
CA GLY A 55 -10.53 -8.21 -0.07
C GLY A 55 -9.86 -7.76 -1.34
N ASN A 56 -10.42 -6.74 -1.97
CA ASN A 56 -9.93 -6.27 -3.25
C ASN A 56 -8.55 -5.62 -3.11
N PHE A 57 -7.90 -5.45 -4.25
CA PHE A 57 -6.63 -4.76 -4.31
C PHE A 57 -6.79 -3.46 -5.07
N ILE A 58 -5.93 -2.51 -4.80
CA ILE A 58 -5.95 -1.24 -5.50
C ILE A 58 -4.68 -1.12 -6.33
N ARG A 59 -4.85 -0.98 -7.65
CA ARG A 59 -3.69 -0.96 -8.55
C ARG A 59 -3.09 0.43 -8.60
N SER A 60 -1.78 0.49 -8.82
CA SER A 60 -1.06 1.76 -8.92
C SER A 60 -1.56 2.57 -10.11
N ASP A 61 -2.08 1.88 -11.14
CA ASP A 61 -2.58 2.52 -12.34
C ASP A 61 -3.79 3.40 -12.04
N GLN A 62 -4.55 3.03 -11.02
CA GLN A 62 -5.74 3.77 -10.65
C GLN A 62 -5.99 3.63 -9.16
N PRO A 63 -5.48 4.58 -8.36
CA PRO A 63 -5.57 4.55 -6.89
C PRO A 63 -6.96 4.89 -6.37
N ASP A 64 -7.95 4.85 -7.25
CA ASP A 64 -9.30 5.19 -6.87
C ASP A 64 -10.26 4.08 -7.30
N LYS A 65 -9.71 2.97 -7.77
CA LYS A 65 -10.51 1.87 -8.26
C LYS A 65 -10.24 0.59 -7.51
N LEU A 66 -11.28 -0.21 -7.34
CA LEU A 66 -11.19 -1.49 -6.67
C LEU A 66 -10.93 -2.59 -7.71
N ILE A 67 -9.73 -3.14 -7.70
CA ILE A 67 -9.36 -4.17 -8.65
C ILE A 67 -10.03 -5.49 -8.30
N PRO A 68 -10.86 -6.01 -9.23
CA PRO A 68 -11.63 -7.24 -9.02
C PRO A 68 -10.77 -8.49 -8.97
N GLN A 69 -11.43 -9.62 -8.76
CA GLN A 69 -10.74 -10.87 -8.48
C GLN A 69 -10.10 -11.46 -9.74
N TRP A 70 -10.76 -11.27 -10.88
CA TRP A 70 -10.21 -11.79 -12.13
C TRP A 70 -8.90 -11.11 -12.48
N GLU A 71 -8.71 -9.91 -11.95
CA GLU A 71 -7.54 -9.13 -12.25
C GLU A 71 -6.45 -9.37 -11.22
N ILE A 72 -6.84 -9.72 -10.00
CA ILE A 72 -5.87 -10.03 -8.95
C ILE A 72 -5.33 -11.45 -9.12
N PHE A 73 -6.04 -12.24 -9.90
CA PHE A 73 -5.59 -13.59 -10.25
C PHE A 73 -5.17 -13.63 -11.70
N SER A 74 -4.98 -12.45 -12.29
CA SER A 74 -4.62 -12.34 -13.70
C SER A 74 -3.16 -12.73 -13.90
N TRP A 75 -2.34 -12.52 -12.88
CA TRP A 75 -0.93 -12.89 -12.95
C TRP A 75 -0.72 -14.31 -12.43
N GLY B 1 -16.93 -18.23 4.44
CA GLY B 1 -18.21 -18.30 5.11
C GLY B 1 -18.15 -17.68 6.49
N ALA B 2 -18.15 -16.36 6.54
CA ALA B 2 -18.02 -15.64 7.79
C ALA B 2 -19.37 -15.18 8.30
N ASP B 3 -19.77 -15.68 9.46
CA ASP B 3 -21.02 -15.29 10.09
C ASP B 3 -20.72 -14.31 11.22
N ASP B 4 -19.84 -14.74 12.10
CA ASP B 4 -19.33 -13.90 13.19
C ASP B 4 -17.83 -14.09 13.27
N ASP B 5 -17.27 -14.45 12.12
CA ASP B 5 -15.86 -14.82 12.03
C ASP B 5 -15.00 -13.59 11.80
N ALA B 6 -14.54 -12.99 12.89
CA ALA B 6 -13.74 -11.78 12.81
C ALA B 6 -12.25 -12.12 12.72
N PRO B 7 -11.60 -11.76 11.60
CA PRO B 7 -10.17 -11.99 11.39
C PRO B 7 -9.32 -11.12 12.32
N SER B 8 -8.01 -11.30 12.26
CA SER B 8 -7.10 -10.53 13.10
C SER B 8 -6.34 -9.50 12.28
N GLY B 9 -5.83 -8.49 12.94
CA GLY B 9 -5.13 -7.42 12.26
C GLY B 9 -5.89 -6.12 12.33
N GLU B 10 -7.02 -6.09 11.63
CA GLU B 10 -7.90 -4.91 11.54
C GLU B 10 -7.24 -3.79 10.73
N PRO B 11 -7.25 -3.93 9.41
CA PRO B 11 -6.77 -2.89 8.52
C PRO B 11 -7.83 -1.81 8.30
N ASP B 12 -7.87 -0.85 9.21
CA ASP B 12 -8.86 0.21 9.13
C ASP B 12 -8.27 1.44 8.47
N VAL B 13 -9.12 2.19 7.79
CA VAL B 13 -8.71 3.45 7.23
C VAL B 13 -9.28 4.59 8.05
N THR B 14 -8.39 5.44 8.52
CA THR B 14 -8.79 6.59 9.30
C THR B 14 -9.06 7.75 8.36
N ILE B 15 -10.33 7.99 8.06
CA ILE B 15 -10.71 9.04 7.14
C ILE B 15 -10.90 10.34 7.90
N ARG B 16 -9.96 11.24 7.73
CA ARG B 16 -10.01 12.54 8.37
C ARG B 16 -9.95 13.64 7.33
N GLN B 17 -9.88 14.87 7.79
CA GLN B 17 -9.80 16.02 6.91
C GLN B 17 -8.75 17.00 7.41
N GLU B 18 -7.90 17.46 6.51
CA GLU B 18 -6.94 18.50 6.81
C GLU B 18 -7.29 19.76 6.03
N GLY B 19 -8.23 20.52 6.58
CA GLY B 19 -8.72 21.70 5.88
C GLY B 19 -9.74 21.34 4.83
N ASP B 20 -9.28 21.11 3.61
CA ASP B 20 -10.18 20.72 2.52
C ASP B 20 -9.83 19.35 1.98
N LYS B 21 -8.61 18.90 2.24
CA LYS B 21 -8.15 17.63 1.73
C LYS B 21 -8.52 16.49 2.67
N THR B 22 -9.20 15.49 2.12
CA THR B 22 -9.60 14.32 2.88
C THR B 22 -8.43 13.35 3.01
N ILE B 23 -8.09 13.00 4.24
CA ILE B 23 -6.93 12.16 4.50
C ILE B 23 -7.37 10.78 4.96
N GLN B 24 -7.20 9.79 4.10
CA GLN B 24 -7.56 8.42 4.46
C GLN B 24 -6.31 7.64 4.86
N GLU B 25 -6.11 7.49 6.15
CA GLU B 25 -4.94 6.78 6.67
C GLU B 25 -5.22 5.28 6.77
N TYR B 26 -4.60 4.51 5.89
CA TYR B 26 -4.76 3.06 5.88
C TYR B 26 -3.75 2.41 6.82
N ARG B 27 -4.25 1.81 7.89
CA ARG B 27 -3.40 1.13 8.85
C ARG B 27 -3.74 -0.34 8.88
N VAL B 28 -3.01 -1.09 9.71
CA VAL B 28 -3.34 -2.48 9.94
C VAL B 28 -3.14 -2.85 11.40
N ASN B 29 -1.91 -2.80 11.90
CA ASN B 29 -1.65 -3.15 13.29
C ASN B 29 -0.60 -2.22 13.87
N GLY B 30 -1.01 -1.00 14.16
CA GLY B 30 -0.11 0.00 14.71
C GLY B 30 0.94 0.41 13.71
N PHE B 31 0.61 0.27 12.44
CA PHE B 31 1.51 0.61 11.36
C PHE B 31 0.72 1.15 10.17
N LEU B 32 1.04 2.36 9.78
CA LEU B 32 0.43 2.99 8.61
C LEU B 32 1.10 2.46 7.36
N TYR B 33 0.33 1.90 6.43
CA TYR B 33 0.93 1.32 5.24
C TYR B 33 0.65 2.16 4.00
N ALA B 34 -0.33 3.05 4.09
CA ALA B 34 -0.71 3.88 2.94
C ALA B 34 -1.62 5.02 3.34
N ILE B 35 -1.52 6.14 2.64
CA ILE B 35 -2.42 7.26 2.84
C ILE B 35 -3.07 7.65 1.52
N LYS B 36 -4.39 7.70 1.50
CA LYS B 36 -5.09 8.21 0.33
C LYS B 36 -5.61 9.60 0.65
N VAL B 37 -4.90 10.60 0.17
CA VAL B 37 -5.31 11.97 0.39
C VAL B 37 -6.04 12.51 -0.82
N VAL B 38 -7.16 13.17 -0.57
CA VAL B 38 -7.96 13.79 -1.61
C VAL B 38 -7.81 15.31 -1.54
N PRO B 39 -6.76 15.85 -2.15
CA PRO B 39 -6.51 17.29 -2.13
C PRO B 39 -7.37 18.03 -3.15
N LYS B 40 -7.69 19.27 -2.81
CA LYS B 40 -8.47 20.13 -3.71
C LYS B 40 -7.72 20.34 -5.00
N HIS B 41 -6.40 20.45 -4.90
CA HIS B 41 -5.57 20.70 -6.05
C HIS B 41 -4.51 19.62 -6.17
N GLY B 42 -4.85 18.58 -6.90
CA GLY B 42 -3.97 17.43 -7.03
C GLY B 42 -4.75 16.15 -7.26
N LYS B 43 -5.98 16.12 -6.72
CA LYS B 43 -6.87 14.96 -6.81
C LYS B 43 -6.38 13.79 -5.96
N PRO B 44 -7.30 12.90 -5.55
CA PRO B 44 -7.00 11.77 -4.65
C PRO B 44 -5.91 10.84 -5.19
N TYR B 45 -4.87 10.66 -4.41
CA TYR B 45 -3.76 9.78 -4.79
C TYR B 45 -3.29 8.98 -3.58
N PHE B 46 -2.45 7.98 -3.84
CA PHE B 46 -1.99 7.09 -2.78
C PHE B 46 -0.53 7.32 -2.44
N LEU B 47 -0.22 7.28 -1.15
CA LEU B 47 1.16 7.26 -0.67
C LEU B 47 1.39 5.98 0.11
N VAL B 48 2.05 5.02 -0.53
CA VAL B 48 2.33 3.74 0.10
C VAL B 48 3.63 3.82 0.89
N ARG B 49 3.65 3.24 2.07
CA ARG B 49 4.84 3.22 2.90
C ARG B 49 5.86 2.23 2.38
N ALA B 50 7.09 2.69 2.24
CA ALA B 50 8.19 1.85 1.79
C ALA B 50 8.57 0.85 2.86
N ASP B 51 8.50 -0.43 2.51
CA ASP B 51 8.86 -1.52 3.41
C ASP B 51 10.33 -1.42 3.81
N GLY B 52 10.59 -1.69 5.08
CA GLY B 52 11.96 -1.65 5.59
C GLY B 52 12.49 -0.23 5.76
N SER B 53 12.48 0.53 4.66
CA SER B 53 13.00 1.90 4.67
C SER B 53 12.23 2.77 5.65
N ASP B 54 10.90 2.66 5.60
CA ASP B 54 9.99 3.40 6.49
C ASP B 54 9.95 4.88 6.15
N GLY B 55 11.12 5.48 6.01
CA GLY B 55 11.20 6.90 5.73
C GLY B 55 11.15 7.21 4.24
N ASN B 56 10.16 6.65 3.56
CA ASN B 56 9.97 6.86 2.13
C ASN B 56 8.55 6.46 1.75
N PHE B 57 7.99 7.18 0.80
CA PHE B 57 6.65 6.87 0.32
C PHE B 57 6.68 6.54 -1.17
N ILE B 58 5.76 5.71 -1.59
CA ILE B 58 5.60 5.36 -2.98
C ILE B 58 4.27 5.91 -3.47
N ARG B 59 4.32 6.86 -4.39
CA ARG B 59 3.12 7.54 -4.84
C ARG B 59 2.50 6.77 -6.01
N SER B 60 1.18 6.80 -6.09
CA SER B 60 0.44 6.01 -7.08
C SER B 60 0.83 6.36 -8.52
N ASP B 61 1.10 7.63 -8.78
CA ASP B 61 1.43 8.09 -10.12
C ASP B 61 2.87 7.75 -10.47
N GLN B 62 3.66 7.40 -9.46
CA GLN B 62 5.06 7.12 -9.66
C GLN B 62 5.49 5.90 -8.84
N PRO B 63 5.06 4.69 -9.27
CA PRO B 63 5.40 3.45 -8.57
C PRO B 63 6.75 2.90 -9.05
N ASP B 64 7.35 3.62 -10.00
CA ASP B 64 8.63 3.24 -10.58
C ASP B 64 9.76 3.90 -9.80
N LYS B 65 9.40 4.94 -9.08
CA LYS B 65 10.37 5.76 -8.36
C LYS B 65 10.07 5.80 -6.88
N LEU B 66 11.08 6.13 -6.11
CA LEU B 66 10.91 6.36 -4.68
C LEU B 66 10.73 7.85 -4.47
N ILE B 67 9.75 8.22 -3.66
CA ILE B 67 9.37 9.62 -3.55
C ILE B 67 10.25 10.34 -2.53
N PRO B 68 10.89 11.45 -2.95
CA PRO B 68 11.79 12.21 -2.09
C PRO B 68 11.05 12.91 -0.95
N GLN B 69 11.81 13.50 -0.05
CA GLN B 69 11.25 13.97 1.21
C GLN B 69 10.54 15.30 1.05
N TRP B 70 10.79 16.00 -0.05
CA TRP B 70 10.08 17.23 -0.32
C TRP B 70 8.78 16.94 -1.05
N GLU B 71 8.59 15.68 -1.45
CA GLU B 71 7.44 15.28 -2.21
C GLU B 71 6.53 14.34 -1.43
N ILE B 72 7.03 13.84 -0.30
CA ILE B 72 6.22 13.00 0.57
C ILE B 72 5.25 13.87 1.38
N PHE B 73 5.54 15.15 1.42
CA PHE B 73 4.65 16.13 2.05
C PHE B 73 4.01 16.98 0.96
N SER B 74 3.66 16.32 -0.14
CA SER B 74 3.10 16.98 -1.32
C SER B 74 1.69 17.50 -1.03
N TRP B 75 1.09 17.03 0.06
CA TRP B 75 -0.22 17.48 0.46
C TRP B 75 -0.12 18.38 1.68
N GLY A 1 17.29 4.71 5.69
CA GLY A 1 18.68 5.08 5.34
C GLY A 1 19.66 4.59 6.36
N ALA A 2 20.65 5.40 6.70
CA ALA A 2 21.61 5.06 7.75
C ALA A 2 21.00 5.32 9.12
N ASP A 3 20.07 4.44 9.50
CA ASP A 3 19.43 4.52 10.80
C ASP A 3 19.68 3.23 11.58
N ASP A 4 20.09 3.38 12.82
CA ASP A 4 20.51 2.24 13.64
C ASP A 4 19.32 1.51 14.26
N ASP A 5 18.56 2.23 15.08
CA ASP A 5 17.46 1.62 15.81
C ASP A 5 16.20 1.56 14.95
N ALA A 6 15.82 0.36 14.59
CA ALA A 6 14.59 0.13 13.84
C ALA A 6 13.42 0.00 14.79
N PRO A 7 12.33 0.72 14.53
CA PRO A 7 11.14 0.71 15.39
C PRO A 7 10.41 -0.63 15.35
N SER A 8 9.50 -0.83 16.30
CA SER A 8 8.68 -2.03 16.32
C SER A 8 7.52 -1.84 15.35
N GLY A 9 7.55 -2.60 14.28
CA GLY A 9 6.70 -2.34 13.15
C GLY A 9 7.57 -1.99 11.96
N GLU A 10 7.73 -2.95 11.07
CA GLU A 10 8.71 -2.86 10.04
C GLU A 10 8.12 -3.43 8.78
N PRO A 11 7.93 -2.58 7.79
CA PRO A 11 7.30 -2.98 6.56
C PRO A 11 8.27 -3.76 5.69
N ASP A 12 8.39 -5.04 6.01
CA ASP A 12 9.31 -5.94 5.34
C ASP A 12 8.65 -6.52 4.11
N VAL A 13 9.44 -6.93 3.15
CA VAL A 13 8.89 -7.47 1.93
C VAL A 13 9.39 -8.90 1.69
N THR A 14 8.44 -9.81 1.55
CA THR A 14 8.76 -11.20 1.26
C THR A 14 8.90 -11.36 -0.24
N ILE A 15 10.14 -11.47 -0.69
CA ILE A 15 10.40 -11.54 -2.12
C ILE A 15 10.43 -12.98 -2.59
N ARG A 16 9.37 -13.39 -3.28
CA ARG A 16 9.28 -14.73 -3.83
C ARG A 16 9.19 -14.66 -5.34
N GLN A 17 9.24 -15.81 -5.99
CA GLN A 17 9.17 -15.87 -7.45
C GLN A 17 8.26 -17.00 -7.90
N GLU A 18 7.24 -16.64 -8.66
CA GLU A 18 6.30 -17.60 -9.20
C GLU A 18 6.52 -17.75 -10.70
N GLY A 19 7.43 -18.65 -11.07
CA GLY A 19 7.75 -18.85 -12.46
C GLY A 19 8.70 -17.78 -12.98
N ASP A 20 8.13 -16.74 -13.58
CA ASP A 20 8.94 -15.66 -14.13
C ASP A 20 8.52 -14.31 -13.55
N LYS A 21 7.72 -14.35 -12.50
CA LYS A 21 7.29 -13.13 -11.84
C LYS A 21 7.78 -13.06 -10.41
N THR A 22 8.61 -12.07 -10.12
CA THR A 22 9.09 -11.84 -8.78
C THR A 22 8.01 -11.13 -7.96
N ILE A 23 7.32 -11.88 -7.12
CA ILE A 23 6.24 -11.34 -6.34
C ILE A 23 6.74 -10.87 -4.99
N GLN A 24 6.83 -9.56 -4.82
CA GLN A 24 7.27 -8.98 -3.57
C GLN A 24 6.09 -8.70 -2.66
N GLU A 25 6.02 -9.47 -1.59
CA GLU A 25 4.91 -9.38 -0.66
C GLU A 25 5.24 -8.44 0.49
N TYR A 26 4.69 -7.24 0.45
CA TYR A 26 4.92 -6.28 1.52
C TYR A 26 4.06 -6.61 2.72
N ARG A 27 4.71 -7.08 3.78
CA ARG A 27 4.03 -7.46 5.02
C ARG A 27 4.69 -6.75 6.19
N VAL A 28 3.90 -6.06 6.99
CA VAL A 28 4.46 -5.31 8.12
C VAL A 28 4.51 -6.18 9.37
N ASN A 29 3.60 -7.13 9.45
CA ASN A 29 3.53 -8.05 10.57
C ASN A 29 2.50 -9.14 10.29
N GLY A 30 2.82 -9.99 9.33
CA GLY A 30 1.93 -11.09 8.99
C GLY A 30 1.00 -10.78 7.84
N PHE A 31 0.50 -9.56 7.77
CA PHE A 31 -0.49 -9.21 6.76
C PHE A 31 0.15 -8.61 5.53
N LEU A 32 -0.29 -9.09 4.39
CA LEU A 32 0.13 -8.56 3.10
C LEU A 32 -0.68 -7.33 2.75
N TYR A 33 -0.04 -6.17 2.71
CA TYR A 33 -0.75 -4.93 2.45
C TYR A 33 -0.44 -4.36 1.07
N ALA A 34 0.48 -5.01 0.36
CA ALA A 34 0.92 -4.50 -0.94
C ALA A 34 1.75 -5.55 -1.67
N ILE A 35 1.49 -5.69 -2.96
CA ILE A 35 2.24 -6.63 -3.78
C ILE A 35 2.96 -5.90 -4.90
N LYS A 36 4.25 -6.12 -4.99
CA LYS A 36 5.01 -5.62 -6.13
C LYS A 36 5.41 -6.80 -7.01
N VAL A 37 4.68 -7.00 -8.09
CA VAL A 37 4.98 -8.10 -8.99
C VAL A 37 5.99 -7.64 -10.01
N VAL A 38 7.05 -8.40 -10.17
CA VAL A 38 8.02 -8.16 -11.23
C VAL A 38 8.02 -9.33 -12.20
N PRO A 39 6.97 -9.45 -13.02
CA PRO A 39 6.90 -10.50 -14.05
C PRO A 39 7.72 -10.16 -15.29
N LYS A 40 8.48 -11.13 -15.76
CA LYS A 40 9.24 -10.98 -16.99
C LYS A 40 8.30 -10.69 -18.16
N HIS A 41 7.11 -11.26 -18.07
CA HIS A 41 6.08 -11.05 -19.07
C HIS A 41 4.90 -10.33 -18.43
N GLY A 42 4.79 -9.04 -18.70
CA GLY A 42 3.73 -8.24 -18.10
C GLY A 42 4.27 -6.97 -17.46
N LYS A 43 5.54 -7.01 -17.08
CA LYS A 43 6.24 -5.87 -16.46
C LYS A 43 5.72 -5.59 -15.05
N PRO A 44 6.61 -5.08 -14.17
CA PRO A 44 6.29 -4.81 -12.77
C PRO A 44 5.15 -3.82 -12.58
N TYR A 45 4.37 -4.05 -11.53
CA TYR A 45 3.30 -3.14 -11.14
C TYR A 45 3.00 -3.30 -9.66
N PHE A 46 2.28 -2.35 -9.09
CA PHE A 46 1.95 -2.41 -7.68
C PHE A 46 0.48 -2.76 -7.49
N LEU A 47 0.22 -3.64 -6.54
CA LEU A 47 -1.14 -4.02 -6.19
C LEU A 47 -1.32 -3.80 -4.69
N VAL A 48 -1.94 -2.68 -4.32
CA VAL A 48 -2.00 -2.27 -2.93
C VAL A 48 -3.32 -2.68 -2.28
N ARG A 49 -3.25 -3.12 -1.03
CA ARG A 49 -4.44 -3.49 -0.26
C ARG A 49 -5.31 -2.28 0.03
N ALA A 50 -6.55 -2.35 -0.40
CA ALA A 50 -7.53 -1.33 -0.07
C ALA A 50 -8.03 -1.57 1.35
N ASP A 51 -8.82 -0.64 1.87
CA ASP A 51 -9.40 -0.80 3.19
C ASP A 51 -10.42 -1.93 3.17
N GLY A 52 -10.24 -2.89 4.06
CA GLY A 52 -11.10 -4.06 4.08
C GLY A 52 -10.40 -5.29 3.54
N SER A 53 -10.40 -6.35 4.32
CA SER A 53 -9.71 -7.58 3.95
C SER A 53 -10.63 -8.48 3.13
N ASP A 54 -11.63 -7.85 2.51
CA ASP A 54 -12.57 -8.55 1.65
C ASP A 54 -11.83 -9.25 0.51
N GLY A 55 -11.14 -8.45 -0.29
CA GLY A 55 -10.40 -9.00 -1.41
C GLY A 55 -10.16 -7.97 -2.49
N ASN A 56 -10.22 -6.70 -2.12
CA ASN A 56 -10.07 -5.63 -3.09
C ASN A 56 -8.69 -5.01 -3.01
N PHE A 57 -8.10 -4.75 -4.18
CA PHE A 57 -6.80 -4.11 -4.25
C PHE A 57 -6.87 -2.84 -5.10
N ILE A 58 -5.77 -2.11 -5.16
CA ILE A 58 -5.64 -0.98 -6.06
C ILE A 58 -4.41 -1.19 -6.94
N ARG A 59 -4.62 -1.20 -8.25
CA ARG A 59 -3.55 -1.48 -9.19
C ARG A 59 -2.90 -0.18 -9.67
N SER A 60 -1.57 -0.15 -9.65
CA SER A 60 -0.82 1.04 -10.05
C SER A 60 -1.07 1.39 -11.52
N ASP A 61 -1.48 0.39 -12.29
CA ASP A 61 -1.79 0.57 -13.70
C ASP A 61 -2.99 1.51 -13.85
N GLN A 62 -4.03 1.26 -13.06
CA GLN A 62 -5.23 2.08 -13.07
C GLN A 62 -5.61 2.43 -11.63
N PRO A 63 -4.98 3.48 -11.07
CA PRO A 63 -5.19 3.90 -9.67
C PRO A 63 -6.50 4.64 -9.48
N ASP A 64 -7.49 4.28 -10.29
CA ASP A 64 -8.80 4.93 -10.27
C ASP A 64 -9.88 3.92 -9.95
N LYS A 65 -9.74 2.72 -10.50
CA LYS A 65 -10.72 1.67 -10.28
C LYS A 65 -10.23 0.73 -9.18
N LEU A 66 -11.17 0.00 -8.61
CA LEU A 66 -10.86 -0.95 -7.57
C LEU A 66 -10.63 -2.32 -8.19
N ILE A 67 -9.64 -3.03 -7.67
CA ILE A 67 -9.27 -4.33 -8.23
C ILE A 67 -9.92 -5.46 -7.45
N PRO A 68 -10.90 -6.13 -8.08
CA PRO A 68 -11.59 -7.28 -7.51
C PRO A 68 -10.80 -8.57 -7.68
N GLN A 69 -11.37 -9.68 -7.26
CA GLN A 69 -10.62 -10.94 -7.20
C GLN A 69 -10.28 -11.47 -8.59
N TRP A 70 -11.18 -11.37 -9.54
CA TRP A 70 -10.92 -11.89 -10.88
C TRP A 70 -9.76 -11.14 -11.54
N GLU A 71 -9.45 -9.97 -11.00
CA GLU A 71 -8.37 -9.15 -11.52
C GLU A 71 -7.06 -9.40 -10.76
N ILE A 72 -7.15 -10.00 -9.56
CA ILE A 72 -5.97 -10.23 -8.75
C ILE A 72 -5.23 -11.51 -9.16
N PHE A 73 -5.98 -12.54 -9.55
CA PHE A 73 -5.36 -13.79 -9.97
C PHE A 73 -5.13 -13.78 -11.48
N SER A 74 -4.98 -12.59 -12.03
CA SER A 74 -4.76 -12.42 -13.46
C SER A 74 -3.30 -12.71 -13.83
N TRP A 75 -2.53 -13.22 -12.88
CA TRP A 75 -1.15 -13.59 -13.11
C TRP A 75 -1.04 -14.76 -14.09
N GLY B 1 -15.77 -8.40 6.72
CA GLY B 1 -16.68 -7.27 6.58
C GLY B 1 -18.10 -7.63 6.94
N ALA B 2 -18.59 -8.70 6.34
CA ALA B 2 -19.94 -9.18 6.63
C ALA B 2 -19.88 -10.41 7.53
N ASP B 3 -18.67 -10.81 7.87
CA ASP B 3 -18.46 -11.99 8.71
C ASP B 3 -18.47 -11.59 10.18
N ASP B 4 -18.53 -12.59 11.05
CA ASP B 4 -18.53 -12.35 12.49
C ASP B 4 -17.11 -12.13 13.00
N ASP B 5 -16.22 -13.02 12.60
CA ASP B 5 -14.82 -12.96 13.04
C ASP B 5 -13.91 -12.66 11.85
N ALA B 6 -12.99 -11.75 12.06
CA ALA B 6 -12.02 -11.40 11.04
C ALA B 6 -10.61 -11.65 11.56
N PRO B 7 -9.79 -12.40 10.78
CA PRO B 7 -8.42 -12.71 11.16
C PRO B 7 -7.61 -11.46 11.51
N SER B 8 -6.72 -11.60 12.48
CA SER B 8 -5.90 -10.49 12.94
C SER B 8 -5.07 -9.94 11.78
N GLY B 9 -5.35 -8.70 11.41
CA GLY B 9 -4.79 -8.13 10.21
C GLY B 9 -5.88 -7.65 9.29
N GLU B 10 -6.88 -7.01 9.87
CA GLU B 10 -8.02 -6.50 9.12
C GLU B 10 -7.91 -4.99 9.01
N PRO B 11 -7.45 -4.51 7.87
CA PRO B 11 -7.09 -3.12 7.70
C PRO B 11 -8.29 -2.22 7.46
N ASP B 12 -8.43 -1.25 8.36
CA ASP B 12 -9.45 -0.24 8.23
C ASP B 12 -8.78 1.12 8.22
N VAL B 13 -9.30 2.05 7.45
CA VAL B 13 -8.64 3.31 7.26
C VAL B 13 -9.12 4.36 8.25
N THR B 14 -8.15 5.04 8.86
CA THR B 14 -8.43 6.13 9.76
C THR B 14 -8.65 7.41 8.94
N ILE B 15 -9.90 7.81 8.80
CA ILE B 15 -10.21 8.96 7.97
C ILE B 15 -10.15 10.24 8.77
N ARG B 16 -9.10 11.00 8.57
CA ARG B 16 -8.96 12.31 9.18
C ARG B 16 -9.12 13.39 8.13
N GLN B 17 -9.26 14.63 8.57
CA GLN B 17 -9.36 15.74 7.64
C GLN B 17 -8.58 16.94 8.18
N GLU B 18 -7.51 17.27 7.48
CA GLU B 18 -6.64 18.37 7.87
C GLU B 18 -6.81 19.54 6.91
N GLY B 19 -7.80 20.38 7.18
CA GLY B 19 -8.05 21.50 6.30
C GLY B 19 -9.00 21.13 5.19
N ASP B 20 -8.50 21.11 3.96
CA ASP B 20 -9.30 20.70 2.81
C ASP B 20 -8.72 19.45 2.20
N LYS B 21 -7.99 18.70 2.99
CA LYS B 21 -7.43 17.43 2.54
C LYS B 21 -7.80 16.32 3.50
N THR B 22 -8.57 15.38 3.02
CA THR B 22 -8.96 14.22 3.81
C THR B 22 -7.79 13.25 3.89
N ILE B 23 -7.25 13.09 5.07
CA ILE B 23 -6.10 12.24 5.30
C ILE B 23 -6.57 10.84 5.70
N GLN B 24 -6.53 9.92 4.76
CA GLN B 24 -6.95 8.57 5.04
C GLN B 24 -5.75 7.70 5.42
N GLU B 25 -5.62 7.45 6.71
CA GLU B 25 -4.52 6.65 7.23
C GLU B 25 -4.85 5.17 7.16
N TYR B 26 -4.29 4.49 6.17
CA TYR B 26 -4.51 3.07 6.03
C TYR B 26 -3.63 2.30 7.02
N ARG B 27 -4.27 1.77 8.05
CA ARG B 27 -3.58 1.05 9.09
C ARG B 27 -4.19 -0.34 9.23
N VAL B 28 -3.34 -1.35 9.32
CA VAL B 28 -3.81 -2.73 9.38
C VAL B 28 -3.91 -3.23 10.82
N ASN B 29 -3.04 -2.71 11.67
CA ASN B 29 -2.98 -3.16 13.05
C ASN B 29 -2.26 -2.09 13.88
N GLY B 30 -2.66 -0.84 13.66
CA GLY B 30 -2.02 0.27 14.34
C GLY B 30 -0.93 0.90 13.49
N PHE B 31 -0.28 0.09 12.68
CA PHE B 31 0.82 0.57 11.85
C PHE B 31 0.30 1.12 10.53
N LEU B 32 0.79 2.29 10.17
CA LEU B 32 0.41 2.95 8.93
C LEU B 32 1.21 2.40 7.76
N TYR B 33 0.52 1.85 6.76
CA TYR B 33 1.21 1.29 5.61
C TYR B 33 0.98 2.12 4.35
N ALA B 34 0.06 3.07 4.42
CA ALA B 34 -0.27 3.92 3.27
C ALA B 34 -1.16 5.07 3.67
N ILE B 35 -1.02 6.19 2.99
CA ILE B 35 -1.86 7.35 3.25
C ILE B 35 -2.58 7.76 1.97
N LYS B 36 -3.88 7.86 2.05
CA LYS B 36 -4.67 8.38 0.95
C LYS B 36 -5.06 9.80 1.24
N VAL B 37 -4.38 10.75 0.63
CA VAL B 37 -4.71 12.14 0.82
C VAL B 37 -5.78 12.53 -0.17
N VAL B 38 -6.84 13.14 0.31
CA VAL B 38 -7.87 13.66 -0.56
C VAL B 38 -7.94 15.18 -0.45
N PRO B 39 -6.93 15.89 -0.98
CA PRO B 39 -6.92 17.35 -0.97
C PRO B 39 -7.84 17.92 -2.04
N LYS B 40 -8.68 18.85 -1.61
CA LYS B 40 -9.61 19.52 -2.52
C LYS B 40 -8.83 20.34 -3.54
N HIS B 41 -7.64 20.76 -3.14
CA HIS B 41 -6.76 21.49 -4.02
C HIS B 41 -5.51 20.64 -4.28
N GLY B 42 -5.59 19.77 -5.27
CA GLY B 42 -4.49 18.89 -5.57
C GLY B 42 -4.95 17.49 -5.96
N LYS B 43 -6.22 17.20 -5.69
CA LYS B 43 -6.84 15.90 -6.03
C LYS B 43 -6.30 14.77 -5.17
N PRO B 44 -7.14 13.75 -4.90
CA PRO B 44 -6.77 12.61 -4.05
C PRO B 44 -5.75 11.69 -4.71
N TYR B 45 -4.84 11.17 -3.90
CA TYR B 45 -3.83 10.23 -4.37
C TYR B 45 -3.42 9.28 -3.25
N PHE B 46 -2.94 8.11 -3.63
CA PHE B 46 -2.46 7.14 -2.65
C PHE B 46 -0.95 7.26 -2.50
N LEU B 47 -0.49 7.33 -1.28
CA LEU B 47 0.93 7.38 -0.99
C LEU B 47 1.31 6.15 -0.17
N VAL B 48 1.84 5.14 -0.83
CA VAL B 48 2.15 3.86 -0.20
C VAL B 48 3.52 3.91 0.48
N ARG B 49 3.59 3.40 1.70
CA ARG B 49 4.82 3.43 2.48
C ARG B 49 5.72 2.27 2.06
N ALA B 50 6.91 2.59 1.57
CA ALA B 50 7.81 1.58 1.03
C ALA B 50 8.45 0.76 2.14
N ASP B 51 9.07 -0.36 1.74
CA ASP B 51 9.66 -1.31 2.66
C ASP B 51 10.87 -0.74 3.37
N GLY B 52 11.18 -1.33 4.52
CA GLY B 52 12.39 -0.99 5.24
C GLY B 52 12.26 0.27 6.08
N SER B 53 11.14 0.99 5.91
CA SER B 53 10.91 2.24 6.62
C SER B 53 12.01 3.25 6.29
N ASP B 54 12.54 3.14 5.08
CA ASP B 54 13.64 4.00 4.64
C ASP B 54 13.21 5.46 4.55
N GLY B 55 11.92 5.69 4.36
CA GLY B 55 11.44 7.04 4.16
C GLY B 55 11.07 7.28 2.72
N ASN B 56 10.75 6.20 2.04
CA ASN B 56 10.36 6.26 0.64
C ASN B 56 8.89 5.89 0.50
N PHE B 57 8.22 6.54 -0.43
CA PHE B 57 6.82 6.29 -0.67
C PHE B 57 6.57 6.07 -2.15
N ILE B 58 5.58 5.26 -2.47
CA ILE B 58 5.20 5.04 -3.85
C ILE B 58 3.82 5.63 -4.10
N ARG B 59 3.77 6.61 -4.97
CA ARG B 59 2.54 7.34 -5.25
C ARG B 59 1.73 6.61 -6.31
N SER B 60 0.42 6.48 -6.09
CA SER B 60 -0.46 5.82 -7.05
C SER B 60 -0.43 6.55 -8.39
N ASP B 61 -0.26 7.86 -8.31
CA ASP B 61 -0.18 8.72 -9.49
C ASP B 61 1.19 8.60 -10.16
N GLN B 62 2.19 8.19 -9.38
CA GLN B 62 3.56 8.14 -9.86
C GLN B 62 4.26 6.88 -9.32
N PRO B 63 3.87 5.69 -9.81
CA PRO B 63 4.44 4.42 -9.32
C PRO B 63 5.86 4.22 -9.81
N ASP B 64 6.24 4.99 -10.82
CA ASP B 64 7.59 4.96 -11.35
C ASP B 64 8.47 5.95 -10.60
N LYS B 65 7.85 6.73 -9.73
CA LYS B 65 8.55 7.75 -8.98
C LYS B 65 8.62 7.38 -7.52
N LEU B 66 9.83 7.34 -7.00
CA LEU B 66 10.05 7.06 -5.60
C LEU B 66 10.03 8.38 -4.83
N ILE B 67 9.08 8.50 -3.92
CA ILE B 67 8.84 9.77 -3.24
C ILE B 67 9.86 10.01 -2.14
N PRO B 68 10.62 11.12 -2.26
CA PRO B 68 11.63 11.50 -1.27
C PRO B 68 11.00 12.04 0.00
N GLN B 69 11.84 12.36 0.97
CA GLN B 69 11.33 12.73 2.29
C GLN B 69 10.94 14.20 2.36
N TRP B 70 11.09 14.92 1.25
CA TRP B 70 10.65 16.31 1.20
C TRP B 70 9.30 16.42 0.49
N GLU B 71 8.95 15.40 -0.28
CA GLU B 71 7.71 15.40 -1.05
C GLU B 71 6.59 14.73 -0.28
N ILE B 72 6.94 14.07 0.81
CA ILE B 72 5.97 13.35 1.63
C ILE B 72 4.99 14.33 2.30
N PHE B 73 5.45 15.54 2.57
CA PHE B 73 4.60 16.55 3.17
C PHE B 73 4.25 17.63 2.15
N SER B 74 3.90 17.18 0.95
CA SER B 74 3.49 18.06 -0.14
C SER B 74 2.03 18.49 0.06
N TRP B 75 1.58 18.42 1.30
CA TRP B 75 0.22 18.73 1.69
C TRP B 75 -0.06 20.22 1.54
N GLY A 1 31.06 1.55 10.80
CA GLY A 1 29.94 0.95 11.57
C GLY A 1 28.59 1.28 10.95
N ALA A 2 27.52 0.80 11.57
CA ALA A 2 26.17 1.02 11.08
C ALA A 2 25.16 0.97 12.21
N ASP A 3 24.82 2.12 12.76
CA ASP A 3 23.83 2.17 13.83
C ASP A 3 22.46 2.49 13.24
N ASP A 4 21.87 1.49 12.62
CA ASP A 4 20.59 1.64 11.93
C ASP A 4 19.53 0.77 12.58
N ASP A 5 18.54 1.40 13.22
CA ASP A 5 17.49 0.65 13.89
C ASP A 5 16.20 0.68 13.06
N ALA A 6 15.36 -0.31 13.26
CA ALA A 6 14.10 -0.41 12.53
C ALA A 6 12.94 0.09 13.39
N PRO A 7 12.11 0.97 12.84
CA PRO A 7 10.97 1.54 13.56
C PRO A 7 9.87 0.51 13.83
N SER A 8 8.88 0.88 14.63
CA SER A 8 7.75 0.01 14.91
C SER A 8 6.96 -0.21 13.63
N GLY A 9 6.44 -1.42 13.46
CA GLY A 9 5.78 -1.75 12.20
C GLY A 9 6.81 -1.96 11.11
N GLU A 10 7.51 -3.07 11.19
CA GLU A 10 8.61 -3.35 10.27
C GLU A 10 8.13 -4.23 9.12
N PRO A 11 7.84 -3.61 7.97
CA PRO A 11 7.32 -4.30 6.81
C PRO A 11 8.41 -4.74 5.85
N ASP A 12 8.84 -5.98 5.98
CA ASP A 12 9.83 -6.52 5.07
C ASP A 12 9.11 -7.10 3.86
N VAL A 13 9.75 -7.01 2.72
CA VAL A 13 9.16 -7.53 1.51
C VAL A 13 9.57 -8.99 1.30
N THR A 14 8.58 -9.84 1.21
CA THR A 14 8.81 -11.26 1.00
C THR A 14 9.00 -11.51 -0.49
N ILE A 15 10.25 -11.69 -0.88
CA ILE A 15 10.57 -11.85 -2.28
C ILE A 15 10.39 -13.29 -2.71
N ARG A 16 9.30 -13.54 -3.41
CA ARG A 16 9.03 -14.87 -3.94
C ARG A 16 9.21 -14.86 -5.44
N GLN A 17 9.37 -16.01 -6.03
CA GLN A 17 9.48 -16.13 -7.47
C GLN A 17 8.68 -17.31 -7.96
N GLU A 18 7.48 -17.02 -8.44
CA GLU A 18 6.57 -18.05 -8.89
C GLU A 18 6.72 -18.23 -10.40
N GLY A 19 7.50 -19.23 -10.78
CA GLY A 19 7.75 -19.46 -12.20
C GLY A 19 8.62 -18.40 -12.81
N ASP A 20 8.01 -17.48 -13.54
CA ASP A 20 8.76 -16.42 -14.20
C ASP A 20 8.30 -15.05 -13.73
N LYS A 21 7.86 -14.96 -12.49
CA LYS A 21 7.51 -13.66 -11.93
C LYS A 21 7.87 -13.57 -10.47
N THR A 22 8.59 -12.51 -10.14
CA THR A 22 8.98 -12.23 -8.78
C THR A 22 7.83 -11.55 -8.04
N ILE A 23 7.19 -12.29 -7.16
CA ILE A 23 6.09 -11.75 -6.37
C ILE A 23 6.62 -11.26 -5.03
N GLN A 24 6.73 -9.96 -4.90
CA GLN A 24 7.27 -9.36 -3.69
C GLN A 24 6.15 -8.96 -2.75
N GLU A 25 6.00 -9.72 -1.67
CA GLU A 25 4.93 -9.50 -0.71
C GLU A 25 5.37 -8.54 0.39
N TYR A 26 4.90 -7.32 0.33
CA TYR A 26 5.19 -6.35 1.38
C TYR A 26 4.31 -6.64 2.59
N ARG A 27 4.89 -7.24 3.62
CA ARG A 27 4.15 -7.63 4.80
C ARG A 27 4.72 -6.94 6.03
N VAL A 28 3.86 -6.28 6.79
CA VAL A 28 4.30 -5.60 8.00
C VAL A 28 4.16 -6.49 9.23
N ASN A 29 2.93 -6.81 9.60
CA ASN A 29 2.67 -7.66 10.75
C ASN A 29 1.65 -8.73 10.40
N GLY A 30 2.11 -9.76 9.69
CA GLY A 30 1.23 -10.86 9.30
C GLY A 30 0.20 -10.45 8.27
N PHE A 31 0.39 -9.28 7.68
CA PHE A 31 -0.59 -8.74 6.75
C PHE A 31 0.07 -8.31 5.45
N LEU A 32 -0.48 -8.79 4.34
CA LEU A 32 -0.05 -8.36 3.03
C LEU A 32 -0.81 -7.10 2.63
N TYR A 33 -0.10 -6.00 2.45
CA TYR A 33 -0.75 -4.74 2.08
C TYR A 33 -0.40 -4.32 0.66
N ALA A 34 0.68 -4.86 0.12
CA ALA A 34 1.11 -4.52 -1.23
C ALA A 34 1.97 -5.63 -1.83
N ILE A 35 1.77 -5.88 -3.10
CA ILE A 35 2.56 -6.87 -3.83
C ILE A 35 3.22 -6.24 -5.05
N LYS A 36 4.54 -6.38 -5.15
CA LYS A 36 5.23 -6.00 -6.36
C LYS A 36 5.58 -7.25 -7.15
N VAL A 37 4.81 -7.50 -8.19
CA VAL A 37 5.03 -8.67 -9.03
C VAL A 37 5.73 -8.27 -10.30
N VAL A 38 6.91 -8.86 -10.50
CA VAL A 38 7.71 -8.58 -11.68
C VAL A 38 7.73 -9.80 -12.60
N PRO A 39 6.77 -9.88 -13.54
CA PRO A 39 6.71 -10.97 -14.50
C PRO A 39 7.69 -10.79 -15.64
N LYS A 40 8.37 -11.85 -16.00
CA LYS A 40 9.26 -11.87 -17.15
C LYS A 40 8.45 -11.62 -18.42
N HIS A 41 7.25 -12.18 -18.43
CA HIS A 41 6.33 -12.00 -19.54
C HIS A 41 5.35 -10.89 -19.20
N GLY A 42 5.67 -9.67 -19.58
CA GLY A 42 4.84 -8.54 -19.24
C GLY A 42 5.64 -7.45 -18.55
N LYS A 43 4.99 -6.67 -17.70
CA LYS A 43 5.67 -5.60 -16.98
C LYS A 43 5.37 -5.70 -15.48
N PRO A 44 6.35 -5.36 -14.64
CA PRO A 44 6.19 -5.36 -13.18
C PRO A 44 5.20 -4.31 -12.73
N TYR A 45 4.23 -4.72 -11.92
CA TYR A 45 3.20 -3.81 -11.46
C TYR A 45 2.99 -3.98 -9.95
N PHE A 46 2.46 -2.94 -9.32
CA PHE A 46 2.16 -2.99 -7.91
C PHE A 46 0.70 -3.34 -7.71
N LEU A 47 0.45 -4.29 -6.82
CA LEU A 47 -0.89 -4.72 -6.49
C LEU A 47 -1.16 -4.38 -5.03
N VAL A 48 -1.76 -3.23 -4.79
CA VAL A 48 -2.00 -2.74 -3.44
C VAL A 48 -3.31 -3.27 -2.88
N ARG A 49 -3.30 -3.67 -1.62
CA ARG A 49 -4.47 -4.25 -0.98
C ARG A 49 -5.17 -3.20 -0.12
N ALA A 50 -6.44 -2.94 -0.42
CA ALA A 50 -7.18 -1.86 0.23
C ALA A 50 -7.62 -2.24 1.64
N ASP A 51 -8.16 -1.25 2.37
CA ASP A 51 -8.55 -1.44 3.76
C ASP A 51 -9.81 -2.30 3.86
N GLY A 52 -10.10 -2.74 5.09
CA GLY A 52 -11.30 -3.54 5.32
C GLY A 52 -11.11 -4.99 4.97
N SER A 53 -10.07 -5.29 4.19
CA SER A 53 -9.79 -6.66 3.74
C SER A 53 -10.95 -7.17 2.88
N ASP A 54 -11.58 -6.26 2.15
CA ASP A 54 -12.71 -6.61 1.29
C ASP A 54 -12.34 -7.71 0.29
N GLY A 55 -11.15 -7.60 -0.27
CA GLY A 55 -10.72 -8.54 -1.27
C GLY A 55 -10.45 -7.87 -2.59
N ASN A 56 -10.11 -6.59 -2.51
CA ASN A 56 -9.87 -5.79 -3.69
C ASN A 56 -8.45 -5.26 -3.70
N PHE A 57 -7.89 -5.13 -4.89
CA PHE A 57 -6.53 -4.66 -5.04
C PHE A 57 -6.47 -3.50 -6.02
N ILE A 58 -5.46 -2.66 -5.88
CA ILE A 58 -5.24 -1.54 -6.78
C ILE A 58 -3.97 -1.76 -7.57
N ARG A 59 -4.09 -1.75 -8.89
CA ARG A 59 -2.94 -1.93 -9.76
C ARG A 59 -2.25 -0.59 -10.01
N SER A 60 -0.93 -0.62 -10.12
CA SER A 60 -0.20 0.53 -10.64
C SER A 60 -0.37 0.56 -12.15
N ASP A 61 -0.70 -0.61 -12.69
CA ASP A 61 -1.06 -0.77 -14.10
C ASP A 61 -2.25 0.13 -14.44
N GLN A 62 -3.28 0.04 -13.60
CA GLN A 62 -4.48 0.84 -13.75
C GLN A 62 -5.03 1.23 -12.38
N PRO A 63 -4.54 2.34 -11.81
CA PRO A 63 -4.99 2.82 -10.49
C PRO A 63 -6.32 3.55 -10.57
N ASP A 64 -6.99 3.41 -11.70
CA ASP A 64 -8.26 4.06 -11.94
C ASP A 64 -9.40 3.24 -11.34
N LYS A 65 -9.23 1.92 -11.31
CA LYS A 65 -10.26 1.02 -10.83
C LYS A 65 -9.75 0.11 -9.74
N LEU A 66 -10.64 -0.71 -9.23
CA LEU A 66 -10.31 -1.69 -8.21
C LEU A 66 -10.40 -3.08 -8.80
N ILE A 67 -9.45 -3.92 -8.46
CA ILE A 67 -9.45 -5.30 -8.94
C ILE A 67 -10.47 -6.13 -8.16
N PRO A 68 -11.40 -6.79 -8.88
CA PRO A 68 -12.45 -7.59 -8.26
C PRO A 68 -11.93 -8.82 -7.56
N GLN A 69 -12.83 -9.52 -6.87
CA GLN A 69 -12.44 -10.57 -5.95
C GLN A 69 -12.32 -11.92 -6.65
N TRP A 70 -12.60 -11.96 -7.95
CA TRP A 70 -12.37 -13.17 -8.71
C TRP A 70 -11.03 -13.06 -9.44
N GLU A 71 -10.60 -11.82 -9.65
CA GLU A 71 -9.38 -11.54 -10.39
C GLU A 71 -8.14 -11.64 -9.50
N ILE A 72 -8.36 -11.70 -8.20
CA ILE A 72 -7.28 -11.74 -7.23
C ILE A 72 -6.65 -13.13 -7.15
N PHE A 73 -7.34 -14.13 -7.65
CA PHE A 73 -6.82 -15.49 -7.66
C PHE A 73 -6.68 -16.00 -9.09
N SER A 74 -6.58 -15.06 -10.03
CA SER A 74 -6.40 -15.39 -11.43
C SER A 74 -4.94 -15.74 -11.73
N TRP A 75 -4.10 -15.66 -10.70
CA TRP A 75 -2.69 -16.00 -10.85
C TRP A 75 -2.31 -17.08 -9.84
N GLY B 1 -27.18 -6.86 12.50
CA GLY B 1 -27.86 -7.98 11.86
C GLY B 1 -26.96 -8.69 10.88
N ALA B 2 -25.82 -8.09 10.58
CA ALA B 2 -24.87 -8.67 9.66
C ALA B 2 -23.81 -9.46 10.41
N ASP B 3 -23.20 -10.44 9.74
CA ASP B 3 -22.18 -11.27 10.35
C ASP B 3 -21.00 -11.44 9.42
N ASP B 4 -19.98 -10.62 9.64
CA ASP B 4 -18.76 -10.69 8.85
C ASP B 4 -17.59 -10.99 9.78
N ASP B 5 -16.94 -12.12 9.54
CA ASP B 5 -15.83 -12.52 10.39
C ASP B 5 -14.61 -11.63 10.13
N ALA B 6 -14.07 -11.06 11.19
CA ALA B 6 -12.95 -10.14 11.07
C ALA B 6 -11.67 -10.80 11.60
N PRO B 7 -10.75 -11.11 10.69
CA PRO B 7 -9.47 -11.76 11.03
C PRO B 7 -8.58 -10.85 11.87
N SER B 8 -7.59 -11.44 12.53
CA SER B 8 -6.62 -10.68 13.28
C SER B 8 -5.70 -9.94 12.30
N GLY B 9 -5.84 -8.63 12.29
CA GLY B 9 -5.19 -7.84 11.27
C GLY B 9 -6.21 -7.23 10.34
N GLU B 10 -7.18 -6.56 10.93
CA GLU B 10 -8.24 -5.94 10.19
C GLU B 10 -7.90 -4.47 10.01
N PRO B 11 -7.49 -4.10 8.81
CA PRO B 11 -6.96 -2.77 8.55
C PRO B 11 -8.05 -1.75 8.33
N ASP B 12 -8.14 -0.82 9.25
CA ASP B 12 -9.12 0.23 9.18
C ASP B 12 -8.44 1.56 8.89
N VAL B 13 -9.00 2.29 7.95
CA VAL B 13 -8.40 3.54 7.56
C VAL B 13 -8.81 4.68 8.50
N THR B 14 -7.82 5.38 9.01
CA THR B 14 -8.05 6.49 9.90
C THR B 14 -8.39 7.74 9.12
N ILE B 15 -9.65 8.15 9.19
CA ILE B 15 -10.11 9.29 8.41
C ILE B 15 -10.01 10.58 9.22
N ARG B 16 -9.03 11.40 8.86
CA ARG B 16 -8.84 12.70 9.49
C ARG B 16 -9.03 13.80 8.46
N GLN B 17 -9.20 15.02 8.91
CA GLN B 17 -9.41 16.14 8.00
C GLN B 17 -8.61 17.36 8.46
N GLU B 18 -7.55 17.65 7.73
CA GLU B 18 -6.69 18.77 8.06
C GLU B 18 -7.01 19.97 7.18
N GLY B 19 -7.82 20.87 7.70
CA GLY B 19 -8.18 22.07 6.96
C GLY B 19 -9.19 21.78 5.88
N ASP B 20 -8.69 21.61 4.65
CA ASP B 20 -9.56 21.35 3.51
C ASP B 20 -9.15 20.07 2.79
N LYS B 21 -8.63 19.11 3.53
CA LYS B 21 -8.25 17.84 2.94
C LYS B 21 -8.48 16.67 3.88
N THR B 22 -9.24 15.70 3.40
CA THR B 22 -9.48 14.48 4.13
C THR B 22 -8.28 13.54 3.98
N ILE B 23 -7.51 13.39 5.05
CA ILE B 23 -6.33 12.55 5.03
C ILE B 23 -6.64 11.20 5.67
N GLN B 24 -6.69 10.18 4.84
CA GLN B 24 -6.99 8.83 5.30
C GLN B 24 -5.71 8.04 5.54
N GLU B 25 -5.45 7.75 6.80
CA GLU B 25 -4.30 6.96 7.17
C GLU B 25 -4.65 5.47 7.20
N TYR B 26 -4.20 4.73 6.19
CA TYR B 26 -4.43 3.30 6.12
C TYR B 26 -3.48 2.56 7.07
N ARG B 27 -4.04 1.99 8.13
CA ARG B 27 -3.24 1.24 9.08
C ARG B 27 -3.89 -0.11 9.36
N VAL B 28 -3.08 -1.15 9.42
CA VAL B 28 -3.59 -2.49 9.67
C VAL B 28 -3.43 -2.88 11.13
N ASN B 29 -2.30 -2.52 11.69
CA ASN B 29 -2.00 -2.86 13.06
C ASN B 29 -0.95 -1.89 13.59
N GLY B 30 -1.39 -0.66 13.84
CA GLY B 30 -0.48 0.37 14.33
C GLY B 30 0.30 1.04 13.22
N PHE B 31 0.71 0.26 12.22
CA PHE B 31 1.60 0.77 11.18
C PHE B 31 0.82 1.39 10.02
N LEU B 32 1.24 2.57 9.62
CA LEU B 32 0.69 3.25 8.46
C LEU B 32 1.36 2.77 7.19
N TYR B 33 0.60 2.17 6.28
CA TYR B 33 1.19 1.63 5.06
C TYR B 33 0.78 2.45 3.83
N ALA B 34 -0.17 3.37 4.01
CA ALA B 34 -0.67 4.16 2.87
C ALA B 34 -1.51 5.33 3.35
N ILE B 35 -1.37 6.47 2.68
CA ILE B 35 -2.15 7.65 2.98
C ILE B 35 -3.00 8.03 1.77
N LYS B 36 -4.30 8.15 1.97
CA LYS B 36 -5.19 8.64 0.91
C LYS B 36 -5.73 10.00 1.29
N VAL B 37 -5.16 11.03 0.72
CA VAL B 37 -5.58 12.38 1.03
C VAL B 37 -6.44 12.94 -0.10
N VAL B 38 -7.61 13.43 0.26
CA VAL B 38 -8.54 14.02 -0.68
C VAL B 38 -8.63 15.52 -0.43
N PRO B 39 -7.77 16.30 -1.08
CA PRO B 39 -7.74 17.74 -0.92
C PRO B 39 -8.85 18.45 -1.68
N LYS B 40 -9.49 19.42 -1.03
CA LYS B 40 -10.46 20.29 -1.70
C LYS B 40 -9.77 21.06 -2.81
N HIS B 41 -8.54 21.45 -2.54
CA HIS B 41 -7.72 22.15 -3.51
C HIS B 41 -6.77 21.15 -4.16
N GLY B 42 -7.28 20.48 -5.17
CA GLY B 42 -6.56 19.39 -5.79
C GLY B 42 -7.46 18.17 -5.92
N LYS B 43 -6.87 17.01 -6.13
CA LYS B 43 -7.65 15.78 -6.22
C LYS B 43 -6.96 14.65 -5.49
N PRO B 44 -7.73 13.66 -5.01
CA PRO B 44 -7.21 12.56 -4.18
C PRO B 44 -6.15 11.73 -4.87
N TYR B 45 -5.14 11.34 -4.11
CA TYR B 45 -4.07 10.49 -4.63
C TYR B 45 -3.62 9.53 -3.54
N PHE B 46 -3.05 8.40 -3.94
CA PHE B 46 -2.57 7.41 -2.99
C PHE B 46 -1.08 7.57 -2.74
N LEU B 47 -0.72 7.55 -1.47
CA LEU B 47 0.68 7.65 -1.08
C LEU B 47 1.04 6.42 -0.24
N VAL B 48 1.66 5.44 -0.88
CA VAL B 48 1.93 4.15 -0.25
C VAL B 48 3.37 4.06 0.26
N ARG B 49 3.56 3.39 1.39
CA ARG B 49 4.89 3.22 1.97
C ARG B 49 5.70 2.17 1.22
N ALA B 50 7.00 2.41 1.14
CA ALA B 50 7.93 1.41 0.62
C ALA B 50 8.37 0.47 1.74
N ASP B 51 9.04 -0.61 1.37
CA ASP B 51 9.41 -1.65 2.33
C ASP B 51 10.44 -1.17 3.34
N GLY B 52 10.49 -1.84 4.49
CA GLY B 52 11.50 -1.56 5.49
C GLY B 52 11.13 -0.41 6.41
N SER B 53 10.01 0.25 6.12
CA SER B 53 9.56 1.41 6.90
C SER B 53 10.59 2.52 6.80
N ASP B 54 11.32 2.53 5.68
CA ASP B 54 12.37 3.50 5.40
C ASP B 54 11.87 4.94 5.47
N GLY B 55 10.59 5.11 5.20
CA GLY B 55 10.00 6.43 5.21
C GLY B 55 9.61 6.86 3.83
N ASN B 56 10.23 6.22 2.87
CA ASN B 56 9.99 6.47 1.47
C ASN B 56 8.56 6.11 1.08
N PHE B 57 7.91 7.00 0.35
CA PHE B 57 6.55 6.78 -0.13
C PHE B 57 6.53 6.71 -1.65
N ILE B 58 5.49 6.10 -2.18
CA ILE B 58 5.26 6.05 -3.63
C ILE B 58 3.85 6.53 -3.94
N ARG B 59 3.72 7.42 -4.91
CA ARG B 59 2.42 7.96 -5.30
C ARG B 59 1.72 7.05 -6.30
N SER B 60 0.40 7.15 -6.36
CA SER B 60 -0.36 6.57 -7.45
C SER B 60 -0.27 7.49 -8.66
N ASP B 61 0.08 8.74 -8.38
CA ASP B 61 0.29 9.76 -9.40
C ASP B 61 1.74 9.72 -9.92
N GLN B 62 2.62 9.22 -9.07
CA GLN B 62 4.04 9.11 -9.39
C GLN B 62 4.56 7.75 -8.92
N PRO B 63 4.22 6.67 -9.64
CA PRO B 63 4.60 5.31 -9.26
C PRO B 63 5.95 4.88 -9.82
N ASP B 64 6.69 5.83 -10.36
CA ASP B 64 7.98 5.52 -10.97
C ASP B 64 9.13 6.02 -10.10
N LYS B 65 9.02 7.25 -9.62
CA LYS B 65 10.04 7.81 -8.76
C LYS B 65 9.68 7.63 -7.28
N LEU B 66 10.62 7.98 -6.42
CA LEU B 66 10.45 7.78 -5.00
C LEU B 66 10.17 9.11 -4.32
N ILE B 67 9.43 9.07 -3.22
CA ILE B 67 9.09 10.27 -2.48
C ILE B 67 9.98 10.40 -1.25
N PRO B 68 10.88 11.41 -1.25
CA PRO B 68 11.81 11.63 -0.14
C PRO B 68 11.13 12.13 1.12
N GLN B 69 11.90 12.25 2.18
CA GLN B 69 11.32 12.45 3.51
C GLN B 69 10.76 13.87 3.68
N TRP B 70 11.40 14.86 3.08
CA TRP B 70 10.89 16.23 3.15
C TRP B 70 9.59 16.36 2.35
N GLU B 71 9.34 15.36 1.52
CA GLU B 71 8.16 15.35 0.66
C GLU B 71 7.01 14.55 1.28
N ILE B 72 7.36 13.55 2.09
CA ILE B 72 6.34 12.65 2.65
C ILE B 72 5.45 13.36 3.66
N PHE B 73 5.95 14.43 4.27
CA PHE B 73 5.17 15.23 5.19
C PHE B 73 5.17 16.70 4.75
N SER B 74 5.15 16.89 3.44
CA SER B 74 5.22 18.22 2.85
C SER B 74 3.83 18.87 2.75
N TRP B 75 2.85 18.26 3.39
CA TRP B 75 1.48 18.76 3.34
C TRP B 75 1.06 19.38 4.67
N GLY A 1 6.91 10.13 29.88
CA GLY A 1 7.40 9.64 31.20
C GLY A 1 8.53 8.64 31.03
N ALA A 2 8.22 7.37 31.21
CA ALA A 2 9.20 6.31 31.01
C ALA A 2 9.00 5.69 29.65
N ASP A 3 7.74 5.40 29.33
CA ASP A 3 7.36 4.86 28.03
C ASP A 3 6.18 5.64 27.49
N ASP A 4 6.28 6.08 26.24
CA ASP A 4 5.23 6.87 25.64
C ASP A 4 4.52 6.11 24.51
N ASP A 5 4.97 6.29 23.27
CA ASP A 5 4.34 5.63 22.14
C ASP A 5 5.34 5.46 21.01
N ALA A 6 5.52 4.22 20.57
CA ALA A 6 6.43 3.91 19.49
C ALA A 6 5.76 2.97 18.49
N PRO A 7 5.89 3.26 17.19
CA PRO A 7 5.29 2.45 16.13
C PRO A 7 5.88 1.04 16.07
N SER A 8 5.09 0.05 16.45
CA SER A 8 5.52 -1.33 16.37
C SER A 8 4.87 -2.03 15.18
N GLY A 9 5.51 -3.09 14.71
CA GLY A 9 4.98 -3.81 13.57
C GLY A 9 6.08 -4.35 12.69
N GLU A 10 6.97 -3.44 12.29
CA GLU A 10 8.14 -3.79 11.49
C GLU A 10 7.73 -4.33 10.10
N PRO A 11 7.84 -3.47 9.09
CA PRO A 11 7.48 -3.81 7.72
C PRO A 11 8.69 -4.32 6.93
N ASP A 12 8.56 -5.53 6.40
CA ASP A 12 9.61 -6.14 5.59
C ASP A 12 9.00 -6.88 4.41
N VAL A 13 9.62 -6.74 3.26
CA VAL A 13 9.03 -7.24 2.03
C VAL A 13 9.66 -8.56 1.61
N THR A 14 8.83 -9.52 1.26
CA THR A 14 9.30 -10.80 0.76
C THR A 14 9.37 -10.75 -0.76
N ILE A 15 10.57 -10.64 -1.29
CA ILE A 15 10.76 -10.56 -2.72
C ILE A 15 11.05 -11.93 -3.30
N ARG A 16 10.08 -12.48 -4.01
CA ARG A 16 10.25 -13.77 -4.67
C ARG A 16 10.16 -13.61 -6.18
N GLN A 17 10.28 -14.71 -6.89
CA GLN A 17 10.18 -14.71 -8.33
C GLN A 17 9.42 -15.93 -8.82
N GLU A 18 8.19 -15.71 -9.25
CA GLU A 18 7.37 -16.76 -9.80
C GLU A 18 7.40 -16.70 -11.32
N GLY A 19 8.11 -17.65 -11.92
CA GLY A 19 8.24 -17.66 -13.36
C GLY A 19 8.96 -16.44 -13.89
N ASP A 20 8.22 -15.57 -14.59
CA ASP A 20 8.80 -14.38 -15.19
C ASP A 20 8.41 -13.13 -14.42
N LYS A 21 7.76 -13.29 -13.28
CA LYS A 21 7.36 -12.11 -12.50
C LYS A 21 7.96 -12.13 -11.10
N THR A 22 8.53 -11.00 -10.73
CA THR A 22 9.04 -10.80 -9.38
C THR A 22 7.89 -10.43 -8.45
N ILE A 23 7.73 -11.19 -7.38
CA ILE A 23 6.62 -11.00 -6.47
C ILE A 23 7.11 -10.41 -5.16
N GLN A 24 6.82 -9.13 -4.94
CA GLN A 24 7.23 -8.48 -3.71
C GLN A 24 6.06 -8.37 -2.75
N GLU A 25 6.08 -9.21 -1.73
CA GLU A 25 5.01 -9.24 -0.74
C GLU A 25 5.31 -8.27 0.39
N TYR A 26 4.66 -7.11 0.34
CA TYR A 26 4.84 -6.09 1.36
C TYR A 26 4.08 -6.46 2.62
N ARG A 27 4.80 -6.64 3.71
CA ARG A 27 4.21 -7.15 4.94
C ARG A 27 4.74 -6.42 6.16
N VAL A 28 3.84 -5.82 6.90
CA VAL A 28 4.19 -5.28 8.21
C VAL A 28 3.78 -6.30 9.27
N ASN A 29 4.75 -6.75 10.06
CA ASN A 29 4.53 -7.73 11.14
C ASN A 29 4.27 -9.14 10.56
N GLY A 30 3.62 -9.19 9.40
CA GLY A 30 3.34 -10.46 8.76
C GLY A 30 2.17 -10.36 7.81
N PHE A 31 1.39 -9.30 7.95
CA PHE A 31 0.19 -9.09 7.14
C PHE A 31 0.56 -8.54 5.76
N LEU A 32 0.10 -9.24 4.73
CA LEU A 32 0.29 -8.79 3.36
C LEU A 32 -0.62 -7.60 3.09
N TYR A 33 -0.05 -6.42 2.89
CA TYR A 33 -0.85 -5.24 2.65
C TYR A 33 -0.69 -4.71 1.23
N ALA A 34 0.33 -5.20 0.53
CA ALA A 34 0.57 -4.77 -0.84
C ALA A 34 1.43 -5.77 -1.59
N ILE A 35 1.13 -5.97 -2.86
CA ILE A 35 1.93 -6.83 -3.70
C ILE A 35 2.42 -6.07 -4.92
N LYS A 36 3.72 -6.01 -5.11
CA LYS A 36 4.28 -5.46 -6.32
C LYS A 36 4.84 -6.59 -7.17
N VAL A 37 4.15 -6.91 -8.24
CA VAL A 37 4.60 -7.94 -9.14
C VAL A 37 5.21 -7.32 -10.39
N VAL A 38 6.43 -7.75 -10.69
CA VAL A 38 7.15 -7.28 -11.85
C VAL A 38 7.25 -8.41 -12.88
N PRO A 39 6.23 -8.56 -13.73
CA PRO A 39 6.21 -9.59 -14.76
C PRO A 39 6.89 -9.14 -16.04
N LYS A 40 7.75 -10.00 -16.57
CA LYS A 40 8.41 -9.75 -17.84
C LYS A 40 7.35 -9.62 -18.95
N HIS A 41 6.22 -10.25 -18.72
CA HIS A 41 5.10 -10.16 -19.62
C HIS A 41 3.89 -9.63 -18.86
N GLY A 42 3.77 -8.30 -18.83
CA GLY A 42 2.73 -7.66 -18.07
C GLY A 42 3.20 -6.35 -17.47
N LYS A 43 4.47 -6.32 -17.08
CA LYS A 43 5.13 -5.13 -16.54
C LYS A 43 4.65 -4.79 -15.12
N PRO A 44 5.57 -4.26 -14.29
CA PRO A 44 5.33 -4.08 -12.85
C PRO A 44 4.20 -3.12 -12.51
N TYR A 45 3.40 -3.51 -11.52
CA TYR A 45 2.34 -2.66 -11.01
C TYR A 45 2.14 -2.95 -9.52
N PHE A 46 1.43 -2.07 -8.84
CA PHE A 46 1.14 -2.26 -7.42
C PHE A 46 -0.32 -2.69 -7.22
N LEU A 47 -0.49 -3.70 -6.39
CA LEU A 47 -1.83 -4.13 -5.99
C LEU A 47 -1.93 -4.00 -4.48
N VAL A 48 -2.61 -2.95 -4.03
CA VAL A 48 -2.67 -2.63 -2.60
C VAL A 48 -3.96 -3.16 -1.97
N ARG A 49 -3.83 -3.71 -0.78
CA ARG A 49 -4.97 -4.18 -0.02
C ARG A 49 -5.85 -3.00 0.39
N ALA A 50 -7.14 -3.08 0.10
CA ALA A 50 -8.06 -2.06 0.54
C ALA A 50 -8.40 -2.27 2.01
N ASP A 51 -8.03 -1.29 2.84
CA ASP A 51 -8.33 -1.33 4.27
C ASP A 51 -9.82 -1.55 4.48
N GLY A 52 -10.15 -2.39 5.45
CA GLY A 52 -11.50 -2.83 5.64
C GLY A 52 -11.64 -4.29 5.25
N SER A 53 -10.85 -4.69 4.27
CA SER A 53 -10.81 -6.09 3.82
C SER A 53 -12.19 -6.57 3.38
N ASP A 54 -12.84 -5.79 2.53
CA ASP A 54 -14.17 -6.12 2.05
C ASP A 54 -14.10 -6.92 0.75
N GLY A 55 -12.93 -7.49 0.47
CA GLY A 55 -12.75 -8.19 -0.77
C GLY A 55 -12.45 -7.25 -1.92
N ASN A 56 -11.46 -6.39 -1.72
CA ASN A 56 -11.15 -5.34 -2.68
C ASN A 56 -9.66 -5.03 -2.69
N PHE A 57 -9.12 -4.77 -3.87
CA PHE A 57 -7.73 -4.38 -4.05
C PHE A 57 -7.67 -3.13 -4.91
N ILE A 58 -6.68 -2.28 -4.64
CA ILE A 58 -6.52 -1.07 -5.42
C ILE A 58 -5.26 -1.14 -6.27
N ARG A 59 -5.36 -0.71 -7.51
CA ARG A 59 -4.30 -0.87 -8.49
C ARG A 59 -3.55 0.44 -8.70
N SER A 60 -2.23 0.39 -8.86
CA SER A 60 -1.45 1.59 -9.16
C SER A 60 -1.77 2.09 -10.56
N ASP A 61 -2.08 1.14 -11.43
CA ASP A 61 -2.48 1.42 -12.81
C ASP A 61 -3.85 2.08 -12.86
N GLN A 62 -4.67 1.76 -11.86
CA GLN A 62 -6.04 2.21 -11.82
C GLN A 62 -6.46 2.47 -10.37
N PRO A 63 -6.02 3.61 -9.81
CA PRO A 63 -6.19 3.91 -8.38
C PRO A 63 -7.63 4.23 -7.99
N ASP A 64 -8.37 4.89 -8.88
CA ASP A 64 -9.73 5.29 -8.57
C ASP A 64 -10.71 4.24 -9.10
N LYS A 65 -10.34 2.98 -8.93
CA LYS A 65 -11.18 1.87 -9.31
C LYS A 65 -10.90 0.68 -8.41
N LEU A 66 -11.96 0.13 -7.84
CA LEU A 66 -11.85 -1.05 -7.01
C LEU A 66 -11.61 -2.25 -7.91
N ILE A 67 -10.49 -2.93 -7.69
CA ILE A 67 -10.11 -4.06 -8.53
C ILE A 67 -10.76 -5.35 -8.04
N PRO A 68 -11.49 -6.03 -8.93
CA PRO A 68 -12.19 -7.27 -8.60
C PRO A 68 -11.25 -8.42 -8.25
N GLN A 69 -11.82 -9.54 -7.86
CA GLN A 69 -11.05 -10.61 -7.27
C GLN A 69 -10.62 -11.65 -8.31
N TRP A 70 -10.74 -11.30 -9.59
CA TRP A 70 -10.22 -12.16 -10.65
C TRP A 70 -9.00 -11.51 -11.30
N GLU A 71 -8.92 -10.19 -11.22
CA GLU A 71 -7.82 -9.44 -11.81
C GLU A 71 -6.60 -9.46 -10.89
N ILE A 72 -6.82 -9.91 -9.66
CA ILE A 72 -5.73 -10.03 -8.69
C ILE A 72 -4.78 -11.15 -9.08
N PHE A 73 -5.27 -12.08 -9.87
CA PHE A 73 -4.48 -13.23 -10.29
C PHE A 73 -4.22 -13.15 -11.79
N SER A 74 -4.26 -11.93 -12.29
CA SER A 74 -4.04 -11.66 -13.71
C SER A 74 -2.66 -12.15 -14.12
N TRP A 75 -1.68 -11.96 -13.24
CA TRP A 75 -0.33 -12.46 -13.46
C TRP A 75 -0.25 -13.95 -13.17
N GLY B 1 -2.92 -29.09 15.06
CA GLY B 1 -4.09 -29.51 14.31
C GLY B 1 -5.28 -28.59 14.56
N ALA B 2 -5.03 -27.50 15.25
CA ALA B 2 -6.07 -26.52 15.55
C ALA B 2 -5.73 -25.16 14.96
N ASP B 3 -4.56 -25.08 14.32
CA ASP B 3 -4.10 -23.84 13.74
C ASP B 3 -3.63 -24.03 12.31
N ASP B 4 -4.30 -23.37 11.39
CA ASP B 4 -3.88 -23.36 10.00
C ASP B 4 -3.34 -21.98 9.65
N ASP B 5 -4.25 -21.01 9.58
CA ASP B 5 -3.91 -19.63 9.29
C ASP B 5 -5.06 -18.74 9.74
N ALA B 6 -4.72 -17.60 10.32
CA ALA B 6 -5.73 -16.65 10.77
C ALA B 6 -5.30 -15.23 10.42
N PRO B 7 -6.18 -14.48 9.74
CA PRO B 7 -5.90 -13.10 9.35
C PRO B 7 -6.10 -12.13 10.50
N SER B 8 -5.22 -12.20 11.49
CA SER B 8 -5.28 -11.30 12.63
C SER B 8 -4.75 -9.91 12.24
N GLY B 9 -5.13 -8.92 13.01
CA GLY B 9 -4.76 -7.55 12.70
C GLY B 9 -6.00 -6.73 12.43
N GLU B 10 -6.72 -7.10 11.37
CA GLU B 10 -7.99 -6.49 11.01
C GLU B 10 -7.82 -5.01 10.69
N PRO B 11 -7.52 -4.70 9.42
CA PRO B 11 -7.26 -3.35 8.97
C PRO B 11 -8.53 -2.59 8.58
N ASP B 12 -8.59 -1.33 8.95
CA ASP B 12 -9.70 -0.45 8.61
C ASP B 12 -9.20 0.98 8.44
N VAL B 13 -9.43 1.54 7.27
CA VAL B 13 -8.87 2.83 6.92
C VAL B 13 -9.53 3.97 7.71
N THR B 14 -8.71 4.85 8.24
CA THR B 14 -9.18 6.02 8.94
C THR B 14 -9.23 7.21 7.98
N ILE B 15 -10.43 7.57 7.57
CA ILE B 15 -10.63 8.65 6.62
C ILE B 15 -10.76 9.98 7.35
N ARG B 16 -9.71 10.80 7.28
CA ARG B 16 -9.70 12.08 7.97
C ARG B 16 -9.82 13.24 7.00
N GLN B 17 -9.98 14.42 7.55
CA GLN B 17 -10.05 15.64 6.76
C GLN B 17 -9.14 16.70 7.36
N GLU B 18 -8.10 17.07 6.62
CA GLU B 18 -7.15 18.08 7.05
C GLU B 18 -7.46 19.43 6.42
N GLY B 19 -8.70 19.61 6.01
CA GLY B 19 -9.12 20.84 5.36
C GLY B 19 -9.73 20.58 4.00
N ASP B 20 -8.88 20.59 2.98
CA ASP B 20 -9.35 20.30 1.62
C ASP B 20 -8.90 18.91 1.21
N LYS B 21 -7.94 18.37 1.93
CA LYS B 21 -7.42 17.06 1.61
C LYS B 21 -8.03 15.98 2.50
N THR B 22 -8.69 15.04 1.87
CA THR B 22 -9.24 13.89 2.57
C THR B 22 -8.14 12.83 2.74
N ILE B 23 -7.61 12.73 3.94
CA ILE B 23 -6.47 11.86 4.18
C ILE B 23 -6.92 10.52 4.76
N GLN B 24 -6.85 9.49 3.93
CA GLN B 24 -7.24 8.15 4.33
C GLN B 24 -6.03 7.39 4.82
N GLU B 25 -5.95 7.18 6.13
CA GLU B 25 -4.84 6.46 6.72
C GLU B 25 -5.12 4.97 6.74
N TYR B 26 -4.37 4.22 5.94
CA TYR B 26 -4.50 2.77 5.90
C TYR B 26 -3.62 2.14 6.96
N ARG B 27 -4.25 1.51 7.95
CA ARG B 27 -3.54 0.92 9.07
C ARG B 27 -4.16 -0.44 9.40
N VAL B 28 -3.32 -1.43 9.58
CA VAL B 28 -3.81 -2.78 9.87
C VAL B 28 -3.81 -3.06 11.36
N ASN B 29 -2.78 -2.58 12.04
CA ASN B 29 -2.67 -2.78 13.48
C ASN B 29 -1.84 -1.66 14.08
N GLY B 30 -2.37 -0.45 13.99
CA GLY B 30 -1.68 0.71 14.51
C GLY B 30 -0.74 1.32 13.50
N PHE B 31 -0.09 0.48 12.70
CA PHE B 31 0.94 0.93 11.78
C PHE B 31 0.35 1.46 10.49
N LEU B 32 0.70 2.70 10.17
CA LEU B 32 0.30 3.32 8.91
C LEU B 32 1.17 2.77 7.78
N TYR B 33 0.57 2.08 6.83
CA TYR B 33 1.34 1.50 5.74
C TYR B 33 1.06 2.22 4.42
N ALA B 34 -0.04 2.94 4.33
CA ALA B 34 -0.37 3.68 3.12
C ALA B 34 -1.30 4.84 3.43
N ILE B 35 -1.07 5.95 2.75
CA ILE B 35 -1.92 7.12 2.90
C ILE B 35 -2.57 7.48 1.57
N LYS B 36 -3.89 7.54 1.55
CA LYS B 36 -4.59 8.04 0.38
C LYS B 36 -5.11 9.44 0.66
N VAL B 37 -4.39 10.43 0.18
CA VAL B 37 -4.78 11.81 0.41
C VAL B 37 -5.45 12.38 -0.81
N VAL B 38 -6.69 12.83 -0.62
CA VAL B 38 -7.48 13.42 -1.67
C VAL B 38 -7.64 14.92 -1.45
N PRO B 39 -6.67 15.71 -1.92
CA PRO B 39 -6.70 17.16 -1.77
C PRO B 39 -7.51 17.83 -2.87
N LYS B 40 -8.36 18.76 -2.47
CA LYS B 40 -9.12 19.57 -3.42
C LYS B 40 -8.15 20.31 -4.33
N HIS B 41 -7.00 20.65 -3.79
CA HIS B 41 -5.94 21.28 -4.55
C HIS B 41 -4.79 20.31 -4.71
N GLY B 42 -4.89 19.44 -5.71
CA GLY B 42 -3.85 18.46 -5.93
C GLY B 42 -4.39 17.16 -6.51
N LYS B 43 -5.62 16.82 -6.12
CA LYS B 43 -6.29 15.58 -6.55
C LYS B 43 -5.70 14.35 -5.86
N PRO B 44 -6.53 13.30 -5.68
CA PRO B 44 -6.17 12.12 -4.87
C PRO B 44 -4.96 11.36 -5.39
N TYR B 45 -4.08 11.00 -4.47
CA TYR B 45 -2.91 10.20 -4.78
C TYR B 45 -2.50 9.37 -3.57
N PHE B 46 -1.87 8.23 -3.82
CA PHE B 46 -1.44 7.33 -2.75
C PHE B 46 0.02 7.55 -2.39
N LEU B 47 0.31 7.46 -1.11
CA LEU B 47 1.67 7.35 -0.63
C LEU B 47 1.80 6.11 0.24
N VAL B 48 2.36 5.06 -0.33
CA VAL B 48 2.47 3.79 0.34
C VAL B 48 3.89 3.55 0.83
N ARG B 49 3.99 3.00 2.04
CA ARG B 49 5.28 2.73 2.68
C ARG B 49 6.08 1.70 1.90
N ALA B 50 7.37 1.97 1.76
CA ALA B 50 8.30 0.97 1.24
C ALA B 50 8.86 0.16 2.39
N ASP B 51 8.70 -1.16 2.31
CA ASP B 51 9.18 -2.05 3.36
C ASP B 51 10.67 -1.89 3.60
N GLY B 52 11.06 -1.98 4.85
CA GLY B 52 12.42 -1.64 5.24
C GLY B 52 12.43 -0.36 6.05
N SER B 53 11.45 0.50 5.77
CA SER B 53 11.26 1.73 6.52
C SER B 53 12.43 2.69 6.34
N ASP B 54 12.98 2.72 5.13
CA ASP B 54 14.09 3.60 4.79
C ASP B 54 13.69 5.07 4.87
N GLY B 55 12.38 5.30 4.92
CA GLY B 55 11.86 6.65 4.86
C GLY B 55 11.41 6.98 3.45
N ASN B 56 11.10 5.93 2.71
CA ASN B 56 10.71 6.04 1.32
C ASN B 56 9.23 5.71 1.15
N PHE B 57 8.56 6.47 0.30
CA PHE B 57 7.17 6.22 -0.04
C PHE B 57 7.05 6.00 -1.54
N ILE B 58 5.96 5.39 -1.95
CA ILE B 58 5.67 5.23 -3.37
C ILE B 58 4.39 5.98 -3.70
N ARG B 59 4.51 6.91 -4.63
CA ARG B 59 3.39 7.75 -5.02
C ARG B 59 2.68 7.12 -6.21
N SER B 60 1.36 6.95 -6.09
CA SER B 60 0.58 6.26 -7.12
C SER B 60 0.55 7.04 -8.43
N ASP B 61 1.06 8.27 -8.40
CA ASP B 61 1.19 9.08 -9.60
C ASP B 61 2.17 8.42 -10.55
N GLN B 62 3.26 7.93 -9.98
CA GLN B 62 4.29 7.22 -10.71
C GLN B 62 4.80 6.07 -9.86
N PRO B 63 4.20 4.88 -10.02
CA PRO B 63 4.47 3.70 -9.17
C PRO B 63 5.89 3.18 -9.26
N ASP B 64 6.66 3.67 -10.23
CA ASP B 64 8.04 3.26 -10.38
C ASP B 64 8.97 4.27 -9.73
N LYS B 65 8.39 5.37 -9.28
CA LYS B 65 9.15 6.49 -8.73
C LYS B 65 9.20 6.42 -7.21
N LEU B 66 10.40 6.49 -6.67
CA LEU B 66 10.59 6.48 -5.22
C LEU B 66 10.49 7.91 -4.71
N ILE B 67 9.76 8.08 -3.62
CA ILE B 67 9.45 9.41 -3.12
C ILE B 67 10.48 9.88 -2.09
N PRO B 68 11.16 11.01 -2.41
CA PRO B 68 12.13 11.65 -1.52
C PRO B 68 11.47 12.38 -0.36
N GLN B 69 12.28 13.00 0.49
CA GLN B 69 11.77 13.57 1.74
C GLN B 69 10.98 14.85 1.48
N TRP B 70 11.33 15.60 0.45
CA TRP B 70 10.59 16.81 0.13
C TRP B 70 9.27 16.44 -0.54
N GLU B 71 9.10 15.16 -0.83
CA GLU B 71 7.89 14.68 -1.49
C GLU B 71 7.04 13.84 -0.52
N ILE B 72 7.64 13.35 0.55
CA ILE B 72 6.88 12.61 1.56
C ILE B 72 6.01 13.57 2.36
N PHE B 73 6.47 14.80 2.47
CA PHE B 73 5.70 15.87 3.10
C PHE B 73 5.09 16.74 2.02
N SER B 74 4.63 16.10 0.95
CA SER B 74 4.08 16.79 -0.21
C SER B 74 2.79 17.51 0.14
N TRP B 75 2.07 16.96 1.12
CA TRP B 75 0.83 17.57 1.57
C TRP B 75 1.05 18.29 2.89
N GLY A 1 20.38 -8.20 5.32
CA GLY A 1 19.06 -8.87 5.18
C GLY A 1 17.96 -8.07 5.83
N ALA A 2 17.09 -8.74 6.56
CA ALA A 2 16.04 -8.06 7.30
C ALA A 2 16.60 -7.42 8.56
N ASP A 3 16.32 -6.14 8.77
CA ASP A 3 16.87 -5.42 9.90
C ASP A 3 16.34 -5.98 11.22
N ASP A 4 17.23 -6.12 12.19
CA ASP A 4 16.91 -6.74 13.46
C ASP A 4 16.55 -5.71 14.52
N ASP A 5 17.12 -4.51 14.42
CA ASP A 5 16.92 -3.48 15.44
C ASP A 5 15.70 -2.64 15.12
N ALA A 6 14.52 -3.27 15.23
CA ALA A 6 13.26 -2.59 14.96
C ALA A 6 12.10 -3.38 15.55
N PRO A 7 11.12 -2.69 16.16
CA PRO A 7 9.94 -3.32 16.75
C PRO A 7 8.96 -3.81 15.70
N SER A 8 7.77 -4.22 16.13
CA SER A 8 6.75 -4.73 15.22
C SER A 8 6.18 -3.60 14.36
N GLY A 9 6.76 -3.41 13.20
CA GLY A 9 6.31 -2.38 12.30
C GLY A 9 7.40 -1.97 11.33
N GLU A 10 8.12 -2.97 10.85
CA GLU A 10 9.20 -2.75 9.91
C GLU A 10 8.81 -3.41 8.60
N PRO A 11 8.37 -2.61 7.65
CA PRO A 11 7.81 -3.12 6.42
C PRO A 11 8.89 -3.56 5.45
N ASP A 12 9.05 -4.87 5.34
CA ASP A 12 10.05 -5.45 4.45
C ASP A 12 9.36 -6.39 3.48
N VAL A 13 9.92 -6.52 2.30
CA VAL A 13 9.27 -7.27 1.25
C VAL A 13 9.86 -8.68 1.11
N THR A 14 8.98 -9.66 1.15
CA THR A 14 9.37 -11.04 0.97
C THR A 14 9.46 -11.35 -0.51
N ILE A 15 10.67 -11.41 -1.03
CA ILE A 15 10.87 -11.59 -2.46
C ILE A 15 11.05 -13.06 -2.81
N ARG A 16 10.06 -13.63 -3.47
CA ARG A 16 10.15 -15.00 -3.94
C ARG A 16 9.96 -15.03 -5.45
N GLN A 17 10.42 -16.10 -6.08
CA GLN A 17 10.27 -16.23 -7.51
C GLN A 17 9.42 -17.44 -7.86
N GLU A 18 8.37 -17.18 -8.62
CA GLU A 18 7.38 -18.18 -8.95
C GLU A 18 7.46 -18.53 -10.43
N GLY A 19 8.61 -19.02 -10.85
CA GLY A 19 8.82 -19.36 -12.24
C GLY A 19 9.21 -18.15 -13.06
N ASP A 20 8.29 -17.67 -13.89
CA ASP A 20 8.56 -16.55 -14.78
C ASP A 20 8.11 -15.24 -14.15
N LYS A 21 7.95 -15.24 -12.84
CA LYS A 21 7.51 -14.06 -12.12
C LYS A 21 8.18 -13.92 -10.77
N THR A 22 8.64 -12.72 -10.47
CA THR A 22 9.16 -12.40 -9.16
C THR A 22 8.04 -11.81 -8.31
N ILE A 23 7.56 -12.58 -7.34
CA ILE A 23 6.42 -12.16 -6.53
C ILE A 23 6.90 -11.63 -5.18
N GLN A 24 6.70 -10.34 -4.97
CA GLN A 24 7.18 -9.68 -3.77
C GLN A 24 6.04 -9.40 -2.80
N GLU A 25 6.13 -9.99 -1.61
CA GLU A 25 5.13 -9.78 -0.57
C GLU A 25 5.52 -8.61 0.32
N TYR A 26 4.90 -7.46 0.12
CA TYR A 26 5.11 -6.30 0.98
C TYR A 26 4.28 -6.44 2.25
N ARG A 27 4.94 -6.80 3.35
CA ARG A 27 4.27 -6.91 4.64
C ARG A 27 4.90 -5.96 5.64
N VAL A 28 4.06 -5.31 6.43
CA VAL A 28 4.55 -4.30 7.36
C VAL A 28 4.51 -4.83 8.80
N ASN A 29 3.60 -5.75 9.04
CA ASN A 29 3.41 -6.31 10.37
C ASN A 29 2.63 -7.61 10.25
N GLY A 30 3.18 -8.55 9.48
CA GLY A 30 2.55 -9.83 9.28
C GLY A 30 1.56 -9.81 8.13
N PHE A 31 0.86 -8.71 7.96
CA PHE A 31 -0.21 -8.62 6.99
C PHE A 31 0.32 -8.13 5.65
N LEU A 32 -0.09 -8.81 4.60
CA LEU A 32 0.26 -8.45 3.24
C LEU A 32 -0.58 -7.25 2.81
N TYR A 33 0.06 -6.11 2.54
CA TYR A 33 -0.67 -4.93 2.12
C TYR A 33 -0.46 -4.65 0.63
N ALA A 34 0.58 -5.24 0.05
CA ALA A 34 0.86 -5.03 -1.38
C ALA A 34 1.71 -6.18 -1.93
N ILE A 35 1.36 -6.62 -3.13
CA ILE A 35 2.14 -7.63 -3.83
C ILE A 35 2.68 -7.07 -5.13
N LYS A 36 4.00 -6.99 -5.25
CA LYS A 36 4.59 -6.60 -6.52
C LYS A 36 5.08 -7.84 -7.24
N VAL A 37 4.31 -8.28 -8.21
CA VAL A 37 4.71 -9.44 -8.99
C VAL A 37 5.24 -8.97 -10.34
N VAL A 38 6.45 -9.38 -10.65
CA VAL A 38 7.08 -9.07 -11.92
C VAL A 38 7.08 -10.32 -12.81
N PRO A 39 5.98 -10.56 -13.52
CA PRO A 39 5.84 -11.71 -14.39
C PRO A 39 6.19 -11.43 -15.84
N LYS A 40 6.73 -12.44 -16.50
CA LYS A 40 6.94 -12.38 -17.95
C LYS A 40 5.59 -12.42 -18.65
N HIS A 41 4.56 -12.72 -17.88
CA HIS A 41 3.21 -12.81 -18.39
C HIS A 41 2.33 -11.82 -17.63
N GLY A 42 2.19 -10.62 -18.17
CA GLY A 42 1.37 -9.61 -17.53
C GLY A 42 2.15 -8.34 -17.19
N LYS A 43 3.48 -8.46 -17.14
CA LYS A 43 4.37 -7.34 -16.79
C LYS A 43 4.22 -6.95 -15.31
N PRO A 44 5.28 -6.41 -14.67
CA PRO A 44 5.26 -6.10 -13.24
C PRO A 44 4.17 -5.11 -12.86
N TYR A 45 3.44 -5.44 -11.80
CA TYR A 45 2.36 -4.60 -11.34
C TYR A 45 2.19 -4.75 -9.83
N PHE A 46 1.61 -3.73 -9.21
CA PHE A 46 1.39 -3.73 -7.77
C PHE A 46 -0.05 -4.11 -7.45
N LEU A 47 -0.21 -5.09 -6.57
CA LEU A 47 -1.52 -5.42 -6.04
C LEU A 47 -1.64 -4.86 -4.62
N VAL A 48 -2.28 -3.71 -4.51
CA VAL A 48 -2.43 -3.04 -3.23
C VAL A 48 -3.73 -3.47 -2.55
N ARG A 49 -3.66 -3.72 -1.25
CA ARG A 49 -4.85 -4.05 -0.49
C ARG A 49 -5.64 -2.80 -0.14
N ALA A 50 -6.88 -2.77 -0.61
CA ALA A 50 -7.80 -1.71 -0.24
C ALA A 50 -8.24 -1.91 1.22
N ASP A 51 -8.87 -0.90 1.80
CA ASP A 51 -9.36 -1.02 3.16
C ASP A 51 -10.51 -2.01 3.22
N GLY A 52 -10.41 -2.97 4.13
CA GLY A 52 -11.34 -4.06 4.17
C GLY A 52 -10.75 -5.30 3.53
N SER A 53 -10.57 -6.35 4.31
CA SER A 53 -9.96 -7.58 3.83
C SER A 53 -10.95 -8.43 3.02
N ASP A 54 -11.81 -7.74 2.27
CA ASP A 54 -12.88 -8.39 1.52
C ASP A 54 -12.33 -9.34 0.46
N GLY A 55 -11.15 -9.03 -0.06
CA GLY A 55 -10.52 -9.91 -1.04
C GLY A 55 -10.03 -9.17 -2.26
N ASN A 56 -10.45 -7.93 -2.40
CA ASN A 56 -10.17 -7.16 -3.60
C ASN A 56 -8.80 -6.51 -3.54
N PHE A 57 -8.11 -6.54 -4.66
CA PHE A 57 -6.81 -5.86 -4.79
C PHE A 57 -6.95 -4.65 -5.70
N ILE A 58 -5.99 -3.75 -5.63
CA ILE A 58 -5.95 -2.60 -6.51
C ILE A 58 -4.66 -2.61 -7.31
N ARG A 59 -4.77 -2.59 -8.64
CA ARG A 59 -3.59 -2.66 -9.49
C ARG A 59 -3.03 -1.28 -9.77
N SER A 60 -1.72 -1.23 -9.98
CA SER A 60 -1.06 -0.02 -10.44
C SER A 60 -1.45 0.26 -11.89
N ASP A 61 -1.84 -0.79 -12.60
CA ASP A 61 -2.33 -0.69 -13.97
C ASP A 61 -3.58 0.17 -14.02
N GLN A 62 -4.41 0.04 -13.00
CA GLN A 62 -5.69 0.72 -12.97
C GLN A 62 -6.19 0.86 -11.53
N PRO A 63 -5.95 2.02 -10.91
CA PRO A 63 -6.46 2.32 -9.56
C PRO A 63 -7.96 2.58 -9.58
N ASP A 64 -8.48 2.70 -10.80
CA ASP A 64 -9.90 2.92 -11.02
C ASP A 64 -10.67 1.60 -10.96
N LYS A 65 -9.94 0.49 -11.05
CA LYS A 65 -10.55 -0.83 -11.09
C LYS A 65 -10.19 -1.65 -9.86
N LEU A 66 -11.19 -2.26 -9.26
CA LEU A 66 -10.98 -3.17 -8.14
C LEU A 66 -10.79 -4.58 -8.68
N ILE A 67 -9.69 -5.20 -8.30
CA ILE A 67 -9.36 -6.54 -8.79
C ILE A 67 -10.05 -7.59 -7.94
N PRO A 68 -11.01 -8.32 -8.54
CA PRO A 68 -11.81 -9.33 -7.86
C PRO A 68 -11.03 -10.62 -7.59
N GLN A 69 -11.70 -11.57 -6.95
CA GLN A 69 -11.04 -12.77 -6.47
C GLN A 69 -10.82 -13.80 -7.57
N TRP A 70 -11.32 -13.55 -8.77
CA TRP A 70 -11.07 -14.45 -9.88
C TRP A 70 -9.87 -13.97 -10.70
N GLU A 71 -9.57 -12.69 -10.56
CA GLU A 71 -8.49 -12.07 -11.32
C GLU A 71 -7.21 -11.95 -10.47
N ILE A 72 -7.25 -12.55 -9.30
CA ILE A 72 -6.06 -12.60 -8.44
C ILE A 72 -5.35 -13.94 -8.60
N PHE A 73 -5.99 -14.85 -9.33
CA PHE A 73 -5.41 -16.16 -9.62
C PHE A 73 -4.92 -16.18 -11.05
N SER A 74 -4.80 -15.00 -11.63
CA SER A 74 -4.38 -14.85 -13.01
C SER A 74 -2.88 -15.12 -13.17
N TRP A 75 -2.19 -15.29 -12.05
CA TRP A 75 -0.77 -15.65 -12.06
C TRP A 75 -0.54 -16.95 -11.33
N GLY B 1 -17.50 -1.06 10.40
CA GLY B 1 -16.85 -0.16 11.34
C GLY B 1 -16.32 -0.90 12.55
N ALA B 2 -16.91 -2.05 12.82
CA ALA B 2 -16.50 -2.87 13.95
C ALA B 2 -16.95 -4.32 13.75
N ASP B 3 -15.99 -5.24 13.82
CA ASP B 3 -16.29 -6.65 13.73
C ASP B 3 -15.47 -7.43 14.74
N ASP B 4 -16.14 -8.27 15.51
CA ASP B 4 -15.49 -9.03 16.57
C ASP B 4 -14.89 -10.31 15.99
N ASP B 5 -15.34 -10.67 14.80
CA ASP B 5 -14.84 -11.86 14.11
C ASP B 5 -13.62 -11.51 13.27
N ALA B 6 -13.09 -10.31 13.47
CA ALA B 6 -11.92 -9.86 12.73
C ALA B 6 -10.70 -10.73 13.08
N PRO B 7 -9.90 -11.07 12.07
CA PRO B 7 -8.69 -11.86 12.26
C PRO B 7 -7.47 -10.99 12.52
N SER B 8 -6.28 -11.58 12.38
CA SER B 8 -5.04 -10.84 12.54
C SER B 8 -4.80 -9.96 11.32
N GLY B 9 -5.12 -8.69 11.43
CA GLY B 9 -4.97 -7.77 10.34
C GLY B 9 -6.29 -7.13 9.95
N GLU B 10 -6.48 -5.89 10.36
CA GLU B 10 -7.71 -5.16 10.10
C GLU B 10 -7.39 -3.89 9.34
N PRO B 11 -7.43 -3.94 8.02
CA PRO B 11 -7.12 -2.79 7.20
C PRO B 11 -8.27 -1.79 7.16
N ASP B 12 -8.34 -0.96 8.19
CA ASP B 12 -9.33 0.08 8.29
C ASP B 12 -8.69 1.43 8.08
N VAL B 13 -9.39 2.30 7.39
CA VAL B 13 -8.86 3.60 7.06
C VAL B 13 -9.42 4.67 7.99
N THR B 14 -8.53 5.41 8.61
CA THR B 14 -8.91 6.49 9.49
C THR B 14 -9.04 7.77 8.69
N ILE B 15 -10.27 8.17 8.42
CA ILE B 15 -10.53 9.34 7.60
C ILE B 15 -10.72 10.56 8.47
N ARG B 16 -9.73 11.44 8.49
CA ARG B 16 -9.80 12.65 9.29
C ARG B 16 -9.63 13.87 8.41
N GLN B 17 -10.18 14.98 8.85
CA GLN B 17 -10.09 16.22 8.09
C GLN B 17 -9.21 17.22 8.81
N GLU B 18 -7.99 17.37 8.33
CA GLU B 18 -7.04 18.30 8.90
C GLU B 18 -7.02 19.58 8.09
N GLY B 19 -7.98 20.45 8.33
CA GLY B 19 -8.12 21.64 7.53
C GLY B 19 -8.86 21.37 6.24
N ASP B 20 -8.29 21.79 5.12
CA ASP B 20 -8.91 21.55 3.82
C ASP B 20 -8.44 20.25 3.20
N LYS B 21 -7.72 19.44 3.96
CA LYS B 21 -7.25 18.18 3.44
C LYS B 21 -7.80 17.01 4.23
N THR B 22 -8.58 16.19 3.56
CA THR B 22 -9.13 14.99 4.16
C THR B 22 -8.12 13.86 4.05
N ILE B 23 -7.54 13.50 5.18
CA ILE B 23 -6.45 12.53 5.21
C ILE B 23 -6.97 11.16 5.65
N GLN B 24 -6.86 10.20 4.76
CA GLN B 24 -7.32 8.85 5.03
C GLN B 24 -6.13 7.94 5.35
N GLU B 25 -5.96 7.63 6.63
CA GLU B 25 -4.87 6.77 7.06
C GLU B 25 -5.23 5.30 6.94
N TYR B 26 -4.65 4.62 5.96
CA TYR B 26 -4.86 3.19 5.82
C TYR B 26 -3.95 2.43 6.79
N ARG B 27 -4.55 1.94 7.86
CA ARG B 27 -3.81 1.16 8.86
C ARG B 27 -4.32 -0.27 8.86
N VAL B 28 -3.47 -1.21 9.24
CA VAL B 28 -3.87 -2.61 9.29
C VAL B 28 -3.74 -3.19 10.69
N ASN B 29 -2.72 -2.79 11.42
CA ASN B 29 -2.49 -3.30 12.76
C ASN B 29 -2.00 -2.16 13.64
N GLY B 30 -2.54 -0.97 13.38
CA GLY B 30 -2.13 0.20 14.12
C GLY B 30 -1.10 1.01 13.34
N PHE B 31 -0.33 0.33 12.53
CA PHE B 31 0.75 0.98 11.79
C PHE B 31 0.27 1.40 10.41
N LEU B 32 0.57 2.64 10.07
CA LEU B 32 0.22 3.21 8.78
C LEU B 32 1.02 2.55 7.65
N TYR B 33 0.35 2.19 6.56
CA TYR B 33 1.04 1.67 5.39
C TYR B 33 0.72 2.48 4.13
N ALA B 34 -0.42 3.16 4.13
CA ALA B 34 -0.82 3.99 2.99
C ALA B 34 -1.66 5.18 3.44
N ILE B 35 -1.47 6.31 2.78
CA ILE B 35 -2.24 7.51 3.10
C ILE B 35 -2.93 8.05 1.86
N LYS B 36 -4.22 8.30 1.96
CA LYS B 36 -4.94 8.98 0.89
C LYS B 36 -5.38 10.34 1.37
N VAL B 37 -4.67 11.37 0.95
CA VAL B 37 -4.98 12.72 1.40
C VAL B 37 -5.64 13.52 0.27
N VAL B 38 -6.77 14.11 0.61
CA VAL B 38 -7.54 14.90 -0.34
C VAL B 38 -7.53 16.37 0.06
N PRO B 39 -6.53 17.13 -0.37
CA PRO B 39 -6.48 18.56 -0.11
C PRO B 39 -7.29 19.36 -1.12
N LYS B 40 -8.06 20.32 -0.61
CA LYS B 40 -8.84 21.22 -1.45
C LYS B 40 -7.94 22.14 -2.24
N HIS B 41 -6.66 22.12 -1.91
CA HIS B 41 -5.67 22.95 -2.58
C HIS B 41 -4.53 22.07 -3.08
N GLY B 42 -4.86 21.04 -3.86
CA GLY B 42 -3.84 20.12 -4.34
C GLY B 42 -4.42 18.85 -4.95
N LYS B 43 -5.70 18.57 -4.65
CA LYS B 43 -6.40 17.39 -5.18
C LYS B 43 -5.89 16.11 -4.52
N PRO B 44 -6.77 15.08 -4.40
CA PRO B 44 -6.43 13.83 -3.73
C PRO B 44 -5.28 13.07 -4.39
N TYR B 45 -4.42 12.48 -3.57
CA TYR B 45 -3.31 11.67 -4.04
C TYR B 45 -2.97 10.61 -3.02
N PHE B 46 -2.37 9.51 -3.48
CA PHE B 46 -2.04 8.39 -2.62
C PHE B 46 -0.56 8.40 -2.25
N LEU B 47 -0.29 8.05 -1.00
CA LEU B 47 1.08 7.80 -0.57
C LEU B 47 1.16 6.41 0.07
N VAL B 48 1.58 5.44 -0.74
CA VAL B 48 1.74 4.08 -0.26
C VAL B 48 3.19 3.88 0.15
N ARG B 49 3.42 3.49 1.39
CA ARG B 49 4.77 3.38 1.90
C ARG B 49 5.53 2.25 1.24
N ALA B 50 6.81 2.50 1.02
CA ALA B 50 7.73 1.52 0.48
C ALA B 50 8.18 0.55 1.55
N ASP B 51 8.95 -0.45 1.16
CA ASP B 51 9.57 -1.35 2.12
C ASP B 51 10.87 -0.73 2.61
N GLY B 52 11.11 -0.84 3.90
CA GLY B 52 12.30 -0.24 4.46
C GLY B 52 11.96 0.94 5.34
N SER B 53 12.53 0.97 6.54
CA SER B 53 12.26 2.02 7.50
C SER B 53 13.11 3.26 7.21
N ASP B 54 13.41 3.48 5.94
CA ASP B 54 14.21 4.62 5.53
C ASP B 54 13.40 5.90 5.62
N GLY B 55 12.18 5.86 5.09
CA GLY B 55 11.31 7.01 5.12
C GLY B 55 10.91 7.46 3.74
N ASN B 56 10.50 6.50 2.94
CA ASN B 56 10.09 6.78 1.58
C ASN B 56 8.67 6.31 1.34
N PHE B 57 7.89 7.16 0.69
CA PHE B 57 6.56 6.80 0.27
C PHE B 57 6.50 6.74 -1.24
N ILE B 58 5.52 6.03 -1.77
CA ILE B 58 5.32 5.97 -3.20
C ILE B 58 4.00 6.64 -3.56
N ARG B 59 4.09 7.73 -4.30
CA ARG B 59 2.93 8.53 -4.62
C ARG B 59 2.22 7.97 -5.85
N SER B 60 0.90 8.07 -5.86
CA SER B 60 0.10 7.61 -7.00
C SER B 60 0.50 8.32 -8.28
N ASP B 61 0.92 9.57 -8.11
CA ASP B 61 1.35 10.41 -9.23
C ASP B 61 2.73 10.00 -9.70
N GLN B 62 3.55 9.52 -8.77
CA GLN B 62 4.93 9.17 -9.06
C GLN B 62 5.28 7.79 -8.50
N PRO B 63 4.74 6.71 -9.09
CA PRO B 63 5.04 5.35 -8.65
C PRO B 63 6.44 4.92 -9.05
N ASP B 64 7.03 5.72 -9.93
CA ASP B 64 8.38 5.48 -10.42
C ASP B 64 9.39 6.26 -9.58
N LYS B 65 8.88 7.06 -8.66
CA LYS B 65 9.72 7.95 -7.87
C LYS B 65 9.54 7.68 -6.38
N LEU B 66 10.65 7.44 -5.71
CA LEU B 66 10.66 7.29 -4.26
C LEU B 66 10.48 8.65 -3.62
N ILE B 67 9.33 8.88 -3.01
CA ILE B 67 9.02 10.17 -2.41
C ILE B 67 9.88 10.40 -1.18
N PRO B 68 10.75 11.42 -1.23
CA PRO B 68 11.73 11.69 -0.17
C PRO B 68 11.10 12.08 1.15
N GLN B 69 11.93 12.18 2.17
CA GLN B 69 11.48 12.28 3.55
C GLN B 69 10.97 13.68 3.87
N TRP B 70 11.19 14.64 2.98
CA TRP B 70 10.64 15.98 3.16
C TRP B 70 9.33 16.11 2.40
N GLU B 71 9.05 15.12 1.56
CA GLU B 71 7.88 15.14 0.71
C GLU B 71 6.82 14.15 1.22
N ILE B 72 7.20 13.36 2.21
CA ILE B 72 6.28 12.40 2.79
C ILE B 72 5.20 13.10 3.60
N PHE B 73 5.54 14.24 4.17
CA PHE B 73 4.57 15.07 4.86
C PHE B 73 4.16 16.25 3.98
N SER B 74 3.97 15.94 2.70
CA SER B 74 3.56 16.93 1.71
C SER B 74 2.27 17.64 2.15
N TRP B 75 1.43 16.92 2.86
CA TRP B 75 0.21 17.49 3.40
C TRP B 75 0.50 18.25 4.68
N GLY A 1 22.89 2.86 5.89
CA GLY A 1 23.32 1.67 5.12
C GLY A 1 23.85 0.57 6.02
N ALA A 2 25.01 0.80 6.60
CA ALA A 2 25.65 -0.19 7.47
C ALA A 2 24.93 -0.29 8.80
N ASP A 3 24.90 0.82 9.55
CA ASP A 3 24.28 0.83 10.86
C ASP A 3 22.78 1.07 10.72
N ASP A 4 21.98 0.11 11.20
CA ASP A 4 20.53 0.20 11.07
C ASP A 4 19.87 0.34 12.43
N ASP A 5 18.70 0.96 12.43
CA ASP A 5 17.89 1.08 13.63
C ASP A 5 16.42 1.03 13.25
N ALA A 6 15.86 -0.18 13.23
CA ALA A 6 14.50 -0.37 12.78
C ALA A 6 13.48 0.09 13.82
N PRO A 7 12.53 0.93 13.41
CA PRO A 7 11.46 1.41 14.28
C PRO A 7 10.34 0.37 14.41
N SER A 8 9.32 0.72 15.19
CA SER A 8 8.17 -0.15 15.36
C SER A 8 7.32 -0.15 14.09
N GLY A 9 7.16 -1.31 13.51
CA GLY A 9 6.46 -1.41 12.24
C GLY A 9 7.43 -1.41 11.09
N GLU A 10 8.26 -2.44 11.03
CA GLU A 10 9.24 -2.58 9.97
C GLU A 10 8.71 -3.57 8.94
N PRO A 11 8.16 -3.06 7.85
CA PRO A 11 7.49 -3.87 6.86
C PRO A 11 8.48 -4.54 5.91
N ASP A 12 8.72 -5.81 6.15
CA ASP A 12 9.66 -6.59 5.37
C ASP A 12 9.00 -7.04 4.08
N VAL A 13 9.75 -7.02 3.01
CA VAL A 13 9.24 -7.44 1.73
C VAL A 13 9.75 -8.83 1.39
N THR A 14 8.82 -9.73 1.22
CA THR A 14 9.16 -11.10 0.90
C THR A 14 9.16 -11.29 -0.60
N ILE A 15 10.35 -11.34 -1.18
CA ILE A 15 10.48 -11.42 -2.62
C ILE A 15 10.41 -12.87 -3.09
N ARG A 16 9.27 -13.22 -3.68
CA ARG A 16 9.04 -14.58 -4.16
C ARG A 16 9.23 -14.64 -5.66
N GLN A 17 9.44 -15.85 -6.17
CA GLN A 17 9.55 -16.07 -7.59
C GLN A 17 8.58 -17.16 -8.01
N GLU A 18 7.44 -16.74 -8.52
CA GLU A 18 6.40 -17.67 -8.93
C GLU A 18 6.39 -17.80 -10.44
N GLY A 19 7.11 -18.78 -10.95
CA GLY A 19 7.24 -18.94 -12.38
C GLY A 19 8.00 -17.79 -13.00
N ASP A 20 7.29 -16.92 -13.70
CA ASP A 20 7.91 -15.82 -14.40
C ASP A 20 7.74 -14.52 -13.63
N LYS A 21 6.99 -14.56 -12.54
CA LYS A 21 6.67 -13.33 -11.84
C LYS A 21 7.36 -13.25 -10.48
N THR A 22 8.16 -12.22 -10.31
CA THR A 22 8.80 -11.94 -9.04
C THR A 22 7.81 -11.19 -8.14
N ILE A 23 7.14 -11.93 -7.26
CA ILE A 23 6.11 -11.35 -6.41
C ILE A 23 6.70 -10.92 -5.08
N GLN A 24 6.83 -9.63 -4.88
CA GLN A 24 7.37 -9.10 -3.65
C GLN A 24 6.23 -8.73 -2.70
N GLU A 25 6.10 -9.52 -1.63
CA GLU A 25 5.03 -9.30 -0.66
C GLU A 25 5.48 -8.35 0.43
N TYR A 26 4.90 -7.16 0.45
CA TYR A 26 5.18 -6.20 1.49
C TYR A 26 4.31 -6.49 2.71
N ARG A 27 4.90 -7.08 3.73
CA ARG A 27 4.19 -7.41 4.95
C ARG A 27 4.75 -6.62 6.12
N VAL A 28 3.88 -6.03 6.93
CA VAL A 28 4.35 -5.32 8.12
C VAL A 28 4.38 -6.24 9.32
N ASN A 29 3.22 -6.77 9.68
CA ASN A 29 3.11 -7.69 10.80
C ASN A 29 2.19 -8.85 10.45
N GLY A 30 2.66 -9.74 9.60
CA GLY A 30 1.92 -10.94 9.27
C GLY A 30 1.00 -10.77 8.08
N PHE A 31 0.53 -9.56 7.84
CA PHE A 31 -0.46 -9.34 6.81
C PHE A 31 0.11 -8.53 5.64
N LEU A 32 -0.18 -9.01 4.45
CA LEU A 32 0.20 -8.36 3.21
C LEU A 32 -0.55 -7.04 3.05
N TYR A 33 0.18 -5.94 2.88
CA TYR A 33 -0.46 -4.66 2.67
C TYR A 33 -0.28 -4.18 1.22
N ALA A 34 0.77 -4.66 0.56
CA ALA A 34 1.02 -4.29 -0.83
C ALA A 34 1.87 -5.35 -1.52
N ILE A 35 1.58 -5.59 -2.80
CA ILE A 35 2.35 -6.55 -3.58
C ILE A 35 2.97 -5.87 -4.80
N LYS A 36 4.24 -6.12 -5.02
CA LYS A 36 4.87 -5.71 -6.26
C LYS A 36 5.29 -6.95 -7.03
N VAL A 37 4.51 -7.33 -8.01
CA VAL A 37 4.81 -8.50 -8.82
C VAL A 37 5.45 -8.06 -10.13
N VAL A 38 6.62 -8.64 -10.41
CA VAL A 38 7.37 -8.34 -11.61
C VAL A 38 7.38 -9.54 -12.55
N PRO A 39 6.36 -9.65 -13.42
CA PRO A 39 6.28 -10.72 -14.39
C PRO A 39 7.27 -10.55 -15.53
N LYS A 40 7.83 -11.66 -15.99
CA LYS A 40 8.74 -11.65 -17.13
C LYS A 40 8.00 -11.34 -18.42
N HIS A 41 6.67 -11.36 -18.33
CA HIS A 41 5.84 -11.13 -19.50
C HIS A 41 4.76 -10.10 -19.16
N GLY A 42 5.14 -8.82 -19.20
CA GLY A 42 4.20 -7.76 -18.90
C GLY A 42 4.89 -6.53 -18.32
N LYS A 43 4.53 -6.19 -17.09
CA LYS A 43 5.14 -5.06 -16.40
C LYS A 43 5.10 -5.28 -14.89
N PRO A 44 6.05 -4.70 -14.15
CA PRO A 44 6.00 -4.68 -12.70
C PRO A 44 4.96 -3.68 -12.20
N TYR A 45 4.04 -4.15 -11.40
CA TYR A 45 2.93 -3.31 -10.95
C TYR A 45 2.62 -3.56 -9.48
N PHE A 46 1.98 -2.59 -8.85
CA PHE A 46 1.67 -2.65 -7.43
C PHE A 46 0.20 -2.99 -7.20
N LEU A 47 -0.05 -3.80 -6.18
CA LEU A 47 -1.39 -4.09 -5.72
C LEU A 47 -1.51 -3.75 -4.24
N VAL A 48 -2.18 -2.65 -3.94
CA VAL A 48 -2.37 -2.21 -2.57
C VAL A 48 -3.63 -2.88 -2.00
N ARG A 49 -3.55 -3.31 -0.74
CA ARG A 49 -4.69 -3.94 -0.08
C ARG A 49 -5.74 -2.90 0.27
N ALA A 50 -6.89 -2.99 -0.35
CA ALA A 50 -7.99 -2.04 -0.15
C ALA A 50 -8.46 -2.06 1.30
N ASP A 51 -8.95 -0.91 1.77
CA ASP A 51 -9.41 -0.77 3.15
C ASP A 51 -10.50 -1.78 3.45
N GLY A 52 -10.35 -2.46 4.58
CA GLY A 52 -11.31 -3.47 4.99
C GLY A 52 -10.92 -4.84 4.50
N SER A 53 -10.13 -4.89 3.43
CA SER A 53 -9.72 -6.13 2.81
C SER A 53 -10.95 -6.92 2.36
N ASP A 54 -11.96 -6.19 1.88
CA ASP A 54 -13.22 -6.78 1.43
C ASP A 54 -12.98 -7.88 0.40
N GLY A 55 -12.01 -7.67 -0.49
CA GLY A 55 -11.68 -8.69 -1.46
C GLY A 55 -11.15 -8.13 -2.75
N ASN A 56 -10.59 -6.92 -2.70
CA ASN A 56 -10.11 -6.25 -3.90
C ASN A 56 -8.74 -5.64 -3.66
N PHE A 57 -8.05 -5.32 -4.74
CA PHE A 57 -6.74 -4.68 -4.66
C PHE A 57 -6.76 -3.36 -5.41
N ILE A 58 -5.83 -2.48 -5.07
CA ILE A 58 -5.69 -1.22 -5.76
C ILE A 58 -4.45 -1.26 -6.65
N ARG A 59 -4.66 -1.28 -7.95
CA ARG A 59 -3.56 -1.41 -8.90
C ARG A 59 -2.95 -0.05 -9.19
N SER A 60 -1.62 -0.03 -9.30
CA SER A 60 -0.88 1.20 -9.53
C SER A 60 -1.21 1.84 -10.87
N ASP A 61 -1.67 1.03 -11.82
CA ASP A 61 -1.99 1.52 -13.16
C ASP A 61 -3.28 2.35 -13.15
N GLN A 62 -4.15 2.09 -12.18
CA GLN A 62 -5.43 2.76 -12.12
C GLN A 62 -5.96 2.80 -10.69
N PRO A 63 -5.59 3.84 -9.93
CA PRO A 63 -6.03 4.00 -8.54
C PRO A 63 -7.42 4.62 -8.43
N ASP A 64 -8.06 4.78 -9.58
CA ASP A 64 -9.40 5.36 -9.65
C ASP A 64 -10.41 4.50 -8.91
N LYS A 65 -10.32 3.21 -9.12
CA LYS A 65 -11.26 2.27 -8.55
C LYS A 65 -10.55 1.10 -7.90
N LEU A 66 -11.34 0.18 -7.39
CA LEU A 66 -10.83 -1.03 -6.80
C LEU A 66 -10.83 -2.13 -7.82
N ILE A 67 -9.75 -2.88 -7.90
CA ILE A 67 -9.63 -3.96 -8.84
C ILE A 67 -10.39 -5.18 -8.34
N PRO A 68 -11.48 -5.55 -9.04
CA PRO A 68 -12.40 -6.60 -8.60
C PRO A 68 -11.77 -7.99 -8.62
N GLN A 69 -12.52 -8.95 -8.13
CA GLN A 69 -11.99 -10.28 -7.89
C GLN A 69 -11.65 -10.98 -9.19
N TRP A 70 -12.52 -10.88 -10.19
CA TRP A 70 -12.28 -11.54 -11.48
C TRP A 70 -11.03 -10.98 -12.14
N GLU A 71 -10.59 -9.83 -11.66
CA GLU A 71 -9.40 -9.18 -12.16
C GLU A 71 -8.17 -9.53 -11.32
N ILE A 72 -8.38 -9.82 -10.04
CA ILE A 72 -7.25 -10.13 -9.15
C ILE A 72 -6.72 -11.54 -9.37
N PHE A 73 -7.61 -12.50 -9.61
CA PHE A 73 -7.17 -13.87 -9.85
C PHE A 73 -6.81 -14.08 -11.31
N SER A 74 -6.35 -13.02 -11.93
CA SER A 74 -5.77 -13.10 -13.26
C SER A 74 -4.37 -13.73 -13.15
N TRP A 75 -3.89 -13.84 -11.91
CA TRP A 75 -2.64 -14.54 -11.62
C TRP A 75 -2.75 -16.02 -11.98
N GLY B 1 -22.25 -5.23 5.15
CA GLY B 1 -23.67 -5.05 4.96
C GLY B 1 -24.48 -5.74 6.05
N ALA B 2 -23.85 -6.71 6.70
CA ALA B 2 -24.51 -7.48 7.75
C ALA B 2 -23.47 -8.11 8.67
N ASP B 3 -22.55 -8.85 8.07
CA ASP B 3 -21.49 -9.51 8.82
C ASP B 3 -20.19 -9.45 8.03
N ASP B 4 -19.21 -8.77 8.58
CA ASP B 4 -17.90 -8.67 7.95
C ASP B 4 -16.86 -9.27 8.87
N ASP B 5 -15.85 -9.90 8.29
CA ASP B 5 -14.85 -10.62 9.08
C ASP B 5 -13.44 -10.31 8.62
N ALA B 6 -12.62 -9.83 9.54
CA ALA B 6 -11.24 -9.51 9.25
C ALA B 6 -10.31 -10.55 9.87
N PRO B 7 -9.32 -11.02 9.10
CA PRO B 7 -8.34 -12.00 9.57
C PRO B 7 -7.22 -11.36 10.39
N SER B 8 -6.11 -12.06 10.53
CA SER B 8 -4.93 -11.52 11.19
C SER B 8 -4.37 -10.36 10.37
N GLY B 9 -4.75 -9.15 10.76
CA GLY B 9 -4.42 -7.99 9.98
C GLY B 9 -5.66 -7.36 9.38
N GLU B 10 -6.20 -6.38 10.07
CA GLU B 10 -7.42 -5.72 9.62
C GLU B 10 -7.11 -4.30 9.17
N PRO B 11 -6.96 -4.11 7.86
CA PRO B 11 -6.57 -2.84 7.29
C PRO B 11 -7.73 -1.88 7.14
N ASP B 12 -8.15 -1.29 8.25
CA ASP B 12 -9.20 -0.30 8.23
C ASP B 12 -8.59 1.08 8.08
N VAL B 13 -9.32 1.97 7.45
CA VAL B 13 -8.79 3.28 7.17
C VAL B 13 -9.34 4.32 8.14
N THR B 14 -8.45 5.10 8.70
CA THR B 14 -8.82 6.19 9.59
C THR B 14 -8.95 7.47 8.77
N ILE B 15 -10.17 7.96 8.63
CA ILE B 15 -10.45 9.10 7.77
C ILE B 15 -10.28 10.40 8.53
N ARG B 16 -9.22 11.13 8.22
CA ARG B 16 -8.98 12.45 8.80
C ARG B 16 -9.52 13.50 7.87
N GLN B 17 -9.74 14.68 8.40
CA GLN B 17 -10.13 15.83 7.61
C GLN B 17 -9.37 17.05 8.08
N GLU B 18 -8.20 17.23 7.53
CA GLU B 18 -7.31 18.27 7.99
C GLU B 18 -7.39 19.45 7.05
N GLY B 19 -8.33 20.34 7.32
CA GLY B 19 -8.55 21.48 6.48
C GLY B 19 -9.34 21.13 5.24
N ASP B 20 -8.68 21.17 4.09
CA ASP B 20 -9.36 20.90 2.82
C ASP B 20 -8.91 19.57 2.24
N LYS B 21 -8.21 18.78 3.02
CA LYS B 21 -7.75 17.48 2.55
C LYS B 21 -8.20 16.36 3.47
N THR B 22 -8.91 15.40 2.89
CA THR B 22 -9.31 14.21 3.59
C THR B 22 -8.15 13.21 3.62
N ILE B 23 -7.49 13.12 4.76
CA ILE B 23 -6.33 12.24 4.89
C ILE B 23 -6.74 10.88 5.43
N GLN B 24 -6.75 9.89 4.56
CA GLN B 24 -7.18 8.55 4.93
C GLN B 24 -5.99 7.67 5.29
N GLU B 25 -5.87 7.36 6.56
CA GLU B 25 -4.78 6.53 7.05
C GLU B 25 -5.15 5.05 6.94
N TYR B 26 -4.56 4.36 5.98
CA TYR B 26 -4.74 2.92 5.87
C TYR B 26 -3.80 2.20 6.84
N ARG B 27 -4.36 1.66 7.91
CA ARG B 27 -3.57 0.94 8.90
C ARG B 27 -4.07 -0.50 9.00
N VAL B 28 -3.16 -1.45 8.85
CA VAL B 28 -3.53 -2.85 8.89
C VAL B 28 -3.25 -3.46 10.25
N ASN B 29 -2.19 -3.01 10.89
CA ASN B 29 -1.76 -3.58 12.16
C ASN B 29 -1.24 -2.47 13.05
N GLY B 30 -1.93 -1.34 13.02
CA GLY B 30 -1.49 -0.18 13.77
C GLY B 30 -0.52 0.67 12.97
N PHE B 31 0.14 0.04 12.00
CA PHE B 31 1.14 0.72 11.20
C PHE B 31 0.50 1.25 9.92
N LEU B 32 0.81 2.51 9.63
CA LEU B 32 0.35 3.16 8.41
C LEU B 32 1.11 2.56 7.22
N TYR B 33 0.38 1.93 6.31
CA TYR B 33 1.02 1.35 5.14
C TYR B 33 0.75 2.19 3.89
N ALA B 34 -0.33 2.93 3.90
CA ALA B 34 -0.68 3.78 2.76
C ALA B 34 -1.59 4.92 3.20
N ILE B 35 -1.29 6.13 2.74
CA ILE B 35 -2.14 7.27 3.02
C ILE B 35 -2.88 7.68 1.76
N LYS B 36 -4.20 7.76 1.85
CA LYS B 36 -4.99 8.25 0.75
C LYS B 36 -5.51 9.64 1.11
N VAL B 37 -4.86 10.66 0.59
CA VAL B 37 -5.25 12.01 0.88
C VAL B 37 -6.00 12.61 -0.29
N VAL B 38 -7.20 13.09 -0.01
CA VAL B 38 -8.04 13.71 -1.02
C VAL B 38 -8.12 15.21 -0.78
N PRO B 39 -7.18 15.97 -1.34
CA PRO B 39 -7.14 17.42 -1.18
C PRO B 39 -8.06 18.14 -2.16
N LYS B 40 -8.80 19.12 -1.65
CA LYS B 40 -9.62 19.99 -2.47
C LYS B 40 -8.76 20.73 -3.48
N HIS B 41 -7.56 21.06 -3.06
CA HIS B 41 -6.61 21.71 -3.93
C HIS B 41 -5.60 20.69 -4.42
N GLY B 42 -6.02 19.89 -5.38
CA GLY B 42 -5.22 18.80 -5.87
C GLY B 42 -6.09 17.60 -6.23
N LYS B 43 -5.48 16.42 -6.26
CA LYS B 43 -6.21 15.19 -6.56
C LYS B 43 -5.88 14.14 -5.52
N PRO B 44 -6.82 13.22 -5.21
CA PRO B 44 -6.59 12.13 -4.27
C PRO B 44 -5.47 11.20 -4.72
N TYR B 45 -4.46 11.06 -3.88
CA TYR B 45 -3.31 10.24 -4.22
C TYR B 45 -2.89 9.37 -3.05
N PHE B 46 -2.26 8.25 -3.36
CA PHE B 46 -1.85 7.29 -2.36
C PHE B 46 -0.35 7.40 -2.08
N LEU B 47 0.01 7.33 -0.81
CA LEU B 47 1.41 7.25 -0.41
C LEU B 47 1.69 5.94 0.30
N VAL B 48 2.32 5.01 -0.39
CA VAL B 48 2.60 3.70 0.17
C VAL B 48 3.96 3.67 0.86
N ARG B 49 3.99 3.21 2.09
CA ARG B 49 5.23 3.06 2.84
C ARG B 49 6.14 2.04 2.18
N ALA B 50 7.34 2.49 1.80
CA ALA B 50 8.33 1.62 1.20
C ALA B 50 8.80 0.56 2.18
N ASP B 51 9.26 -0.57 1.64
CA ASP B 51 9.69 -1.72 2.46
C ASP B 51 10.81 -1.34 3.41
N GLY B 52 10.82 -1.98 4.57
CA GLY B 52 11.85 -1.74 5.56
C GLY B 52 11.68 -0.41 6.26
N SER B 53 10.61 0.31 5.90
CA SER B 53 10.38 1.65 6.41
C SER B 53 11.55 2.56 6.01
N ASP B 54 11.89 2.49 4.72
CA ASP B 54 12.99 3.26 4.15
C ASP B 54 12.91 4.73 4.55
N GLY B 55 11.71 5.28 4.49
CA GLY B 55 11.49 6.65 4.88
C GLY B 55 10.71 7.38 3.83
N ASN B 56 10.72 6.79 2.67
CA ASN B 56 10.09 7.37 1.51
C ASN B 56 8.71 6.77 1.29
N PHE B 57 7.94 7.41 0.43
CA PHE B 57 6.61 6.93 0.09
C PHE B 57 6.51 6.65 -1.40
N ILE B 58 5.62 5.75 -1.76
CA ILE B 58 5.37 5.46 -3.17
C ILE B 58 4.04 6.05 -3.58
N ARG B 59 4.08 7.02 -4.48
CA ARG B 59 2.88 7.72 -4.88
C ARG B 59 2.20 7.03 -6.05
N SER B 60 0.88 6.96 -6.00
CA SER B 60 0.08 6.27 -7.01
C SER B 60 0.22 6.92 -8.39
N ASP B 61 0.62 8.18 -8.43
CA ASP B 61 0.75 8.92 -9.69
C ASP B 61 2.00 8.51 -10.44
N GLN B 62 2.93 7.87 -9.73
CA GLN B 62 4.18 7.41 -10.31
C GLN B 62 4.85 6.43 -9.36
N PRO B 63 4.48 5.15 -9.44
CA PRO B 63 5.02 4.09 -8.57
C PRO B 63 6.51 3.84 -8.79
N ASP B 64 7.04 4.45 -9.84
CA ASP B 64 8.46 4.32 -10.17
C ASP B 64 9.27 5.41 -9.50
N LYS B 65 8.59 6.33 -8.85
CA LYS B 65 9.25 7.44 -8.18
C LYS B 65 9.05 7.35 -6.68
N LEU B 66 10.16 7.32 -5.97
CA LEU B 66 10.13 7.28 -4.53
C LEU B 66 10.02 8.70 -3.99
N ILE B 67 8.90 9.00 -3.37
CA ILE B 67 8.63 10.34 -2.85
C ILE B 67 9.62 10.71 -1.75
N PRO B 68 10.53 11.65 -2.03
CA PRO B 68 11.58 12.06 -1.11
C PRO B 68 11.06 12.93 0.02
N GLN B 69 11.95 13.28 0.93
CA GLN B 69 11.56 13.95 2.17
C GLN B 69 11.23 15.42 1.96
N TRP B 70 11.44 15.93 0.75
CA TRP B 70 11.02 17.29 0.45
C TRP B 70 9.68 17.28 -0.27
N GLU B 71 9.26 16.10 -0.71
CA GLU B 71 8.00 15.97 -1.45
C GLU B 71 6.92 15.33 -0.59
N ILE B 72 7.33 14.72 0.51
CA ILE B 72 6.37 14.12 1.44
C ILE B 72 5.51 15.19 2.11
N PHE B 73 6.01 16.41 2.10
CA PHE B 73 5.27 17.54 2.64
C PHE B 73 4.40 18.18 1.56
N SER B 74 3.77 17.31 0.78
CA SER B 74 2.91 17.75 -0.31
C SER B 74 1.49 18.00 0.21
N TRP B 75 1.37 18.14 1.52
CA TRP B 75 0.09 18.39 2.16
C TRP B 75 -0.13 19.89 2.33
N GLY A 1 22.32 9.38 6.30
CA GLY A 1 22.70 8.50 7.42
C GLY A 1 21.70 8.55 8.55
N ALA A 2 22.21 8.58 9.78
CA ALA A 2 21.39 8.69 11.00
C ALA A 2 20.50 7.46 11.19
N ASP A 3 20.80 6.39 10.47
CA ASP A 3 20.04 5.16 10.58
C ASP A 3 20.82 4.15 11.40
N ASP A 4 20.39 3.93 12.63
CA ASP A 4 21.05 3.00 13.53
C ASP A 4 20.04 2.32 14.43
N ASP A 5 19.09 3.11 14.95
CA ASP A 5 18.07 2.60 15.84
C ASP A 5 16.87 2.13 15.05
N ALA A 6 16.62 0.82 15.07
CA ALA A 6 15.57 0.23 14.27
C ALA A 6 14.21 0.32 14.96
N PRO A 7 13.23 0.90 14.27
CA PRO A 7 11.85 1.01 14.75
C PRO A 7 11.11 -0.33 14.69
N SER A 8 9.91 -0.37 15.25
CA SER A 8 9.09 -1.57 15.23
C SER A 8 8.22 -1.61 13.98
N GLY A 9 7.41 -2.65 13.86
CA GLY A 9 6.60 -2.83 12.67
C GLY A 9 7.41 -3.42 11.55
N GLU A 10 8.08 -2.54 10.79
CA GLU A 10 8.98 -2.95 9.72
C GLU A 10 8.21 -3.51 8.55
N PRO A 11 7.97 -2.69 7.53
CA PRO A 11 7.29 -3.12 6.34
C PRO A 11 8.25 -3.87 5.43
N ASP A 12 8.38 -5.16 5.69
CA ASP A 12 9.33 -5.99 4.98
C ASP A 12 8.64 -6.70 3.84
N VAL A 13 9.40 -7.01 2.80
CA VAL A 13 8.85 -7.63 1.63
C VAL A 13 9.53 -8.96 1.34
N THR A 14 8.71 -9.97 1.11
CA THR A 14 9.20 -11.29 0.74
C THR A 14 9.27 -11.41 -0.77
N ILE A 15 10.47 -11.56 -1.29
CA ILE A 15 10.69 -11.56 -2.72
C ILE A 15 10.67 -12.97 -3.29
N ARG A 16 9.60 -13.28 -4.01
CA ARG A 16 9.47 -14.56 -4.70
C ARG A 16 9.80 -14.38 -6.18
N GLN A 17 9.94 -15.47 -6.90
CA GLN A 17 10.15 -15.42 -8.33
C GLN A 17 9.36 -16.52 -9.03
N GLU A 18 8.24 -16.13 -9.63
CA GLU A 18 7.37 -17.08 -10.30
C GLU A 18 7.59 -17.02 -11.81
N GLY A 19 8.64 -17.68 -12.26
CA GLY A 19 9.00 -17.63 -13.66
C GLY A 19 9.85 -16.42 -13.97
N ASP A 20 9.29 -15.47 -14.71
CA ASP A 20 10.01 -14.25 -15.05
C ASP A 20 9.36 -13.06 -14.36
N LYS A 21 8.37 -13.34 -13.52
CA LYS A 21 7.73 -12.30 -12.74
C LYS A 21 8.14 -12.43 -11.28
N THR A 22 8.77 -11.38 -10.77
CA THR A 22 9.18 -11.33 -9.39
C THR A 22 7.98 -10.96 -8.52
N ILE A 23 7.71 -11.76 -7.49
CA ILE A 23 6.54 -11.55 -6.66
C ILE A 23 6.96 -11.03 -5.29
N GLN A 24 6.75 -9.75 -5.06
CA GLN A 24 7.14 -9.14 -3.80
C GLN A 24 5.95 -9.01 -2.86
N GLU A 25 5.95 -9.82 -1.80
CA GLU A 25 4.87 -9.81 -0.83
C GLU A 25 5.18 -8.84 0.31
N TYR A 26 4.43 -7.75 0.37
CA TYR A 26 4.64 -6.74 1.40
C TYR A 26 3.84 -7.04 2.66
N ARG A 27 4.54 -7.43 3.72
CA ARG A 27 3.92 -7.67 5.01
C ARG A 27 4.56 -6.77 6.05
N VAL A 28 3.74 -5.97 6.72
CA VAL A 28 4.24 -5.03 7.71
C VAL A 28 4.24 -5.66 9.09
N ASN A 29 3.34 -6.60 9.31
CA ASN A 29 3.23 -7.26 10.59
C ASN A 29 2.24 -8.42 10.49
N GLY A 30 2.68 -9.48 9.83
CA GLY A 30 1.85 -10.67 9.70
C GLY A 30 0.82 -10.58 8.59
N PHE A 31 0.43 -9.35 8.24
CA PHE A 31 -0.63 -9.15 7.27
C PHE A 31 -0.07 -8.65 5.94
N LEU A 32 -0.48 -9.30 4.87
CA LEU A 32 -0.14 -8.89 3.52
C LEU A 32 -0.96 -7.66 3.15
N TYR A 33 -0.30 -6.51 2.99
CA TYR A 33 -1.03 -5.29 2.68
C TYR A 33 -0.86 -4.88 1.23
N ALA A 34 0.14 -5.46 0.55
CA ALA A 34 0.39 -5.13 -0.85
C ALA A 34 1.23 -6.20 -1.53
N ILE A 35 0.95 -6.43 -2.80
CA ILE A 35 1.75 -7.33 -3.60
C ILE A 35 2.38 -6.56 -4.75
N LYS A 36 3.70 -6.65 -4.88
CA LYS A 36 4.41 -5.97 -5.94
C LYS A 36 4.93 -6.99 -6.94
N VAL A 37 4.29 -7.05 -8.09
CA VAL A 37 4.72 -7.97 -9.13
C VAL A 37 5.72 -7.28 -10.02
N VAL A 38 6.82 -7.95 -10.33
CA VAL A 38 7.78 -7.43 -11.28
C VAL A 38 7.93 -8.40 -12.45
N PRO A 39 6.91 -8.45 -13.33
CA PRO A 39 6.97 -9.26 -14.54
C PRO A 39 7.83 -8.62 -15.61
N LYS A 40 8.72 -9.40 -16.20
CA LYS A 40 9.63 -8.91 -17.23
C LYS A 40 8.86 -8.32 -18.40
N HIS A 41 7.72 -8.90 -18.69
CA HIS A 41 6.85 -8.38 -19.72
C HIS A 41 5.51 -8.00 -19.11
N GLY A 42 5.26 -6.71 -19.05
CA GLY A 42 4.09 -6.20 -18.36
C GLY A 42 4.47 -5.12 -17.37
N LYS A 43 5.71 -5.23 -16.88
CA LYS A 43 6.30 -4.24 -15.97
C LYS A 43 5.67 -4.27 -14.58
N PRO A 44 6.45 -3.88 -13.56
CA PRO A 44 6.03 -3.96 -12.15
C PRO A 44 4.89 -3.02 -11.77
N TYR A 45 4.03 -3.48 -10.87
CA TYR A 45 2.93 -2.68 -10.36
C TYR A 45 2.63 -3.09 -8.92
N PHE A 46 1.99 -2.19 -8.18
CA PHE A 46 1.61 -2.47 -6.81
C PHE A 46 0.13 -2.82 -6.72
N LEU A 47 -0.17 -3.93 -6.06
CA LEU A 47 -1.53 -4.31 -5.78
C LEU A 47 -1.78 -4.18 -4.28
N VAL A 48 -2.35 -3.04 -3.88
CA VAL A 48 -2.49 -2.71 -2.46
C VAL A 48 -3.87 -3.12 -1.94
N ARG A 49 -3.91 -3.59 -0.70
CA ARG A 49 -5.15 -3.96 -0.04
C ARG A 49 -6.01 -2.75 0.22
N ALA A 50 -7.30 -2.89 -0.02
CA ALA A 50 -8.26 -1.85 0.33
C ALA A 50 -8.73 -2.06 1.76
N ASP A 51 -9.16 -0.99 2.41
CA ASP A 51 -9.58 -1.04 3.80
C ASP A 51 -10.78 -1.97 3.98
N GLY A 52 -10.67 -2.86 4.95
CA GLY A 52 -11.72 -3.83 5.21
C GLY A 52 -11.66 -5.02 4.28
N SER A 53 -10.89 -4.86 3.20
CA SER A 53 -10.78 -5.85 2.13
C SER A 53 -12.14 -6.44 1.73
N ASP A 54 -12.94 -5.63 1.04
CA ASP A 54 -14.24 -6.04 0.54
C ASP A 54 -14.04 -6.84 -0.76
N GLY A 55 -13.05 -7.71 -0.76
CA GLY A 55 -12.63 -8.38 -1.98
C GLY A 55 -12.13 -7.36 -2.98
N ASN A 56 -11.45 -6.34 -2.48
CA ASN A 56 -11.10 -5.18 -3.28
C ASN A 56 -9.63 -4.81 -3.08
N PHE A 57 -9.00 -4.41 -4.17
CA PHE A 57 -7.61 -3.95 -4.14
C PHE A 57 -7.48 -2.64 -4.89
N ILE A 58 -6.34 -2.00 -4.73
CA ILE A 58 -6.03 -0.78 -5.48
C ILE A 58 -4.68 -0.92 -6.14
N ARG A 59 -4.65 -0.82 -7.46
CA ARG A 59 -3.41 -0.96 -8.22
C ARG A 59 -2.71 0.39 -8.35
N SER A 60 -1.40 0.35 -8.44
CA SER A 60 -0.61 1.57 -8.63
C SER A 60 -0.91 2.18 -10.00
N ASP A 61 -1.23 1.32 -10.95
CA ASP A 61 -1.60 1.76 -12.29
C ASP A 61 -3.02 2.25 -12.33
N GLN A 62 -3.81 1.80 -11.38
CA GLN A 62 -5.24 2.06 -11.38
C GLN A 62 -5.72 2.43 -9.96
N PRO A 63 -5.34 3.61 -9.45
CA PRO A 63 -5.72 4.05 -8.12
C PRO A 63 -7.09 4.70 -8.07
N ASP A 64 -7.56 5.14 -9.24
CA ASP A 64 -8.85 5.80 -9.35
C ASP A 64 -9.94 4.77 -9.65
N LYS A 65 -9.53 3.52 -9.66
CA LYS A 65 -10.44 2.41 -9.89
C LYS A 65 -10.32 1.38 -8.78
N LEU A 66 -11.45 0.88 -8.32
CA LEU A 66 -11.46 -0.16 -7.32
C LEU A 66 -11.34 -1.51 -8.01
N ILE A 67 -10.25 -2.21 -7.74
CA ILE A 67 -9.92 -3.45 -8.44
C ILE A 67 -10.89 -4.56 -8.06
N PRO A 68 -11.62 -5.11 -9.05
CA PRO A 68 -12.59 -6.18 -8.81
C PRO A 68 -11.93 -7.49 -8.41
N GLN A 69 -12.77 -8.45 -8.05
CA GLN A 69 -12.29 -9.65 -7.37
C GLN A 69 -11.71 -10.67 -8.35
N TRP A 70 -11.77 -10.37 -9.64
CA TRP A 70 -11.12 -11.22 -10.64
C TRP A 70 -9.80 -10.59 -11.07
N GLU A 71 -9.66 -9.31 -10.80
CA GLU A 71 -8.46 -8.57 -11.17
C GLU A 71 -7.44 -8.62 -10.05
N ILE A 72 -7.89 -9.06 -8.88
CA ILE A 72 -7.00 -9.24 -7.73
C ILE A 72 -6.07 -10.42 -7.98
N PHE A 73 -6.47 -11.30 -8.87
CA PHE A 73 -5.64 -12.43 -9.28
C PHE A 73 -5.14 -12.19 -10.71
N SER A 74 -4.81 -10.93 -10.98
CA SER A 74 -4.40 -10.51 -12.32
C SER A 74 -3.11 -11.21 -12.74
N TRP A 75 -2.24 -11.49 -11.78
CA TRP A 75 -0.98 -12.18 -12.07
C TRP A 75 -1.11 -13.67 -11.84
N GLY B 1 -24.73 -14.85 -0.44
CA GLY B 1 -23.55 -14.41 -1.16
C GLY B 1 -22.71 -13.45 -0.34
N ALA B 2 -22.79 -13.60 0.97
CA ALA B 2 -22.03 -12.74 1.87
C ALA B 2 -21.47 -13.55 3.03
N ASP B 3 -20.16 -13.50 3.20
CA ASP B 3 -19.50 -14.21 4.29
C ASP B 3 -19.38 -13.29 5.49
N ASP B 4 -19.80 -13.76 6.65
CA ASP B 4 -19.93 -12.90 7.84
C ASP B 4 -18.70 -13.00 8.75
N ASP B 5 -17.69 -13.75 8.32
CA ASP B 5 -16.49 -13.91 9.13
C ASP B 5 -15.58 -12.68 9.03
N ALA B 6 -15.05 -12.25 10.16
CA ALA B 6 -14.15 -11.11 10.20
C ALA B 6 -12.74 -11.56 10.59
N PRO B 7 -11.77 -11.37 9.69
CA PRO B 7 -10.38 -11.79 9.91
C PRO B 7 -9.63 -10.88 10.88
N SER B 8 -8.48 -11.36 11.36
CA SER B 8 -7.65 -10.59 12.26
C SER B 8 -6.85 -9.53 11.50
N GLY B 9 -6.05 -8.76 12.22
CA GLY B 9 -5.30 -7.70 11.60
C GLY B 9 -6.11 -6.44 11.47
N GLU B 10 -7.24 -6.55 10.77
CA GLU B 10 -8.17 -5.45 10.58
C GLU B 10 -7.49 -4.26 9.91
N PRO B 11 -7.29 -4.33 8.59
CA PRO B 11 -6.75 -3.21 7.84
C PRO B 11 -7.79 -2.11 7.68
N ASP B 12 -7.93 -1.33 8.73
CA ASP B 12 -8.94 -0.28 8.78
C ASP B 12 -8.32 1.06 8.43
N VAL B 13 -9.16 2.04 8.12
CA VAL B 13 -8.67 3.33 7.72
C VAL B 13 -9.26 4.44 8.59
N THR B 14 -8.39 5.33 9.05
CA THR B 14 -8.81 6.48 9.82
C THR B 14 -9.01 7.67 8.89
N ILE B 15 -10.25 8.08 8.71
CA ILE B 15 -10.56 9.15 7.78
C ILE B 15 -10.37 10.52 8.43
N ARG B 16 -9.30 11.20 8.06
CA ARG B 16 -9.01 12.54 8.55
C ARG B 16 -9.40 13.55 7.48
N GLN B 17 -9.35 14.82 7.83
CA GLN B 17 -9.54 15.89 6.85
C GLN B 17 -8.69 17.08 7.21
N GLU B 18 -7.88 17.49 6.24
CA GLU B 18 -6.93 18.54 6.44
C GLU B 18 -7.23 19.70 5.49
N GLY B 19 -8.40 20.28 5.63
CA GLY B 19 -8.79 21.37 4.78
C GLY B 19 -9.59 20.89 3.59
N ASP B 20 -9.01 21.01 2.41
CA ASP B 20 -9.67 20.53 1.19
C ASP B 20 -9.12 19.18 0.79
N LYS B 21 -8.33 18.60 1.68
CA LYS B 21 -7.73 17.30 1.42
C LYS B 21 -8.09 16.31 2.52
N THR B 22 -8.76 15.23 2.13
CA THR B 22 -9.09 14.17 3.06
C THR B 22 -7.88 13.26 3.26
N ILE B 23 -7.57 12.93 4.49
CA ILE B 23 -6.40 12.12 4.79
C ILE B 23 -6.81 10.78 5.37
N GLN B 24 -6.75 9.73 4.56
CA GLN B 24 -7.18 8.42 5.02
C GLN B 24 -5.97 7.62 5.50
N GLU B 25 -5.85 7.48 6.82
CA GLU B 25 -4.76 6.73 7.42
C GLU B 25 -5.06 5.23 7.40
N TYR B 26 -4.47 4.52 6.46
CA TYR B 26 -4.62 3.08 6.41
C TYR B 26 -3.69 2.40 7.40
N ARG B 27 -4.26 1.91 8.48
CA ARG B 27 -3.49 1.24 9.51
C ARG B 27 -4.09 -0.12 9.82
N VAL B 28 -3.33 -1.16 9.59
CA VAL B 28 -3.80 -2.50 9.84
C VAL B 28 -3.58 -2.86 11.32
N ASN B 29 -2.34 -3.08 11.71
CA ASN B 29 -2.06 -3.50 13.07
C ASN B 29 -1.11 -2.50 13.73
N GLY B 30 -1.61 -1.31 13.98
CA GLY B 30 -0.85 -0.30 14.70
C GLY B 30 0.02 0.56 13.81
N PHE B 31 0.29 0.08 12.59
CA PHE B 31 1.26 0.75 11.75
C PHE B 31 0.59 1.32 10.49
N LEU B 32 0.91 2.57 10.22
CA LEU B 32 0.46 3.25 9.01
C LEU B 32 1.22 2.70 7.81
N TYR B 33 0.52 2.03 6.91
CA TYR B 33 1.17 1.45 5.74
C TYR B 33 0.85 2.24 4.47
N ALA B 34 -0.22 3.02 4.51
CA ALA B 34 -0.63 3.80 3.34
C ALA B 34 -1.49 4.99 3.75
N ILE B 35 -1.30 6.11 3.06
CA ILE B 35 -2.13 7.27 3.27
C ILE B 35 -2.85 7.64 1.98
N LYS B 36 -4.16 7.58 1.99
CA LYS B 36 -4.95 8.00 0.85
C LYS B 36 -5.34 9.45 1.01
N VAL B 37 -4.67 10.33 0.28
CA VAL B 37 -5.01 11.74 0.31
C VAL B 37 -6.08 12.02 -0.73
N VAL B 38 -7.13 12.72 -0.34
CA VAL B 38 -8.13 13.17 -1.28
C VAL B 38 -8.18 14.69 -1.28
N PRO B 39 -7.17 15.35 -1.87
CA PRO B 39 -7.16 16.80 -2.01
C PRO B 39 -7.98 17.26 -3.19
N LYS B 40 -8.81 18.28 -2.96
CA LYS B 40 -9.57 18.91 -4.04
C LYS B 40 -8.63 19.40 -5.12
N HIS B 41 -7.55 20.01 -4.69
CA HIS B 41 -6.64 20.67 -5.60
C HIS B 41 -5.46 19.76 -5.88
N GLY B 42 -5.65 18.86 -6.83
CA GLY B 42 -4.63 17.88 -7.17
C GLY B 42 -5.21 16.49 -7.36
N LYS B 43 -6.40 16.28 -6.77
CA LYS B 43 -7.12 15.01 -6.85
C LYS B 43 -6.46 13.92 -6.00
N PRO B 44 -7.26 12.93 -5.56
CA PRO B 44 -6.80 11.88 -4.63
C PRO B 44 -5.71 10.97 -5.21
N TYR B 45 -4.83 10.53 -4.32
CA TYR B 45 -3.78 9.58 -4.69
C TYR B 45 -3.41 8.73 -3.47
N PHE B 46 -2.61 7.70 -3.68
CA PHE B 46 -2.20 6.82 -2.59
C PHE B 46 -0.71 6.98 -2.29
N LEU B 47 -0.41 7.24 -1.03
CA LEU B 47 0.96 7.32 -0.55
C LEU B 47 1.27 6.09 0.29
N VAL B 48 1.93 5.11 -0.30
CA VAL B 48 2.18 3.84 0.37
C VAL B 48 3.60 3.78 0.92
N ARG B 49 3.73 3.26 2.14
CA ARG B 49 5.03 3.03 2.74
C ARG B 49 5.82 1.98 1.97
N ALA B 50 7.01 2.38 1.54
CA ALA B 50 7.90 1.49 0.83
C ALA B 50 8.53 0.48 1.79
N ASP B 51 8.97 -0.65 1.25
CA ASP B 51 9.58 -1.69 2.07
C ASP B 51 10.88 -1.19 2.69
N GLY B 52 11.04 -1.45 3.97
CA GLY B 52 12.20 -0.96 4.70
C GLY B 52 11.94 0.41 5.31
N SER B 53 11.09 1.18 4.63
CA SER B 53 10.70 2.53 5.04
C SER B 53 11.89 3.40 5.46
N ASP B 54 12.86 3.54 4.57
CA ASP B 54 14.02 4.40 4.82
C ASP B 54 13.65 5.88 4.61
N GLY B 55 12.47 6.25 5.08
CA GLY B 55 11.94 7.58 4.85
C GLY B 55 11.49 7.73 3.41
N ASN B 56 11.08 6.62 2.81
CA ASN B 56 10.71 6.59 1.40
C ASN B 56 9.28 6.10 1.25
N PHE B 57 8.56 6.70 0.31
CA PHE B 57 7.18 6.32 0.05
C PHE B 57 7.01 5.99 -1.44
N ILE B 58 5.93 5.30 -1.76
CA ILE B 58 5.60 5.01 -3.14
C ILE B 58 4.21 5.57 -3.45
N ARG B 59 4.10 6.31 -4.54
CA ARG B 59 2.86 6.97 -4.89
C ARG B 59 2.14 6.26 -6.02
N SER B 60 0.85 6.49 -6.13
CA SER B 60 0.05 5.89 -7.19
C SER B 60 0.32 6.58 -8.52
N ASP B 61 0.73 7.84 -8.45
CA ASP B 61 1.08 8.60 -9.64
C ASP B 61 2.53 8.37 -10.02
N GLN B 62 3.27 7.81 -9.08
CA GLN B 62 4.69 7.59 -9.23
C GLN B 62 5.08 6.26 -8.56
N PRO B 63 4.73 5.14 -9.21
CA PRO B 63 4.87 3.80 -8.62
C PRO B 63 6.28 3.21 -8.76
N ASP B 64 6.87 3.33 -9.95
CA ASP B 64 8.20 2.79 -10.19
C ASP B 64 9.24 3.75 -9.65
N LYS B 65 8.77 4.90 -9.21
CA LYS B 65 9.64 5.95 -8.70
C LYS B 65 9.56 6.00 -7.19
N LEU B 66 10.72 6.12 -6.56
CA LEU B 66 10.78 6.22 -5.11
C LEU B 66 10.64 7.67 -4.71
N ILE B 67 9.67 7.95 -3.85
CA ILE B 67 9.28 9.32 -3.54
C ILE B 67 10.18 9.91 -2.47
N PRO B 68 10.90 10.98 -2.81
CA PRO B 68 11.83 11.65 -1.89
C PRO B 68 11.11 12.46 -0.82
N GLN B 69 11.89 13.02 0.09
CA GLN B 69 11.37 13.62 1.32
C GLN B 69 10.86 15.04 1.11
N TRP B 70 10.67 15.45 -0.13
CA TRP B 70 10.04 16.73 -0.40
C TRP B 70 8.71 16.51 -1.12
N GLU B 71 8.52 15.31 -1.64
CA GLU B 71 7.33 14.99 -2.42
C GLU B 71 6.39 14.08 -1.63
N ILE B 72 6.79 13.76 -0.40
CA ILE B 72 6.00 12.90 0.46
C ILE B 72 4.87 13.66 1.13
N PHE B 73 5.11 14.95 1.40
CA PHE B 73 4.10 15.80 2.03
C PHE B 73 3.60 16.84 1.06
N SER B 74 3.42 16.42 -0.20
CA SER B 74 2.95 17.30 -1.25
C SER B 74 1.56 17.85 -0.94
N TRP B 75 0.81 17.10 -0.14
CA TRP B 75 -0.53 17.50 0.26
C TRP B 75 -0.49 18.67 1.25
N GLY A 1 16.37 5.57 -1.33
CA GLY A 1 16.17 4.92 -0.01
C GLY A 1 16.78 5.74 1.10
N ALA A 2 16.59 5.30 2.33
CA ALA A 2 17.12 6.01 3.48
C ALA A 2 17.68 5.03 4.51
N ASP A 3 18.88 5.32 5.00
CA ASP A 3 19.48 4.55 6.08
C ASP A 3 19.00 5.09 7.42
N ASP A 4 17.99 4.43 7.99
CA ASP A 4 17.39 4.92 9.23
C ASP A 4 16.97 3.74 10.11
N ASP A 5 16.26 4.05 11.19
CA ASP A 5 15.92 3.06 12.20
C ASP A 5 14.44 2.70 12.14
N ALA A 6 14.15 1.45 11.77
CA ALA A 6 12.79 0.95 11.74
C ALA A 6 12.26 0.75 13.15
N PRO A 7 11.14 1.41 13.49
CA PRO A 7 10.53 1.33 14.81
C PRO A 7 9.62 0.11 14.95
N SER A 8 8.62 0.22 15.83
CA SER A 8 7.67 -0.87 16.04
C SER A 8 6.81 -1.06 14.79
N GLY A 9 6.46 -2.31 14.50
CA GLY A 9 5.81 -2.62 13.25
C GLY A 9 6.83 -2.83 12.16
N GLU A 10 7.29 -4.05 12.03
CA GLU A 10 8.43 -4.37 11.17
C GLU A 10 7.98 -5.07 9.91
N PRO A 11 7.91 -4.34 8.80
CA PRO A 11 7.49 -4.87 7.53
C PRO A 11 8.67 -5.37 6.69
N ASP A 12 8.62 -6.64 6.33
CA ASP A 12 9.63 -7.24 5.47
C ASP A 12 8.99 -7.95 4.30
N VAL A 13 9.20 -7.37 3.14
CA VAL A 13 8.66 -7.92 1.91
C VAL A 13 9.32 -9.25 1.58
N THR A 14 8.50 -10.23 1.30
CA THR A 14 8.99 -11.52 0.87
C THR A 14 9.21 -11.52 -0.64
N ILE A 15 10.46 -11.42 -1.05
CA ILE A 15 10.80 -11.35 -2.46
C ILE A 15 10.93 -12.74 -3.04
N ARG A 16 9.92 -13.16 -3.79
CA ARG A 16 9.91 -14.48 -4.40
C ARG A 16 10.17 -14.39 -5.89
N GLN A 17 10.65 -15.47 -6.45
CA GLN A 17 10.83 -15.58 -7.88
C GLN A 17 10.18 -16.86 -8.36
N GLU A 18 8.97 -16.74 -8.87
CA GLU A 18 8.14 -17.88 -9.21
C GLU A 18 8.37 -18.30 -10.66
N GLY A 19 9.45 -17.80 -11.24
CA GLY A 19 9.75 -18.11 -12.63
C GLY A 19 9.87 -16.86 -13.47
N ASP A 20 8.80 -16.54 -14.19
CA ASP A 20 8.79 -15.38 -15.07
C ASP A 20 8.42 -14.11 -14.33
N LYS A 21 8.26 -14.20 -13.03
CA LYS A 21 7.84 -13.04 -12.26
C LYS A 21 8.41 -13.04 -10.85
N THR A 22 8.97 -11.89 -10.48
CA THR A 22 9.43 -11.65 -9.12
C THR A 22 8.26 -11.16 -8.30
N ILE A 23 7.69 -12.02 -7.47
CA ILE A 23 6.50 -11.70 -6.71
C ILE A 23 6.88 -11.34 -5.29
N GLN A 24 6.69 -10.08 -4.93
CA GLN A 24 7.06 -9.59 -3.61
C GLN A 24 5.84 -9.46 -2.70
N GLU A 25 5.86 -10.23 -1.62
CA GLU A 25 4.79 -10.19 -0.64
C GLU A 25 5.11 -9.17 0.46
N TYR A 26 4.51 -7.99 0.38
CA TYR A 26 4.74 -6.95 1.37
C TYR A 26 3.93 -7.24 2.64
N ARG A 27 4.62 -7.70 3.68
CA ARG A 27 3.96 -8.05 4.93
C ARG A 27 4.55 -7.25 6.09
N VAL A 28 3.70 -6.68 6.91
CA VAL A 28 4.17 -5.96 8.10
C VAL A 28 4.08 -6.85 9.34
N ASN A 29 2.87 -7.05 9.84
CA ASN A 29 2.67 -7.83 11.06
C ASN A 29 1.63 -8.91 10.84
N GLY A 30 2.00 -9.90 10.02
CA GLY A 30 1.09 -10.98 9.71
C GLY A 30 0.04 -10.57 8.69
N PHE A 31 0.26 -9.42 8.06
CA PHE A 31 -0.71 -8.88 7.13
C PHE A 31 -0.03 -8.48 5.83
N LEU A 32 -0.56 -8.99 4.73
CA LEU A 32 -0.11 -8.62 3.40
C LEU A 32 -0.81 -7.34 2.96
N TYR A 33 -0.07 -6.26 2.78
CA TYR A 33 -0.67 -4.99 2.42
C TYR A 33 -0.44 -4.65 0.95
N ALA A 34 0.41 -5.41 0.28
CA ALA A 34 0.72 -5.14 -1.13
C ALA A 34 1.48 -6.30 -1.76
N ILE A 35 1.21 -6.53 -3.03
CA ILE A 35 1.93 -7.52 -3.81
C ILE A 35 2.59 -6.85 -5.01
N LYS A 36 3.91 -6.86 -5.04
CA LYS A 36 4.63 -6.30 -6.16
C LYS A 36 5.18 -7.42 -7.03
N VAL A 37 4.55 -7.64 -8.16
CA VAL A 37 5.01 -8.66 -9.09
C VAL A 37 5.73 -8.04 -10.27
N VAL A 38 6.94 -8.51 -10.51
CA VAL A 38 7.73 -8.08 -11.65
C VAL A 38 7.69 -9.16 -12.73
N PRO A 39 6.69 -9.10 -13.61
CA PRO A 39 6.50 -10.12 -14.65
C PRO A 39 7.39 -9.91 -15.88
N LYS A 40 7.73 -11.00 -16.53
CA LYS A 40 8.47 -10.97 -17.79
C LYS A 40 7.56 -10.55 -18.92
N HIS A 41 6.27 -10.49 -18.64
CA HIS A 41 5.28 -10.22 -19.67
C HIS A 41 4.61 -8.87 -19.42
N GLY A 42 5.29 -8.02 -18.66
CA GLY A 42 4.76 -6.72 -18.33
C GLY A 42 5.72 -5.92 -17.48
N LYS A 43 5.20 -4.97 -16.72
CA LYS A 43 6.04 -4.14 -15.87
C LYS A 43 5.75 -4.45 -14.41
N PRO A 44 6.75 -4.28 -13.53
CA PRO A 44 6.56 -4.46 -12.08
C PRO A 44 5.52 -3.49 -11.53
N TYR A 45 4.48 -4.05 -10.94
CA TYR A 45 3.38 -3.25 -10.44
C TYR A 45 2.94 -3.72 -9.06
N PHE A 46 2.33 -2.81 -8.32
CA PHE A 46 1.86 -3.12 -6.98
C PHE A 46 0.36 -3.40 -6.99
N LEU A 47 -0.04 -4.42 -6.26
CA LEU A 47 -1.45 -4.61 -5.92
C LEU A 47 -1.65 -4.23 -4.46
N VAL A 48 -2.12 -3.01 -4.25
CA VAL A 48 -2.29 -2.50 -2.90
C VAL A 48 -3.63 -2.96 -2.33
N ARG A 49 -3.60 -3.53 -1.14
CA ARG A 49 -4.79 -4.02 -0.49
C ARG A 49 -5.58 -2.86 0.12
N ALA A 50 -6.85 -2.75 -0.25
CA ALA A 50 -7.72 -1.71 0.30
C ALA A 50 -7.97 -1.93 1.79
N ASP A 51 -7.88 -0.86 2.55
CA ASP A 51 -7.98 -0.91 4.00
C ASP A 51 -9.45 -1.00 4.44
N GLY A 52 -9.65 -1.29 5.72
CA GLY A 52 -10.99 -1.40 6.25
C GLY A 52 -11.56 -2.77 6.03
N SER A 53 -10.66 -3.76 5.88
CA SER A 53 -11.04 -5.12 5.59
C SER A 53 -11.84 -5.21 4.29
N ASP A 54 -11.57 -4.25 3.40
CA ASP A 54 -12.29 -4.13 2.12
C ASP A 54 -12.12 -5.39 1.28
N GLY A 55 -10.87 -5.84 1.15
CA GLY A 55 -10.60 -7.06 0.43
C GLY A 55 -10.09 -6.83 -0.97
N ASN A 56 -10.61 -5.80 -1.63
CA ASN A 56 -10.27 -5.50 -3.02
C ASN A 56 -8.84 -4.97 -3.14
N PHE A 57 -8.22 -5.22 -4.31
CA PHE A 57 -6.86 -4.78 -4.58
C PHE A 57 -6.86 -3.64 -5.61
N ILE A 58 -5.89 -2.75 -5.49
CA ILE A 58 -5.74 -1.67 -6.46
C ILE A 58 -4.46 -1.89 -7.26
N ARG A 59 -4.58 -1.84 -8.58
CA ARG A 59 -3.45 -2.09 -9.46
C ARG A 59 -2.69 -0.79 -9.75
N SER A 60 -1.37 -0.87 -9.69
CA SER A 60 -0.52 0.31 -9.92
C SER A 60 -0.67 0.86 -11.33
N ASP A 61 -0.90 -0.04 -12.30
CA ASP A 61 -1.10 0.38 -13.69
C ASP A 61 -2.32 1.27 -13.82
N GLN A 62 -3.38 0.88 -13.13
CA GLN A 62 -4.68 1.54 -13.24
C GLN A 62 -5.28 1.77 -11.87
N PRO A 63 -4.98 2.90 -11.24
CA PRO A 63 -5.48 3.24 -9.89
C PRO A 63 -6.98 3.50 -9.89
N ASP A 64 -7.58 3.53 -11.07
CA ASP A 64 -9.01 3.74 -11.21
C ASP A 64 -9.75 2.42 -11.31
N LYS A 65 -8.97 1.35 -11.44
CA LYS A 65 -9.54 0.01 -11.60
C LYS A 65 -9.38 -0.79 -10.31
N LEU A 66 -10.50 -1.25 -9.81
CA LEU A 66 -10.53 -2.08 -8.61
C LEU A 66 -10.42 -3.53 -9.02
N ILE A 67 -9.38 -4.20 -8.55
CA ILE A 67 -9.10 -5.57 -8.93
C ILE A 67 -9.78 -6.55 -7.98
N PRO A 68 -10.76 -7.31 -8.48
CA PRO A 68 -11.51 -8.27 -7.68
C PRO A 68 -10.66 -9.46 -7.26
N GLN A 69 -11.23 -10.30 -6.42
CA GLN A 69 -10.45 -11.34 -5.75
C GLN A 69 -10.26 -12.57 -6.63
N TRP A 70 -10.89 -12.58 -7.81
CA TRP A 70 -10.69 -13.68 -8.74
C TRP A 70 -9.71 -13.27 -9.83
N GLU A 71 -9.26 -12.02 -9.74
CA GLU A 71 -8.36 -11.45 -10.74
C GLU A 71 -7.06 -10.99 -10.10
N ILE A 72 -6.80 -11.46 -8.90
CA ILE A 72 -5.61 -11.08 -8.16
C ILE A 72 -4.51 -12.14 -8.31
N PHE A 73 -4.92 -13.36 -8.62
CA PHE A 73 -3.98 -14.47 -8.74
C PHE A 73 -3.91 -14.96 -10.19
N SER A 74 -4.33 -14.08 -11.09
CA SER A 74 -4.40 -14.39 -12.51
C SER A 74 -3.05 -14.81 -13.07
N TRP A 75 -1.99 -14.25 -12.51
CA TRP A 75 -0.63 -14.62 -12.89
C TRP A 75 -0.28 -16.01 -12.37
N GLY B 1 -18.85 -7.11 -1.26
CA GLY B 1 -19.85 -8.15 -1.20
C GLY B 1 -19.28 -9.48 -0.73
N ALA B 2 -17.95 -9.55 -0.74
CA ALA B 2 -17.27 -10.76 -0.33
C ALA B 2 -16.79 -10.65 1.11
N ASP B 3 -17.70 -10.84 2.05
CA ASP B 3 -17.36 -10.78 3.47
C ASP B 3 -16.59 -12.01 3.86
N ASP B 4 -15.59 -11.85 4.71
CA ASP B 4 -14.73 -12.96 5.10
C ASP B 4 -14.28 -12.79 6.55
N ASP B 5 -13.50 -13.74 7.04
CA ASP B 5 -13.01 -13.69 8.41
C ASP B 5 -11.58 -13.14 8.42
N ALA B 6 -11.43 -11.97 9.01
CA ALA B 6 -10.13 -11.32 9.08
C ALA B 6 -9.20 -12.07 10.03
N PRO B 7 -8.02 -12.49 9.53
CA PRO B 7 -7.02 -13.16 10.36
C PRO B 7 -6.25 -12.15 11.21
N SER B 8 -5.03 -12.51 11.61
CA SER B 8 -4.20 -11.60 12.37
C SER B 8 -3.66 -10.51 11.47
N GLY B 9 -4.40 -9.43 11.39
CA GLY B 9 -4.06 -8.34 10.49
C GLY B 9 -5.31 -7.61 10.07
N GLU B 10 -6.08 -7.16 11.06
CA GLU B 10 -7.35 -6.51 10.83
C GLU B 10 -7.15 -5.00 10.76
N PRO B 11 -7.19 -4.44 9.55
CA PRO B 11 -6.91 -3.04 9.31
C PRO B 11 -8.17 -2.19 9.20
N ASP B 12 -8.01 -0.90 9.43
CA ASP B 12 -9.10 0.06 9.31
C ASP B 12 -8.53 1.44 9.05
N VAL B 13 -9.01 2.05 7.99
CA VAL B 13 -8.49 3.32 7.54
C VAL B 13 -9.15 4.47 8.28
N THR B 14 -8.33 5.39 8.75
CA THR B 14 -8.81 6.55 9.47
C THR B 14 -8.94 7.74 8.51
N ILE B 15 -10.17 8.06 8.16
CA ILE B 15 -10.43 9.15 7.24
C ILE B 15 -10.64 10.44 8.02
N ARG B 16 -9.62 11.28 8.04
CA ARG B 16 -9.68 12.53 8.78
C ARG B 16 -9.48 13.71 7.86
N GLN B 17 -9.72 14.89 8.39
CA GLN B 17 -9.53 16.11 7.62
C GLN B 17 -8.60 17.06 8.34
N GLU B 18 -7.47 17.35 7.70
CA GLU B 18 -6.45 18.21 8.30
C GLU B 18 -6.61 19.65 7.82
N GLY B 19 -7.83 20.00 7.45
CA GLY B 19 -8.08 21.33 6.93
C GLY B 19 -8.67 21.28 5.53
N ASP B 20 -7.87 21.65 4.54
CA ASP B 20 -8.30 21.64 3.15
C ASP B 20 -7.88 20.35 2.48
N LYS B 21 -7.77 19.28 3.26
CA LYS B 21 -7.40 18.00 2.73
C LYS B 21 -7.97 16.87 3.55
N THR B 22 -8.66 15.95 2.88
CA THR B 22 -9.17 14.76 3.51
C THR B 22 -8.13 13.65 3.42
N ILE B 23 -7.61 13.26 4.56
CA ILE B 23 -6.51 12.31 4.61
C ILE B 23 -6.97 10.98 5.17
N GLN B 24 -6.94 9.96 4.32
CA GLN B 24 -7.32 8.62 4.72
C GLN B 24 -6.07 7.84 5.11
N GLU B 25 -5.92 7.64 6.42
CA GLU B 25 -4.76 6.96 6.97
C GLU B 25 -4.96 5.44 6.93
N TYR B 26 -4.39 4.80 5.92
CA TYR B 26 -4.48 3.35 5.79
C TYR B 26 -3.53 2.69 6.77
N ARG B 27 -4.08 2.17 7.86
CA ARG B 27 -3.26 1.64 8.96
C ARG B 27 -3.74 0.27 9.40
N VAL B 28 -2.82 -0.67 9.41
CA VAL B 28 -3.11 -2.01 9.92
C VAL B 28 -2.27 -2.28 11.15
N ASN B 29 -2.94 -2.54 12.27
CA ASN B 29 -2.27 -2.90 13.52
C ASN B 29 -1.33 -1.79 13.99
N GLY B 30 -1.64 -0.56 13.60
CA GLY B 30 -0.80 0.57 14.01
C GLY B 30 0.35 0.80 13.06
N PHE B 31 0.23 0.29 11.84
CA PHE B 31 1.24 0.53 10.82
C PHE B 31 0.60 1.18 9.60
N LEU B 32 1.08 2.38 9.29
CA LEU B 32 0.59 3.13 8.15
C LEU B 32 1.29 2.65 6.88
N TYR B 33 0.55 2.05 5.97
CA TYR B 33 1.15 1.53 4.75
C TYR B 33 0.72 2.35 3.53
N ALA B 34 -0.20 3.28 3.73
CA ALA B 34 -0.72 4.08 2.63
C ALA B 34 -1.49 5.29 3.14
N ILE B 35 -1.41 6.37 2.39
CA ILE B 35 -2.13 7.59 2.73
C ILE B 35 -2.89 8.09 1.51
N LYS B 36 -4.22 8.15 1.59
CA LYS B 36 -4.98 8.78 0.52
C LYS B 36 -5.39 10.17 0.95
N VAL B 37 -4.63 11.16 0.50
CA VAL B 37 -4.94 12.53 0.81
C VAL B 37 -5.62 13.22 -0.35
N VAL B 38 -6.78 13.79 -0.07
CA VAL B 38 -7.53 14.55 -1.05
C VAL B 38 -7.40 16.04 -0.74
N PRO B 39 -6.36 16.70 -1.28
CA PRO B 39 -6.13 18.10 -1.06
C PRO B 39 -6.94 19.00 -1.99
N LYS B 40 -7.58 20.00 -1.41
CA LYS B 40 -8.35 21.00 -2.16
C LYS B 40 -7.48 21.67 -3.21
N HIS B 41 -6.21 21.84 -2.90
CA HIS B 41 -5.30 22.56 -3.76
C HIS B 41 -4.49 21.60 -4.64
N GLY B 42 -4.97 20.38 -4.76
CA GLY B 42 -4.31 19.39 -5.59
C GLY B 42 -5.26 18.32 -6.06
N LYS B 43 -4.75 17.11 -6.27
CA LYS B 43 -5.57 15.98 -6.65
C LYS B 43 -5.47 14.89 -5.59
N PRO B 44 -6.55 14.13 -5.36
CA PRO B 44 -6.53 12.99 -4.44
C PRO B 44 -5.58 11.91 -4.90
N TYR B 45 -4.63 11.55 -4.05
CA TYR B 45 -3.61 10.58 -4.43
C TYR B 45 -3.22 9.70 -3.25
N PHE B 46 -2.79 8.48 -3.56
CA PHE B 46 -2.33 7.54 -2.54
C PHE B 46 -0.82 7.58 -2.43
N LEU B 47 -0.32 7.58 -1.20
CA LEU B 47 1.10 7.40 -0.94
C LEU B 47 1.34 6.02 -0.31
N VAL B 48 1.83 5.09 -1.11
CA VAL B 48 2.12 3.76 -0.63
C VAL B 48 3.48 3.74 0.06
N ARG B 49 3.55 3.19 1.26
CA ARG B 49 4.78 3.18 2.03
C ARG B 49 5.68 2.04 1.57
N ALA B 50 6.94 2.36 1.26
CA ALA B 50 7.90 1.35 0.88
C ALA B 50 8.25 0.45 2.07
N ASP B 51 8.58 -0.79 1.77
CA ASP B 51 8.85 -1.81 2.79
C ASP B 51 10.14 -1.52 3.53
N GLY B 52 10.34 -2.19 4.66
CA GLY B 52 11.54 -2.00 5.46
C GLY B 52 11.49 -0.73 6.28
N SER B 53 10.38 0.01 6.14
CA SER B 53 10.21 1.29 6.80
C SER B 53 11.29 2.27 6.30
N ASP B 54 11.69 2.08 5.05
CA ASP B 54 12.73 2.91 4.40
C ASP B 54 12.42 4.39 4.54
N GLY B 55 11.19 4.75 4.19
CA GLY B 55 10.79 6.14 4.26
C GLY B 55 10.26 6.62 2.93
N ASN B 56 10.58 5.87 1.90
CA ASN B 56 10.13 6.16 0.56
C ASN B 56 8.63 5.90 0.42
N PHE B 57 7.95 6.78 -0.31
CA PHE B 57 6.55 6.59 -0.62
C PHE B 57 6.36 6.48 -2.12
N ILE B 58 5.34 5.76 -2.54
CA ILE B 58 5.04 5.61 -3.95
C ILE B 58 3.66 6.17 -4.24
N ARG B 59 3.60 7.14 -5.15
CA ARG B 59 2.34 7.74 -5.53
C ARG B 59 1.54 6.83 -6.44
N SER B 60 0.24 6.72 -6.20
CA SER B 60 -0.65 6.15 -7.18
C SER B 60 -0.99 7.22 -8.21
N ASP B 61 -0.65 8.45 -7.85
CA ASP B 61 -0.75 9.59 -8.75
C ASP B 61 0.37 9.54 -9.78
N GLN B 62 1.58 9.25 -9.31
CA GLN B 62 2.74 9.08 -10.17
C GLN B 62 3.56 7.88 -9.68
N PRO B 63 3.21 6.67 -10.14
CA PRO B 63 3.87 5.43 -9.69
C PRO B 63 5.32 5.32 -10.16
N ASP B 64 5.69 6.16 -11.11
CA ASP B 64 7.04 6.13 -11.65
C ASP B 64 7.94 7.11 -10.89
N LYS B 65 7.44 7.61 -9.77
CA LYS B 65 8.19 8.55 -8.96
C LYS B 65 8.26 8.09 -7.50
N LEU B 66 9.48 8.00 -7.01
CA LEU B 66 9.72 7.65 -5.63
C LEU B 66 9.71 8.91 -4.78
N ILE B 67 8.88 8.92 -3.76
CA ILE B 67 8.63 10.11 -2.97
C ILE B 67 9.64 10.25 -1.84
N PRO B 68 10.44 11.33 -1.87
CA PRO B 68 11.39 11.65 -0.80
C PRO B 68 10.71 12.23 0.44
N GLN B 69 11.49 12.55 1.45
CA GLN B 69 10.92 12.94 2.73
C GLN B 69 10.38 14.37 2.69
N TRP B 70 10.96 15.23 1.87
CA TRP B 70 10.47 16.59 1.78
C TRP B 70 9.16 16.64 0.99
N GLU B 71 8.86 15.54 0.29
CA GLU B 71 7.67 15.44 -0.52
C GLU B 71 6.50 14.89 0.33
N ILE B 72 6.82 14.22 1.43
CA ILE B 72 5.78 13.65 2.29
C ILE B 72 5.10 14.77 3.07
N PHE B 73 5.76 15.91 3.16
CA PHE B 73 5.20 17.08 3.81
C PHE B 73 4.51 17.97 2.77
N SER B 74 4.26 17.41 1.60
CA SER B 74 3.53 18.11 0.55
C SER B 74 2.17 18.53 1.08
N TRP B 75 1.57 17.68 1.89
CA TRP B 75 0.32 18.01 2.56
C TRP B 75 0.59 18.49 3.97
N GLY A 1 25.86 4.50 6.33
CA GLY A 1 25.21 5.21 7.46
C GLY A 1 26.08 5.19 8.70
N ALA A 2 25.45 5.07 9.85
CA ALA A 2 26.16 5.01 11.12
C ALA A 2 25.48 4.02 12.06
N ASP A 3 24.35 4.44 12.61
CA ASP A 3 23.55 3.58 13.46
C ASP A 3 22.10 4.06 13.46
N ASP A 4 21.19 3.15 13.16
CA ASP A 4 19.78 3.48 13.07
C ASP A 4 18.91 2.41 13.72
N ASP A 5 18.29 2.76 14.84
CA ASP A 5 17.41 1.85 15.54
C ASP A 5 15.96 2.08 15.14
N ALA A 6 15.41 1.16 14.37
CA ALA A 6 14.02 1.24 13.95
C ALA A 6 13.12 0.66 15.03
N PRO A 7 11.89 1.17 15.15
CA PRO A 7 10.92 0.67 16.12
C PRO A 7 10.33 -0.67 15.71
N SER A 8 9.46 -1.22 16.55
CA SER A 8 8.76 -2.45 16.23
C SER A 8 7.72 -2.17 15.15
N GLY A 9 7.17 -3.21 14.55
CA GLY A 9 6.37 -3.04 13.36
C GLY A 9 7.26 -2.69 12.19
N GLU A 10 7.95 -3.69 11.68
CA GLU A 10 9.00 -3.49 10.72
C GLU A 10 8.58 -4.07 9.39
N PRO A 11 8.27 -3.20 8.44
CA PRO A 11 7.73 -3.61 7.16
C PRO A 11 8.83 -4.00 6.17
N ASP A 12 8.91 -5.30 5.90
CA ASP A 12 9.90 -5.84 4.99
C ASP A 12 9.20 -6.52 3.82
N VAL A 13 9.94 -6.78 2.76
CA VAL A 13 9.35 -7.38 1.57
C VAL A 13 9.92 -8.77 1.31
N THR A 14 9.03 -9.72 1.07
CA THR A 14 9.42 -11.07 0.69
C THR A 14 9.44 -11.17 -0.84
N ILE A 15 10.63 -11.22 -1.41
CA ILE A 15 10.77 -11.21 -2.86
C ILE A 15 10.81 -12.62 -3.42
N ARG A 16 9.72 -13.00 -4.09
CA ARG A 16 9.63 -14.29 -4.75
C ARG A 16 9.82 -14.13 -6.25
N GLN A 17 10.00 -15.25 -6.94
CA GLN A 17 9.98 -15.26 -8.39
C GLN A 17 9.15 -16.44 -8.88
N GLU A 18 7.90 -16.15 -9.19
CA GLU A 18 6.95 -17.19 -9.58
C GLU A 18 6.89 -17.31 -11.10
N GLY A 19 7.84 -18.02 -11.66
CA GLY A 19 7.90 -18.17 -13.10
C GLY A 19 8.65 -17.03 -13.75
N ASP A 20 7.92 -16.17 -14.45
CA ASP A 20 8.53 -15.03 -15.13
C ASP A 20 8.11 -13.73 -14.46
N LYS A 21 7.62 -13.83 -13.23
CA LYS A 21 7.17 -12.65 -12.50
C LYS A 21 7.76 -12.62 -11.10
N THR A 22 8.45 -11.53 -10.79
CA THR A 22 9.01 -11.32 -9.46
C THR A 22 7.92 -10.75 -8.54
N ILE A 23 7.47 -11.56 -7.59
CA ILE A 23 6.38 -11.15 -6.71
C ILE A 23 6.93 -10.75 -5.34
N GLN A 24 6.81 -9.46 -5.04
CA GLN A 24 7.33 -8.92 -3.79
C GLN A 24 6.21 -8.69 -2.79
N GLU A 25 6.22 -9.49 -1.73
CA GLU A 25 5.19 -9.42 -0.70
C GLU A 25 5.62 -8.49 0.42
N TYR A 26 4.99 -7.32 0.48
CA TYR A 26 5.28 -6.35 1.53
C TYR A 26 4.47 -6.67 2.80
N ARG A 27 5.16 -7.08 3.85
CA ARG A 27 4.52 -7.38 5.12
C ARG A 27 5.04 -6.43 6.20
N VAL A 28 4.15 -5.95 7.03
CA VAL A 28 4.54 -5.07 8.13
C VAL A 28 4.69 -5.86 9.42
N ASN A 29 3.83 -6.86 9.57
CA ASN A 29 3.84 -7.71 10.75
C ASN A 29 3.10 -9.00 10.43
N GLY A 30 3.60 -9.72 9.44
CA GLY A 30 2.94 -10.93 8.98
C GLY A 30 1.88 -10.63 7.94
N PHE A 31 1.20 -9.50 8.09
CA PHE A 31 0.12 -9.12 7.20
C PHE A 31 0.66 -8.57 5.88
N LEU A 32 0.14 -9.11 4.79
CA LEU A 32 0.46 -8.63 3.46
C LEU A 32 -0.41 -7.41 3.16
N TYR A 33 0.22 -6.24 3.01
CA TYR A 33 -0.53 -5.03 2.73
C TYR A 33 -0.34 -4.56 1.29
N ALA A 34 0.72 -5.02 0.65
CA ALA A 34 1.00 -4.62 -0.71
C ALA A 34 1.84 -5.67 -1.44
N ILE A 35 1.45 -5.95 -2.67
CA ILE A 35 2.21 -6.86 -3.51
C ILE A 35 2.76 -6.12 -4.72
N LYS A 36 4.07 -6.15 -4.91
CA LYS A 36 4.65 -5.57 -6.10
C LYS A 36 5.18 -6.69 -6.96
N VAL A 37 4.59 -6.86 -8.11
CA VAL A 37 4.93 -7.97 -8.97
C VAL A 37 5.42 -7.49 -10.31
N VAL A 38 6.57 -8.02 -10.72
CA VAL A 38 7.19 -7.64 -11.98
C VAL A 38 7.17 -8.83 -12.94
N PRO A 39 6.08 -8.98 -13.69
CA PRO A 39 5.97 -10.02 -14.69
C PRO A 39 6.56 -9.62 -16.04
N LYS A 40 7.33 -10.51 -16.63
CA LYS A 40 7.87 -10.32 -17.97
C LYS A 40 6.73 -10.08 -18.95
N HIS A 41 5.59 -10.69 -18.66
CA HIS A 41 4.41 -10.50 -19.47
C HIS A 41 3.32 -9.84 -18.63
N GLY A 42 3.29 -8.52 -18.66
CA GLY A 42 2.35 -7.76 -17.85
C GLY A 42 2.96 -6.50 -17.28
N LYS A 43 4.28 -6.57 -17.03
CA LYS A 43 5.06 -5.44 -16.50
C LYS A 43 4.71 -5.12 -15.05
N PRO A 44 5.68 -4.59 -14.29
CA PRO A 44 5.53 -4.35 -12.85
C PRO A 44 4.37 -3.43 -12.50
N TYR A 45 3.67 -3.78 -11.43
CA TYR A 45 2.58 -2.95 -10.91
C TYR A 45 2.43 -3.19 -9.41
N PHE A 46 1.72 -2.29 -8.74
CA PHE A 46 1.51 -2.43 -7.31
C PHE A 46 0.08 -2.83 -7.00
N LEU A 47 -0.08 -3.97 -6.36
CA LEU A 47 -1.39 -4.44 -5.94
C LEU A 47 -1.53 -4.29 -4.43
N VAL A 48 -2.20 -3.21 -4.01
CA VAL A 48 -2.28 -2.86 -2.60
C VAL A 48 -3.56 -3.41 -1.96
N ARG A 49 -3.45 -3.89 -0.72
CA ARG A 49 -4.59 -4.40 0.00
C ARG A 49 -5.36 -3.24 0.62
N ALA A 50 -6.56 -2.98 0.11
CA ALA A 50 -7.37 -1.87 0.57
C ALA A 50 -7.90 -2.12 1.98
N ASP A 51 -8.68 -1.18 2.48
CA ASP A 51 -9.26 -1.30 3.81
C ASP A 51 -10.46 -2.24 3.79
N GLY A 52 -10.67 -2.94 4.89
CA GLY A 52 -11.85 -3.76 5.01
C GLY A 52 -11.56 -5.22 4.82
N SER A 53 -12.21 -6.05 5.63
CA SER A 53 -12.12 -7.49 5.50
C SER A 53 -12.82 -7.97 4.23
N ASP A 54 -13.47 -7.02 3.54
CA ASP A 54 -14.15 -7.27 2.26
C ASP A 54 -13.32 -8.15 1.33
N GLY A 55 -12.05 -7.81 1.19
CA GLY A 55 -11.17 -8.60 0.36
C GLY A 55 -11.01 -8.02 -1.04
N ASN A 56 -10.64 -6.77 -1.12
CA ASN A 56 -10.41 -6.13 -2.40
C ASN A 56 -9.03 -5.47 -2.42
N PHE A 57 -8.43 -5.44 -3.60
CA PHE A 57 -7.12 -4.84 -3.79
C PHE A 57 -7.20 -3.67 -4.74
N ILE A 58 -6.29 -2.73 -4.59
CA ILE A 58 -6.26 -1.54 -5.45
C ILE A 58 -4.91 -1.46 -6.16
N ARG A 59 -4.95 -1.33 -7.48
CA ARG A 59 -3.72 -1.15 -8.25
C ARG A 59 -3.25 0.29 -8.15
N SER A 60 -1.95 0.47 -8.02
CA SER A 60 -1.39 1.81 -8.00
C SER A 60 -1.40 2.42 -9.40
N ASP A 61 -1.45 1.55 -10.41
CA ASP A 61 -1.57 1.98 -11.80
C ASP A 61 -2.87 2.73 -11.99
N GLN A 62 -3.96 2.03 -11.73
CA GLN A 62 -5.30 2.57 -11.85
C GLN A 62 -6.02 2.46 -10.52
N PRO A 63 -5.89 3.48 -9.67
CA PRO A 63 -6.51 3.50 -8.34
C PRO A 63 -8.04 3.53 -8.41
N ASP A 64 -8.56 3.72 -9.60
CA ASP A 64 -10.00 3.71 -9.83
C ASP A 64 -10.52 2.28 -9.87
N LYS A 65 -9.65 1.35 -10.20
CA LYS A 65 -10.07 -0.04 -10.37
C LYS A 65 -9.92 -0.82 -9.07
N LEU A 66 -11.02 -1.39 -8.64
CA LEU A 66 -11.02 -2.24 -7.46
C LEU A 66 -10.93 -3.70 -7.89
N ILE A 67 -9.88 -4.37 -7.45
CA ILE A 67 -9.68 -5.78 -7.75
C ILE A 67 -10.39 -6.65 -6.71
N PRO A 68 -11.45 -7.36 -7.12
CA PRO A 68 -12.23 -8.19 -6.21
C PRO A 68 -11.50 -9.47 -5.83
N GLN A 69 -12.12 -10.25 -4.96
CA GLN A 69 -11.44 -11.39 -4.35
C GLN A 69 -11.43 -12.59 -5.29
N TRP A 70 -12.13 -12.49 -6.42
CA TRP A 70 -12.10 -13.57 -7.39
C TRP A 70 -11.05 -13.29 -8.46
N GLU A 71 -10.53 -12.07 -8.48
CA GLU A 71 -9.55 -11.69 -9.47
C GLU A 71 -8.15 -11.67 -8.88
N ILE A 72 -8.06 -11.84 -7.56
CA ILE A 72 -6.78 -11.80 -6.87
C ILE A 72 -5.90 -12.99 -7.25
N PHE A 73 -6.53 -14.10 -7.61
CA PHE A 73 -5.80 -15.29 -8.03
C PHE A 73 -5.81 -15.40 -9.55
N SER A 74 -5.75 -14.25 -10.21
CA SER A 74 -5.67 -14.19 -11.67
C SER A 74 -4.34 -14.80 -12.14
N TRP A 75 -3.33 -14.74 -11.29
CA TRP A 75 -2.03 -15.33 -11.59
C TRP A 75 -1.71 -16.46 -10.64
N GLY B 1 -21.32 -13.89 2.51
CA GLY B 1 -21.88 -12.57 2.77
C GLY B 1 -22.98 -12.60 3.80
N ALA B 2 -22.61 -12.52 5.07
CA ALA B 2 -23.57 -12.49 6.17
C ALA B 2 -22.88 -12.10 7.47
N ASP B 3 -22.20 -13.06 8.07
CA ASP B 3 -21.48 -12.84 9.32
C ASP B 3 -20.24 -13.71 9.35
N ASP B 4 -19.11 -13.09 9.69
CA ASP B 4 -17.84 -13.80 9.76
C ASP B 4 -16.88 -13.06 10.68
N ASP B 5 -15.93 -13.78 11.22
CA ASP B 5 -14.98 -13.20 12.16
C ASP B 5 -13.73 -12.69 11.46
N ALA B 6 -13.18 -11.63 12.00
CA ALA B 6 -11.96 -11.05 11.46
C ALA B 6 -10.75 -11.66 12.13
N PRO B 7 -9.77 -12.12 11.33
CA PRO B 7 -8.53 -12.69 11.84
C PRO B 7 -7.61 -11.61 12.40
N SER B 8 -6.53 -12.03 13.05
CA SER B 8 -5.53 -11.10 13.56
C SER B 8 -4.93 -10.30 12.41
N GLY B 9 -5.26 -9.02 12.35
CA GLY B 9 -4.80 -8.19 11.27
C GLY B 9 -5.95 -7.71 10.40
N GLU B 10 -6.57 -6.62 10.82
CA GLU B 10 -7.73 -6.10 10.14
C GLU B 10 -7.48 -4.66 9.73
N PRO B 11 -7.35 -4.40 8.44
CA PRO B 11 -7.04 -3.10 7.93
C PRO B 11 -8.28 -2.26 7.65
N ASP B 12 -8.27 -1.03 8.14
CA ASP B 12 -9.34 -0.10 7.86
C ASP B 12 -8.77 1.30 7.74
N VAL B 13 -9.59 2.25 7.31
CA VAL B 13 -9.08 3.58 7.02
C VAL B 13 -9.72 4.65 7.89
N THR B 14 -8.87 5.49 8.47
CA THR B 14 -9.32 6.64 9.22
C THR B 14 -9.34 7.86 8.30
N ILE B 15 -10.53 8.25 7.86
CA ILE B 15 -10.67 9.35 6.92
C ILE B 15 -10.84 10.67 7.65
N ARG B 16 -9.80 11.48 7.63
CA ARG B 16 -9.83 12.80 8.25
C ARG B 16 -9.73 13.89 7.19
N GLN B 17 -10.06 15.11 7.58
CA GLN B 17 -9.98 16.25 6.68
C GLN B 17 -9.28 17.41 7.36
N GLU B 18 -8.04 17.66 6.97
CA GLU B 18 -7.27 18.73 7.55
C GLU B 18 -7.07 19.85 6.55
N GLY B 19 -8.02 20.77 6.52
CA GLY B 19 -7.99 21.86 5.58
C GLY B 19 -8.69 21.50 4.29
N ASP B 20 -7.95 21.53 3.19
CA ASP B 20 -8.50 21.18 1.88
C ASP B 20 -8.08 19.77 1.49
N LYS B 21 -7.43 19.06 2.40
CA LYS B 21 -6.96 17.73 2.10
C LYS B 21 -7.61 16.69 2.99
N THR B 22 -8.29 15.75 2.35
CA THR B 22 -8.86 14.61 3.04
C THR B 22 -7.81 13.51 3.19
N ILE B 23 -7.30 13.36 4.39
CA ILE B 23 -6.22 12.41 4.66
C ILE B 23 -6.79 11.09 5.16
N GLN B 24 -6.75 10.08 4.30
CA GLN B 24 -7.25 8.76 4.65
C GLN B 24 -6.11 7.85 5.07
N GLU B 25 -6.01 7.61 6.37
CA GLU B 25 -4.96 6.76 6.91
C GLU B 25 -5.38 5.30 6.90
N TYR B 26 -4.70 4.50 6.08
CA TYR B 26 -4.94 3.07 6.04
C TYR B 26 -4.03 2.36 7.03
N ARG B 27 -4.62 1.82 8.08
CA ARG B 27 -3.85 1.11 9.10
C ARG B 27 -4.44 -0.26 9.35
N VAL B 28 -3.57 -1.25 9.50
CA VAL B 28 -4.02 -2.61 9.74
C VAL B 28 -3.87 -2.99 11.22
N ASN B 29 -2.66 -2.86 11.73
CA ASN B 29 -2.38 -3.23 13.11
C ASN B 29 -1.81 -2.01 13.85
N GLY B 30 -2.40 -0.86 13.58
CA GLY B 30 -1.94 0.38 14.16
C GLY B 30 -0.94 1.09 13.28
N PHE B 31 -0.22 0.32 12.49
CA PHE B 31 0.85 0.87 11.66
C PHE B 31 0.28 1.38 10.35
N LEU B 32 0.74 2.56 9.96
CA LEU B 32 0.32 3.20 8.72
C LEU B 32 1.03 2.53 7.54
N TYR B 33 0.25 1.92 6.63
CA TYR B 33 0.85 1.28 5.47
C TYR B 33 0.48 2.01 4.18
N ALA B 34 -0.51 2.89 4.24
CA ALA B 34 -0.92 3.65 3.06
C ALA B 34 -1.70 4.89 3.46
N ILE B 35 -1.47 5.98 2.76
CA ILE B 35 -2.22 7.21 2.97
C ILE B 35 -2.84 7.67 1.66
N LYS B 36 -4.15 7.81 1.64
CA LYS B 36 -4.80 8.42 0.49
C LYS B 36 -5.22 9.81 0.87
N VAL B 37 -4.42 10.79 0.47
CA VAL B 37 -4.73 12.17 0.77
C VAL B 37 -5.38 12.81 -0.45
N VAL B 38 -6.53 13.44 -0.21
CA VAL B 38 -7.26 14.13 -1.25
C VAL B 38 -7.16 15.63 -1.05
N PRO B 39 -6.08 16.25 -1.56
CA PRO B 39 -5.88 17.67 -1.46
C PRO B 39 -6.51 18.42 -2.63
N LYS B 40 -7.25 19.46 -2.31
CA LYS B 40 -7.85 20.31 -3.32
C LYS B 40 -6.76 21.02 -4.11
N HIS B 41 -5.56 21.00 -3.55
CA HIS B 41 -4.41 21.60 -4.19
C HIS B 41 -3.38 20.52 -4.47
N GLY B 42 -3.48 19.92 -5.64
CA GLY B 42 -2.56 18.85 -6.01
C GLY B 42 -3.27 17.60 -6.46
N LYS B 43 -4.56 17.48 -6.11
CA LYS B 43 -5.42 16.35 -6.49
C LYS B 43 -5.06 15.08 -5.69
N PRO B 44 -6.07 14.22 -5.43
CA PRO B 44 -5.89 13.02 -4.61
C PRO B 44 -4.95 12.00 -5.25
N TYR B 45 -4.26 11.25 -4.39
CA TYR B 45 -3.35 10.20 -4.84
C TYR B 45 -3.10 9.24 -3.69
N PHE B 46 -2.64 8.04 -4.02
CA PHE B 46 -2.29 7.05 -3.02
C PHE B 46 -0.81 7.12 -2.71
N LEU B 47 -0.49 7.20 -1.43
CA LEU B 47 0.88 7.18 -0.97
C LEU B 47 1.13 5.86 -0.23
N VAL B 48 1.74 4.91 -0.92
CA VAL B 48 1.92 3.56 -0.39
C VAL B 48 3.28 3.41 0.29
N ARG B 49 3.28 2.72 1.43
CA ARG B 49 4.50 2.50 2.19
C ARG B 49 5.42 1.51 1.48
N ALA B 50 6.69 1.87 1.35
CA ALA B 50 7.69 0.95 0.87
C ALA B 50 8.37 0.27 2.06
N ASP B 51 9.03 -0.84 1.80
CA ASP B 51 9.67 -1.61 2.86
C ASP B 51 10.85 -0.84 3.45
N GLY B 52 10.98 -0.87 4.76
CA GLY B 52 12.06 -0.16 5.40
C GLY B 52 11.58 1.08 6.11
N SER B 53 12.24 1.41 7.19
CA SER B 53 11.96 2.64 7.93
C SER B 53 12.78 3.79 7.34
N ASP B 54 13.16 3.65 6.08
CA ASP B 54 13.93 4.67 5.37
C ASP B 54 13.10 5.94 5.19
N GLY B 55 11.79 5.78 5.12
CA GLY B 55 10.91 6.90 4.90
C GLY B 55 10.59 7.09 3.45
N ASN B 56 10.42 5.98 2.75
CA ASN B 56 10.16 6.00 1.32
C ASN B 56 8.72 5.55 1.03
N PHE B 57 8.02 6.33 0.22
CA PHE B 57 6.66 6.01 -0.17
C PHE B 57 6.53 6.03 -1.70
N ILE B 58 5.49 5.40 -2.21
CA ILE B 58 5.27 5.34 -3.65
C ILE B 58 3.94 6.02 -4.02
N ARG B 59 3.92 6.74 -5.13
CA ARG B 59 2.74 7.46 -5.56
C ARG B 59 1.93 6.65 -6.58
N SER B 60 0.62 6.78 -6.54
CA SER B 60 -0.24 6.13 -7.53
C SER B 60 -0.18 6.88 -8.86
N ASP B 61 0.35 8.09 -8.83
CA ASP B 61 0.51 8.88 -10.04
C ASP B 61 1.74 8.41 -10.82
N GLN B 62 2.73 7.92 -10.10
CA GLN B 62 3.98 7.46 -10.69
C GLN B 62 4.70 6.51 -9.75
N PRO B 63 4.54 5.19 -9.97
CA PRO B 63 5.17 4.16 -9.13
C PRO B 63 6.68 4.10 -9.30
N ASP B 64 7.19 4.76 -10.34
CA ASP B 64 8.62 4.82 -10.59
C ASP B 64 9.30 5.81 -9.66
N LYS B 65 8.52 6.72 -9.10
CA LYS B 65 9.06 7.76 -8.25
C LYS B 65 9.00 7.35 -6.80
N LEU B 66 10.16 7.36 -6.18
CA LEU B 66 10.31 7.07 -4.76
C LEU B 66 10.20 8.38 -3.98
N ILE B 67 9.34 8.40 -2.98
CA ILE B 67 9.13 9.60 -2.20
C ILE B 67 9.92 9.54 -0.89
N PRO B 68 10.94 10.40 -0.76
CA PRO B 68 11.78 10.44 0.43
C PRO B 68 11.07 11.06 1.64
N GLN B 69 11.74 11.04 2.77
CA GLN B 69 11.11 11.37 4.05
C GLN B 69 10.76 12.85 4.16
N TRP B 70 11.46 13.69 3.43
CA TRP B 70 11.16 15.12 3.47
C TRP B 70 9.98 15.43 2.55
N GLU B 71 9.62 14.46 1.71
CA GLU B 71 8.52 14.64 0.77
C GLU B 71 7.27 13.86 1.19
N ILE B 72 7.44 12.87 2.06
CA ILE B 72 6.31 12.11 2.56
C ILE B 72 5.38 13.00 3.38
N PHE B 73 5.95 14.05 3.95
CA PHE B 73 5.18 15.05 4.67
C PHE B 73 5.07 16.32 3.82
N SER B 74 4.70 16.14 2.57
CA SER B 74 4.54 17.25 1.64
C SER B 74 3.30 18.07 2.01
N TRP B 75 2.45 17.47 2.83
CA TRP B 75 1.25 18.13 3.30
C TRP B 75 1.47 18.73 4.68
N GLY A 1 27.91 -0.50 11.85
CA GLY A 1 28.00 -0.61 13.32
C GLY A 1 27.23 -1.79 13.85
N ALA A 2 27.65 -2.30 15.01
CA ALA A 2 26.97 -3.42 15.63
C ALA A 2 25.89 -2.91 16.58
N ASP A 3 24.69 -2.74 16.04
CA ASP A 3 23.58 -2.20 16.81
C ASP A 3 22.26 -2.64 16.18
N ASP A 4 21.33 -3.10 16.99
CA ASP A 4 20.05 -3.58 16.50
C ASP A 4 18.89 -3.08 17.34
N ASP A 5 18.22 -2.05 16.84
CA ASP A 5 16.96 -1.61 17.41
C ASP A 5 15.94 -1.51 16.29
N ALA A 6 14.73 -2.00 16.53
CA ALA A 6 13.73 -2.06 15.49
C ALA A 6 12.34 -1.85 16.06
N PRO A 7 11.48 -1.14 15.31
CA PRO A 7 10.09 -0.90 15.72
C PRO A 7 9.25 -2.19 15.73
N SER A 8 8.03 -2.10 16.22
CA SER A 8 7.14 -3.25 16.29
C SER A 8 6.32 -3.35 15.00
N GLY A 9 6.72 -2.56 14.02
CA GLY A 9 6.08 -2.57 12.73
C GLY A 9 7.12 -2.57 11.64
N GLU A 10 7.34 -3.73 11.04
CA GLU A 10 8.39 -3.88 10.06
C GLU A 10 7.81 -4.31 8.72
N PRO A 11 7.54 -3.35 7.84
CA PRO A 11 6.98 -3.64 6.55
C PRO A 11 8.05 -4.16 5.59
N ASP A 12 8.33 -5.44 5.70
CA ASP A 12 9.33 -6.06 4.86
C ASP A 12 8.66 -6.80 3.73
N VAL A 13 9.42 -7.21 2.75
CA VAL A 13 8.86 -7.84 1.57
C VAL A 13 9.48 -9.20 1.32
N THR A 14 8.63 -10.18 1.08
CA THR A 14 9.08 -11.52 0.75
C THR A 14 9.22 -11.63 -0.77
N ILE A 15 10.40 -11.95 -1.24
CA ILE A 15 10.67 -12.00 -2.66
C ILE A 15 10.42 -13.39 -3.23
N ARG A 16 9.36 -13.53 -4.01
CA ARG A 16 9.04 -14.79 -4.66
C ARG A 16 9.36 -14.69 -6.15
N GLN A 17 9.41 -15.83 -6.82
CA GLN A 17 9.65 -15.86 -8.26
C GLN A 17 8.75 -16.89 -8.94
N GLU A 18 7.97 -16.42 -9.89
CA GLU A 18 7.11 -17.28 -10.69
C GLU A 18 7.40 -17.07 -12.17
N GLY A 19 8.25 -17.92 -12.73
CA GLY A 19 8.60 -17.78 -14.13
C GLY A 19 9.47 -16.56 -14.37
N ASP A 20 8.89 -15.52 -14.96
CA ASP A 20 9.63 -14.30 -15.25
C ASP A 20 9.14 -13.15 -14.39
N LYS A 21 8.24 -13.40 -13.46
CA LYS A 21 7.78 -12.34 -12.57
C LYS A 21 8.27 -12.55 -11.15
N THR A 22 8.99 -11.55 -10.66
CA THR A 22 9.40 -11.53 -9.27
C THR A 22 8.26 -10.97 -8.42
N ILE A 23 7.55 -11.86 -7.75
CA ILE A 23 6.37 -11.48 -6.98
C ILE A 23 6.77 -11.17 -5.55
N GLN A 24 6.71 -9.90 -5.19
CA GLN A 24 7.15 -9.44 -3.89
C GLN A 24 5.96 -9.25 -2.95
N GLU A 25 5.97 -9.99 -1.86
CA GLU A 25 4.89 -9.97 -0.88
C GLU A 25 5.20 -8.98 0.25
N TYR A 26 4.49 -7.85 0.27
CA TYR A 26 4.72 -6.84 1.28
C TYR A 26 3.89 -7.13 2.54
N ARG A 27 4.58 -7.40 3.63
CA ARG A 27 3.93 -7.68 4.90
C ARG A 27 4.55 -6.85 6.01
N VAL A 28 3.72 -6.13 6.74
CA VAL A 28 4.20 -5.23 7.79
C VAL A 28 4.24 -5.95 9.14
N ASN A 29 3.37 -6.93 9.31
CA ASN A 29 3.31 -7.68 10.56
C ASN A 29 2.33 -8.83 10.41
N GLY A 30 2.72 -9.82 9.59
CA GLY A 30 1.87 -10.98 9.37
C GLY A 30 0.80 -10.72 8.31
N PHE A 31 0.46 -9.46 8.11
CA PHE A 31 -0.61 -9.08 7.19
C PHE A 31 -0.03 -8.67 5.84
N LEU A 32 -0.56 -9.27 4.79
CA LEU A 32 -0.20 -8.91 3.43
C LEU A 32 -0.96 -7.64 3.04
N TYR A 33 -0.24 -6.53 2.91
CA TYR A 33 -0.90 -5.27 2.61
C TYR A 33 -0.65 -4.85 1.16
N ALA A 34 0.30 -5.49 0.49
CA ALA A 34 0.60 -5.15 -0.89
C ALA A 34 1.38 -6.26 -1.57
N ILE A 35 1.18 -6.40 -2.87
CA ILE A 35 1.95 -7.33 -3.68
C ILE A 35 2.58 -6.59 -4.86
N LYS A 36 3.87 -6.77 -5.02
CA LYS A 36 4.59 -6.14 -6.11
C LYS A 36 5.06 -7.19 -7.12
N VAL A 37 4.39 -7.27 -8.25
CA VAL A 37 4.81 -8.20 -9.28
C VAL A 37 5.80 -7.52 -10.19
N VAL A 38 6.96 -8.13 -10.38
CA VAL A 38 7.91 -7.63 -11.35
C VAL A 38 8.08 -8.64 -12.49
N PRO A 39 7.08 -8.75 -13.38
CA PRO A 39 7.18 -9.62 -14.54
C PRO A 39 8.03 -9.03 -15.66
N LYS A 40 8.94 -9.85 -16.17
CA LYS A 40 9.76 -9.46 -17.31
C LYS A 40 8.89 -9.16 -18.51
N HIS A 41 7.73 -9.80 -18.55
CA HIS A 41 6.78 -9.59 -19.63
C HIS A 41 5.50 -9.04 -19.02
N GLY A 42 5.39 -7.71 -19.03
CA GLY A 42 4.27 -7.05 -18.40
C GLY A 42 4.72 -5.88 -17.56
N LYS A 43 5.93 -6.01 -16.99
CA LYS A 43 6.56 -4.96 -16.19
C LYS A 43 5.94 -4.84 -14.80
N PRO A 44 6.72 -4.35 -13.81
CA PRO A 44 6.30 -4.29 -12.41
C PRO A 44 5.09 -3.40 -12.15
N TYR A 45 4.14 -3.94 -11.40
CA TYR A 45 2.97 -3.19 -10.98
C TYR A 45 2.62 -3.54 -9.53
N PHE A 46 1.96 -2.61 -8.84
CA PHE A 46 1.66 -2.79 -7.41
C PHE A 46 0.18 -3.10 -7.20
N LEU A 47 -0.09 -4.05 -6.32
CA LEU A 47 -1.45 -4.34 -5.86
C LEU A 47 -1.54 -4.12 -4.36
N VAL A 48 -2.21 -3.05 -3.95
CA VAL A 48 -2.35 -2.73 -2.55
C VAL A 48 -3.67 -3.27 -2.01
N ARG A 49 -3.62 -3.90 -0.84
CA ARG A 49 -4.83 -4.41 -0.20
C ARG A 49 -5.70 -3.26 0.27
N ALA A 50 -6.94 -3.22 -0.22
CA ALA A 50 -7.86 -2.16 0.16
C ALA A 50 -8.36 -2.37 1.58
N ASP A 51 -8.84 -1.29 2.19
CA ASP A 51 -9.35 -1.32 3.56
C ASP A 51 -10.41 -2.39 3.73
N GLY A 52 -10.41 -3.03 4.89
CA GLY A 52 -11.36 -4.10 5.15
C GLY A 52 -10.78 -5.47 4.88
N SER A 53 -9.90 -5.53 3.88
CA SER A 53 -9.23 -6.78 3.51
C SER A 53 -10.23 -7.83 3.04
N ASP A 54 -11.25 -7.38 2.30
CA ASP A 54 -12.30 -8.27 1.81
C ASP A 54 -11.80 -9.09 0.62
N GLY A 55 -10.57 -8.82 0.20
CA GLY A 55 -10.01 -9.52 -0.94
C GLY A 55 -9.84 -8.61 -2.13
N ASN A 56 -10.17 -7.35 -1.93
CA ASN A 56 -10.04 -6.36 -2.99
C ASN A 56 -8.63 -5.78 -3.00
N PHE A 57 -8.07 -5.67 -4.19
CA PHE A 57 -6.76 -5.07 -4.36
C PHE A 57 -6.88 -3.82 -5.20
N ILE A 58 -6.08 -2.82 -4.87
CA ILE A 58 -6.03 -1.59 -5.62
C ILE A 58 -4.76 -1.56 -6.46
N ARG A 59 -4.94 -1.78 -7.75
CA ARG A 59 -3.86 -1.78 -8.70
C ARG A 59 -3.32 -0.37 -8.86
N SER A 60 -2.05 -0.16 -8.56
CA SER A 60 -1.45 1.16 -8.66
C SER A 60 -1.46 1.65 -10.11
N ASP A 61 -1.63 0.71 -11.02
CA ASP A 61 -1.77 1.00 -12.44
C ASP A 61 -3.15 1.59 -12.74
N GLN A 62 -4.11 1.22 -11.92
CA GLN A 62 -5.50 1.64 -12.08
C GLN A 62 -6.12 1.88 -10.71
N PRO A 63 -5.66 2.94 -10.01
CA PRO A 63 -6.03 3.19 -8.61
C PRO A 63 -7.48 3.65 -8.45
N ASP A 64 -8.10 3.97 -9.56
CA ASP A 64 -9.47 4.44 -9.55
C ASP A 64 -10.42 3.28 -9.81
N LYS A 65 -9.86 2.08 -9.90
CA LYS A 65 -10.63 0.89 -10.18
C LYS A 65 -10.28 -0.24 -9.20
N LEU A 66 -11.30 -0.93 -8.73
CA LEU A 66 -11.11 -2.03 -7.80
C LEU A 66 -10.80 -3.31 -8.56
N ILE A 67 -9.76 -4.01 -8.15
CA ILE A 67 -9.30 -5.19 -8.88
C ILE A 67 -10.00 -6.45 -8.39
N PRO A 68 -10.56 -7.24 -9.32
CA PRO A 68 -11.22 -8.50 -9.00
C PRO A 68 -10.23 -9.63 -8.71
N GLN A 69 -10.78 -10.77 -8.35
CA GLN A 69 -9.96 -11.86 -7.84
C GLN A 69 -9.27 -12.63 -8.96
N TRP A 70 -9.89 -12.72 -10.13
CA TRP A 70 -9.26 -13.41 -11.25
C TRP A 70 -8.05 -12.61 -11.76
N GLU A 71 -8.01 -11.33 -11.42
CA GLU A 71 -6.92 -10.46 -11.81
C GLU A 71 -5.78 -10.57 -10.80
N ILE A 72 -6.11 -10.76 -9.53
CA ILE A 72 -5.09 -10.88 -8.48
C ILE A 72 -4.45 -12.27 -8.52
N PHE A 73 -5.16 -13.22 -9.11
CA PHE A 73 -4.63 -14.56 -9.27
C PHE A 73 -4.19 -14.81 -10.70
N SER A 74 -3.78 -13.75 -11.37
CA SER A 74 -3.29 -13.82 -12.74
C SER A 74 -1.80 -14.17 -12.73
N TRP A 75 -1.47 -15.16 -11.90
CA TRP A 75 -0.08 -15.61 -11.75
C TRP A 75 0.32 -16.53 -12.90
N GLY B 1 -27.26 -5.87 9.70
CA GLY B 1 -26.49 -7.09 9.88
C GLY B 1 -25.05 -6.79 10.26
N ALA B 2 -24.80 -6.75 11.56
CA ALA B 2 -23.46 -6.47 12.06
C ALA B 2 -22.64 -7.74 12.17
N ASP B 3 -21.83 -8.01 11.15
CA ASP B 3 -20.91 -9.15 11.20
C ASP B 3 -19.76 -8.84 12.14
N ASP B 4 -19.72 -9.53 13.27
CA ASP B 4 -18.74 -9.24 14.29
C ASP B 4 -17.58 -10.24 14.23
N ASP B 5 -17.27 -10.70 13.02
CA ASP B 5 -16.14 -11.59 12.82
C ASP B 5 -14.87 -10.77 12.66
N ALA B 6 -14.15 -10.61 13.76
CA ALA B 6 -12.97 -9.75 13.76
C ALA B 6 -11.69 -10.57 13.86
N PRO B 7 -10.90 -10.60 12.78
CA PRO B 7 -9.62 -11.27 12.77
C PRO B 7 -8.51 -10.40 13.34
N SER B 8 -7.42 -11.01 13.77
CA SER B 8 -6.28 -10.27 14.27
C SER B 8 -5.51 -9.65 13.11
N GLY B 9 -5.80 -8.39 12.83
CA GLY B 9 -5.22 -7.72 11.69
C GLY B 9 -6.28 -7.09 10.83
N GLU B 10 -6.79 -5.96 11.29
CA GLU B 10 -7.89 -5.28 10.64
C GLU B 10 -7.38 -4.00 10.01
N PRO B 11 -7.24 -3.99 8.70
CA PRO B 11 -6.73 -2.84 8.00
C PRO B 11 -7.81 -1.82 7.77
N ASP B 12 -7.99 -0.97 8.78
CA ASP B 12 -9.03 0.02 8.79
C ASP B 12 -8.46 1.39 8.43
N VAL B 13 -9.30 2.26 7.93
CA VAL B 13 -8.85 3.58 7.52
C VAL B 13 -9.53 4.67 8.33
N THR B 14 -8.71 5.59 8.84
CA THR B 14 -9.20 6.71 9.62
C THR B 14 -9.15 7.98 8.78
N ILE B 15 -10.30 8.62 8.62
CA ILE B 15 -10.42 9.78 7.75
C ILE B 15 -10.07 11.07 8.50
N ARG B 16 -8.92 11.64 8.19
CA ARG B 16 -8.52 12.92 8.76
C ARG B 16 -8.76 14.03 7.76
N GLN B 17 -8.62 15.27 8.19
CA GLN B 17 -8.73 16.41 7.30
C GLN B 17 -7.73 17.50 7.68
N GLU B 18 -7.12 18.09 6.66
CA GLU B 18 -6.19 19.19 6.84
C GLU B 18 -6.48 20.29 5.83
N GLY B 19 -7.09 21.37 6.29
CA GLY B 19 -7.46 22.45 5.40
C GLY B 19 -8.55 22.03 4.42
N ASP B 20 -8.17 21.91 3.15
CA ASP B 20 -9.12 21.52 2.11
C ASP B 20 -9.03 20.04 1.82
N LYS B 21 -7.93 19.42 2.20
CA LYS B 21 -7.64 18.06 1.77
C LYS B 21 -7.96 17.03 2.86
N THR B 22 -8.49 15.91 2.42
CA THR B 22 -8.79 14.80 3.30
C THR B 22 -7.59 13.85 3.36
N ILE B 23 -7.27 13.36 4.55
CA ILE B 23 -6.13 12.46 4.70
C ILE B 23 -6.57 11.16 5.36
N GLN B 24 -6.63 10.09 4.58
CA GLN B 24 -7.12 8.82 5.09
C GLN B 24 -5.96 7.92 5.50
N GLU B 25 -5.91 7.59 6.79
CA GLU B 25 -4.88 6.72 7.34
C GLU B 25 -5.22 5.26 7.12
N TYR B 26 -4.44 4.57 6.32
CA TYR B 26 -4.59 3.13 6.22
C TYR B 26 -3.64 2.46 7.19
N ARG B 27 -4.16 2.09 8.35
CA ARG B 27 -3.38 1.42 9.38
C ARG B 27 -3.98 0.06 9.70
N VAL B 28 -3.17 -0.98 9.64
CA VAL B 28 -3.65 -2.34 9.86
C VAL B 28 -3.63 -2.69 11.34
N ASN B 29 -2.60 -2.24 12.03
CA ASN B 29 -2.44 -2.54 13.44
C ASN B 29 -1.51 -1.54 14.08
N GLY B 30 -1.93 -0.28 14.06
CA GLY B 30 -1.14 0.78 14.65
C GLY B 30 -0.13 1.36 13.68
N PHE B 31 0.30 0.56 12.71
CA PHE B 31 1.33 0.99 11.80
C PHE B 31 0.73 1.48 10.49
N LEU B 32 1.17 2.65 10.07
CA LEU B 32 0.71 3.26 8.82
C LEU B 32 1.41 2.60 7.64
N TYR B 33 0.64 1.98 6.75
CA TYR B 33 1.22 1.35 5.57
C TYR B 33 0.87 2.11 4.31
N ALA B 34 -0.21 2.90 4.35
CA ALA B 34 -0.63 3.68 3.20
C ALA B 34 -1.46 4.88 3.62
N ILE B 35 -1.35 5.96 2.87
CA ILE B 35 -2.15 7.15 3.11
C ILE B 35 -2.89 7.53 1.83
N LYS B 36 -4.19 7.77 1.95
CA LYS B 36 -4.96 8.25 0.81
C LYS B 36 -5.29 9.72 1.02
N VAL B 37 -4.63 10.57 0.26
CA VAL B 37 -4.90 12.00 0.35
C VAL B 37 -5.95 12.37 -0.66
N VAL B 38 -6.91 13.18 -0.24
CA VAL B 38 -7.90 13.71 -1.16
C VAL B 38 -7.85 15.24 -1.12
N PRO B 39 -6.81 15.85 -1.70
CA PRO B 39 -6.69 17.29 -1.79
C PRO B 39 -7.56 17.89 -2.89
N LYS B 40 -8.25 18.97 -2.56
CA LYS B 40 -9.03 19.72 -3.54
C LYS B 40 -8.09 20.30 -4.58
N HIS B 41 -6.88 20.60 -4.14
CA HIS B 41 -5.84 21.11 -5.03
C HIS B 41 -4.74 20.06 -5.14
N GLY B 42 -4.86 19.18 -6.12
CA GLY B 42 -3.88 18.13 -6.28
C GLY B 42 -4.52 16.79 -6.61
N LYS B 43 -5.80 16.65 -6.27
CA LYS B 43 -6.58 15.43 -6.53
C LYS B 43 -6.11 14.25 -5.68
N PRO B 44 -7.01 13.32 -5.35
CA PRO B 44 -6.70 12.18 -4.48
C PRO B 44 -5.58 11.30 -5.04
N TYR B 45 -4.71 10.83 -4.14
CA TYR B 45 -3.61 9.95 -4.52
C TYR B 45 -3.17 9.12 -3.32
N PHE B 46 -2.65 7.93 -3.59
CA PHE B 46 -2.19 7.04 -2.53
C PHE B 46 -0.68 7.19 -2.32
N LEU B 47 -0.28 7.17 -1.06
CA LEU B 47 1.13 7.10 -0.68
C LEU B 47 1.38 5.79 0.07
N VAL B 48 2.11 4.89 -0.56
CA VAL B 48 2.41 3.60 0.04
C VAL B 48 3.76 3.62 0.75
N ARG B 49 3.79 3.10 1.98
CA ARG B 49 5.02 2.98 2.73
C ARG B 49 5.90 1.89 2.11
N ALA B 50 7.04 2.30 1.56
CA ALA B 50 7.95 1.37 0.92
C ALA B 50 8.55 0.40 1.94
N ASP B 51 8.97 -0.76 1.43
CA ASP B 51 9.52 -1.81 2.28
C ASP B 51 10.70 -1.33 3.10
N GLY B 52 10.74 -1.77 4.36
CA GLY B 52 11.85 -1.45 5.22
C GLY B 52 11.61 -0.21 6.05
N SER B 53 10.55 0.53 5.72
CA SER B 53 10.22 1.77 6.40
C SER B 53 11.41 2.74 6.30
N ASP B 54 11.89 2.91 5.08
CA ASP B 54 13.08 3.70 4.78
C ASP B 54 12.82 5.21 4.91
N GLY B 55 11.55 5.56 5.08
CA GLY B 55 11.18 6.97 5.08
C GLY B 55 10.82 7.44 3.69
N ASN B 56 10.53 6.48 2.83
CA ASN B 56 10.21 6.75 1.45
C ASN B 56 8.81 6.23 1.14
N PHE B 57 8.04 7.02 0.41
CA PHE B 57 6.70 6.63 0.00
C PHE B 57 6.65 6.46 -1.51
N ILE B 58 5.65 5.73 -1.97
CA ILE B 58 5.43 5.57 -3.40
C ILE B 58 4.03 6.07 -3.75
N ARG B 59 3.96 7.07 -4.60
CA ARG B 59 2.68 7.59 -5.06
C ARG B 59 2.03 6.59 -6.01
N SER B 60 0.72 6.43 -5.88
CA SER B 60 -0.02 5.68 -6.87
C SER B 60 -0.29 6.58 -8.08
N ASP B 61 0.21 7.81 -7.97
CA ASP B 61 0.17 8.79 -9.04
C ASP B 61 1.52 8.81 -9.79
N GLN B 62 2.55 8.36 -9.08
CA GLN B 62 3.91 8.31 -9.62
C GLN B 62 4.62 7.07 -9.07
N PRO B 63 4.17 5.87 -9.48
CA PRO B 63 4.67 4.59 -8.94
C PRO B 63 6.06 4.22 -9.46
N ASP B 64 6.52 4.91 -10.49
CA ASP B 64 7.85 4.65 -11.04
C ASP B 64 8.87 5.48 -10.30
N LYS B 65 8.37 6.45 -9.54
CA LYS B 65 9.23 7.36 -8.81
C LYS B 65 9.27 7.04 -7.33
N LEU B 66 10.16 7.69 -6.63
CA LEU B 66 10.29 7.55 -5.19
C LEU B 66 10.01 8.90 -4.54
N ILE B 67 9.06 8.92 -3.62
CA ILE B 67 8.55 10.17 -3.09
C ILE B 67 9.47 10.76 -2.02
N PRO B 68 10.04 11.94 -2.31
CA PRO B 68 10.98 12.64 -1.42
C PRO B 68 10.31 13.16 -0.15
N GLN B 69 11.10 13.81 0.69
CA GLN B 69 10.64 14.19 2.01
C GLN B 69 9.76 15.43 1.97
N TRP B 70 10.05 16.34 1.04
CA TRP B 70 9.24 17.54 0.89
C TRP B 70 7.85 17.19 0.39
N GLU B 71 7.72 15.99 -0.16
CA GLU B 71 6.46 15.50 -0.68
C GLU B 71 5.68 14.76 0.40
N ILE B 72 6.39 13.91 1.16
CA ILE B 72 5.76 13.14 2.21
C ILE B 72 5.31 14.04 3.36
N PHE B 73 5.96 15.19 3.50
CA PHE B 73 5.57 16.16 4.51
C PHE B 73 4.99 17.40 3.86
N SER B 74 4.36 17.20 2.71
CA SER B 74 3.71 18.29 1.98
C SER B 74 2.35 18.64 2.60
N TRP B 75 2.19 18.28 3.87
CA TRP B 75 0.96 18.53 4.61
C TRP B 75 0.68 20.02 4.69
N GLY A 1 22.53 -8.33 18.91
CA GLY A 1 21.92 -7.00 19.09
C GLY A 1 22.92 -5.87 18.86
N ALA A 2 22.91 -5.32 17.65
CA ALA A 2 23.84 -4.25 17.30
C ALA A 2 23.31 -3.41 16.15
N ASP A 3 23.21 -2.10 16.39
CA ASP A 3 22.82 -1.10 15.38
C ASP A 3 21.33 -1.16 15.06
N ASP A 4 20.83 -2.35 14.78
CA ASP A 4 19.41 -2.54 14.51
C ASP A 4 18.62 -2.54 15.82
N ASP A 5 17.85 -1.50 16.04
CA ASP A 5 17.04 -1.39 17.25
C ASP A 5 15.69 -2.06 17.05
N ALA A 6 14.74 -1.75 17.93
CA ALA A 6 13.43 -2.40 17.89
C ALA A 6 12.36 -1.46 17.36
N PRO A 7 12.05 -1.54 16.05
CA PRO A 7 11.01 -0.75 15.43
C PRO A 7 9.67 -1.48 15.42
N SER A 8 8.67 -0.91 16.10
CA SER A 8 7.33 -1.45 16.07
C SER A 8 6.71 -1.19 14.70
N GLY A 9 6.34 -2.25 14.02
CA GLY A 9 5.88 -2.14 12.66
C GLY A 9 7.01 -2.36 11.69
N GLU A 10 7.46 -3.61 11.60
CA GLU A 10 8.57 -3.98 10.77
C GLU A 10 8.05 -4.56 9.46
N PRO A 11 8.08 -3.77 8.39
CA PRO A 11 7.52 -4.16 7.12
C PRO A 11 8.55 -4.84 6.23
N ASP A 12 8.52 -6.17 6.24
CA ASP A 12 9.43 -6.96 5.44
C ASP A 12 8.70 -7.50 4.24
N VAL A 13 9.11 -7.04 3.07
CA VAL A 13 8.50 -7.49 1.85
C VAL A 13 9.02 -8.88 1.49
N THR A 14 8.11 -9.80 1.26
CA THR A 14 8.45 -11.16 0.95
C THR A 14 8.74 -11.31 -0.54
N ILE A 15 10.01 -11.38 -0.87
CA ILE A 15 10.44 -11.44 -2.27
C ILE A 15 10.52 -12.88 -2.74
N ARG A 16 9.59 -13.28 -3.58
CA ARG A 16 9.56 -14.61 -4.13
C ARG A 16 9.60 -14.55 -5.64
N GLN A 17 9.70 -15.71 -6.29
CA GLN A 17 9.81 -15.79 -7.73
C GLN A 17 8.85 -16.84 -8.26
N GLU A 18 7.75 -16.40 -8.84
CA GLU A 18 6.76 -17.32 -9.36
C GLU A 18 6.86 -17.41 -10.88
N GLY A 19 7.82 -18.19 -11.35
CA GLY A 19 8.00 -18.36 -12.77
C GLY A 19 8.71 -17.19 -13.41
N ASP A 20 7.96 -16.37 -14.15
CA ASP A 20 8.54 -15.22 -14.84
C ASP A 20 8.13 -13.92 -14.18
N LYS A 21 7.99 -13.94 -12.86
CA LYS A 21 7.60 -12.74 -12.13
C LYS A 21 8.10 -12.77 -10.70
N THR A 22 8.84 -11.74 -10.33
CA THR A 22 9.28 -11.57 -8.96
C THR A 22 8.15 -10.95 -8.14
N ILE A 23 7.52 -11.74 -7.31
CA ILE A 23 6.38 -11.26 -6.54
C ILE A 23 6.81 -10.87 -5.13
N GLN A 24 6.72 -9.59 -4.83
CA GLN A 24 7.10 -9.07 -3.54
C GLN A 24 5.87 -8.84 -2.67
N GLU A 25 5.70 -9.67 -1.67
CA GLU A 25 4.55 -9.58 -0.78
C GLU A 25 4.85 -8.68 0.42
N TYR A 26 4.33 -7.47 0.39
CA TYR A 26 4.53 -6.52 1.48
C TYR A 26 3.72 -6.92 2.70
N ARG A 27 4.40 -7.42 3.72
CA ARG A 27 3.75 -7.80 4.96
C ARG A 27 4.49 -7.16 6.13
N VAL A 28 3.75 -6.58 7.05
CA VAL A 28 4.35 -5.92 8.21
C VAL A 28 4.20 -6.78 9.46
N ASN A 29 3.03 -7.36 9.61
CA ASN A 29 2.74 -8.23 10.74
C ASN A 29 1.90 -9.41 10.27
N GLY A 30 2.43 -10.13 9.29
CA GLY A 30 1.76 -11.31 8.79
C GLY A 30 0.77 -11.01 7.68
N PHE A 31 0.14 -9.85 7.74
CA PHE A 31 -0.92 -9.52 6.81
C PHE A 31 -0.36 -8.82 5.59
N LEU A 32 -0.78 -9.28 4.42
CA LEU A 32 -0.36 -8.72 3.15
C LEU A 32 -1.10 -7.42 2.85
N TYR A 33 -0.38 -6.31 2.84
CA TYR A 33 -1.02 -5.01 2.60
C TYR A 33 -0.71 -4.49 1.20
N ALA A 34 0.15 -5.18 0.46
CA ALA A 34 0.52 -4.75 -0.88
C ALA A 34 1.38 -5.80 -1.59
N ILE A 35 1.16 -5.95 -2.88
CA ILE A 35 1.96 -6.86 -3.68
C ILE A 35 2.71 -6.09 -4.76
N LYS A 36 4.01 -6.28 -4.83
CA LYS A 36 4.81 -5.69 -5.87
C LYS A 36 5.32 -6.77 -6.80
N VAL A 37 4.71 -6.88 -7.96
CA VAL A 37 5.10 -7.90 -8.91
C VAL A 37 6.05 -7.32 -9.92
N VAL A 38 7.13 -8.02 -10.21
CA VAL A 38 8.00 -7.65 -11.30
C VAL A 38 7.94 -8.73 -12.38
N PRO A 39 6.84 -8.79 -13.15
CA PRO A 39 6.69 -9.76 -14.23
C PRO A 39 7.55 -9.43 -15.45
N LYS A 40 8.08 -10.49 -16.06
CA LYS A 40 8.86 -10.38 -17.29
C LYS A 40 8.02 -9.86 -18.44
N HIS A 41 6.71 -9.93 -18.26
CA HIS A 41 5.78 -9.50 -19.29
C HIS A 41 4.76 -8.54 -18.69
N GLY A 42 5.08 -7.26 -18.69
CA GLY A 42 4.16 -6.27 -18.16
C GLY A 42 4.82 -5.25 -17.27
N LYS A 43 6.04 -5.57 -16.81
CA LYS A 43 6.82 -4.67 -15.93
C LYS A 43 6.21 -4.62 -14.52
N PRO A 44 7.02 -4.19 -13.52
CA PRO A 44 6.59 -4.16 -12.12
C PRO A 44 5.43 -3.21 -11.84
N TYR A 45 4.53 -3.65 -10.97
CA TYR A 45 3.39 -2.84 -10.58
C TYR A 45 3.03 -3.09 -9.12
N PHE A 46 2.40 -2.12 -8.49
CA PHE A 46 1.97 -2.26 -7.10
C PHE A 46 0.49 -2.60 -7.01
N LEU A 47 0.19 -3.60 -6.19
CA LEU A 47 -1.19 -4.01 -5.93
C LEU A 47 -1.47 -3.88 -4.44
N VAL A 48 -2.12 -2.79 -4.05
CA VAL A 48 -2.31 -2.46 -2.65
C VAL A 48 -3.59 -3.09 -2.09
N ARG A 49 -3.57 -3.47 -0.82
CA ARG A 49 -4.73 -4.03 -0.17
C ARG A 49 -5.68 -2.93 0.26
N ALA A 50 -6.92 -2.99 -0.21
CA ALA A 50 -7.92 -2.00 0.12
C ALA A 50 -8.43 -2.18 1.56
N ASP A 51 -9.04 -1.15 2.10
CA ASP A 51 -9.52 -1.18 3.47
C ASP A 51 -10.66 -2.18 3.64
N GLY A 52 -10.71 -2.81 4.79
CA GLY A 52 -11.77 -3.76 5.08
C GLY A 52 -11.43 -5.16 4.64
N SER A 53 -10.56 -5.27 3.63
CA SER A 53 -10.13 -6.54 3.07
C SER A 53 -11.31 -7.47 2.77
N ASP A 54 -12.36 -6.90 2.18
CA ASP A 54 -13.55 -7.66 1.82
C ASP A 54 -13.27 -8.65 0.71
N GLY A 55 -12.35 -8.27 -0.17
CA GLY A 55 -12.00 -9.10 -1.29
C GLY A 55 -11.62 -8.25 -2.49
N ASN A 56 -10.87 -7.20 -2.21
CA ASN A 56 -10.54 -6.20 -3.21
C ASN A 56 -9.09 -5.73 -3.08
N PHE A 57 -8.53 -5.30 -4.18
CA PHE A 57 -7.19 -4.73 -4.20
C PHE A 57 -7.19 -3.45 -5.04
N ILE A 58 -6.23 -2.59 -4.79
CA ILE A 58 -6.08 -1.38 -5.58
C ILE A 58 -4.77 -1.43 -6.36
N ARG A 59 -4.88 -1.61 -7.66
CA ARG A 59 -3.72 -1.74 -8.51
C ARG A 59 -3.27 -0.36 -9.00
N SER A 60 -1.97 -0.08 -8.91
CA SER A 60 -1.42 1.19 -9.38
C SER A 60 -1.73 1.41 -10.86
N ASP A 61 -1.92 0.32 -11.58
CA ASP A 61 -2.34 0.36 -12.97
C ASP A 61 -3.68 1.07 -13.13
N GLN A 62 -4.59 0.84 -12.20
CA GLN A 62 -5.90 1.46 -12.23
C GLN A 62 -6.40 1.70 -10.81
N PRO A 63 -5.93 2.77 -10.14
CA PRO A 63 -6.34 3.10 -8.79
C PRO A 63 -7.76 3.66 -8.76
N ASP A 64 -8.30 3.91 -9.94
CA ASP A 64 -9.64 4.42 -10.11
C ASP A 64 -10.64 3.26 -10.07
N LYS A 65 -10.13 2.06 -9.84
CA LYS A 65 -10.95 0.86 -9.91
C LYS A 65 -10.60 -0.10 -8.79
N LEU A 66 -11.62 -0.71 -8.21
CA LEU A 66 -11.41 -1.79 -7.25
C LEU A 66 -11.17 -3.08 -8.01
N ILE A 67 -9.95 -3.61 -7.90
CA ILE A 67 -9.56 -4.79 -8.65
C ILE A 67 -10.36 -6.01 -8.22
N PRO A 68 -11.06 -6.65 -9.17
CA PRO A 68 -11.92 -7.80 -8.89
C PRO A 68 -11.13 -9.08 -8.60
N GLN A 69 -11.85 -10.13 -8.25
CA GLN A 69 -11.23 -11.32 -7.70
C GLN A 69 -10.52 -12.15 -8.76
N TRP A 70 -10.99 -12.10 -9.99
CA TRP A 70 -10.35 -12.84 -11.07
C TRP A 70 -9.04 -12.15 -11.47
N GLU A 71 -8.90 -10.89 -11.06
CA GLU A 71 -7.72 -10.11 -11.38
C GLU A 71 -6.73 -10.07 -10.23
N ILE A 72 -7.23 -10.18 -9.00
CA ILE A 72 -6.35 -10.21 -7.83
C ILE A 72 -5.54 -11.50 -7.80
N PHE A 73 -6.13 -12.56 -8.35
CA PHE A 73 -5.44 -13.82 -8.51
C PHE A 73 -5.34 -14.16 -9.98
N SER A 74 -5.10 -13.13 -10.79
CA SER A 74 -5.01 -13.28 -12.25
C SER A 74 -3.84 -14.19 -12.61
N TRP A 75 -2.76 -14.09 -11.85
CA TRP A 75 -1.60 -14.94 -12.05
C TRP A 75 -1.52 -16.03 -10.98
N GLY B 1 -21.21 -9.79 21.31
CA GLY B 1 -22.55 -9.83 20.77
C GLY B 1 -22.69 -8.96 19.53
N ALA B 2 -21.72 -9.05 18.63
CA ALA B 2 -21.74 -8.27 17.41
C ALA B 2 -21.43 -9.14 16.20
N ASP B 3 -21.86 -8.71 15.02
CA ASP B 3 -21.64 -9.47 13.79
C ASP B 3 -20.31 -9.12 13.16
N ASP B 4 -19.31 -8.93 14.01
CA ASP B 4 -17.97 -8.58 13.56
C ASP B 4 -17.10 -9.83 13.51
N ASP B 5 -16.12 -9.84 12.61
CA ASP B 5 -15.23 -10.99 12.47
C ASP B 5 -13.81 -10.52 12.13
N ALA B 6 -13.33 -9.55 12.90
CA ALA B 6 -12.02 -8.97 12.67
C ALA B 6 -10.89 -9.98 12.91
N PRO B 7 -9.99 -10.14 11.92
CA PRO B 7 -8.85 -11.03 12.01
C PRO B 7 -7.60 -10.31 12.55
N SER B 8 -6.50 -11.03 12.65
CA SER B 8 -5.23 -10.42 13.04
C SER B 8 -4.59 -9.77 11.83
N GLY B 9 -5.03 -8.55 11.55
CA GLY B 9 -4.65 -7.87 10.34
C GLY B 9 -5.84 -7.12 9.77
N GLU B 10 -6.14 -5.98 10.39
CA GLU B 10 -7.32 -5.22 10.07
C GLU B 10 -6.94 -3.95 9.34
N PRO B 11 -6.97 -3.96 8.01
CA PRO B 11 -6.62 -2.80 7.24
C PRO B 11 -7.75 -1.79 7.22
N ASP B 12 -7.85 -1.05 8.32
CA ASP B 12 -8.86 -0.03 8.48
C ASP B 12 -8.25 1.33 8.20
N VAL B 13 -9.07 2.29 7.82
CA VAL B 13 -8.58 3.59 7.46
C VAL B 13 -9.01 4.67 8.46
N THR B 14 -8.02 5.41 8.93
CA THR B 14 -8.25 6.53 9.82
C THR B 14 -8.40 7.81 9.00
N ILE B 15 -9.61 8.32 8.91
CA ILE B 15 -9.89 9.46 8.08
C ILE B 15 -9.74 10.77 8.86
N ARG B 16 -8.77 11.59 8.48
CA ARG B 16 -8.58 12.90 9.07
C ARG B 16 -8.81 13.99 8.04
N GLN B 17 -8.97 15.22 8.51
CA GLN B 17 -9.19 16.35 7.64
C GLN B 17 -8.21 17.48 7.95
N GLU B 18 -7.27 17.70 7.06
CA GLU B 18 -6.26 18.72 7.27
C GLU B 18 -6.51 19.89 6.33
N GLY B 19 -7.30 20.84 6.79
CA GLY B 19 -7.73 21.92 5.93
C GLY B 19 -8.94 21.51 5.13
N ASP B 20 -8.73 21.20 3.86
CA ASP B 20 -9.80 20.71 3.01
C ASP B 20 -9.51 19.31 2.52
N LYS B 21 -8.26 18.91 2.61
CA LYS B 21 -7.84 17.62 2.09
C LYS B 21 -8.22 16.50 3.05
N THR B 22 -8.92 15.51 2.53
CA THR B 22 -9.31 14.36 3.32
C THR B 22 -8.18 13.35 3.34
N ILE B 23 -7.50 13.24 4.47
CA ILE B 23 -6.33 12.39 4.57
C ILE B 23 -6.68 11.08 5.27
N GLN B 24 -6.66 10.01 4.50
CA GLN B 24 -7.06 8.71 4.99
C GLN B 24 -5.84 7.84 5.30
N GLU B 25 -5.62 7.56 6.57
CA GLU B 25 -4.50 6.74 7.00
C GLU B 25 -4.89 5.27 7.05
N TYR B 26 -4.38 4.48 6.11
CA TYR B 26 -4.65 3.05 6.09
C TYR B 26 -3.67 2.32 7.00
N ARG B 27 -4.18 1.78 8.11
CA ARG B 27 -3.35 1.09 9.07
C ARG B 27 -3.86 -0.33 9.28
N VAL B 28 -3.05 -1.31 8.92
CA VAL B 28 -3.45 -2.71 9.01
C VAL B 28 -3.24 -3.26 10.43
N ASN B 29 -2.09 -2.99 11.01
CA ASN B 29 -1.75 -3.58 12.30
C ASN B 29 -0.68 -2.75 12.99
N GLY B 30 -1.07 -1.59 13.51
CA GLY B 30 -0.13 -0.71 14.17
C GLY B 30 0.93 -0.18 13.23
N PHE B 31 0.60 -0.17 11.94
CA PHE B 31 1.52 0.28 10.92
C PHE B 31 0.74 0.97 9.81
N LEU B 32 1.13 2.20 9.51
CA LEU B 32 0.54 2.94 8.42
C LEU B 32 1.22 2.55 7.11
N TYR B 33 0.49 1.89 6.22
CA TYR B 33 1.09 1.41 5.00
C TYR B 33 0.74 2.28 3.80
N ALA B 34 -0.25 3.16 3.96
CA ALA B 34 -0.72 3.98 2.86
C ALA B 34 -1.57 5.14 3.34
N ILE B 35 -1.37 6.29 2.72
CA ILE B 35 -2.17 7.47 3.01
C ILE B 35 -2.93 7.90 1.77
N LYS B 36 -4.26 7.88 1.82
CA LYS B 36 -5.04 8.36 0.71
C LYS B 36 -5.39 9.82 0.94
N VAL B 37 -4.71 10.70 0.25
CA VAL B 37 -5.00 12.11 0.35
C VAL B 37 -6.06 12.46 -0.67
N VAL B 38 -7.13 13.09 -0.20
CA VAL B 38 -8.13 13.63 -1.11
C VAL B 38 -8.14 15.15 -1.00
N PRO B 39 -7.12 15.82 -1.58
CA PRO B 39 -7.07 17.27 -1.62
C PRO B 39 -7.99 17.85 -2.68
N LYS B 40 -8.80 18.81 -2.28
CA LYS B 40 -9.72 19.49 -3.18
C LYS B 40 -8.94 20.12 -4.32
N HIS B 41 -7.79 20.66 -3.98
CA HIS B 41 -6.88 21.22 -4.97
C HIS B 41 -5.63 20.36 -5.04
N GLY B 42 -5.64 19.36 -5.92
CA GLY B 42 -4.52 18.47 -6.04
C GLY B 42 -4.91 17.08 -6.52
N LYS B 43 -6.17 16.74 -6.30
CA LYS B 43 -6.74 15.43 -6.71
C LYS B 43 -6.30 14.32 -5.77
N PRO B 44 -7.19 13.34 -5.53
CA PRO B 44 -6.92 12.25 -4.60
C PRO B 44 -5.89 11.26 -5.12
N TYR B 45 -5.00 10.82 -4.22
CA TYR B 45 -3.97 9.87 -4.58
C TYR B 45 -3.57 9.04 -3.35
N PHE B 46 -2.96 7.89 -3.61
CA PHE B 46 -2.50 7.03 -2.52
C PHE B 46 -0.99 7.21 -2.34
N LEU B 47 -0.57 7.36 -1.10
CA LEU B 47 0.84 7.46 -0.78
C LEU B 47 1.24 6.25 0.07
N VAL B 48 1.87 5.27 -0.56
CA VAL B 48 2.19 4.01 0.08
C VAL B 48 3.59 4.03 0.69
N ARG B 49 3.73 3.44 1.87
CA ARG B 49 5.02 3.35 2.53
C ARG B 49 5.84 2.19 1.93
N ALA B 50 6.96 2.53 1.31
CA ALA B 50 7.83 1.53 0.69
C ALA B 50 8.45 0.62 1.74
N ASP B 51 8.86 -0.57 1.30
CA ASP B 51 9.46 -1.56 2.19
C ASP B 51 10.68 -1.00 2.89
N GLY B 52 10.87 -1.38 4.15
CA GLY B 52 11.95 -0.84 4.93
C GLY B 52 11.54 0.44 5.65
N SER B 53 10.67 1.21 4.98
CA SER B 53 10.12 2.44 5.54
C SER B 53 11.23 3.43 5.92
N ASP B 54 12.32 3.41 5.14
CA ASP B 54 13.47 4.27 5.37
C ASP B 54 13.06 5.73 5.45
N GLY B 55 12.63 6.29 4.33
CA GLY B 55 12.19 7.66 4.31
C GLY B 55 11.60 8.07 2.99
N ASN B 56 11.00 7.10 2.32
CA ASN B 56 10.43 7.34 1.00
C ASN B 56 9.03 6.75 0.91
N PHE B 57 8.18 7.43 0.15
CA PHE B 57 6.83 6.95 -0.10
C PHE B 57 6.64 6.71 -1.60
N ILE B 58 5.68 5.86 -1.93
CA ILE B 58 5.37 5.57 -3.32
C ILE B 58 3.99 6.09 -3.66
N ARG B 59 3.90 6.95 -4.66
CA ARG B 59 2.63 7.53 -5.05
C ARG B 59 1.91 6.61 -6.04
N SER B 60 0.61 6.42 -5.84
CA SER B 60 -0.20 5.57 -6.71
C SER B 60 -0.13 6.05 -8.16
N ASP B 61 -0.04 7.37 -8.31
CA ASP B 61 0.08 7.98 -9.63
C ASP B 61 1.44 7.70 -10.26
N GLN B 62 2.48 7.69 -9.44
CA GLN B 62 3.84 7.49 -9.94
C GLN B 62 4.60 6.47 -9.10
N PRO B 63 4.41 5.18 -9.37
CA PRO B 63 5.13 4.11 -8.67
C PRO B 63 6.56 3.97 -9.17
N ASP B 64 6.90 4.81 -10.14
CA ASP B 64 8.23 4.81 -10.74
C ASP B 64 9.22 5.53 -9.85
N LYS B 65 8.75 6.55 -9.14
CA LYS B 65 9.61 7.41 -8.37
C LYS B 65 9.31 7.32 -6.88
N LEU B 66 10.36 7.29 -6.09
CA LEU B 66 10.21 7.31 -4.65
C LEU B 66 10.10 8.75 -4.18
N ILE B 67 9.00 9.06 -3.52
CA ILE B 67 8.74 10.41 -3.05
C ILE B 67 9.67 10.75 -1.90
N PRO B 68 10.53 11.76 -2.09
CA PRO B 68 11.54 12.14 -1.10
C PRO B 68 10.95 12.77 0.14
N GLN B 69 11.79 13.01 1.12
CA GLN B 69 11.34 13.38 2.46
C GLN B 69 10.84 14.83 2.52
N TRP B 70 11.21 15.64 1.54
CA TRP B 70 10.71 17.00 1.49
C TRP B 70 9.43 17.06 0.68
N GLU B 71 9.10 15.96 0.03
CA GLU B 71 7.91 15.87 -0.81
C GLU B 71 6.85 14.98 -0.20
N ILE B 72 7.23 14.22 0.82
CA ILE B 72 6.26 13.40 1.54
C ILE B 72 5.35 14.25 2.40
N PHE B 73 5.73 15.51 2.55
CA PHE B 73 4.93 16.50 3.26
C PHE B 73 4.50 17.58 2.29
N SER B 74 4.31 17.18 1.04
CA SER B 74 3.95 18.08 -0.05
C SER B 74 2.55 18.66 0.18
N TRP B 75 1.73 17.92 0.92
CA TRP B 75 0.37 18.34 1.22
C TRP B 75 0.34 19.24 2.44
N GLY A 1 15.66 5.16 13.57
CA GLY A 1 15.55 4.22 14.71
C GLY A 1 16.89 3.91 15.33
N ALA A 2 17.63 4.94 15.69
CA ALA A 2 18.92 4.78 16.31
C ALA A 2 18.76 4.58 17.81
N ASP A 3 19.09 3.38 18.27
CA ASP A 3 18.95 3.00 19.67
C ASP A 3 17.50 3.09 20.12
N ASP A 4 16.73 2.06 19.77
CA ASP A 4 15.32 1.98 20.15
C ASP A 4 15.18 0.99 21.30
N ASP A 5 13.97 0.51 21.55
CA ASP A 5 13.75 -0.43 22.63
C ASP A 5 12.79 -1.53 22.20
N ALA A 6 11.90 -1.18 21.31
CA ALA A 6 10.86 -2.09 20.83
C ALA A 6 10.10 -1.51 19.65
N PRO A 7 10.49 -1.89 18.43
CA PRO A 7 9.78 -1.48 17.23
C PRO A 7 8.68 -2.46 16.88
N SER A 8 7.45 -2.14 17.26
CA SER A 8 6.31 -2.99 16.93
C SER A 8 5.79 -2.67 15.53
N GLY A 9 6.27 -3.43 14.57
CA GLY A 9 5.95 -3.17 13.18
C GLY A 9 7.17 -3.30 12.30
N GLU A 10 7.24 -4.38 11.54
CA GLU A 10 8.41 -4.67 10.73
C GLU A 10 8.00 -4.84 9.27
N PRO A 11 8.14 -3.78 8.48
CA PRO A 11 7.76 -3.79 7.08
C PRO A 11 8.86 -4.34 6.19
N ASP A 12 8.78 -5.64 5.93
CA ASP A 12 9.75 -6.34 5.11
C ASP A 12 9.07 -6.87 3.86
N VAL A 13 9.83 -7.06 2.80
CA VAL A 13 9.26 -7.51 1.54
C VAL A 13 9.87 -8.84 1.11
N THR A 14 8.99 -9.78 0.77
CA THR A 14 9.40 -11.08 0.26
C THR A 14 9.49 -11.02 -1.26
N ILE A 15 10.70 -11.12 -1.79
CA ILE A 15 10.91 -11.00 -3.23
C ILE A 15 11.23 -12.37 -3.84
N ARG A 16 10.27 -12.90 -4.58
CA ARG A 16 10.45 -14.18 -5.26
C ARG A 16 10.15 -14.04 -6.75
N GLN A 17 10.55 -15.04 -7.53
CA GLN A 17 10.33 -15.01 -8.96
C GLN A 17 9.44 -16.17 -9.41
N GLU A 18 8.22 -15.85 -9.78
CA GLU A 18 7.28 -16.85 -10.24
C GLU A 18 7.08 -16.72 -11.74
N GLY A 19 7.75 -17.57 -12.50
CA GLY A 19 7.63 -17.53 -13.95
C GLY A 19 8.29 -16.29 -14.54
N ASP A 20 7.50 -15.41 -15.13
CA ASP A 20 8.02 -14.21 -15.76
C ASP A 20 7.71 -12.98 -14.91
N LYS A 21 7.30 -13.21 -13.67
CA LYS A 21 6.91 -12.11 -12.81
C LYS A 21 7.52 -12.22 -11.42
N THR A 22 8.24 -11.18 -11.04
CA THR A 22 8.84 -11.10 -9.71
C THR A 22 7.81 -10.59 -8.72
N ILE A 23 7.44 -11.43 -7.76
CA ILE A 23 6.39 -11.09 -6.81
C ILE A 23 7.00 -10.64 -5.48
N GLN A 24 6.69 -9.42 -5.08
CA GLN A 24 7.19 -8.88 -3.84
C GLN A 24 6.06 -8.69 -2.84
N GLU A 25 6.07 -9.48 -1.78
CA GLU A 25 5.05 -9.39 -0.74
C GLU A 25 5.46 -8.41 0.34
N TYR A 26 4.80 -7.27 0.40
CA TYR A 26 5.09 -6.27 1.42
C TYR A 26 4.28 -6.55 2.68
N ARG A 27 4.96 -6.97 3.73
CA ARG A 27 4.30 -7.25 5.01
C ARG A 27 4.83 -6.30 6.06
N VAL A 28 3.95 -5.81 6.93
CA VAL A 28 4.36 -4.85 7.95
C VAL A 28 4.24 -5.46 9.35
N ASN A 29 3.59 -6.60 9.43
CA ASN A 29 3.37 -7.27 10.69
C ASN A 29 2.90 -8.69 10.42
N GLY A 30 3.48 -9.30 9.40
CA GLY A 30 3.05 -10.62 8.96
C GLY A 30 1.87 -10.53 8.00
N PHE A 31 1.08 -9.48 8.15
CA PHE A 31 -0.13 -9.31 7.34
C PHE A 31 0.21 -8.56 6.06
N LEU A 32 -0.16 -9.17 4.94
CA LEU A 32 0.04 -8.58 3.62
C LEU A 32 -0.83 -7.35 3.45
N TYR A 33 -0.25 -6.27 2.93
CA TYR A 33 -1.02 -5.07 2.64
C TYR A 33 -0.79 -4.58 1.20
N ALA A 34 0.34 -4.93 0.63
CA ALA A 34 0.66 -4.53 -0.73
C ALA A 34 1.53 -5.57 -1.41
N ILE A 35 1.25 -5.82 -2.68
CA ILE A 35 2.04 -6.75 -3.46
C ILE A 35 2.61 -6.07 -4.70
N LYS A 36 3.92 -6.09 -4.85
CA LYS A 36 4.53 -5.55 -6.05
C LYS A 36 4.91 -6.69 -6.97
N VAL A 37 4.11 -6.90 -7.99
CA VAL A 37 4.42 -7.91 -8.97
C VAL A 37 5.04 -7.27 -10.20
N VAL A 38 6.23 -7.76 -10.54
CA VAL A 38 6.97 -7.27 -11.70
C VAL A 38 6.92 -8.32 -12.81
N PRO A 39 5.86 -8.31 -13.62
CA PRO A 39 5.71 -9.24 -14.73
C PRO A 39 6.30 -8.70 -16.02
N LYS A 40 6.88 -9.57 -16.83
CA LYS A 40 7.35 -9.22 -18.15
C LYS A 40 6.19 -8.73 -19.00
N HIS A 41 5.00 -9.21 -18.68
CA HIS A 41 3.83 -8.93 -19.48
C HIS A 41 2.79 -8.18 -18.64
N GLY A 42 2.93 -6.86 -18.58
CA GLY A 42 2.06 -6.05 -17.76
C GLY A 42 2.82 -4.96 -17.04
N LYS A 43 4.15 -5.13 -16.95
CA LYS A 43 5.05 -4.19 -16.29
C LYS A 43 4.85 -4.18 -14.76
N PRO A 44 5.93 -3.87 -14.01
CA PRO A 44 5.90 -3.83 -12.54
C PRO A 44 4.89 -2.82 -12.02
N TYR A 45 3.97 -3.31 -11.20
CA TYR A 45 2.96 -2.45 -10.61
C TYR A 45 2.67 -2.88 -9.17
N PHE A 46 2.27 -1.92 -8.35
CA PHE A 46 1.89 -2.21 -6.98
C PHE A 46 0.39 -2.51 -6.91
N LEU A 47 0.06 -3.66 -6.36
CA LEU A 47 -1.32 -4.01 -6.12
C LEU A 47 -1.63 -3.83 -4.64
N VAL A 48 -2.26 -2.72 -4.30
CA VAL A 48 -2.49 -2.36 -2.91
C VAL A 48 -3.81 -2.91 -2.41
N ARG A 49 -3.79 -3.53 -1.25
CA ARG A 49 -4.98 -4.08 -0.64
C ARG A 49 -5.68 -2.99 0.17
N ALA A 50 -6.94 -2.72 -0.18
CA ALA A 50 -7.67 -1.60 0.41
C ALA A 50 -8.15 -1.93 1.81
N ASP A 51 -8.74 -0.95 2.48
CA ASP A 51 -9.24 -1.14 3.84
C ASP A 51 -10.44 -2.07 3.83
N GLY A 52 -10.46 -3.01 4.77
CA GLY A 52 -11.55 -3.92 4.86
C GLY A 52 -11.28 -5.21 4.13
N SER A 53 -11.80 -6.28 4.66
CA SER A 53 -11.71 -7.60 4.02
C SER A 53 -12.79 -7.71 2.94
N ASP A 54 -13.15 -6.57 2.37
CA ASP A 54 -14.19 -6.47 1.35
C ASP A 54 -13.79 -7.24 0.09
N GLY A 55 -12.51 -7.25 -0.20
CA GLY A 55 -12.02 -8.00 -1.35
C GLY A 55 -11.80 -7.13 -2.56
N ASN A 56 -11.31 -5.92 -2.35
CA ASN A 56 -10.99 -5.02 -3.45
C ASN A 56 -9.56 -4.54 -3.33
N PHE A 57 -8.87 -4.49 -4.46
CA PHE A 57 -7.50 -4.02 -4.50
C PHE A 57 -7.40 -2.76 -5.36
N ILE A 58 -6.38 -1.97 -5.09
CA ILE A 58 -6.14 -0.76 -5.86
C ILE A 58 -4.84 -0.90 -6.64
N ARG A 59 -4.94 -0.89 -7.96
CA ARG A 59 -3.78 -1.04 -8.81
C ARG A 59 -3.09 0.31 -8.99
N SER A 60 -1.81 0.36 -8.66
CA SER A 60 -1.04 1.60 -8.73
C SER A 60 -0.93 2.11 -10.18
N ASP A 61 -1.38 1.30 -11.12
CA ASP A 61 -1.41 1.71 -12.52
C ASP A 61 -2.49 2.77 -12.71
N GLN A 62 -3.58 2.63 -11.98
CA GLN A 62 -4.72 3.53 -12.08
C GLN A 62 -5.56 3.43 -10.81
N PRO A 63 -5.24 4.25 -9.80
CA PRO A 63 -5.96 4.29 -8.52
C PRO A 63 -7.44 4.64 -8.69
N ASP A 64 -7.78 5.17 -9.86
CA ASP A 64 -9.15 5.53 -10.18
C ASP A 64 -10.04 4.30 -10.27
N LYS A 65 -9.44 3.14 -10.51
CA LYS A 65 -10.20 1.91 -10.67
C LYS A 65 -9.88 0.90 -9.59
N LEU A 66 -10.92 0.22 -9.15
CA LEU A 66 -10.78 -0.87 -8.21
C LEU A 66 -10.55 -2.17 -8.96
N ILE A 67 -9.69 -3.00 -8.42
CA ILE A 67 -9.32 -4.25 -9.07
C ILE A 67 -10.34 -5.36 -8.80
N PRO A 68 -10.93 -5.91 -9.87
CA PRO A 68 -11.89 -7.00 -9.77
C PRO A 68 -11.25 -8.34 -9.42
N GLN A 69 -12.06 -9.39 -9.30
CA GLN A 69 -11.60 -10.65 -8.75
C GLN A 69 -10.68 -11.38 -9.71
N TRP A 70 -10.90 -11.24 -11.01
CA TRP A 70 -10.06 -11.92 -11.99
C TRP A 70 -8.65 -11.30 -12.02
N GLU A 71 -8.53 -10.11 -11.45
CA GLU A 71 -7.25 -9.41 -11.43
C GLU A 71 -6.61 -9.49 -10.04
N ILE A 72 -7.39 -9.77 -9.01
CA ILE A 72 -6.82 -9.99 -7.68
C ILE A 72 -6.16 -11.36 -7.61
N PHE A 73 -6.62 -12.26 -8.47
CA PHE A 73 -5.99 -13.56 -8.63
C PHE A 73 -5.16 -13.58 -9.90
N SER A 74 -4.49 -12.46 -10.16
CA SER A 74 -3.70 -12.27 -11.36
C SER A 74 -2.43 -13.13 -11.31
N TRP A 75 -2.03 -13.55 -10.11
CA TRP A 75 -0.88 -14.42 -9.95
C TRP A 75 -1.18 -15.56 -9.00
N GLY B 1 -13.87 -15.68 5.35
CA GLY B 1 -15.22 -16.10 5.01
C GLY B 1 -16.20 -15.76 6.12
N ALA B 2 -17.33 -16.46 6.13
CA ALA B 2 -18.35 -16.22 7.13
C ALA B 2 -18.05 -17.01 8.40
N ASP B 3 -18.65 -16.58 9.52
CA ASP B 3 -18.48 -17.23 10.82
C ASP B 3 -17.04 -17.11 11.31
N ASP B 4 -16.76 -16.04 12.01
CA ASP B 4 -15.44 -15.80 12.57
C ASP B 4 -15.54 -15.63 14.08
N ASP B 5 -14.41 -15.61 14.76
CA ASP B 5 -14.38 -15.41 16.20
C ASP B 5 -14.08 -13.96 16.51
N ALA B 6 -13.07 -13.47 15.82
CA ALA B 6 -12.61 -12.10 15.98
C ALA B 6 -11.77 -11.70 14.77
N PRO B 7 -11.87 -10.44 14.32
CA PRO B 7 -11.05 -9.95 13.22
C PRO B 7 -9.58 -9.79 13.62
N SER B 8 -8.77 -10.80 13.33
CA SER B 8 -7.36 -10.78 13.63
C SER B 8 -6.61 -9.88 12.66
N GLY B 9 -6.31 -8.66 13.10
CA GLY B 9 -5.71 -7.69 12.22
C GLY B 9 -6.77 -6.84 11.56
N GLU B 10 -6.76 -5.55 11.85
CA GLU B 10 -7.78 -4.65 11.36
C GLU B 10 -7.17 -3.56 10.50
N PRO B 11 -7.11 -3.78 9.18
CA PRO B 11 -6.62 -2.77 8.26
C PRO B 11 -7.68 -1.70 8.01
N ASP B 12 -7.93 -0.93 9.07
CA ASP B 12 -8.92 0.13 9.05
C ASP B 12 -8.26 1.43 8.62
N VAL B 13 -9.04 2.35 8.12
CA VAL B 13 -8.50 3.62 7.66
C VAL B 13 -9.16 4.80 8.39
N THR B 14 -8.33 5.65 8.95
CA THR B 14 -8.80 6.83 9.65
C THR B 14 -9.02 7.95 8.64
N ILE B 15 -10.28 8.32 8.43
CA ILE B 15 -10.64 9.27 7.39
C ILE B 15 -10.85 10.66 7.96
N ARG B 16 -10.01 11.59 7.53
CA ARG B 16 -10.15 12.99 7.91
C ARG B 16 -10.17 13.88 6.68
N GLN B 17 -10.48 15.15 6.88
CA GLN B 17 -10.46 16.11 5.78
C GLN B 17 -9.71 17.37 6.20
N GLU B 18 -8.46 17.44 5.81
CA GLU B 18 -7.61 18.57 6.17
C GLU B 18 -7.61 19.58 5.02
N GLY B 19 -8.39 20.63 5.16
CA GLY B 19 -8.52 21.60 4.09
C GLY B 19 -9.37 21.04 2.96
N ASP B 20 -8.78 20.91 1.79
CA ASP B 20 -9.50 20.38 0.63
C ASP B 20 -9.09 18.94 0.35
N LYS B 21 -8.36 18.33 1.27
CA LYS B 21 -7.86 16.99 1.02
C LYS B 21 -8.28 16.01 2.11
N THR B 22 -8.97 14.97 1.70
CA THR B 22 -9.36 13.90 2.59
C THR B 22 -8.16 12.99 2.86
N ILE B 23 -7.57 13.12 4.05
CA ILE B 23 -6.42 12.31 4.40
C ILE B 23 -6.85 11.08 5.16
N GLN B 24 -6.53 9.92 4.59
CA GLN B 24 -6.92 8.65 5.14
C GLN B 24 -5.71 7.84 5.59
N GLU B 25 -5.58 7.64 6.90
CA GLU B 25 -4.46 6.91 7.46
C GLU B 25 -4.76 5.41 7.52
N TYR B 26 -4.05 4.64 6.70
CA TYR B 26 -4.25 3.20 6.65
C TYR B 26 -3.37 2.49 7.68
N ARG B 27 -4.01 1.89 8.68
CA ARG B 27 -3.28 1.19 9.74
C ARG B 27 -3.91 -0.18 9.99
N VAL B 28 -3.09 -1.22 9.98
CA VAL B 28 -3.60 -2.59 10.08
C VAL B 28 -3.47 -3.14 11.49
N ASN B 29 -2.49 -2.64 12.24
CA ASN B 29 -2.26 -3.11 13.59
C ASN B 29 -1.61 -2.00 14.41
N GLY B 30 -2.18 -0.80 14.30
CA GLY B 30 -1.63 0.35 15.00
C GLY B 30 -0.52 1.04 14.22
N PHE B 31 0.10 0.31 13.30
CA PHE B 31 1.22 0.82 12.55
C PHE B 31 0.76 1.33 11.18
N LEU B 32 1.16 2.54 10.85
CA LEU B 32 0.83 3.17 9.57
C LEU B 32 1.59 2.48 8.44
N TYR B 33 0.89 2.14 7.36
CA TYR B 33 1.54 1.53 6.21
C TYR B 33 1.19 2.24 4.91
N ALA B 34 0.14 3.05 4.92
CA ALA B 34 -0.27 3.78 3.73
C ALA B 34 -1.14 4.97 4.09
N ILE B 35 -1.07 6.02 3.28
CA ILE B 35 -1.91 7.20 3.46
C ILE B 35 -2.60 7.57 2.16
N LYS B 36 -3.91 7.68 2.19
CA LYS B 36 -4.66 8.04 1.00
C LYS B 36 -5.12 9.50 1.09
N VAL B 37 -4.60 10.34 0.20
CA VAL B 37 -5.04 11.72 0.15
C VAL B 37 -6.10 11.86 -0.92
N VAL B 38 -7.20 12.49 -0.58
CA VAL B 38 -8.21 12.84 -1.57
C VAL B 38 -8.33 14.36 -1.68
N PRO B 39 -7.34 15.02 -2.31
CA PRO B 39 -7.39 16.45 -2.55
C PRO B 39 -8.38 16.83 -3.65
N LYS B 40 -9.20 17.83 -3.34
CA LYS B 40 -10.20 18.33 -4.28
C LYS B 40 -9.53 18.88 -5.54
N HIS B 41 -8.25 19.18 -5.43
CA HIS B 41 -7.48 19.67 -6.55
C HIS B 41 -6.19 18.88 -6.66
N GLY B 42 -6.13 18.00 -7.65
CA GLY B 42 -4.97 17.15 -7.82
C GLY B 42 -5.34 15.68 -7.86
N LYS B 43 -6.59 15.38 -7.52
CA LYS B 43 -7.13 14.02 -7.52
C LYS B 43 -6.59 13.17 -6.37
N PRO B 44 -7.40 12.21 -5.90
CA PRO B 44 -7.01 11.31 -4.81
C PRO B 44 -5.89 10.34 -5.22
N TYR B 45 -4.93 10.15 -4.33
CA TYR B 45 -3.83 9.25 -4.59
C TYR B 45 -3.41 8.52 -3.32
N PHE B 46 -2.95 7.29 -3.48
CA PHE B 46 -2.44 6.52 -2.37
C PHE B 46 -0.94 6.75 -2.22
N LEU B 47 -0.51 7.07 -1.02
CA LEU B 47 0.89 7.21 -0.71
C LEU B 47 1.32 6.03 0.17
N VAL B 48 1.80 4.98 -0.48
CA VAL B 48 2.13 3.75 0.21
C VAL B 48 3.52 3.83 0.82
N ARG B 49 3.64 3.37 2.05
CA ARG B 49 4.92 3.37 2.74
C ARG B 49 5.62 2.04 2.43
N ALA B 50 6.81 2.14 1.84
CA ALA B 50 7.53 0.96 1.36
C ALA B 50 8.17 0.19 2.51
N ASP B 51 8.96 -0.82 2.17
CA ASP B 51 9.63 -1.63 3.18
C ASP B 51 10.81 -0.87 3.76
N GLY B 52 11.08 -1.09 5.04
CA GLY B 52 12.16 -0.39 5.69
C GLY B 52 11.68 0.88 6.34
N SER B 53 12.15 1.13 7.55
CA SER B 53 11.81 2.34 8.29
C SER B 53 12.76 3.47 7.94
N ASP B 54 13.17 3.49 6.67
CA ASP B 54 14.10 4.50 6.17
C ASP B 54 13.42 5.86 6.01
N GLY B 55 12.26 5.84 5.38
CA GLY B 55 11.55 7.08 5.11
C GLY B 55 11.26 7.26 3.63
N ASN B 56 10.97 6.16 2.96
CA ASN B 56 10.70 6.18 1.53
C ASN B 56 9.30 5.68 1.24
N PHE B 57 8.53 6.47 0.51
CA PHE B 57 7.17 6.11 0.15
C PHE B 57 7.08 5.80 -1.34
N ILE B 58 6.00 5.15 -1.73
CA ILE B 58 5.70 4.91 -3.13
C ILE B 58 4.35 5.52 -3.45
N ARG B 59 4.37 6.60 -4.20
CA ARG B 59 3.14 7.25 -4.60
C ARG B 59 2.46 6.43 -5.68
N SER B 60 1.20 6.08 -5.45
CA SER B 60 0.44 5.27 -6.40
C SER B 60 0.37 5.94 -7.76
N ASP B 61 0.56 7.25 -7.76
CA ASP B 61 0.62 8.04 -8.99
C ASP B 61 1.87 7.72 -9.80
N GLN B 62 2.94 7.35 -9.10
CA GLN B 62 4.22 7.14 -9.72
C GLN B 62 4.94 5.94 -9.10
N PRO B 63 4.58 4.72 -9.54
CA PRO B 63 5.15 3.49 -8.99
C PRO B 63 6.55 3.21 -9.55
N ASP B 64 6.94 4.01 -10.54
CA ASP B 64 8.26 3.89 -11.15
C ASP B 64 9.31 4.61 -10.31
N LYS B 65 8.85 5.54 -9.50
CA LYS B 65 9.75 6.38 -8.72
C LYS B 65 9.59 6.12 -7.23
N LEU B 66 10.72 5.98 -6.55
CA LEU B 66 10.71 5.90 -5.11
C LEU B 66 10.65 7.32 -4.56
N ILE B 67 9.73 7.57 -3.65
CA ILE B 67 9.52 8.91 -3.15
C ILE B 67 10.43 9.19 -1.96
N PRO B 68 11.42 10.07 -2.16
CA PRO B 68 12.43 10.36 -1.14
C PRO B 68 11.85 11.06 0.07
N GLN B 69 12.69 11.22 1.08
CA GLN B 69 12.23 11.64 2.40
C GLN B 69 11.91 13.14 2.43
N TRP B 70 12.18 13.84 1.34
CA TRP B 70 11.83 15.25 1.25
C TRP B 70 10.49 15.44 0.55
N GLU B 71 10.01 14.37 -0.09
CA GLU B 71 8.75 14.44 -0.83
C GLU B 71 7.65 13.68 -0.10
N ILE B 72 8.04 12.95 0.93
CA ILE B 72 7.06 12.25 1.76
C ILE B 72 6.22 13.25 2.54
N PHE B 73 6.73 14.45 2.66
CA PHE B 73 6.02 15.55 3.30
C PHE B 73 5.40 16.43 2.22
N SER B 74 4.90 15.77 1.19
CA SER B 74 4.30 16.47 0.05
C SER B 74 2.95 17.05 0.45
N TRP B 75 2.40 16.59 1.58
CA TRP B 75 1.19 17.15 2.13
C TRP B 75 1.45 17.64 3.55
#